data_1FQV
#
_entry.id   1FQV
#
_cell.length_a   262.700
_cell.length_b   148.200
_cell.length_c   133.300
_cell.angle_alpha   90.00
_cell.angle_beta   120.03
_cell.angle_gamma   90.00
#
_symmetry.space_group_name_H-M   'C 1 2 1'
#
loop_
_entity.id
_entity.type
_entity.pdbx_description
1 polymer SKP2
2 polymer SKP1
#
loop_
_entity_poly.entity_id
_entity_poly.type
_entity_poly.pdbx_seq_one_letter_code
_entity_poly.pdbx_strand_id
1 'polypeptide(L)'
;RENFPGVSWDSLPDELLLGIFSCLCLPELLKVSGVCKRWYRLASDESLWQTLDLTGKNLHPDVTGRLLSQGVIAFRCPRS
FMDQPLAEHFSPFRVQHMDLSNSVIEVSTLHGILSQCSKLQNLSLEGLRLSDPIVNTLAKNSNLVRLNLSGCSGFSEFAL
QTLLSSCSRLDELNLSWCFDFTEKHVQVAVAHVSETITQLNLSGYRKNLQKSDLSTLVRRCPNLVHLDLSDSVMLKNDCF
QEFFQLNYLQHLSLSRCYDIIPETLLELGEIPTLKTLQVFGIVPDGTLQLLKEALPHLQINCSHFTTIARPTIGNKKNQE
IWGIKCRLTLQKPSCL
;
A,C,E,G,I,K,M,O
2 'polypeptide(L)'
;MPSIKLQSSDGEIFEVDVEIAKQSVTIKTMLEDLGMDPVPLPNVNAAILKKVIQWCTHHKDDPGGSGTDDIPVWDQEFLK
VDQGTLFELILAANYLDIKGLLDVTCKTVANMIKGKTPEEIRKTFNIKNDFTEEEEAQVRKENQWCEEK
;
B,D,F,H,J,L,N,P
#
# COMPACT_ATOMS: atom_id res chain seq x y z
N VAL A 7 13.76 -74.56 13.66
CA VAL A 7 14.13 -73.74 12.47
C VAL A 7 14.74 -72.42 12.92
N SER A 8 15.45 -71.75 12.02
CA SER A 8 16.07 -70.47 12.32
C SER A 8 15.38 -69.36 11.55
N TRP A 9 15.36 -68.17 12.12
CA TRP A 9 14.73 -67.03 11.47
C TRP A 9 15.77 -66.17 10.78
N ASP A 10 17.05 -66.45 11.04
CA ASP A 10 18.12 -65.69 10.42
C ASP A 10 18.09 -65.94 8.92
N SER A 11 17.19 -66.83 8.51
CA SER A 11 17.02 -67.17 7.10
C SER A 11 15.91 -66.30 6.54
N LEU A 12 15.46 -65.35 7.36
CA LEU A 12 14.40 -64.44 6.95
C LEU A 12 15.01 -63.30 6.15
N PRO A 13 14.32 -62.87 5.08
CA PRO A 13 14.81 -61.78 4.21
C PRO A 13 15.16 -60.53 5.00
N ASP A 14 16.14 -59.78 4.48
CA ASP A 14 16.58 -58.55 5.14
C ASP A 14 15.43 -57.53 5.24
N GLU A 15 14.56 -57.53 4.25
CA GLU A 15 13.46 -56.61 4.25
C GLU A 15 12.45 -56.92 5.35
N LEU A 16 12.32 -58.20 5.68
CA LEU A 16 11.37 -58.63 6.71
C LEU A 16 11.82 -58.39 8.15
N LEU A 17 13.11 -58.61 8.43
CA LEU A 17 13.61 -58.35 9.78
C LEU A 17 13.40 -56.89 10.10
N LEU A 18 13.56 -56.03 9.09
CA LEU A 18 13.36 -54.61 9.28
C LEU A 18 11.91 -54.36 9.61
N GLY A 19 11.03 -55.18 9.05
CA GLY A 19 9.61 -55.03 9.35
C GLY A 19 9.42 -55.31 10.83
N ILE A 20 9.87 -56.49 11.25
CA ILE A 20 9.77 -56.88 12.63
C ILE A 20 10.42 -55.81 13.51
N PHE A 21 11.62 -55.35 13.14
CA PHE A 21 12.29 -54.33 13.94
C PHE A 21 11.54 -53.00 13.97
N SER A 22 10.82 -52.67 12.90
CA SER A 22 10.10 -51.41 12.89
C SER A 22 8.98 -51.45 13.91
N CYS A 23 8.63 -52.66 14.33
CA CYS A 23 7.57 -52.86 15.31
C CYS A 23 8.10 -52.74 16.71
N LEU A 24 9.40 -52.50 16.86
CA LEU A 24 9.99 -52.39 18.18
C LEU A 24 10.21 -50.94 18.60
N CYS A 25 9.94 -50.65 19.86
CA CYS A 25 10.16 -49.30 20.38
C CYS A 25 11.67 -49.13 20.59
N LEU A 26 12.14 -47.90 20.76
CA LEU A 26 13.57 -47.63 20.93
C LEU A 26 14.37 -48.60 21.81
N PRO A 27 13.98 -48.77 23.08
CA PRO A 27 14.72 -49.69 23.94
C PRO A 27 14.78 -51.14 23.43
N GLU A 28 13.72 -51.56 22.76
CA GLU A 28 13.61 -52.91 22.21
C GLU A 28 14.57 -53.07 21.04
N LEU A 29 14.64 -52.02 20.23
CA LEU A 29 15.49 -52.03 19.07
C LEU A 29 16.94 -52.16 19.50
N LEU A 30 17.33 -51.48 20.57
CA LEU A 30 18.71 -51.56 21.04
C LEU A 30 19.01 -52.90 21.70
N LYS A 31 17.96 -53.60 22.10
CA LYS A 31 18.10 -54.91 22.72
C LYS A 31 18.48 -55.89 21.63
N VAL A 32 17.61 -55.99 20.63
CA VAL A 32 17.81 -56.88 19.51
C VAL A 32 19.13 -56.70 18.77
N SER A 33 19.61 -55.46 18.71
CA SER A 33 20.85 -55.16 18.02
C SER A 33 21.99 -56.01 18.55
N GLY A 34 21.80 -56.60 19.72
CA GLY A 34 22.84 -57.42 20.31
C GLY A 34 22.57 -58.91 20.28
N VAL A 35 21.68 -59.33 19.39
CA VAL A 35 21.36 -60.76 19.28
C VAL A 35 22.46 -61.47 18.46
N CYS A 36 22.63 -61.01 17.22
CA CYS A 36 23.62 -61.58 16.32
C CYS A 36 24.16 -60.42 15.51
N LYS A 37 25.33 -60.60 14.88
CA LYS A 37 25.91 -59.52 14.09
C LYS A 37 25.00 -58.99 13.00
N ARG A 38 24.13 -59.86 12.46
CA ARG A 38 23.22 -59.44 11.41
C ARG A 38 22.21 -58.45 11.97
N TRP A 39 21.52 -58.85 13.04
CA TRP A 39 20.53 -58.01 13.70
C TRP A 39 21.14 -56.66 14.07
N TYR A 40 22.39 -56.67 14.51
CA TYR A 40 23.07 -55.45 14.87
C TYR A 40 23.17 -54.50 13.67
N ARG A 41 23.49 -55.03 12.50
CA ARG A 41 23.60 -54.18 11.32
C ARG A 41 22.23 -53.58 11.05
N LEU A 42 21.25 -54.46 10.89
CA LEU A 42 19.89 -54.08 10.60
C LEU A 42 19.25 -53.18 11.63
N ALA A 43 19.54 -53.44 12.90
CA ALA A 43 18.96 -52.63 13.98
C ALA A 43 19.34 -51.15 13.88
N SER A 44 20.30 -50.82 13.02
CA SER A 44 20.72 -49.44 12.84
C SER A 44 20.42 -48.94 11.43
N ASP A 45 19.63 -49.72 10.69
CA ASP A 45 19.27 -49.38 9.32
C ASP A 45 18.62 -48.00 9.30
N GLU A 46 18.94 -47.21 8.29
CA GLU A 46 18.40 -45.86 8.16
C GLU A 46 16.85 -45.77 8.21
N SER A 47 16.17 -46.78 7.68
CA SER A 47 14.73 -46.77 7.69
C SER A 47 14.16 -46.72 9.11
N LEU A 48 14.89 -47.31 10.05
CA LEU A 48 14.47 -47.37 11.45
C LEU A 48 14.72 -46.11 12.29
N TRP A 49 15.62 -45.24 11.83
CA TRP A 49 15.99 -44.05 12.57
C TRP A 49 15.63 -42.69 12.01
N GLN A 50 14.68 -42.63 11.08
CA GLN A 50 14.33 -41.34 10.50
C GLN A 50 13.95 -40.24 11.51
N THR A 51 13.11 -40.64 12.48
CA THR A 51 12.62 -39.70 13.51
C THR A 51 12.98 -40.20 14.90
N LEU A 52 13.75 -39.42 15.64
CA LEU A 52 14.15 -39.81 16.97
C LEU A 52 13.79 -38.76 18.02
N ASP A 53 13.18 -39.20 19.11
CA ASP A 53 12.78 -38.30 20.19
C ASP A 53 13.49 -38.59 21.52
N LEU A 54 14.57 -37.86 21.81
CA LEU A 54 15.28 -38.04 23.06
C LEU A 54 15.22 -36.69 23.74
N THR A 55 14.15 -36.44 24.47
CA THR A 55 14.04 -35.15 25.14
C THR A 55 14.32 -35.25 26.63
N GLY A 56 15.03 -34.26 27.15
CA GLY A 56 15.35 -34.25 28.55
C GLY A 56 16.29 -35.36 28.94
N LYS A 57 16.90 -35.97 27.93
CA LYS A 57 17.83 -37.04 28.19
C LYS A 57 19.19 -36.44 28.38
N ASN A 58 19.90 -36.88 29.42
CA ASN A 58 21.28 -36.42 29.64
C ASN A 58 21.94 -37.27 28.58
N LEU A 59 22.97 -36.77 27.91
CA LEU A 59 23.50 -37.55 26.83
C LEU A 59 24.92 -37.16 26.52
N HIS A 60 25.70 -38.13 26.07
CA HIS A 60 27.09 -37.86 25.72
C HIS A 60 27.08 -37.55 24.25
N PRO A 61 27.84 -36.53 23.83
CA PRO A 61 27.93 -36.12 22.43
C PRO A 61 28.20 -37.27 21.44
N ASP A 62 28.95 -38.29 21.87
CA ASP A 62 29.21 -39.39 20.96
C ASP A 62 27.94 -40.18 20.68
N VAL A 63 27.03 -40.25 21.65
CA VAL A 63 25.79 -40.97 21.43
C VAL A 63 24.95 -40.18 20.44
N THR A 64 24.90 -38.87 20.64
CA THR A 64 24.12 -38.04 19.74
C THR A 64 24.71 -38.08 18.33
N GLY A 65 26.03 -38.15 18.23
CA GLY A 65 26.65 -38.20 16.92
C GLY A 65 26.46 -39.54 16.22
N ARG A 66 26.72 -40.62 16.96
CA ARG A 66 26.58 -41.97 16.47
C ARG A 66 25.15 -42.23 16.07
N LEU A 67 24.23 -41.56 16.74
CA LEU A 67 22.83 -41.73 16.41
C LEU A 67 22.44 -40.84 15.23
N LEU A 68 23.06 -39.66 15.14
CA LEU A 68 22.73 -38.77 14.04
C LEU A 68 23.39 -39.27 12.76
N SER A 69 24.42 -40.10 12.94
CA SER A 69 25.16 -40.67 11.82
C SER A 69 24.41 -41.84 11.17
N GLN A 70 23.28 -42.24 11.76
CA GLN A 70 22.50 -43.35 11.21
C GLN A 70 21.38 -42.83 10.34
N GLY A 71 21.59 -41.68 9.73
CA GLY A 71 20.55 -41.15 8.87
C GLY A 71 19.28 -40.96 9.66
N VAL A 72 19.26 -39.87 10.43
CA VAL A 72 18.13 -39.46 11.27
C VAL A 72 17.70 -38.11 10.68
N ILE A 73 16.44 -38.03 10.29
CA ILE A 73 15.90 -36.82 9.64
C ILE A 73 15.29 -35.80 10.59
N ALA A 74 14.46 -36.33 11.50
CA ALA A 74 13.79 -35.50 12.52
C ALA A 74 14.33 -35.88 13.90
N PHE A 75 15.16 -35.01 14.48
CA PHE A 75 15.75 -35.23 15.79
C PHE A 75 15.17 -34.25 16.84
N ARG A 76 14.24 -34.75 17.64
CA ARG A 76 13.60 -33.97 18.70
C ARG A 76 14.42 -34.20 19.98
N CYS A 77 14.98 -33.12 20.54
CA CYS A 77 15.84 -33.26 21.71
C CYS A 77 15.89 -32.03 22.60
N PRO A 78 14.72 -31.44 22.92
CA PRO A 78 14.72 -30.24 23.78
C PRO A 78 14.97 -30.56 25.27
N ARG A 79 15.48 -29.57 26.02
CA ARG A 79 15.68 -29.78 27.44
C ARG A 79 16.59 -31.00 27.68
N SER A 80 17.63 -31.13 26.87
CA SER A 80 18.51 -32.28 27.01
C SER A 80 19.77 -31.79 27.62
N PHE A 81 20.68 -32.74 27.91
CA PHE A 81 21.97 -32.40 28.49
C PHE A 81 23.12 -33.08 27.80
N MET A 82 23.95 -32.27 27.14
CA MET A 82 25.12 -32.72 26.42
C MET A 82 26.20 -31.77 26.87
N ASP A 83 27.01 -32.19 27.84
CA ASP A 83 28.06 -31.32 28.38
C ASP A 83 29.45 -31.94 28.45
N GLN A 84 29.84 -32.71 27.45
CA GLN A 84 31.17 -33.29 27.44
C GLN A 84 31.90 -33.17 26.10
N PRO A 85 33.21 -33.50 26.09
CA PRO A 85 34.06 -33.43 24.89
C PRO A 85 33.59 -34.25 23.70
N LEU A 86 34.32 -34.01 22.60
CA LEU A 86 34.14 -34.66 21.29
C LEU A 86 33.04 -33.98 20.49
N ALA A 87 33.44 -32.80 20.04
CA ALA A 87 32.64 -31.94 19.18
C ALA A 87 32.45 -32.70 17.87
N GLU A 88 31.35 -33.41 17.87
CA GLU A 88 30.95 -34.23 16.75
C GLU A 88 31.61 -33.76 15.47
N HIS A 89 32.07 -34.73 14.76
CA HIS A 89 32.71 -34.56 13.47
C HIS A 89 32.43 -35.78 12.77
N PHE A 90 31.78 -36.54 13.51
CA PHE A 90 31.39 -37.64 12.91
C PHE A 90 31.22 -37.21 11.46
N SER A 91 30.64 -38.09 10.64
CA SER A 91 30.41 -37.82 9.22
C SER A 91 29.15 -36.97 9.05
N PRO A 92 29.08 -36.21 7.94
CA PRO A 92 27.92 -35.37 7.67
C PRO A 92 26.63 -36.09 8.05
N PHE A 93 25.66 -35.32 8.50
CA PHE A 93 24.38 -35.87 8.92
C PHE A 93 23.26 -35.52 7.95
N ARG A 94 22.31 -36.44 7.81
CA ARG A 94 21.15 -36.24 6.96
C ARG A 94 20.11 -35.37 7.64
N VAL A 95 20.22 -35.26 8.96
CA VAL A 95 19.27 -34.49 9.77
C VAL A 95 18.72 -33.27 9.07
N GLN A 96 17.40 -33.24 8.92
CA GLN A 96 16.69 -32.14 8.28
C GLN A 96 15.94 -31.27 9.29
N HIS A 97 15.24 -31.91 10.21
CA HIS A 97 14.46 -31.22 11.24
C HIS A 97 15.01 -31.55 12.62
N MET A 98 15.53 -30.54 13.28
CA MET A 98 16.14 -30.74 14.57
C MET A 98 15.80 -29.69 15.63
N ASP A 99 15.35 -30.19 16.78
CA ASP A 99 15.02 -29.31 17.89
C ASP A 99 15.90 -29.56 19.14
N LEU A 100 16.76 -28.60 19.42
CA LEU A 100 17.66 -28.66 20.57
C LEU A 100 17.32 -27.55 21.54
N SER A 101 16.10 -27.01 21.43
CA SER A 101 15.67 -25.88 22.29
C SER A 101 15.74 -26.10 23.79
N ASN A 102 16.17 -25.04 24.48
CA ASN A 102 16.26 -25.03 25.94
C ASN A 102 17.03 -26.22 26.53
N SER A 103 18.00 -26.71 25.78
CA SER A 103 18.84 -27.81 26.25
C SER A 103 20.07 -27.16 26.84
N VAL A 104 20.93 -27.99 27.43
CA VAL A 104 22.17 -27.47 27.97
C VAL A 104 23.16 -28.23 27.15
N ILE A 105 23.92 -27.54 26.32
CA ILE A 105 24.88 -28.23 25.46
C ILE A 105 26.18 -27.46 25.38
N GLU A 106 27.28 -28.12 25.75
CA GLU A 106 28.57 -27.45 25.71
C GLU A 106 28.71 -26.80 24.35
N VAL A 107 29.05 -25.53 24.34
CA VAL A 107 29.20 -24.80 23.11
C VAL A 107 30.04 -25.50 22.05
N SER A 108 31.09 -26.21 22.47
CA SER A 108 31.94 -26.91 21.53
C SER A 108 31.22 -28.17 21.07
N THR A 109 30.30 -28.67 21.88
CA THR A 109 29.55 -29.87 21.50
C THR A 109 28.46 -29.44 20.53
N LEU A 110 27.98 -28.21 20.73
CA LEU A 110 26.92 -27.69 19.89
C LEU A 110 27.51 -27.49 18.52
N HIS A 111 28.71 -26.92 18.50
CA HIS A 111 29.42 -26.67 17.24
C HIS A 111 29.71 -27.97 16.49
N GLY A 112 30.37 -28.91 17.16
CA GLY A 112 30.70 -30.17 16.53
C GLY A 112 29.56 -30.88 15.82
N ILE A 113 28.37 -30.83 16.42
CA ILE A 113 27.22 -31.47 15.80
C ILE A 113 26.67 -30.67 14.61
N LEU A 114 26.55 -29.36 14.77
CA LEU A 114 26.03 -28.53 13.71
C LEU A 114 27.07 -28.33 12.61
N SER A 115 28.28 -28.86 12.81
CA SER A 115 29.31 -28.71 11.79
C SER A 115 29.27 -29.95 10.87
N GLN A 116 28.28 -30.80 11.08
CA GLN A 116 28.09 -31.98 10.27
C GLN A 116 26.69 -31.87 9.66
N CYS A 117 26.17 -30.65 9.67
CA CYS A 117 24.84 -30.41 9.16
C CYS A 117 24.85 -29.38 8.05
N SER A 118 24.18 -29.74 6.97
CA SER A 118 24.07 -28.86 5.80
C SER A 118 22.67 -29.04 5.23
N LYS A 119 22.10 -30.21 5.47
CA LYS A 119 20.77 -30.52 5.00
C LYS A 119 19.61 -30.11 5.93
N LEU A 120 19.84 -29.18 6.86
CA LEU A 120 18.76 -28.77 7.76
C LEU A 120 17.71 -27.90 7.07
N GLN A 121 16.45 -28.21 7.34
CA GLN A 121 15.34 -27.46 6.78
C GLN A 121 14.66 -26.65 7.91
N ASN A 122 14.58 -27.29 9.09
CA ASN A 122 13.98 -26.71 10.29
C ASN A 122 14.83 -27.00 11.53
N LEU A 123 15.39 -25.94 12.09
CA LEU A 123 16.25 -26.04 13.25
C LEU A 123 15.83 -25.11 14.40
N SER A 124 15.97 -25.61 15.62
CA SER A 124 15.68 -24.78 16.79
C SER A 124 16.81 -24.85 17.76
N LEU A 125 17.40 -23.70 18.04
CA LEU A 125 18.48 -23.62 19.00
C LEU A 125 18.11 -22.61 20.08
N GLU A 126 16.79 -22.45 20.29
CA GLU A 126 16.25 -21.52 21.26
C GLU A 126 16.81 -21.69 22.70
N GLY A 127 17.37 -20.62 23.21
CA GLY A 127 17.92 -20.67 24.54
C GLY A 127 19.24 -21.39 24.67
N LEU A 128 20.07 -21.27 23.65
CA LEU A 128 21.36 -21.91 23.65
C LEU A 128 22.48 -20.90 23.42
N ARG A 129 23.47 -20.88 24.31
CA ARG A 129 24.60 -20.00 24.17
C ARG A 129 25.26 -20.58 22.92
N LEU A 130 25.66 -19.71 22.01
CA LEU A 130 26.26 -20.15 20.75
C LEU A 130 27.60 -19.42 20.60
N SER A 131 28.03 -19.28 19.36
CA SER A 131 29.28 -18.59 19.05
C SER A 131 29.38 -18.47 17.54
N ASP A 132 30.14 -17.48 17.08
CA ASP A 132 30.43 -17.34 15.66
C ASP A 132 30.78 -18.72 15.04
N PRO A 133 31.70 -19.48 15.66
CA PRO A 133 31.96 -20.78 15.04
C PRO A 133 30.68 -21.52 14.84
N ILE A 134 29.78 -21.43 15.80
CA ILE A 134 28.51 -22.14 15.64
C ILE A 134 27.63 -21.49 14.56
N VAL A 135 27.40 -20.20 14.73
CA VAL A 135 26.57 -19.47 13.80
C VAL A 135 27.07 -19.63 12.37
N ASN A 136 28.38 -19.64 12.17
CA ASN A 136 28.90 -19.77 10.81
C ASN A 136 28.66 -21.13 10.18
N THR A 137 28.76 -22.18 10.97
CA THR A 137 28.53 -23.49 10.42
C THR A 137 27.06 -23.60 10.02
N LEU A 138 26.21 -22.82 10.66
CA LEU A 138 24.80 -22.89 10.29
C LEU A 138 24.59 -22.37 8.88
N ALA A 139 25.44 -21.45 8.45
CA ALA A 139 25.34 -20.90 7.10
C ALA A 139 25.27 -22.03 6.05
N LYS A 140 25.95 -23.15 6.32
CA LYS A 140 25.93 -24.29 5.41
C LYS A 140 24.51 -24.71 5.08
N ASN A 141 23.61 -24.63 6.05
CA ASN A 141 22.25 -25.06 5.82
C ASN A 141 21.48 -23.97 5.12
N SER A 142 21.90 -23.69 3.89
CA SER A 142 21.23 -22.67 3.08
C SER A 142 19.80 -23.10 2.77
N ASN A 143 19.48 -24.38 2.86
CA ASN A 143 18.11 -24.80 2.57
C ASN A 143 17.15 -24.60 3.74
N LEU A 144 17.63 -23.92 4.78
CA LEU A 144 16.85 -23.64 5.96
C LEU A 144 15.56 -22.92 5.64
N VAL A 145 14.46 -23.50 6.08
CA VAL A 145 13.13 -22.96 5.88
C VAL A 145 12.61 -22.31 7.17
N ARG A 146 12.94 -22.91 8.32
CA ARG A 146 12.56 -22.39 9.63
C ARG A 146 13.72 -22.49 10.59
N LEU A 147 14.11 -21.36 11.14
CA LEU A 147 15.20 -21.30 12.09
C LEU A 147 14.77 -20.52 13.34
N ASN A 148 14.99 -21.13 14.50
CA ASN A 148 14.67 -20.51 15.77
C ASN A 148 15.92 -20.27 16.58
N LEU A 149 16.29 -19.01 16.76
CA LEU A 149 17.49 -18.67 17.56
C LEU A 149 17.06 -17.71 18.68
N SER A 150 15.79 -17.85 19.09
CA SER A 150 15.23 -17.02 20.14
C SER A 150 15.95 -17.26 21.46
N GLY A 151 16.36 -16.19 22.10
CA GLY A 151 17.05 -16.33 23.38
C GLY A 151 18.51 -16.76 23.27
N CYS A 152 18.98 -17.05 22.06
CA CYS A 152 20.38 -17.44 21.89
C CYS A 152 21.30 -16.22 22.08
N SER A 153 22.60 -16.47 22.25
CA SER A 153 23.56 -15.39 22.45
C SER A 153 24.95 -15.91 22.11
N GLY A 154 25.96 -15.06 22.30
CA GLY A 154 27.32 -15.48 22.03
C GLY A 154 27.82 -15.34 20.60
N PHE A 155 27.12 -14.58 19.76
CA PHE A 155 27.55 -14.39 18.39
C PHE A 155 27.49 -12.94 17.96
N SER A 156 28.41 -12.55 17.08
CA SER A 156 28.46 -11.19 16.58
C SER A 156 27.41 -10.89 15.53
N GLU A 157 27.32 -9.62 15.17
CA GLU A 157 26.38 -9.23 14.14
C GLU A 157 26.95 -9.66 12.79
N PHE A 158 28.23 -10.06 12.79
CA PHE A 158 28.87 -10.48 11.57
C PHE A 158 28.59 -11.94 11.31
N ALA A 159 28.62 -12.77 12.34
CA ALA A 159 28.33 -14.15 12.10
C ALA A 159 26.84 -14.23 11.76
N LEU A 160 26.03 -13.41 12.43
CA LEU A 160 24.60 -13.40 12.14
C LEU A 160 24.36 -13.03 10.66
N GLN A 161 25.16 -12.07 10.19
CA GLN A 161 25.12 -11.60 8.80
C GLN A 161 25.38 -12.66 7.74
N THR A 162 26.35 -13.52 7.96
CA THR A 162 26.62 -14.52 6.96
C THR A 162 25.57 -15.62 7.02
N LEU A 163 25.01 -15.85 8.20
CA LEU A 163 23.98 -16.87 8.35
C LEU A 163 22.71 -16.39 7.62
N LEU A 164 22.28 -15.17 7.91
CA LEU A 164 21.08 -14.63 7.27
C LEU A 164 21.29 -14.49 5.76
N SER A 165 22.47 -14.01 5.35
CA SER A 165 22.84 -13.87 3.94
C SER A 165 22.75 -15.23 3.25
N SER A 166 23.27 -16.23 3.94
CA SER A 166 23.31 -17.58 3.44
C SER A 166 21.94 -18.30 3.34
N CYS A 167 21.02 -18.04 4.27
CA CYS A 167 19.71 -18.71 4.27
C CYS A 167 18.68 -17.92 3.48
N SER A 168 18.87 -17.93 2.16
CA SER A 168 18.04 -17.19 1.21
C SER A 168 16.63 -17.73 0.93
N ARG A 169 16.25 -18.86 1.51
CA ARG A 169 14.92 -19.37 1.28
C ARG A 169 14.17 -19.50 2.59
N LEU A 170 14.70 -18.84 3.63
CA LEU A 170 14.11 -18.85 4.96
C LEU A 170 12.68 -18.32 4.93
N ASP A 171 11.78 -19.04 5.57
CA ASP A 171 10.37 -18.66 5.58
C ASP A 171 10.00 -18.09 6.97
N GLU A 172 10.33 -18.87 8.00
CA GLU A 172 10.07 -18.49 9.39
C GLU A 172 11.37 -18.20 10.09
N LEU A 173 11.46 -17.05 10.74
CA LEU A 173 12.66 -16.73 11.49
C LEU A 173 12.29 -16.12 12.84
N ASN A 174 12.60 -16.85 13.90
CA ASN A 174 12.40 -16.36 15.25
C ASN A 174 13.75 -16.03 15.78
N LEU A 175 14.09 -14.76 15.72
CA LEU A 175 15.37 -14.28 16.21
C LEU A 175 15.06 -13.31 17.34
N SER A 176 14.23 -13.72 18.29
CA SER A 176 13.88 -12.79 19.39
C SER A 176 14.60 -13.02 20.71
N TRP A 177 14.68 -11.93 21.46
CA TRP A 177 15.28 -11.94 22.79
C TRP A 177 16.69 -12.47 22.84
N CYS A 178 17.49 -12.12 21.84
CA CYS A 178 18.85 -12.55 21.90
C CYS A 178 19.35 -11.44 22.77
N PHE A 179 19.29 -11.72 24.08
CA PHE A 179 19.69 -10.77 25.12
C PHE A 179 21.12 -10.32 24.91
N ASP A 180 21.81 -11.11 24.12
CA ASP A 180 23.20 -10.87 23.84
C ASP A 180 23.47 -9.67 22.97
N PHE A 181 22.48 -9.19 22.22
CA PHE A 181 22.86 -8.14 21.33
C PHE A 181 22.41 -6.73 21.19
N THR A 182 23.25 -5.99 20.45
CA THR A 182 23.07 -4.58 20.19
C THR A 182 22.27 -4.15 18.95
N GLU A 183 22.31 -2.85 18.70
CA GLU A 183 21.64 -2.22 17.56
C GLU A 183 22.14 -2.95 16.31
N LYS A 184 23.45 -2.95 16.15
CA LYS A 184 24.08 -3.60 15.03
C LYS A 184 23.51 -4.97 14.70
N HIS A 185 23.20 -5.78 15.71
CA HIS A 185 22.61 -7.09 15.43
C HIS A 185 21.21 -6.90 14.84
N VAL A 186 20.51 -5.89 15.33
CA VAL A 186 19.16 -5.68 14.87
C VAL A 186 19.22 -5.15 13.45
N GLN A 187 20.18 -4.28 13.21
CA GLN A 187 20.35 -3.70 11.91
C GLN A 187 20.75 -4.84 10.95
N VAL A 188 21.79 -5.60 11.29
CA VAL A 188 22.16 -6.73 10.43
C VAL A 188 20.93 -7.59 10.15
N ALA A 189 20.15 -7.86 11.20
CA ALA A 189 18.97 -8.69 11.08
C ALA A 189 18.00 -8.22 9.98
N VAL A 190 17.55 -6.96 10.04
CA VAL A 190 16.62 -6.47 9.04
C VAL A 190 17.26 -6.28 7.66
N ALA A 191 18.57 -6.03 7.64
CA ALA A 191 19.29 -5.83 6.39
C ALA A 191 19.64 -7.10 5.60
N HIS A 192 19.61 -8.27 6.22
CA HIS A 192 19.98 -9.49 5.52
C HIS A 192 19.04 -10.66 5.67
N VAL A 193 17.87 -10.46 6.27
CA VAL A 193 16.94 -11.57 6.34
C VAL A 193 16.47 -11.75 4.90
N SER A 194 16.31 -12.99 4.47
CA SER A 194 15.85 -13.28 3.14
C SER A 194 14.51 -12.65 2.81
N GLU A 195 14.39 -12.08 1.62
CA GLU A 195 13.16 -11.50 1.15
C GLU A 195 12.08 -12.57 1.10
N THR A 196 12.49 -13.83 1.17
CA THR A 196 11.53 -14.95 1.14
C THR A 196 10.86 -15.11 2.50
N ILE A 197 11.38 -14.41 3.50
CA ILE A 197 10.84 -14.53 4.84
C ILE A 197 9.38 -14.13 4.88
N THR A 198 8.58 -14.90 5.64
CA THR A 198 7.16 -14.61 5.76
C THR A 198 6.72 -14.54 7.23
N GLN A 199 7.52 -15.12 8.13
CA GLN A 199 7.23 -15.11 9.57
C GLN A 199 8.50 -14.74 10.27
N LEU A 200 8.52 -13.55 10.87
CA LEU A 200 9.68 -13.05 11.58
C LEU A 200 9.37 -12.59 12.99
N ASN A 201 10.11 -13.11 13.97
CA ASN A 201 9.92 -12.69 15.35
C ASN A 201 11.15 -11.98 15.85
N LEU A 202 11.12 -10.65 15.91
CA LEU A 202 12.24 -9.87 16.40
C LEU A 202 11.90 -9.08 17.65
N SER A 203 11.18 -9.70 18.58
CA SER A 203 10.82 -9.03 19.83
C SER A 203 11.97 -9.07 20.85
N GLY A 204 11.91 -8.17 21.82
CA GLY A 204 12.90 -8.17 22.87
C GLY A 204 14.04 -7.19 22.81
N TYR A 205 14.12 -6.39 21.74
CA TYR A 205 15.22 -5.44 21.61
C TYR A 205 14.68 -4.05 21.81
N ARG A 206 14.60 -3.61 23.05
CA ARG A 206 14.05 -2.31 23.37
C ARG A 206 14.67 -1.14 22.60
N LYS A 207 15.56 -0.41 23.25
CA LYS A 207 16.19 0.74 22.64
C LYS A 207 17.07 0.42 21.41
N ASN A 208 17.26 -0.85 21.12
CA ASN A 208 18.09 -1.24 19.97
C ASN A 208 17.35 -1.45 18.65
N LEU A 209 16.02 -1.30 18.64
CA LEU A 209 15.25 -1.48 17.41
C LEU A 209 14.58 -0.15 17.05
N GLN A 210 15.18 0.57 16.12
CA GLN A 210 14.64 1.83 15.70
C GLN A 210 13.53 1.64 14.65
N LYS A 211 12.86 2.74 14.35
CA LYS A 211 11.82 2.77 13.35
C LYS A 211 12.48 2.50 12.00
N SER A 212 13.61 3.17 11.76
CA SER A 212 14.34 2.99 10.53
C SER A 212 14.67 1.52 10.27
N ASP A 213 14.84 0.74 11.34
CA ASP A 213 15.13 -0.68 11.19
C ASP A 213 13.86 -1.36 10.76
N LEU A 214 12.72 -0.75 11.05
CA LEU A 214 11.44 -1.35 10.68
C LEU A 214 11.25 -1.08 9.19
N SER A 215 11.65 0.11 8.76
CA SER A 215 11.57 0.51 7.37
C SER A 215 12.39 -0.48 6.52
N THR A 216 13.69 -0.58 6.82
CA THR A 216 14.56 -1.49 6.11
C THR A 216 13.89 -2.84 5.94
N LEU A 217 13.39 -3.38 7.05
CA LEU A 217 12.75 -4.68 7.06
C LEU A 217 11.60 -4.68 6.08
N VAL A 218 10.74 -3.68 6.19
CA VAL A 218 9.56 -3.58 5.33
C VAL A 218 9.92 -3.42 3.86
N ARG A 219 11.01 -2.71 3.60
CA ARG A 219 11.49 -2.45 2.25
C ARG A 219 12.01 -3.73 1.60
N ARG A 220 12.86 -4.46 2.32
CA ARG A 220 13.45 -5.68 1.82
C ARG A 220 12.58 -6.91 1.90
N CYS A 221 11.54 -6.89 2.72
CA CYS A 221 10.74 -8.10 2.89
C CYS A 221 9.27 -7.84 2.78
N PRO A 222 8.75 -7.79 1.56
CA PRO A 222 7.32 -7.57 1.32
C PRO A 222 6.45 -8.79 1.61
N ASN A 223 7.02 -9.97 1.79
CA ASN A 223 6.20 -11.18 2.01
C ASN A 223 5.85 -11.56 3.46
N LEU A 224 6.08 -10.66 4.41
CA LEU A 224 5.78 -10.95 5.80
C LEU A 224 4.29 -11.16 6.10
N VAL A 225 3.98 -12.31 6.70
CA VAL A 225 2.62 -12.66 7.08
C VAL A 225 2.52 -12.57 8.60
N HIS A 226 3.61 -12.92 9.30
CA HIS A 226 3.70 -12.86 10.76
C HIS A 226 4.80 -11.89 11.12
N LEU A 227 4.50 -10.91 11.96
CA LEU A 227 5.53 -9.98 12.37
C LEU A 227 5.33 -9.68 13.83
N ASP A 228 6.25 -10.17 14.65
CA ASP A 228 6.20 -9.96 16.07
C ASP A 228 7.24 -8.91 16.42
N LEU A 229 6.80 -7.79 16.95
CA LEU A 229 7.72 -6.74 17.34
C LEU A 229 7.52 -6.35 18.80
N SER A 230 6.99 -7.31 19.56
CA SER A 230 6.77 -7.05 20.96
C SER A 230 8.01 -6.50 21.67
N ASP A 231 7.78 -5.62 22.63
CA ASP A 231 8.89 -5.07 23.38
C ASP A 231 9.79 -4.17 22.58
N SER A 232 9.22 -3.51 21.57
CA SER A 232 9.98 -2.57 20.71
C SER A 232 9.75 -1.17 21.25
N VAL A 233 10.28 -0.94 22.44
CA VAL A 233 10.17 0.32 23.14
C VAL A 233 10.22 1.61 22.29
N MET A 234 10.99 1.61 21.21
CA MET A 234 11.13 2.81 20.38
C MET A 234 9.94 3.10 19.46
N LEU A 235 9.26 2.05 19.02
CA LEU A 235 8.14 2.19 18.10
C LEU A 235 6.93 3.02 18.58
N LYS A 236 6.58 4.01 17.77
CA LYS A 236 5.43 4.88 18.02
C LYS A 236 4.41 4.56 16.93
N ASN A 237 3.24 5.20 16.97
CA ASN A 237 2.24 4.88 15.95
C ASN A 237 2.72 5.30 14.57
N ASP A 238 3.74 6.12 14.51
CA ASP A 238 4.27 6.56 13.23
C ASP A 238 5.05 5.44 12.53
N CYS A 239 4.85 4.21 12.98
CA CYS A 239 5.49 3.04 12.40
C CYS A 239 4.44 2.36 11.57
N PHE A 240 3.20 2.59 11.94
CA PHE A 240 2.05 2.00 11.27
C PHE A 240 2.14 2.21 9.76
N GLN A 241 2.69 3.34 9.34
CA GLN A 241 2.85 3.64 7.92
C GLN A 241 3.81 2.67 7.22
N GLU A 242 4.52 1.86 8.01
CA GLU A 242 5.43 0.87 7.42
C GLU A 242 4.71 -0.49 7.35
N PHE A 243 3.83 -0.76 8.31
CA PHE A 243 3.09 -2.02 8.32
C PHE A 243 2.06 -2.01 7.19
N PHE A 244 1.66 -0.80 6.81
CA PHE A 244 0.70 -0.58 5.76
C PHE A 244 1.31 -1.01 4.43
N GLN A 245 2.61 -0.84 4.30
CA GLN A 245 3.31 -1.24 3.06
C GLN A 245 3.56 -2.74 2.95
N LEU A 246 2.92 -3.53 3.82
CA LEU A 246 3.03 -4.99 3.79
C LEU A 246 1.62 -5.41 3.45
N ASN A 247 1.43 -5.96 2.26
CA ASN A 247 0.09 -6.32 1.81
C ASN A 247 -0.29 -7.74 2.06
N TYR A 248 0.47 -8.41 2.92
CA TYR A 248 0.18 -9.81 3.26
C TYR A 248 0.27 -10.05 4.77
N LEU A 249 0.54 -8.96 5.51
CA LEU A 249 0.65 -9.05 6.95
C LEU A 249 -0.72 -9.35 7.52
N GLN A 250 -0.85 -10.46 8.21
CA GLN A 250 -2.12 -10.79 8.78
C GLN A 250 -2.02 -11.11 10.28
N HIS A 251 -0.78 -11.05 10.79
CA HIS A 251 -0.50 -11.29 12.21
C HIS A 251 0.60 -10.34 12.67
N LEU A 252 0.24 -9.46 13.60
CA LEU A 252 1.18 -8.48 14.13
C LEU A 252 1.15 -8.50 15.66
N SER A 253 2.30 -8.25 16.29
CA SER A 253 2.41 -8.22 17.75
C SER A 253 3.23 -7.03 18.15
N LEU A 254 2.66 -6.25 19.07
CA LEU A 254 3.29 -5.03 19.51
C LEU A 254 3.23 -4.94 21.03
N SER A 255 2.95 -6.09 21.64
CA SER A 255 2.87 -6.20 23.09
C SER A 255 4.05 -5.52 23.73
N ARG A 256 3.77 -4.76 24.78
CA ARG A 256 4.78 -4.02 25.51
C ARG A 256 5.53 -2.93 24.75
N CYS A 257 4.93 -2.40 23.68
CA CYS A 257 5.56 -1.27 22.97
C CYS A 257 4.93 -0.04 23.63
N TYR A 258 5.49 0.33 24.77
CA TYR A 258 5.01 1.45 25.57
C TYR A 258 4.90 2.82 24.91
N ASP A 259 5.49 3.02 23.74
CA ASP A 259 5.38 4.33 23.12
C ASP A 259 4.26 4.37 22.09
N ILE A 260 3.53 3.27 21.98
CA ILE A 260 2.41 3.23 21.06
C ILE A 260 1.11 3.58 21.81
N ILE A 261 0.69 4.85 21.73
CA ILE A 261 -0.54 5.29 22.41
C ILE A 261 -1.67 4.35 22.05
N PRO A 262 -2.36 3.80 23.05
CA PRO A 262 -3.46 2.86 22.83
C PRO A 262 -4.51 3.27 21.79
N GLU A 263 -4.81 4.56 21.69
CA GLU A 263 -5.80 5.00 20.72
C GLU A 263 -5.33 4.78 19.28
N THR A 264 -4.12 5.22 18.99
CA THR A 264 -3.56 5.11 17.64
C THR A 264 -3.70 3.66 17.14
N LEU A 265 -3.95 2.72 18.01
CA LEU A 265 -4.10 1.34 17.56
C LEU A 265 -5.28 1.16 16.61
N LEU A 266 -6.15 2.15 16.56
CA LEU A 266 -7.32 2.07 15.69
C LEU A 266 -6.88 2.14 14.22
N GLU A 267 -5.77 2.84 13.98
CA GLU A 267 -5.22 2.98 12.65
C GLU A 267 -4.82 1.65 12.04
N LEU A 268 -4.47 0.67 12.87
CA LEU A 268 -4.06 -0.63 12.33
C LEU A 268 -5.21 -1.29 11.57
N GLY A 269 -6.32 -0.58 11.46
CA GLY A 269 -7.46 -1.10 10.72
C GLY A 269 -7.26 -0.85 9.24
N GLU A 270 -6.20 -0.11 8.91
CA GLU A 270 -5.84 0.21 7.54
C GLU A 270 -5.30 -1.01 6.80
N ILE A 271 -4.59 -1.86 7.53
CA ILE A 271 -4.01 -3.08 7.00
C ILE A 271 -5.18 -4.02 6.76
N PRO A 272 -5.59 -4.16 5.49
CA PRO A 272 -6.70 -5.01 5.08
C PRO A 272 -6.54 -6.49 5.40
N THR A 273 -5.36 -7.02 5.14
CA THR A 273 -5.06 -8.43 5.36
C THR A 273 -4.97 -8.85 6.83
N LEU A 274 -4.75 -7.89 7.72
CA LEU A 274 -4.61 -8.17 9.15
C LEU A 274 -5.74 -9.02 9.72
N LYS A 275 -5.39 -10.15 10.30
CA LYS A 275 -6.34 -11.08 10.90
C LYS A 275 -6.28 -11.12 12.45
N THR A 276 -5.11 -10.85 13.02
CA THR A 276 -4.92 -10.84 14.47
C THR A 276 -3.94 -9.78 14.95
N LEU A 277 -4.21 -9.20 16.12
CA LEU A 277 -3.35 -8.18 16.69
C LEU A 277 -3.08 -8.50 18.16
N GLN A 278 -1.81 -8.43 18.56
CA GLN A 278 -1.44 -8.72 19.94
C GLN A 278 -0.78 -7.48 20.50
N VAL A 279 -1.48 -6.86 21.44
CA VAL A 279 -1.02 -5.66 22.10
C VAL A 279 -1.25 -5.77 23.60
N PHE A 280 -0.45 -6.60 24.26
CA PHE A 280 -0.58 -6.77 25.70
C PHE A 280 0.23 -5.76 26.48
N GLY A 281 -0.29 -5.34 27.63
CA GLY A 281 0.46 -4.44 28.48
C GLY A 281 0.50 -3.00 28.13
N ILE A 282 -0.26 -2.58 27.13
CA ILE A 282 -0.28 -1.17 26.74
C ILE A 282 -1.69 -0.72 26.47
N VAL A 283 -2.62 -1.67 26.45
CA VAL A 283 -4.02 -1.38 26.19
C VAL A 283 -4.94 -1.60 27.40
N PRO A 284 -5.54 -0.52 27.90
CA PRO A 284 -6.45 -0.59 29.03
C PRO A 284 -7.56 -1.55 28.69
N ASP A 285 -8.03 -2.35 29.64
CA ASP A 285 -9.10 -3.29 29.33
C ASP A 285 -10.26 -2.61 28.59
N GLY A 286 -10.52 -1.36 28.96
CA GLY A 286 -11.62 -0.63 28.36
C GLY A 286 -11.42 -0.29 26.89
N THR A 287 -10.42 0.54 26.60
CA THR A 287 -10.13 0.90 25.22
C THR A 287 -9.81 -0.35 24.41
N LEU A 288 -9.57 -1.48 25.07
CA LEU A 288 -9.29 -2.71 24.36
C LEU A 288 -10.57 -3.32 23.82
N GLN A 289 -11.64 -3.26 24.62
CA GLN A 289 -12.90 -3.82 24.15
C GLN A 289 -13.56 -2.91 23.14
N LEU A 290 -13.16 -1.63 23.14
CA LEU A 290 -13.69 -0.68 22.18
C LEU A 290 -12.92 -0.91 20.89
N LEU A 291 -11.65 -1.26 21.04
CA LEU A 291 -10.79 -1.52 19.90
C LEU A 291 -11.30 -2.78 19.20
N LYS A 292 -11.81 -3.73 19.96
CA LYS A 292 -12.37 -4.95 19.39
C LYS A 292 -13.71 -4.67 18.71
N GLU A 293 -14.40 -3.64 19.20
CA GLU A 293 -15.68 -3.22 18.64
C GLU A 293 -15.39 -2.70 17.24
N ALA A 294 -14.49 -1.72 17.17
CA ALA A 294 -14.09 -1.08 15.93
C ALA A 294 -13.55 -2.04 14.88
N LEU A 295 -12.67 -2.95 15.27
CA LEU A 295 -12.09 -3.88 14.32
C LEU A 295 -12.57 -5.29 14.58
N PRO A 296 -13.83 -5.56 14.23
CA PRO A 296 -14.41 -6.88 14.44
C PRO A 296 -13.74 -7.95 13.60
N HIS A 297 -13.03 -7.53 12.55
CA HIS A 297 -12.34 -8.49 11.68
C HIS A 297 -11.08 -9.04 12.33
N LEU A 298 -10.55 -8.29 13.30
CA LEU A 298 -9.34 -8.69 14.03
C LEU A 298 -9.57 -9.59 15.24
N GLN A 299 -8.46 -10.13 15.73
CA GLN A 299 -8.44 -11.01 16.87
C GLN A 299 -7.42 -10.30 17.72
N ILE A 300 -7.85 -9.52 18.70
CA ILE A 300 -6.90 -8.78 19.54
C ILE A 300 -6.55 -9.48 20.86
N ASN A 301 -5.28 -9.37 21.27
CA ASN A 301 -4.74 -10.01 22.48
C ASN A 301 -5.36 -11.38 22.70
N CYS A 302 -5.52 -12.10 21.61
CA CYS A 302 -6.08 -13.42 21.63
C CYS A 302 -5.08 -14.53 21.96
N SER A 303 -3.79 -14.26 21.76
CA SER A 303 -2.75 -15.26 21.99
C SER A 303 -1.53 -14.74 22.72
N HIS A 304 -1.01 -15.56 23.64
CA HIS A 304 0.14 -15.15 24.41
C HIS A 304 1.50 -15.61 23.95
N PHE A 305 1.57 -16.78 23.32
CA PHE A 305 2.87 -17.26 22.89
C PHE A 305 3.08 -17.25 21.39
N THR A 306 4.33 -17.02 20.98
CA THR A 306 4.67 -17.00 19.59
C THR A 306 4.73 -18.42 19.08
N THR A 307 4.34 -18.60 17.82
CA THR A 307 4.37 -19.91 17.20
C THR A 307 5.41 -19.84 16.11
N ILE A 308 5.98 -18.65 15.91
CA ILE A 308 7.00 -18.44 14.88
C ILE A 308 8.20 -19.34 15.10
N ALA A 309 8.41 -20.26 14.17
CA ALA A 309 9.52 -21.21 14.19
C ALA A 309 9.58 -22.04 15.47
N ARG A 310 8.43 -22.52 15.92
CA ARG A 310 8.39 -23.34 17.11
C ARG A 310 8.27 -24.80 16.74
N PRO A 311 9.25 -25.63 17.15
CA PRO A 311 9.26 -27.07 16.87
C PRO A 311 7.97 -27.72 17.29
N THR A 312 7.43 -27.29 18.41
CA THR A 312 6.19 -27.86 18.90
C THR A 312 5.38 -26.77 19.57
N ILE A 313 4.06 -26.91 19.48
CA ILE A 313 3.15 -25.94 20.05
C ILE A 313 2.12 -26.74 20.84
N GLY A 314 2.23 -26.73 22.15
CA GLY A 314 1.26 -27.47 22.93
C GLY A 314 1.77 -28.35 24.05
N ASN A 315 0.83 -29.01 24.72
CA ASN A 315 1.15 -29.89 25.84
C ASN A 315 0.55 -31.24 25.49
N LYS A 316 1.23 -32.33 25.86
CA LYS A 316 0.72 -33.68 25.58
C LYS A 316 0.86 -33.88 24.07
N LYS A 317 1.37 -32.86 23.39
CA LYS A 317 1.49 -32.89 21.95
C LYS A 317 2.93 -32.78 21.54
N ASN A 318 3.76 -33.22 22.46
CA ASN A 318 5.18 -33.24 22.24
C ASN A 318 5.41 -34.09 21.02
N GLN A 319 6.68 -34.28 20.67
CA GLN A 319 7.06 -35.16 19.58
C GLN A 319 6.23 -35.00 18.32
N GLU A 320 5.93 -33.75 17.97
CA GLU A 320 5.22 -33.45 16.74
C GLU A 320 6.12 -32.39 16.17
N ILE A 321 7.41 -32.57 16.45
CA ILE A 321 8.45 -31.67 15.94
C ILE A 321 8.07 -31.31 14.52
N TRP A 322 7.55 -30.11 14.36
CA TRP A 322 7.11 -29.65 13.05
C TRP A 322 6.28 -30.74 12.36
N GLY A 323 5.26 -31.20 13.08
CA GLY A 323 4.34 -32.22 12.58
C GLY A 323 4.83 -33.66 12.57
N ILE A 324 6.13 -33.87 12.74
CA ILE A 324 6.62 -35.24 12.72
C ILE A 324 6.39 -35.99 14.03
N LYS A 325 5.70 -37.13 13.98
CA LYS A 325 5.47 -37.93 15.18
C LYS A 325 6.63 -38.90 15.32
N CYS A 326 7.77 -38.46 15.86
CA CYS A 326 8.93 -39.34 16.01
C CYS A 326 8.60 -40.79 16.40
N ARG A 327 8.90 -41.73 15.51
CA ARG A 327 8.59 -43.13 15.77
C ARG A 327 9.45 -43.75 16.88
N LEU A 328 10.63 -43.20 17.12
CA LEU A 328 11.49 -43.69 18.19
C LEU A 328 11.56 -42.66 19.31
N THR A 329 11.24 -43.08 20.52
CA THR A 329 11.24 -42.17 21.66
C THR A 329 11.65 -42.92 22.92
N LEU A 330 11.59 -42.22 24.04
CA LEU A 330 11.90 -42.82 25.34
C LEU A 330 10.80 -42.54 26.36
N GLN A 331 9.72 -41.89 25.93
CA GLN A 331 8.59 -41.58 26.80
C GLN A 331 8.16 -42.82 27.59
N PRO B 2 -16.53 -62.79 -9.82
CA PRO B 2 -16.74 -62.83 -8.34
C PRO B 2 -15.84 -63.88 -7.70
N SER B 3 -15.43 -64.86 -8.51
CA SER B 3 -14.56 -65.94 -8.02
C SER B 3 -13.28 -66.02 -8.84
N ILE B 4 -12.23 -66.52 -8.20
CA ILE B 4 -10.93 -66.69 -8.83
C ILE B 4 -10.27 -67.90 -8.20
N LYS B 5 -9.55 -68.69 -9.00
CA LYS B 5 -8.88 -69.87 -8.48
C LYS B 5 -7.40 -69.63 -8.29
N LEU B 6 -6.90 -69.96 -7.11
CA LEU B 6 -5.49 -69.81 -6.77
C LEU B 6 -4.86 -71.20 -6.76
N GLN B 7 -3.59 -71.29 -7.15
CA GLN B 7 -2.91 -72.57 -7.17
C GLN B 7 -1.65 -72.54 -6.32
N SER B 8 -1.66 -73.30 -5.23
CA SER B 8 -0.52 -73.37 -4.34
C SER B 8 0.69 -73.97 -5.04
N SER B 9 1.87 -73.64 -4.55
CA SER B 9 3.12 -74.13 -5.13
C SER B 9 3.21 -75.65 -5.08
N ASP B 10 2.22 -76.31 -4.49
CA ASP B 10 2.24 -77.75 -4.42
C ASP B 10 0.96 -78.46 -4.86
N GLY B 11 0.19 -77.85 -5.75
CA GLY B 11 -1.00 -78.51 -6.25
C GLY B 11 -2.40 -77.99 -5.94
N GLU B 12 -2.70 -77.71 -4.68
CA GLU B 12 -4.05 -77.25 -4.32
C GLU B 12 -4.59 -76.02 -5.03
N ILE B 13 -5.89 -76.05 -5.29
CA ILE B 13 -6.58 -74.96 -5.95
C ILE B 13 -7.67 -74.46 -5.01
N PHE B 14 -7.56 -73.20 -4.58
CA PHE B 14 -8.56 -72.62 -3.70
C PHE B 14 -9.34 -71.57 -4.45
N GLU B 15 -10.67 -71.59 -4.33
CA GLU B 15 -11.46 -70.59 -5.00
C GLU B 15 -11.79 -69.49 -4.02
N VAL B 16 -11.12 -68.35 -4.17
CA VAL B 16 -11.35 -67.23 -3.28
C VAL B 16 -12.12 -66.15 -4.02
N ASP B 17 -12.74 -65.23 -3.28
CA ASP B 17 -13.48 -64.15 -3.89
C ASP B 17 -12.46 -63.20 -4.52
N VAL B 18 -12.76 -62.71 -5.72
CA VAL B 18 -11.86 -61.81 -6.44
C VAL B 18 -11.44 -60.61 -5.61
N GLU B 19 -12.37 -60.12 -4.78
CA GLU B 19 -12.13 -58.97 -3.93
C GLU B 19 -11.18 -59.28 -2.77
N ILE B 20 -11.24 -60.51 -2.27
CA ILE B 20 -10.37 -60.94 -1.19
C ILE B 20 -8.97 -61.29 -1.73
N ALA B 21 -8.93 -61.91 -2.90
CA ALA B 21 -7.67 -62.27 -3.55
C ALA B 21 -6.94 -61.00 -3.96
N LYS B 22 -7.72 -59.99 -4.33
CA LYS B 22 -7.20 -58.70 -4.74
C LYS B 22 -6.45 -58.03 -3.58
N GLN B 23 -6.71 -58.47 -2.36
CA GLN B 23 -6.03 -57.93 -1.18
C GLN B 23 -4.53 -58.14 -1.29
N SER B 24 -4.14 -59.04 -2.19
CA SER B 24 -2.74 -59.35 -2.44
C SER B 24 -2.29 -58.58 -3.68
N VAL B 25 -1.40 -57.61 -3.49
CA VAL B 25 -0.90 -56.81 -4.62
C VAL B 25 -0.34 -57.73 -5.69
N THR B 26 0.37 -58.76 -5.25
CA THR B 26 0.95 -59.75 -6.16
C THR B 26 -0.16 -60.45 -6.94
N ILE B 27 -1.06 -61.11 -6.23
CA ILE B 27 -2.15 -61.79 -6.91
C ILE B 27 -3.02 -60.82 -7.70
N LYS B 28 -3.00 -59.54 -7.31
CA LYS B 28 -3.78 -58.52 -8.00
C LYS B 28 -3.20 -58.17 -9.36
N THR B 29 -1.89 -57.90 -9.39
CA THR B 29 -1.22 -57.55 -10.64
C THR B 29 -1.37 -58.64 -11.68
N MET B 30 -1.31 -59.90 -11.23
CA MET B 30 -1.44 -61.03 -12.13
C MET B 30 -2.83 -61.12 -12.75
N LEU B 31 -3.87 -61.07 -11.91
CA LEU B 31 -5.24 -61.13 -12.40
C LEU B 31 -5.56 -60.02 -13.39
N GLU B 32 -4.60 -59.11 -13.57
CA GLU B 32 -4.78 -57.99 -14.49
C GLU B 32 -3.79 -58.14 -15.65
N ASP B 33 -2.52 -57.86 -15.37
CA ASP B 33 -1.46 -57.93 -16.36
C ASP B 33 -1.23 -59.32 -16.94
N LEU B 34 -2.18 -60.22 -16.75
CA LEU B 34 -2.07 -61.58 -17.27
C LEU B 34 -3.42 -62.25 -17.52
N GLY B 35 -4.46 -61.82 -16.79
CA GLY B 35 -5.77 -62.40 -16.95
C GLY B 35 -5.73 -63.92 -16.99
N MET B 36 -5.25 -64.53 -15.91
CA MET B 36 -5.13 -65.99 -15.81
C MET B 36 -6.21 -66.57 -14.89
N ASP B 37 -6.57 -67.82 -15.10
CA ASP B 37 -7.56 -68.46 -14.23
C ASP B 37 -6.83 -69.12 -13.07
N PRO B 38 -6.18 -70.28 -13.27
CA PRO B 38 -5.48 -70.88 -12.14
C PRO B 38 -4.25 -70.04 -11.82
N VAL B 39 -4.42 -68.94 -11.11
CA VAL B 39 -3.32 -68.06 -10.75
C VAL B 39 -2.17 -68.85 -10.11
N PRO B 40 -1.03 -68.88 -10.78
CA PRO B 40 0.18 -69.58 -10.32
C PRO B 40 0.86 -68.92 -9.12
N LEU B 41 0.86 -69.62 -7.98
CA LEU B 41 1.50 -69.11 -6.78
C LEU B 41 2.60 -70.09 -6.36
N PRO B 42 3.71 -70.13 -7.12
CA PRO B 42 4.83 -71.02 -6.84
C PRO B 42 5.57 -70.80 -5.53
N ASN B 43 5.36 -69.65 -4.89
CA ASN B 43 6.05 -69.36 -3.64
C ASN B 43 5.25 -69.56 -2.36
N VAL B 44 4.04 -70.10 -2.45
CA VAL B 44 3.21 -70.33 -1.28
C VAL B 44 2.61 -71.73 -1.34
N ASN B 45 2.84 -72.56 -0.32
CA ASN B 45 2.26 -73.90 -0.38
C ASN B 45 0.79 -73.86 0.05
N ALA B 46 0.14 -75.02 -0.02
CA ALA B 46 -1.29 -75.14 0.32
C ALA B 46 -1.66 -74.83 1.77
N ALA B 47 -0.75 -75.12 2.70
CA ALA B 47 -1.03 -74.85 4.11
C ALA B 47 -1.06 -73.35 4.40
N ILE B 48 0.00 -72.67 4.01
CA ILE B 48 0.10 -71.23 4.23
C ILE B 48 -0.94 -70.44 3.46
N LEU B 49 -1.14 -70.77 2.19
CA LEU B 49 -2.11 -70.04 1.37
C LEU B 49 -3.51 -70.12 2.00
N LYS B 50 -3.84 -71.30 2.53
CA LYS B 50 -5.14 -71.51 3.15
C LYS B 50 -5.27 -70.53 4.32
N LYS B 51 -4.14 -70.27 4.98
CA LYS B 51 -4.10 -69.35 6.11
C LYS B 51 -4.28 -67.92 5.60
N VAL B 52 -3.49 -67.55 4.58
CA VAL B 52 -3.55 -66.21 3.99
C VAL B 52 -4.99 -65.88 3.59
N ILE B 53 -5.64 -66.82 2.92
CA ILE B 53 -7.01 -66.63 2.48
C ILE B 53 -7.95 -66.49 3.68
N GLN B 54 -7.67 -67.26 4.73
CA GLN B 54 -8.47 -67.22 5.94
C GLN B 54 -8.33 -65.85 6.61
N TRP B 55 -7.09 -65.40 6.75
CA TRP B 55 -6.81 -64.12 7.36
C TRP B 55 -7.44 -62.99 6.56
N CYS B 56 -7.32 -63.05 5.24
CA CYS B 56 -7.88 -62.03 4.37
C CYS B 56 -9.39 -62.03 4.39
N THR B 57 -9.97 -63.21 4.50
CA THR B 57 -11.43 -63.33 4.55
C THR B 57 -11.93 -62.65 5.82
N HIS B 58 -11.29 -62.97 6.94
CA HIS B 58 -11.64 -62.39 8.22
C HIS B 58 -11.60 -60.87 8.15
N HIS B 59 -10.66 -60.35 7.37
CA HIS B 59 -10.53 -58.91 7.23
C HIS B 59 -10.91 -58.41 5.85
N LYS B 60 -11.91 -59.04 5.23
CA LYS B 60 -12.31 -58.64 3.89
C LYS B 60 -12.73 -57.19 3.84
N ASP B 61 -13.23 -56.69 4.97
CA ASP B 61 -13.67 -55.30 5.09
C ASP B 61 -12.53 -54.49 5.69
N ASP B 62 -11.62 -55.17 6.38
CA ASP B 62 -10.47 -54.52 7.01
C ASP B 62 -9.42 -54.05 6.01
N ILE B 71 -3.12 -55.89 18.72
CA ILE B 71 -3.47 -57.02 17.85
C ILE B 71 -4.75 -57.68 18.30
N PRO B 72 -5.75 -57.76 17.42
CA PRO B 72 -7.03 -58.36 17.76
C PRO B 72 -6.85 -59.73 18.39
N VAL B 73 -7.88 -60.19 19.09
CA VAL B 73 -7.85 -61.49 19.73
C VAL B 73 -7.92 -62.59 18.68
N TRP B 74 -8.76 -62.38 17.66
CA TRP B 74 -8.89 -63.37 16.59
C TRP B 74 -7.53 -63.55 15.90
N ASP B 75 -6.87 -62.45 15.57
CA ASP B 75 -5.56 -62.52 14.93
C ASP B 75 -4.57 -63.24 15.86
N GLN B 76 -4.58 -62.88 17.13
CA GLN B 76 -3.66 -63.54 18.04
C GLN B 76 -3.92 -65.04 18.03
N GLU B 77 -5.18 -65.45 18.13
CA GLU B 77 -5.46 -66.88 18.12
C GLU B 77 -5.02 -67.41 16.76
N PHE B 78 -5.25 -66.62 15.71
CA PHE B 78 -4.90 -66.99 14.34
C PHE B 78 -3.40 -67.27 14.24
N LEU B 79 -2.59 -66.35 14.74
CA LEU B 79 -1.15 -66.51 14.67
C LEU B 79 -0.60 -67.31 15.85
N LYS B 80 -1.46 -68.10 16.47
CA LYS B 80 -1.04 -68.92 17.60
C LYS B 80 -0.57 -70.23 16.98
N VAL B 81 0.54 -70.16 16.23
CA VAL B 81 1.13 -71.31 15.55
C VAL B 81 2.63 -71.41 15.89
N ASP B 82 3.26 -72.51 15.45
CA ASP B 82 4.69 -72.71 15.71
C ASP B 82 5.53 -71.70 14.92
N GLN B 83 6.74 -71.45 15.39
CA GLN B 83 7.63 -70.49 14.72
C GLN B 83 7.73 -70.73 13.21
N GLY B 84 7.74 -72.01 12.83
CA GLY B 84 7.84 -72.34 11.41
C GLY B 84 6.72 -71.75 10.59
N THR B 85 5.48 -71.98 11.02
CA THR B 85 4.31 -71.46 10.31
C THR B 85 4.32 -69.94 10.26
N LEU B 86 4.69 -69.31 11.37
CA LEU B 86 4.74 -67.86 11.44
C LEU B 86 5.79 -67.35 10.46
N PHE B 87 6.93 -68.05 10.40
CA PHE B 87 8.01 -67.68 9.49
C PHE B 87 7.55 -67.82 8.04
N GLU B 88 6.72 -68.84 7.81
CA GLU B 88 6.17 -69.11 6.48
C GLU B 88 5.12 -68.05 6.07
N LEU B 89 4.33 -67.60 7.04
CA LEU B 89 3.32 -66.57 6.80
C LEU B 89 3.95 -65.23 6.50
N ILE B 90 4.95 -64.84 7.27
CA ILE B 90 5.62 -63.55 7.03
C ILE B 90 6.15 -63.53 5.59
N LEU B 91 6.68 -64.66 5.14
CA LEU B 91 7.22 -64.75 3.77
C LEU B 91 6.07 -64.70 2.80
N ALA B 92 5.06 -65.54 3.05
CA ALA B 92 3.89 -65.60 2.22
C ALA B 92 3.29 -64.20 2.08
N ALA B 93 3.00 -63.58 3.22
CA ALA B 93 2.43 -62.25 3.24
C ALA B 93 3.29 -61.30 2.43
N ASN B 94 4.61 -61.43 2.58
CA ASN B 94 5.53 -60.57 1.85
C ASN B 94 5.47 -60.89 0.37
N TYR B 95 5.65 -62.17 0.03
CA TYR B 95 5.60 -62.62 -1.35
C TYR B 95 4.33 -62.21 -2.04
N LEU B 96 3.19 -62.39 -1.35
CA LEU B 96 1.89 -62.02 -1.89
C LEU B 96 1.64 -60.53 -1.67
N ASP B 97 2.58 -59.89 -0.99
CA ASP B 97 2.50 -58.47 -0.68
C ASP B 97 1.11 -58.07 -0.20
N ILE B 98 0.83 -58.48 1.02
CA ILE B 98 -0.42 -58.20 1.72
C ILE B 98 -0.03 -57.38 2.94
N LYS B 99 0.11 -56.07 2.76
CA LYS B 99 0.50 -55.19 3.87
C LYS B 99 -0.26 -55.46 5.17
N GLY B 100 -1.55 -55.75 5.04
CA GLY B 100 -2.38 -56.04 6.21
C GLY B 100 -1.84 -57.16 7.07
N LEU B 101 -1.73 -58.34 6.48
CA LEU B 101 -1.23 -59.52 7.20
C LEU B 101 0.28 -59.47 7.46
N LEU B 102 1.01 -58.66 6.69
CA LEU B 102 2.45 -58.55 6.88
C LEU B 102 2.69 -57.74 8.15
N ASP B 103 1.74 -56.86 8.48
CA ASP B 103 1.81 -56.01 9.67
C ASP B 103 1.62 -56.77 10.98
N VAL B 104 0.57 -57.58 11.05
CA VAL B 104 0.27 -58.36 12.25
C VAL B 104 1.31 -59.43 12.53
N THR B 105 1.78 -60.10 11.48
CA THR B 105 2.79 -61.15 11.63
C THR B 105 4.11 -60.58 12.17
N CYS B 106 4.51 -59.43 11.66
CA CYS B 106 5.75 -58.79 12.12
C CYS B 106 5.60 -58.30 13.57
N LYS B 107 4.44 -57.75 13.91
CA LYS B 107 4.20 -57.27 15.26
C LYS B 107 4.11 -58.47 16.21
N THR B 108 3.68 -59.60 15.67
CA THR B 108 3.57 -60.81 16.47
C THR B 108 4.97 -61.24 16.87
N VAL B 109 5.88 -61.18 15.90
CA VAL B 109 7.27 -61.56 16.14
C VAL B 109 7.90 -60.51 17.04
N ALA B 110 7.42 -59.28 16.91
CA ALA B 110 7.92 -58.17 17.71
C ALA B 110 7.54 -58.41 19.15
N ASN B 111 6.32 -58.87 19.35
CA ASN B 111 5.83 -59.15 20.70
C ASN B 111 6.56 -60.32 21.30
N MET B 112 7.05 -61.24 20.46
CA MET B 112 7.79 -62.40 20.94
C MET B 112 9.16 -61.99 21.49
N ILE B 113 9.79 -61.04 20.81
CA ILE B 113 11.09 -60.52 21.19
C ILE B 113 11.00 -59.70 22.48
N LYS B 114 9.93 -58.94 22.63
CA LYS B 114 9.72 -58.14 23.83
C LYS B 114 9.78 -59.04 25.06
N GLY B 115 10.51 -58.60 26.08
CA GLY B 115 10.62 -59.38 27.29
C GLY B 115 11.81 -60.30 27.30
N LYS B 116 11.95 -61.11 26.25
CA LYS B 116 13.07 -62.04 26.14
C LYS B 116 14.37 -61.26 26.08
N THR B 117 15.44 -61.86 26.60
CA THR B 117 16.76 -61.23 26.55
C THR B 117 17.39 -61.68 25.25
N PRO B 118 18.51 -61.06 24.85
CA PRO B 118 19.16 -61.47 23.59
C PRO B 118 19.37 -62.99 23.53
N GLU B 119 19.71 -63.59 24.66
CA GLU B 119 19.93 -65.04 24.74
C GLU B 119 18.63 -65.78 24.48
N GLU B 120 17.60 -65.46 25.25
CA GLU B 120 16.29 -66.09 25.11
C GLU B 120 15.77 -65.93 23.68
N ILE B 121 16.21 -64.87 23.01
CA ILE B 121 15.79 -64.64 21.65
C ILE B 121 16.52 -65.58 20.69
N ARG B 122 17.82 -65.76 20.90
CA ARG B 122 18.60 -66.66 20.04
C ARG B 122 17.99 -68.05 20.13
N LYS B 123 17.64 -68.46 21.36
CA LYS B 123 17.05 -69.77 21.61
C LYS B 123 15.83 -69.95 20.70
N THR B 124 14.77 -69.22 21.02
CA THR B 124 13.51 -69.26 20.28
C THR B 124 13.66 -69.30 18.77
N PHE B 125 14.05 -68.17 18.19
CA PHE B 125 14.23 -68.06 16.74
C PHE B 125 15.49 -68.79 16.24
N ASN B 126 16.19 -69.43 17.16
CA ASN B 126 17.42 -70.16 16.83
C ASN B 126 18.33 -69.29 15.99
N ILE B 127 19.13 -68.46 16.64
CA ILE B 127 20.05 -67.58 15.92
C ILE B 127 21.47 -67.82 16.39
N LYS B 128 22.39 -67.93 15.43
CA LYS B 128 23.80 -68.14 15.76
C LYS B 128 24.35 -66.84 16.34
N ASN B 129 25.15 -66.94 17.40
CA ASN B 129 25.72 -65.76 18.02
C ASN B 129 26.99 -65.39 17.25
N ASP B 130 26.87 -64.45 16.32
CA ASP B 130 28.00 -64.01 15.52
C ASP B 130 28.95 -63.19 16.36
N PHE B 131 28.50 -62.84 17.57
CA PHE B 131 29.30 -62.00 18.43
C PHE B 131 30.48 -62.58 19.19
N THR B 132 31.37 -61.66 19.53
CA THR B 132 32.57 -61.91 20.30
C THR B 132 32.22 -61.31 21.64
N GLU B 133 32.67 -61.92 22.74
CA GLU B 133 32.37 -61.36 24.05
C GLU B 133 32.82 -59.92 24.16
N GLU B 134 33.72 -59.52 23.27
CA GLU B 134 34.24 -58.16 23.27
C GLU B 134 33.32 -57.27 22.44
N GLU B 135 32.64 -57.87 21.46
CA GLU B 135 31.72 -57.13 20.60
C GLU B 135 30.42 -56.85 21.36
N GLU B 136 29.96 -57.83 22.14
CA GLU B 136 28.75 -57.66 22.95
C GLU B 136 29.07 -56.63 24.02
N ALA B 137 30.36 -56.45 24.27
CA ALA B 137 30.84 -55.49 25.24
C ALA B 137 30.64 -54.09 24.69
N GLN B 138 30.93 -53.92 23.40
CA GLN B 138 30.76 -52.61 22.77
C GLN B 138 29.29 -52.35 22.46
N VAL B 139 28.60 -53.34 21.93
CA VAL B 139 27.18 -53.22 21.61
C VAL B 139 26.44 -52.73 22.86
N ARG B 140 26.84 -53.28 23.99
CA ARG B 140 26.27 -52.93 25.28
C ARG B 140 26.58 -51.47 25.61
N LYS B 141 27.87 -51.12 25.53
CA LYS B 141 28.34 -49.76 25.82
C LYS B 141 27.67 -48.74 24.89
N GLU B 142 27.50 -49.13 23.63
CA GLU B 142 26.88 -48.25 22.64
C GLU B 142 25.41 -48.07 22.90
N ASN B 143 24.88 -48.83 23.86
CA ASN B 143 23.47 -48.72 24.21
C ASN B 143 23.22 -48.44 25.68
N GLN B 144 24.23 -47.94 26.38
CA GLN B 144 24.05 -47.63 27.80
C GLN B 144 23.12 -46.43 27.94
N TRP B 145 23.44 -45.37 27.19
CA TRP B 145 22.69 -44.12 27.18
C TRP B 145 21.17 -44.27 27.15
N CYS B 146 20.70 -45.41 26.71
CA CYS B 146 19.28 -45.64 26.63
C CYS B 146 18.73 -46.13 27.94
N VAL C 7 -38.99 13.73 57.20
CA VAL C 7 -37.80 14.04 58.05
C VAL C 7 -36.53 14.06 57.21
N SER C 8 -35.50 14.72 57.70
CA SER C 8 -34.23 14.80 56.99
C SER C 8 -33.20 13.94 57.71
N TRP C 9 -32.28 13.38 56.94
CA TRP C 9 -31.25 12.55 57.52
C TRP C 9 -29.97 13.36 57.77
N ASP C 10 -29.90 14.56 57.20
CA ASP C 10 -28.73 15.41 57.35
C ASP C 10 -28.57 15.75 58.83
N SER C 11 -29.54 15.31 59.63
CA SER C 11 -29.52 15.55 61.07
C SER C 11 -28.88 14.35 61.74
N LEU C 12 -28.39 13.43 60.92
CA LEU C 12 -27.77 12.20 61.41
C LEU C 12 -26.32 12.53 61.79
N PRO C 13 -25.83 11.95 62.90
CA PRO C 13 -24.46 12.18 63.37
C PRO C 13 -23.39 11.93 62.31
N ASP C 14 -22.33 12.73 62.34
CA ASP C 14 -21.24 12.58 61.39
C ASP C 14 -20.70 11.16 61.43
N GLU C 15 -20.68 10.57 62.62
CA GLU C 15 -20.16 9.22 62.79
C GLU C 15 -21.03 8.15 62.10
N LEU C 16 -22.31 8.42 62.00
CA LEU C 16 -23.23 7.47 61.38
C LEU C 16 -23.26 7.53 59.85
N LEU C 17 -23.10 8.72 59.29
CA LEU C 17 -23.09 8.83 57.84
C LEU C 17 -21.88 8.06 57.32
N LEU C 18 -20.76 8.17 58.05
CA LEU C 18 -19.55 7.44 57.68
C LEU C 18 -19.85 5.95 57.70
N GLY C 19 -20.67 5.50 58.65
CA GLY C 19 -21.02 4.10 58.71
C GLY C 19 -21.80 3.70 57.48
N ILE C 20 -22.77 4.52 57.11
CA ILE C 20 -23.58 4.26 55.92
C ILE C 20 -22.65 4.30 54.71
N PHE C 21 -21.79 5.31 54.65
CA PHE C 21 -20.85 5.44 53.52
C PHE C 21 -19.87 4.27 53.39
N SER C 22 -19.44 3.73 54.53
CA SER C 22 -18.52 2.61 54.52
C SER C 22 -19.16 1.39 53.87
N CYS C 23 -20.48 1.41 53.76
CA CYS C 23 -21.19 0.28 53.14
C CYS C 23 -21.27 0.45 51.65
N LEU C 24 -20.81 1.60 51.17
CA LEU C 24 -20.88 1.87 49.75
C LEU C 24 -19.57 1.52 49.04
N CYS C 25 -19.71 0.88 47.88
CA CYS C 25 -18.56 0.50 47.07
C CYS C 25 -18.07 1.78 46.39
N LEU C 26 -16.82 1.80 45.95
CA LEU C 26 -16.22 2.98 45.31
C LEU C 26 -17.11 3.88 44.41
N PRO C 27 -17.75 3.32 43.38
CA PRO C 27 -18.59 4.17 42.53
C PRO C 27 -19.72 4.82 43.27
N GLU C 28 -20.32 4.09 44.21
CA GLU C 28 -21.42 4.59 45.04
C GLU C 28 -20.94 5.74 45.93
N LEU C 29 -19.78 5.56 46.51
CA LEU C 29 -19.22 6.58 47.38
C LEU C 29 -18.98 7.87 46.61
N LEU C 30 -18.62 7.76 45.35
CA LEU C 30 -18.38 8.97 44.55
C LEU C 30 -19.71 9.61 44.15
N LYS C 31 -20.75 8.79 44.09
CA LYS C 31 -22.08 9.28 43.75
C LYS C 31 -22.58 10.18 44.88
N VAL C 32 -22.63 9.62 46.08
CA VAL C 32 -23.12 10.33 47.26
C VAL C 32 -22.36 11.61 47.57
N SER C 33 -21.06 11.64 47.24
CA SER C 33 -20.24 12.81 47.51
C SER C 33 -20.82 14.03 46.85
N GLY C 34 -21.74 13.81 45.92
CA GLY C 34 -22.35 14.91 45.19
C GLY C 34 -23.80 15.19 45.53
N VAL C 35 -24.25 14.73 46.70
CA VAL C 35 -25.62 14.96 47.14
C VAL C 35 -25.68 16.32 47.78
N CYS C 36 -24.89 16.53 48.83
CA CYS C 36 -24.86 17.81 49.51
C CYS C 36 -23.43 18.10 49.91
N LYS C 37 -23.12 19.35 50.21
CA LYS C 37 -21.76 19.70 50.61
C LYS C 37 -21.23 18.87 51.79
N ARG C 38 -22.13 18.51 52.71
CA ARG C 38 -21.73 17.72 53.86
C ARG C 38 -21.27 16.34 53.41
N TRP C 39 -22.14 15.63 52.72
CA TRP C 39 -21.84 14.31 52.20
C TRP C 39 -20.53 14.33 51.43
N TYR C 40 -20.29 15.41 50.69
CA TYR C 40 -19.06 15.54 49.92
C TYR C 40 -17.85 15.55 50.85
N ARG C 41 -17.95 16.25 51.97
CA ARG C 41 -16.82 16.27 52.90
C ARG C 41 -16.58 14.86 53.43
N LEU C 42 -17.63 14.28 54.00
CA LEU C 42 -17.56 12.95 54.57
C LEU C 42 -17.16 11.85 53.60
N ALA C 43 -17.70 11.90 52.38
CA ALA C 43 -17.41 10.89 51.36
C ALA C 43 -15.90 10.78 51.09
N SER C 44 -15.13 11.76 51.56
CA SER C 44 -13.68 11.78 51.36
C SER C 44 -12.96 11.58 52.67
N ASP C 45 -13.71 11.26 53.73
CA ASP C 45 -13.13 11.06 55.05
C ASP C 45 -12.02 10.01 54.98
N GLU C 46 -10.95 10.23 55.73
CA GLU C 46 -9.83 9.31 55.72
C GLU C 46 -10.19 7.86 56.06
N SER C 47 -11.15 7.66 56.95
CA SER C 47 -11.55 6.32 57.35
C SER C 47 -12.03 5.51 56.16
N LEU C 48 -12.69 6.18 55.22
CA LEU C 48 -13.22 5.52 54.03
C LEU C 48 -12.18 5.18 52.96
N TRP C 49 -11.04 5.86 52.99
CA TRP C 49 -10.03 5.64 51.95
C TRP C 49 -8.72 4.95 52.28
N GLN C 50 -8.66 4.19 53.37
CA GLN C 50 -7.41 3.51 53.74
C GLN C 50 -6.84 2.54 52.71
N THR C 51 -7.71 1.79 52.05
CA THR C 51 -7.28 0.82 51.05
C THR C 51 -8.00 1.00 49.71
N LEU C 52 -7.23 1.39 48.70
CA LEU C 52 -7.79 1.62 47.38
C LEU C 52 -7.23 0.68 46.31
N ASP C 53 -8.11 0.05 45.53
CA ASP C 53 -7.72 -0.84 44.44
C ASP C 53 -8.20 -0.33 43.05
N LEU C 54 -7.33 0.33 42.31
CA LEU C 54 -7.67 0.82 40.97
C LEU C 54 -6.65 0.13 40.06
N THR C 55 -6.91 -1.11 39.70
CA THR C 55 -5.95 -1.84 38.88
C THR C 55 -6.37 -1.93 37.43
N GLY C 56 -5.43 -1.66 36.53
CA GLY C 56 -5.76 -1.72 35.12
C GLY C 56 -6.59 -0.53 34.74
N LYS C 57 -6.56 0.50 35.57
CA LYS C 57 -7.35 1.68 35.30
C LYS C 57 -6.51 2.73 34.61
N ASN C 58 -7.02 3.31 33.52
CA ASN C 58 -6.28 4.37 32.84
C ASN C 58 -6.57 5.50 33.80
N LEU C 59 -5.58 6.34 34.10
CA LEU C 59 -5.83 7.34 35.11
C LEU C 59 -4.98 8.59 34.97
N HIS C 60 -5.56 9.74 35.32
CA HIS C 60 -4.82 10.98 35.23
C HIS C 60 -4.09 11.17 36.55
N PRO C 61 -2.81 11.55 36.52
CA PRO C 61 -2.04 11.75 37.75
C PRO C 61 -2.71 12.66 38.80
N ASP C 62 -3.59 13.56 38.37
CA ASP C 62 -4.25 14.43 39.35
C ASP C 62 -5.23 13.61 40.17
N VAL C 63 -5.89 12.65 39.53
CA VAL C 63 -6.83 11.80 40.25
C VAL C 63 -6.06 10.96 41.26
N THR C 64 -4.96 10.35 40.84
CA THR C 64 -4.17 9.51 41.75
C THR C 64 -3.65 10.34 42.91
N GLY C 65 -3.25 11.58 42.63
CA GLY C 65 -2.74 12.45 43.68
C GLY C 65 -3.82 12.94 44.62
N ARG C 66 -4.97 13.30 44.05
CA ARG C 66 -6.11 13.77 44.80
C ARG C 66 -6.65 12.63 45.64
N LEU C 67 -6.51 11.41 45.15
CA LEU C 67 -6.99 10.27 45.90
C LEU C 67 -5.98 9.85 46.97
N LEU C 68 -4.70 10.01 46.68
CA LEU C 68 -3.68 9.64 47.65
C LEU C 68 -3.65 10.71 48.72
N SER C 69 -4.15 11.89 48.38
CA SER C 69 -4.12 13.00 49.34
C SER C 69 -5.22 12.90 50.37
N GLN C 70 -6.07 11.89 50.23
CA GLN C 70 -7.17 11.67 51.17
C GLN C 70 -6.76 10.66 52.23
N GLY C 71 -5.46 10.52 52.46
CA GLY C 71 -5.03 9.56 53.46
C GLY C 71 -5.41 8.15 53.04
N VAL C 72 -4.67 7.63 52.08
CA VAL C 72 -4.86 6.26 51.57
C VAL C 72 -3.62 5.52 52.05
N ILE C 73 -3.80 4.36 52.67
CA ILE C 73 -2.65 3.64 53.21
C ILE C 73 -2.16 2.54 52.31
N ALA C 74 -3.10 1.82 51.71
CA ALA C 74 -2.77 0.72 50.83
C ALA C 74 -3.35 1.07 49.48
N PHE C 75 -2.46 1.30 48.52
CA PHE C 75 -2.87 1.65 47.16
C PHE C 75 -2.45 0.56 46.19
N ARG C 76 -3.42 -0.23 45.75
CA ARG C 76 -3.19 -1.31 44.80
C ARG C 76 -3.54 -0.77 43.40
N CYS C 77 -2.53 -0.70 42.51
CA CYS C 77 -2.74 -0.13 41.18
C CYS C 77 -1.82 -0.70 40.08
N PRO C 78 -1.67 -2.03 40.02
CA PRO C 78 -0.82 -2.64 38.99
C PRO C 78 -1.49 -2.62 37.59
N ARG C 79 -0.69 -2.66 36.53
CA ARG C 79 -1.23 -2.67 35.19
C ARG C 79 -2.09 -1.43 34.90
N SER C 80 -1.76 -0.32 35.54
CA SER C 80 -2.53 0.90 35.34
C SER C 80 -1.91 1.79 34.27
N PHE C 81 -2.58 2.91 33.99
CA PHE C 81 -2.09 3.84 32.99
C PHE C 81 -2.17 5.30 33.40
N MET C 82 -1.02 5.89 33.68
CA MET C 82 -0.94 7.28 34.04
C MET C 82 0.17 7.80 33.14
N ASP C 83 -0.23 8.51 32.09
CA ASP C 83 0.72 9.05 31.13
C ASP C 83 0.52 10.54 30.79
N GLN C 84 0.26 11.37 31.80
CA GLN C 84 0.08 12.79 31.56
C GLN C 84 0.75 13.68 32.60
N PRO C 85 0.86 14.99 32.30
CA PRO C 85 1.50 15.98 33.18
C PRO C 85 0.93 16.07 34.56
N LEU C 86 1.63 16.93 35.31
CA LEU C 86 1.33 17.23 36.70
C LEU C 86 1.93 16.13 37.55
N ALA C 87 3.22 16.01 37.30
CA ALA C 87 4.07 15.11 38.04
C ALA C 87 3.79 15.39 39.48
N GLU C 88 2.76 14.74 39.86
CA GLU C 88 2.24 14.85 41.17
C GLU C 88 3.21 15.50 42.11
N HIS C 89 2.71 16.59 42.42
CA HIS C 89 3.02 17.33 43.52
C HIS C 89 2.18 17.74 44.67
N PHE C 90 1.18 17.14 44.84
CA PHE C 90 0.20 17.60 45.78
C PHE C 90 0.87 17.49 47.05
N SER C 91 0.32 17.89 48.04
CA SER C 91 0.96 17.47 49.23
C SER C 91 1.45 16.04 49.58
N PRO C 92 2.29 15.89 50.65
CA PRO C 92 2.84 14.60 51.12
C PRO C 92 1.79 13.52 51.31
N PHE C 93 2.00 12.36 50.73
CA PHE C 93 1.05 11.27 50.86
C PHE C 93 1.37 10.37 52.05
N ARG C 94 0.33 9.79 52.62
CA ARG C 94 0.47 8.87 53.74
C ARG C 94 0.78 7.48 53.21
N VAL C 95 0.47 7.24 51.95
CA VAL C 95 0.63 5.92 51.36
C VAL C 95 1.79 5.13 51.93
N GLN C 96 1.47 3.94 52.42
CA GLN C 96 2.46 3.05 52.99
C GLN C 96 2.68 1.84 52.09
N HIS C 97 1.61 1.29 51.57
CA HIS C 97 1.73 0.12 50.73
C HIS C 97 1.23 0.45 49.33
N MET C 98 2.16 0.38 48.36
CA MET C 98 1.82 0.70 46.98
C MET C 98 2.34 -0.29 45.94
N ASP C 99 1.45 -0.67 45.03
CA ASP C 99 1.78 -1.60 43.96
C ASP C 99 1.36 -0.99 42.62
N LEU C 100 2.36 -0.58 41.86
CA LEU C 100 2.17 0.01 40.53
C LEU C 100 2.80 -0.92 39.50
N SER C 101 3.02 -2.18 39.86
CA SER C 101 3.66 -3.15 38.97
C SER C 101 3.03 -3.36 37.60
N ASN C 102 3.87 -3.46 36.58
CA ASN C 102 3.43 -3.70 35.20
C ASN C 102 2.43 -2.69 34.65
N SER C 103 2.49 -1.47 35.14
CA SER C 103 1.60 -0.42 34.69
C SER C 103 2.38 0.37 33.66
N VAL C 104 1.70 1.27 32.97
CA VAL C 104 2.37 2.10 31.99
C VAL C 104 2.18 3.48 32.56
N ILE C 105 3.26 4.07 33.04
CA ILE C 105 3.17 5.38 33.68
C ILE C 105 4.28 6.30 33.23
N GLU C 106 3.91 7.39 32.59
CA GLU C 106 4.90 8.35 32.16
C GLU C 106 5.91 8.50 33.32
N VAL C 107 7.18 8.44 32.97
CA VAL C 107 8.26 8.56 33.95
C VAL C 107 8.17 9.84 34.79
N SER C 108 7.71 10.95 34.22
CA SER C 108 7.60 12.19 35.00
C SER C 108 6.35 12.13 35.91
N THR C 109 5.38 11.31 35.53
CA THR C 109 4.21 11.14 36.35
C THR C 109 4.61 10.21 37.49
N LEU C 110 5.43 9.21 37.19
CA LEU C 110 5.86 8.27 38.22
C LEU C 110 6.66 9.05 39.28
N HIS C 111 7.57 9.90 38.81
CA HIS C 111 8.41 10.72 39.69
C HIS C 111 7.59 11.68 40.53
N GLY C 112 6.65 12.38 39.90
CA GLY C 112 5.83 13.33 40.64
C GLY C 112 5.05 12.73 41.79
N ILE C 113 4.61 11.48 41.65
CA ILE C 113 3.86 10.80 42.68
C ILE C 113 4.76 10.32 43.79
N LEU C 114 5.85 9.64 43.43
CA LEU C 114 6.77 9.13 44.44
C LEU C 114 7.53 10.26 45.11
N SER C 115 7.36 11.47 44.62
CA SER C 115 8.14 12.54 45.22
C SER C 115 7.32 13.15 46.32
N GLN C 116 6.18 12.54 46.58
CA GLN C 116 5.29 12.99 47.65
C GLN C 116 5.17 11.82 48.61
N CYS C 117 6.07 10.86 48.45
CA CYS C 117 6.07 9.66 49.28
C CYS C 117 7.33 9.57 50.14
N SER C 118 7.15 9.21 51.41
CA SER C 118 8.27 9.08 52.34
C SER C 118 7.94 8.00 53.35
N LYS C 119 6.64 7.80 53.55
CA LYS C 119 6.14 6.86 54.52
C LYS C 119 5.90 5.47 53.97
N LEU C 120 6.45 5.20 52.78
CA LEU C 120 6.28 3.89 52.14
C LEU C 120 6.99 2.78 52.87
N GLN C 121 6.28 1.68 53.08
CA GLN C 121 6.81 0.50 53.75
C GLN C 121 6.99 -0.64 52.74
N ASN C 122 6.06 -0.74 51.81
CA ASN C 122 6.11 -1.75 50.78
C ASN C 122 5.71 -1.15 49.41
N LEU C 123 6.65 -1.17 48.49
CA LEU C 123 6.44 -0.60 47.18
C LEU C 123 6.79 -1.57 46.08
N SER C 124 6.04 -1.53 45.00
CA SER C 124 6.31 -2.37 43.83
C SER C 124 6.28 -1.52 42.56
N LEU C 125 7.43 -1.40 41.89
CA LEU C 125 7.48 -0.65 40.62
C LEU C 125 7.86 -1.62 39.53
N GLU C 126 7.69 -2.92 39.81
CA GLU C 126 8.05 -3.97 38.86
C GLU C 126 7.62 -3.67 37.40
N GLY C 127 8.59 -3.81 36.48
CA GLY C 127 8.35 -3.57 35.07
C GLY C 127 8.07 -2.13 34.68
N LEU C 128 8.75 -1.19 35.30
CA LEU C 128 8.53 0.21 35.02
C LEU C 128 9.82 0.94 34.76
N ARG C 129 9.87 1.61 33.61
CA ARG C 129 11.03 2.42 33.25
C ARG C 129 11.07 3.49 34.33
N LEU C 130 12.24 3.72 34.89
CA LEU C 130 12.36 4.70 35.94
C LEU C 130 13.43 5.69 35.55
N SER C 131 14.03 6.32 36.55
CA SER C 131 15.06 7.30 36.29
C SER C 131 15.72 7.75 37.60
N ASP C 132 16.95 8.20 37.49
CA ASP C 132 17.66 8.73 38.61
C ASP C 132 16.75 9.62 39.44
N PRO C 133 16.08 10.62 38.83
CA PRO C 133 15.20 11.46 39.65
C PRO C 133 14.22 10.58 40.41
N ILE C 134 13.59 9.63 39.74
CA ILE C 134 12.68 8.75 40.44
C ILE C 134 13.42 7.95 41.55
N VAL C 135 14.41 7.15 41.18
CA VAL C 135 15.14 6.36 42.15
C VAL C 135 15.63 7.20 43.35
N ASN C 136 16.00 8.46 43.12
CA ASN C 136 16.47 9.27 44.25
C ASN C 136 15.38 9.70 45.20
N THR C 137 14.19 9.90 44.68
CA THR C 137 13.08 10.30 45.51
C THR C 137 12.70 9.12 46.39
N LEU C 138 12.87 7.90 45.88
CA LEU C 138 12.57 6.72 46.67
C LEU C 138 13.41 6.64 47.94
N ALA C 139 14.61 7.21 47.91
CA ALA C 139 15.49 7.19 49.05
C ALA C 139 14.81 7.81 50.27
N LYS C 140 13.85 8.71 50.07
CA LYS C 140 13.15 9.33 51.21
C LYS C 140 12.50 8.24 52.04
N ASN C 141 11.95 7.22 51.38
CA ASN C 141 11.27 6.17 52.08
C ASN C 141 12.22 5.21 52.77
N SER C 142 13.02 5.79 53.65
CA SER C 142 13.96 5.02 54.41
C SER C 142 13.34 3.92 55.23
N ASN C 143 12.02 3.99 55.50
CA ASN C 143 11.39 2.93 56.30
C ASN C 143 10.90 1.80 55.42
N LEU C 144 11.37 1.76 54.18
CA LEU C 144 10.98 0.68 53.27
C LEU C 144 11.37 -0.72 53.78
N VAL C 145 10.38 -1.57 53.87
CA VAL C 145 10.58 -2.94 54.32
C VAL C 145 10.65 -3.89 53.12
N ARG C 146 9.81 -3.63 52.12
CA ARG C 146 9.75 -4.44 50.92
C ARG C 146 9.78 -3.53 49.69
N LEU C 147 10.70 -3.82 48.77
CA LEU C 147 10.85 -3.03 47.57
C LEU C 147 11.01 -3.97 46.38
N ASN C 148 10.15 -3.77 45.37
CA ASN C 148 10.21 -4.58 44.18
C ASN C 148 10.43 -3.69 42.94
N LEU C 149 11.67 -3.70 42.43
CA LEU C 149 12.06 -2.94 41.23
C LEU C 149 12.45 -3.95 40.16
N SER C 150 11.88 -5.15 40.22
CA SER C 150 12.17 -6.20 39.29
C SER C 150 11.77 -5.79 37.85
N GLY C 151 12.70 -5.91 36.92
CA GLY C 151 12.42 -5.54 35.55
C GLY C 151 12.48 -4.03 35.24
N CYS C 152 12.73 -3.22 36.28
CA CYS C 152 12.82 -1.79 36.09
C CYS C 152 14.10 -1.47 35.36
N SER C 153 14.27 -0.21 34.97
CA SER C 153 15.47 0.21 34.24
C SER C 153 15.46 1.70 34.24
N GLY C 154 16.46 2.32 33.60
CA GLY C 154 16.46 3.76 33.52
C GLY C 154 17.24 4.51 34.54
N PHE C 155 17.89 3.80 35.47
CA PHE C 155 18.65 4.49 36.52
C PHE C 155 20.05 3.98 36.59
N SER C 156 20.98 4.86 36.97
CA SER C 156 22.40 4.50 37.11
C SER C 156 22.67 3.63 38.34
N GLU C 157 23.92 3.20 38.49
CA GLU C 157 24.29 2.42 39.66
C GLU C 157 24.52 3.40 40.80
N PHE C 158 24.50 4.68 40.47
CA PHE C 158 24.67 5.71 41.49
C PHE C 158 23.33 5.99 42.21
N ALA C 159 22.27 6.10 41.43
CA ALA C 159 20.98 6.36 42.01
C ALA C 159 20.62 5.14 42.83
N LEU C 160 20.95 3.97 42.32
CA LEU C 160 20.67 2.73 43.02
C LEU C 160 21.38 2.68 44.37
N GLN C 161 22.58 3.23 44.40
CA GLN C 161 23.40 3.27 45.56
C GLN C 161 22.77 4.11 46.67
N THR C 162 22.31 5.30 46.34
CA THR C 162 21.72 6.12 47.39
C THR C 162 20.38 5.56 47.82
N LEU C 163 19.68 4.85 46.95
CA LEU C 163 18.41 4.27 47.35
C LEU C 163 18.66 3.15 48.37
N LEU C 164 19.58 2.25 48.05
CA LEU C 164 19.90 1.12 48.88
C LEU C 164 20.58 1.56 50.15
N SER C 165 21.43 2.59 50.07
CA SER C 165 22.11 3.10 51.24
C SER C 165 21.10 3.71 52.19
N SER C 166 20.05 4.29 51.63
CA SER C 166 19.06 4.96 52.42
C SER C 166 18.01 4.06 53.09
N CYS C 167 17.73 2.91 52.48
CA CYS C 167 16.75 1.97 52.98
C CYS C 167 17.40 0.89 53.83
N SER C 168 17.91 1.36 54.95
CA SER C 168 18.60 0.56 55.93
C SER C 168 17.79 -0.45 56.73
N ARG C 169 16.48 -0.52 56.55
CA ARG C 169 15.70 -1.53 57.28
C ARG C 169 15.01 -2.44 56.28
N LEU C 170 15.52 -2.42 55.06
CA LEU C 170 14.95 -3.23 53.99
C LEU C 170 15.02 -4.72 54.34
N ASP C 171 13.91 -5.43 54.15
CA ASP C 171 13.83 -6.84 54.48
C ASP C 171 13.75 -7.69 53.21
N GLU C 172 12.79 -7.35 52.36
CA GLU C 172 12.64 -8.02 51.08
C GLU C 172 13.08 -7.06 49.97
N LEU C 173 13.91 -7.58 49.06
CA LEU C 173 14.40 -6.76 47.93
C LEU C 173 14.40 -7.56 46.64
N ASN C 174 13.49 -7.24 45.73
CA ASN C 174 13.52 -7.95 44.47
C ASN C 174 14.07 -6.96 43.45
N LEU C 175 15.35 -7.09 43.16
CA LEU C 175 16.03 -6.24 42.22
C LEU C 175 16.49 -7.14 41.08
N SER C 176 15.59 -7.96 40.57
CA SER C 176 15.96 -8.87 39.50
C SER C 176 15.55 -8.42 38.09
N TRP C 177 16.33 -8.88 37.11
CA TRP C 177 16.10 -8.62 35.71
C TRP C 177 16.01 -7.17 35.32
N CYS C 178 16.84 -6.36 35.95
CA CYS C 178 16.84 -4.99 35.52
C CYS C 178 17.75 -5.09 34.32
N PHE C 179 17.10 -5.37 33.19
CA PHE C 179 17.74 -5.55 31.89
C PHE C 179 18.61 -4.35 31.55
N ASP C 180 18.31 -3.26 32.23
CA ASP C 180 19.00 -2.01 32.02
C ASP C 180 20.42 -2.01 32.51
N PHE C 181 20.80 -2.95 33.38
CA PHE C 181 22.15 -2.76 33.89
C PHE C 181 23.35 -3.64 33.85
N THR C 182 24.46 -2.97 34.16
CA THR C 182 25.79 -3.54 34.13
C THR C 182 26.32 -4.15 35.42
N GLU C 183 27.59 -4.53 35.38
CA GLU C 183 28.30 -5.15 36.49
C GLU C 183 28.18 -4.18 37.65
N LYS C 184 28.55 -2.93 37.39
CA LYS C 184 28.49 -1.86 38.38
C LYS C 184 27.17 -1.77 39.14
N HIS C 185 26.04 -2.03 38.49
CA HIS C 185 24.81 -2.00 39.23
C HIS C 185 24.82 -3.20 40.17
N VAL C 186 25.26 -4.35 39.68
CA VAL C 186 25.28 -5.57 40.49
C VAL C 186 26.22 -5.42 41.66
N GLN C 187 27.30 -4.69 41.44
CA GLN C 187 28.29 -4.49 42.46
C GLN C 187 27.70 -3.52 43.48
N VAL C 188 27.11 -2.43 43.01
CA VAL C 188 26.49 -1.49 43.92
C VAL C 188 25.40 -2.21 44.71
N ALA C 189 24.70 -3.12 44.05
CA ALA C 189 23.63 -3.87 44.67
C ALA C 189 24.14 -4.63 45.87
N VAL C 190 25.06 -5.57 45.66
CA VAL C 190 25.56 -6.34 46.81
C VAL C 190 26.31 -5.51 47.83
N ALA C 191 26.92 -4.41 47.39
CA ALA C 191 27.69 -3.55 48.27
C ALA C 191 26.95 -2.60 49.21
N HIS C 192 25.65 -2.38 48.98
CA HIS C 192 24.88 -1.44 49.77
C HIS C 192 23.50 -1.88 50.23
N VAL C 193 23.09 -3.10 49.91
CA VAL C 193 21.80 -3.61 50.36
C VAL C 193 21.99 -3.69 51.87
N SER C 194 20.96 -3.26 52.60
CA SER C 194 21.01 -3.27 54.07
C SER C 194 21.27 -4.63 54.66
N GLU C 195 22.07 -4.66 55.72
CA GLU C 195 22.39 -5.89 56.40
C GLU C 195 21.14 -6.49 56.98
N THR C 196 20.09 -5.69 57.02
CA THR C 196 18.82 -6.14 57.56
C THR C 196 18.05 -7.00 56.57
N ILE C 197 18.54 -7.05 55.33
CA ILE C 197 17.90 -7.80 54.24
C ILE C 197 17.82 -9.30 54.51
N THR C 198 16.67 -9.88 54.24
CA THR C 198 16.50 -11.29 54.50
C THR C 198 16.01 -12.02 53.24
N GLN C 199 15.39 -11.28 52.34
CA GLN C 199 14.92 -11.87 51.09
C GLN C 199 15.42 -11.01 49.93
N LEU C 200 16.31 -11.59 49.14
CA LEU C 200 16.90 -10.88 48.02
C LEU C 200 16.77 -11.63 46.72
N ASN C 201 16.27 -10.96 45.69
CA ASN C 201 16.18 -11.60 44.38
C ASN C 201 17.03 -10.79 43.41
N LEU C 202 18.20 -11.32 43.06
CA LEU C 202 19.08 -10.69 42.09
C LEU C 202 19.28 -11.62 40.90
N SER C 203 18.20 -12.16 40.35
CA SER C 203 18.31 -13.03 39.19
C SER C 203 18.31 -12.25 37.87
N GLY C 204 18.79 -12.89 36.81
CA GLY C 204 18.82 -12.23 35.51
C GLY C 204 20.04 -11.43 35.06
N TYR C 205 21.12 -11.42 35.83
CA TYR C 205 22.33 -10.71 35.42
C TYR C 205 23.38 -11.77 35.11
N ARG C 206 23.41 -12.25 33.88
CA ARG C 206 24.34 -13.27 33.49
C ARG C 206 25.81 -12.94 33.75
N LYS C 207 26.56 -12.63 32.70
CA LYS C 207 27.97 -12.32 32.86
C LYS C 207 28.28 -11.15 33.81
N ASN C 208 27.23 -10.48 34.31
CA ASN C 208 27.47 -9.32 35.19
C ASN C 208 27.49 -9.58 36.68
N LEU C 209 27.20 -10.80 37.07
CA LEU C 209 27.20 -11.18 38.49
C LEU C 209 28.34 -12.16 38.76
N GLN C 210 29.43 -11.62 39.32
CA GLN C 210 30.59 -12.44 39.64
C GLN C 210 30.46 -13.15 40.99
N LYS C 211 31.31 -14.15 41.19
CA LYS C 211 31.37 -14.90 42.43
C LYS C 211 31.76 -13.91 43.53
N SER C 212 32.69 -13.03 43.22
CA SER C 212 33.10 -12.05 44.20
C SER C 212 31.90 -11.20 44.62
N ASP C 213 30.94 -11.00 43.74
CA ASP C 213 29.79 -10.21 44.11
C ASP C 213 28.97 -11.05 45.14
N LEU C 214 29.02 -12.36 44.98
CA LEU C 214 28.32 -13.27 45.87
C LEU C 214 29.03 -13.23 47.23
N SER C 215 30.33 -12.96 47.22
CA SER C 215 31.09 -12.91 48.46
C SER C 215 30.67 -11.68 49.24
N THR C 216 30.77 -10.53 48.58
CA THR C 216 30.39 -9.26 49.17
C THR C 216 29.01 -9.34 49.81
N LEU C 217 28.06 -9.87 49.05
CA LEU C 217 26.69 -10.00 49.51
C LEU C 217 26.67 -10.78 50.81
N VAL C 218 27.19 -12.00 50.76
CA VAL C 218 27.21 -12.89 51.91
C VAL C 218 27.99 -12.31 53.10
N ARG C 219 28.99 -11.49 52.82
CA ARG C 219 29.81 -10.90 53.85
C ARG C 219 29.03 -9.84 54.59
N ARG C 220 28.31 -9.01 53.84
CA ARG C 220 27.53 -7.90 54.38
C ARG C 220 26.12 -8.22 54.83
N CYS C 221 25.57 -9.33 54.39
CA CYS C 221 24.19 -9.65 54.71
C CYS C 221 24.07 -11.05 55.21
N PRO C 222 24.33 -11.25 56.49
CA PRO C 222 24.24 -12.59 57.06
C PRO C 222 22.84 -13.10 57.30
N ASN C 223 21.87 -12.22 57.26
CA ASN C 223 20.47 -12.59 57.56
C ASN C 223 19.57 -13.05 56.39
N LEU C 224 20.18 -13.35 55.25
CA LEU C 224 19.42 -13.81 54.09
C LEU C 224 18.74 -15.15 54.35
N VAL C 225 17.45 -15.20 54.10
CA VAL C 225 16.67 -16.40 54.29
C VAL C 225 16.25 -16.87 52.91
N HIS C 226 15.97 -15.91 52.02
CA HIS C 226 15.59 -16.19 50.65
C HIS C 226 16.68 -15.57 49.79
N LEU C 227 17.27 -16.36 48.89
CA LEU C 227 18.28 -15.84 47.98
C LEU C 227 18.07 -16.46 46.61
N ASP C 228 17.68 -15.61 45.67
CA ASP C 228 17.41 -16.03 44.29
C ASP C 228 18.52 -15.52 43.37
N LEU C 229 19.28 -16.44 42.80
CA LEU C 229 20.38 -16.08 41.91
C LEU C 229 20.25 -16.77 40.57
N SER C 230 19.02 -17.13 40.22
CA SER C 230 18.72 -17.77 38.96
C SER C 230 19.36 -16.98 37.83
N ASP C 231 19.78 -17.68 36.77
CA ASP C 231 20.39 -17.01 35.63
C ASP C 231 21.66 -16.28 35.95
N SER C 232 22.42 -16.80 36.92
CA SER C 232 23.73 -16.21 37.28
C SER C 232 24.75 -17.11 36.60
N VAL C 233 24.81 -16.98 35.28
CA VAL C 233 25.69 -17.73 34.38
C VAL C 233 27.13 -17.97 34.88
N MET C 234 27.75 -16.98 35.51
CA MET C 234 29.12 -17.13 36.04
C MET C 234 29.32 -18.10 37.22
N LEU C 235 28.29 -18.31 38.04
CA LEU C 235 28.44 -19.14 39.23
C LEU C 235 28.64 -20.61 38.99
N LYS C 236 29.68 -21.13 39.62
CA LYS C 236 30.04 -22.55 39.56
C LYS C 236 29.86 -23.08 40.95
N ASN C 237 30.01 -24.38 41.14
CA ASN C 237 29.83 -24.95 42.47
C ASN C 237 30.80 -24.41 43.51
N ASP C 238 31.78 -23.63 43.11
CA ASP C 238 32.72 -23.07 44.07
C ASP C 238 32.13 -21.83 44.73
N CYS C 239 30.82 -21.67 44.59
CA CYS C 239 30.11 -20.54 45.20
C CYS C 239 29.50 -21.06 46.46
N PHE C 240 29.13 -22.33 46.40
CA PHE C 240 28.51 -23.00 47.52
C PHE C 240 29.20 -22.70 48.84
N GLN C 241 30.49 -22.47 48.81
CA GLN C 241 31.22 -22.17 50.05
C GLN C 241 30.79 -20.83 50.64
N GLU C 242 30.05 -20.05 49.87
CA GLU C 242 29.58 -18.76 50.34
C GLU C 242 28.16 -18.90 50.93
N PHE C 243 27.35 -19.76 50.31
CA PHE C 243 26.01 -20.01 50.79
C PHE C 243 26.11 -20.71 52.14
N PHE C 244 27.23 -21.40 52.36
CA PHE C 244 27.49 -22.11 53.60
C PHE C 244 27.70 -21.13 54.74
N GLN C 245 28.15 -19.93 54.40
CA GLN C 245 28.38 -18.88 55.40
C GLN C 245 27.11 -18.12 55.76
N LEU C 246 25.98 -18.63 55.28
CA LEU C 246 24.70 -18.03 55.55
C LEU C 246 24.02 -19.06 56.43
N ASN C 247 23.85 -18.70 57.71
CA ASN C 247 23.24 -19.63 58.66
C ASN C 247 21.73 -19.56 58.80
N TYR C 248 21.08 -18.81 57.91
CA TYR C 248 19.63 -18.71 57.98
C TYR C 248 18.99 -18.89 56.60
N LEU C 249 19.82 -19.22 55.63
CA LEU C 249 19.37 -19.45 54.25
C LEU C 249 18.53 -20.70 54.22
N GLN C 250 17.26 -20.57 53.86
CA GLN C 250 16.42 -21.73 53.78
C GLN C 250 15.71 -21.85 52.44
N HIS C 251 15.93 -20.84 51.59
CA HIS C 251 15.36 -20.82 50.22
C HIS C 251 16.39 -20.27 49.25
N LEU C 252 16.81 -21.09 48.30
CA LEU C 252 17.84 -20.69 47.34
C LEU C 252 17.43 -21.02 45.90
N SER C 253 17.76 -20.12 44.98
CA SER C 253 17.42 -20.35 43.57
C SER C 253 18.61 -20.17 42.65
N LEU C 254 18.90 -21.21 41.89
CA LEU C 254 20.03 -21.19 40.99
C LEU C 254 19.63 -21.68 39.61
N SER C 255 18.33 -21.58 39.34
CA SER C 255 17.80 -21.97 38.05
C SER C 255 18.55 -21.27 36.91
N ARG C 256 18.89 -22.08 35.91
CA ARG C 256 19.59 -21.63 34.72
C ARG C 256 20.99 -21.09 34.98
N CYS C 257 21.63 -21.59 36.02
CA CYS C 257 23.02 -21.22 36.31
C CYS C 257 23.72 -22.40 35.63
N TYR C 258 23.88 -22.27 34.32
CA TYR C 258 24.47 -23.28 33.47
C TYR C 258 25.87 -23.76 33.82
N ASP C 259 26.66 -22.97 34.54
CA ASP C 259 28.00 -23.44 34.92
C ASP C 259 28.03 -24.26 36.23
N ILE C 260 26.86 -24.58 36.76
CA ILE C 260 26.80 -25.35 37.99
C ILE C 260 26.49 -26.77 37.63
N ILE C 261 27.53 -27.61 37.64
CA ILE C 261 27.35 -29.00 37.30
C ILE C 261 26.30 -29.61 38.18
N PRO C 262 25.30 -30.24 37.58
CA PRO C 262 24.19 -30.88 38.30
C PRO C 262 24.61 -31.71 39.51
N GLU C 263 25.67 -32.50 39.39
CA GLU C 263 26.11 -33.33 40.51
C GLU C 263 26.54 -32.51 41.72
N THR C 264 27.34 -31.48 41.51
CA THR C 264 27.83 -30.67 42.63
C THR C 264 26.65 -30.21 43.49
N LEU C 265 25.47 -30.18 42.92
CA LEU C 265 24.28 -29.73 43.68
C LEU C 265 24.08 -30.48 44.99
N LEU C 266 24.64 -31.69 45.07
CA LEU C 266 24.50 -32.51 46.26
C LEU C 266 25.13 -31.79 47.45
N GLU C 267 26.18 -31.03 47.17
CA GLU C 267 26.89 -30.28 48.21
C GLU C 267 25.99 -29.32 48.97
N LEU C 268 24.95 -28.81 48.31
CA LEU C 268 24.05 -27.86 48.97
C LEU C 268 23.35 -28.51 50.18
N GLY C 269 23.66 -29.78 50.44
CA GLY C 269 23.10 -30.48 51.58
C GLY C 269 23.86 -30.07 52.82
N GLU C 270 24.93 -29.31 52.65
CA GLU C 270 25.74 -28.81 53.77
C GLU C 270 24.99 -27.74 54.54
N ILE C 271 24.22 -26.92 53.82
CA ILE C 271 23.43 -25.85 54.42
C ILE C 271 22.32 -26.54 55.22
N PRO C 272 22.43 -26.52 56.55
CA PRO C 272 21.48 -27.14 57.46
C PRO C 272 20.09 -26.53 57.41
N THR C 273 20.04 -25.20 57.40
CA THR C 273 18.79 -24.45 57.36
C THR C 273 17.98 -24.50 56.04
N LEU C 274 18.62 -24.88 54.94
CA LEU C 274 17.97 -24.94 53.65
C LEU C 274 16.73 -25.81 53.63
N LYS C 275 15.62 -25.24 53.17
CA LYS C 275 14.33 -25.93 53.11
C LYS C 275 13.89 -26.19 51.67
N THR C 276 14.28 -25.31 50.75
CA THR C 276 13.91 -25.49 49.34
C THR C 276 14.99 -25.04 48.39
N LEU C 277 15.10 -25.77 47.28
CA LEU C 277 16.07 -25.49 46.22
C LEU C 277 15.40 -25.47 44.83
N GLN C 278 15.63 -24.38 44.11
CA GLN C 278 15.12 -24.24 42.76
C GLN C 278 16.38 -24.23 41.84
N VAL C 279 16.41 -25.22 40.96
CA VAL C 279 17.50 -25.43 39.98
C VAL C 279 16.86 -25.96 38.71
N PHE C 280 16.13 -25.07 38.05
CA PHE C 280 15.43 -25.43 36.85
C PHE C 280 16.34 -25.24 35.66
N GLY C 281 16.13 -26.07 34.64
CA GLY C 281 16.93 -25.98 33.43
C GLY C 281 18.39 -26.34 33.49
N ILE C 282 18.83 -27.04 34.53
CA ILE C 282 20.24 -27.46 34.58
C ILE C 282 20.33 -28.84 35.21
N VAL C 283 19.20 -29.36 35.64
CA VAL C 283 19.21 -30.68 36.25
C VAL C 283 18.36 -31.66 35.47
N PRO C 284 19.00 -32.71 34.92
CA PRO C 284 18.32 -33.75 34.15
C PRO C 284 17.26 -34.39 35.04
N ASP C 285 16.10 -34.74 34.47
CA ASP C 285 15.05 -35.35 35.28
C ASP C 285 15.54 -36.48 36.17
N GLY C 286 16.52 -37.22 35.67
CA GLY C 286 17.04 -38.36 36.41
C GLY C 286 17.89 -37.96 37.61
N THR C 287 18.95 -37.21 37.37
CA THR C 287 19.79 -36.79 38.48
C THR C 287 18.96 -35.89 39.40
N LEU C 288 17.80 -35.43 38.94
CA LEU C 288 16.98 -34.56 39.77
C LEU C 288 16.24 -35.36 40.82
N GLN C 289 15.79 -36.54 40.41
CA GLN C 289 15.08 -37.39 41.36
C GLN C 289 16.05 -38.05 42.34
N LEU C 290 17.31 -38.22 41.94
CA LEU C 290 18.30 -38.81 42.83
C LEU C 290 18.70 -37.75 43.84
N LEU C 291 18.69 -36.50 43.39
CA LEU C 291 19.06 -35.39 44.23
C LEU C 291 17.98 -35.23 45.29
N LYS C 292 16.74 -35.52 44.92
CA LYS C 292 15.63 -35.45 45.87
C LYS C 292 15.72 -36.61 46.85
N GLU C 293 16.27 -37.72 46.37
CA GLU C 293 16.47 -38.91 47.19
C GLU C 293 17.44 -38.52 48.30
N ALA C 294 18.62 -38.07 47.90
CA ALA C 294 19.67 -37.69 48.82
C ALA C 294 19.28 -36.61 49.82
N LEU C 295 18.61 -35.56 49.34
CA LEU C 295 18.22 -34.45 50.21
C LEU C 295 16.72 -34.44 50.42
N PRO C 296 16.20 -35.42 51.16
CA PRO C 296 14.74 -35.52 51.43
C PRO C 296 14.26 -34.31 52.21
N HIS C 297 15.16 -33.65 52.91
CA HIS C 297 14.77 -32.50 53.69
C HIS C 297 14.41 -31.28 52.84
N LEU C 298 14.92 -31.27 51.61
CA LEU C 298 14.66 -30.17 50.70
C LEU C 298 13.44 -30.37 49.83
N GLN C 299 13.05 -29.27 49.19
CA GLN C 299 11.93 -29.18 48.28
C GLN C 299 12.64 -28.67 47.05
N ILE C 300 12.89 -29.55 46.08
CA ILE C 300 13.61 -29.15 44.85
C ILE C 300 12.74 -28.90 43.62
N ASN C 301 12.97 -27.78 42.94
CA ASN C 301 12.20 -27.40 41.74
C ASN C 301 10.74 -27.61 42.02
N CYS C 302 10.33 -27.03 43.13
CA CYS C 302 8.95 -27.14 43.58
C CYS C 302 8.14 -25.90 43.21
N SER C 303 8.82 -24.79 42.96
CA SER C 303 8.14 -23.56 42.62
C SER C 303 8.83 -22.77 41.52
N HIS C 304 8.01 -22.35 40.55
CA HIS C 304 8.45 -21.59 39.42
C HIS C 304 8.54 -20.06 39.60
N PHE C 305 7.66 -19.47 40.40
CA PHE C 305 7.74 -18.01 40.53
C PHE C 305 8.24 -17.51 41.86
N THR C 306 8.91 -16.37 41.82
CA THR C 306 9.44 -15.73 43.00
C THR C 306 8.27 -15.10 43.78
N THR C 307 8.44 -14.96 45.08
CA THR C 307 7.43 -14.34 45.93
C THR C 307 8.13 -13.16 46.55
N ILE C 308 9.43 -13.08 46.35
CA ILE C 308 10.20 -11.98 46.93
C ILE C 308 9.67 -10.60 46.52
N ALA C 309 9.08 -9.92 47.50
CA ALA C 309 8.55 -8.56 47.36
C ALA C 309 7.46 -8.47 46.32
N ARG C 310 6.62 -9.50 46.27
CA ARG C 310 5.46 -9.56 45.39
C ARG C 310 4.19 -9.08 46.12
N PRO C 311 3.61 -7.96 45.65
CA PRO C 311 2.41 -7.40 46.23
C PRO C 311 1.33 -8.46 46.36
N THR C 312 1.18 -9.27 45.32
CA THR C 312 0.18 -10.33 45.38
C THR C 312 0.71 -11.59 44.74
N ILE C 313 0.33 -12.72 45.32
CA ILE C 313 0.76 -14.03 44.87
C ILE C 313 -0.48 -14.85 44.62
N GLY C 314 -0.82 -15.08 43.35
CA GLY C 314 -1.99 -15.90 43.06
C GLY C 314 -3.00 -15.32 42.09
N ASN C 315 -4.06 -16.08 41.88
CA ASN C 315 -5.14 -15.69 40.97
C ASN C 315 -6.45 -15.67 41.76
N LYS C 316 -7.36 -14.75 41.42
CA LYS C 316 -8.64 -14.68 42.10
C LYS C 316 -8.35 -14.14 43.50
N LYS C 317 -7.06 -13.96 43.79
CA LYS C 317 -6.61 -13.51 45.09
C LYS C 317 -5.98 -12.15 45.03
N ASN C 318 -6.45 -11.41 44.04
CA ASN C 318 -6.01 -10.05 43.80
C ASN C 318 -6.31 -9.27 45.06
N GLN C 319 -6.05 -7.98 45.00
CA GLN C 319 -6.39 -7.09 46.09
C GLN C 319 -6.09 -7.63 47.47
N GLU C 320 -4.94 -8.29 47.59
CA GLU C 320 -4.50 -8.77 48.88
C GLU C 320 -3.11 -8.16 48.96
N ILE C 321 -2.96 -7.03 48.28
CA ILE C 321 -1.71 -6.29 48.28
C ILE C 321 -1.05 -6.46 49.63
N TRP C 322 -0.08 -7.37 49.71
CA TRP C 322 0.63 -7.68 50.94
C TRP C 322 -0.33 -7.94 52.08
N GLY C 323 -1.31 -8.80 51.85
CA GLY C 323 -2.30 -9.13 52.87
C GLY C 323 -3.55 -8.23 52.94
N ILE C 324 -3.43 -6.94 52.58
CA ILE C 324 -4.54 -5.99 52.64
C ILE C 324 -5.63 -6.21 51.59
N LYS C 325 -6.88 -6.42 52.04
CA LYS C 325 -8.03 -6.60 51.14
C LYS C 325 -8.60 -5.22 50.94
N CYS C 326 -8.13 -4.49 49.95
CA CYS C 326 -8.65 -3.14 49.72
C CYS C 326 -10.16 -3.06 49.81
N ARG C 327 -10.66 -2.14 50.66
CA ARG C 327 -12.10 -1.99 50.84
C ARG C 327 -12.76 -1.23 49.70
N LEU C 328 -12.00 -0.38 49.01
CA LEU C 328 -12.54 0.33 47.85
C LEU C 328 -11.90 -0.24 46.58
N THR C 329 -12.74 -0.68 45.64
CA THR C 329 -12.22 -1.23 44.38
C THR C 329 -13.15 -0.86 43.24
N LEU C 330 -12.94 -1.47 42.08
CA LEU C 330 -13.80 -1.25 40.91
C LEU C 330 -14.10 -2.57 40.22
N GLN C 331 -13.75 -3.67 40.87
CA GLN C 331 -14.01 -4.99 40.31
C GLN C 331 -15.49 -5.12 39.96
N PRO D 2 -33.45 -14.49 83.95
CA PRO D 2 -33.79 -14.99 82.59
C PRO D 2 -34.61 -13.95 81.84
N SER D 3 -35.34 -13.14 82.59
CA SER D 3 -36.17 -12.10 81.97
C SER D 3 -35.74 -10.73 82.45
N ILE D 4 -36.08 -9.72 81.66
CA ILE D 4 -35.77 -8.32 81.95
C ILE D 4 -36.82 -7.47 81.27
N LYS D 5 -37.17 -6.36 81.90
CA LYS D 5 -38.18 -5.51 81.31
C LYS D 5 -37.55 -4.25 80.72
N LEU D 6 -37.95 -3.93 79.50
CA LEU D 6 -37.48 -2.74 78.80
C LEU D 6 -38.61 -1.75 78.72
N GLN D 7 -38.31 -0.46 78.88
CA GLN D 7 -39.33 0.57 78.83
C GLN D 7 -39.08 1.57 77.71
N SER D 8 -39.98 1.60 76.74
CA SER D 8 -39.84 2.51 75.59
C SER D 8 -39.96 3.96 76.04
N SER D 9 -39.42 4.86 75.23
CA SER D 9 -39.43 6.27 75.56
C SER D 9 -40.84 6.76 75.69
N ASP D 10 -41.80 5.94 75.31
CA ASP D 10 -43.18 6.38 75.40
C ASP D 10 -44.12 5.45 76.14
N GLY D 11 -43.60 4.80 77.17
CA GLY D 11 -44.45 3.95 77.97
C GLY D 11 -44.42 2.44 77.96
N GLU D 12 -44.43 1.83 76.78
CA GLU D 12 -44.46 0.38 76.71
C GLU D 12 -43.36 -0.36 77.42
N ILE D 13 -43.73 -1.49 77.98
CA ILE D 13 -42.82 -2.34 78.71
C ILE D 13 -42.81 -3.71 78.03
N PHE D 14 -41.64 -4.09 77.50
CA PHE D 14 -41.48 -5.38 76.86
C PHE D 14 -40.58 -6.22 77.75
N GLU D 15 -40.90 -7.50 77.88
CA GLU D 15 -40.09 -8.41 78.68
C GLU D 15 -39.33 -9.27 77.69
N VAL D 16 -38.04 -8.98 77.57
CA VAL D 16 -37.18 -9.71 76.65
C VAL D 16 -36.28 -10.61 77.48
N ASP D 17 -35.66 -11.59 76.83
CA ASP D 17 -34.75 -12.48 77.53
C ASP D 17 -33.48 -11.69 77.82
N VAL D 18 -32.95 -11.86 79.03
CA VAL D 18 -31.74 -11.14 79.45
C VAL D 18 -30.62 -11.28 78.43
N GLU D 19 -30.54 -12.46 77.82
CA GLU D 19 -29.48 -12.76 76.85
C GLU D 19 -29.66 -12.03 75.53
N ILE D 20 -30.91 -11.76 75.17
CA ILE D 20 -31.26 -11.05 73.95
C ILE D 20 -31.13 -9.55 74.15
N ALA D 21 -31.46 -9.07 75.35
CA ALA D 21 -31.36 -7.65 75.68
C ALA D 21 -29.88 -7.28 75.80
N LYS D 22 -29.09 -8.22 76.30
CA LYS D 22 -27.66 -8.05 76.46
C LYS D 22 -27.00 -7.81 75.08
N GLN D 23 -27.69 -8.23 74.02
CA GLN D 23 -27.18 -8.01 72.68
C GLN D 23 -26.93 -6.53 72.47
N SER D 24 -27.53 -5.71 73.32
CA SER D 24 -27.37 -4.26 73.22
C SER D 24 -26.34 -3.83 74.25
N VAL D 25 -25.20 -3.32 73.78
CA VAL D 25 -24.16 -2.87 74.67
C VAL D 25 -24.73 -1.84 75.64
N THR D 26 -25.59 -0.97 75.12
CA THR D 26 -26.22 0.06 75.93
C THR D 26 -27.10 -0.55 77.00
N ILE D 27 -28.05 -1.40 76.60
CA ILE D 27 -28.92 -2.05 77.56
C ILE D 27 -28.11 -2.96 78.49
N LYS D 28 -26.97 -3.44 78.00
CA LYS D 28 -26.10 -4.34 78.77
C LYS D 28 -25.41 -3.62 79.92
N THR D 29 -24.74 -2.51 79.62
CA THR D 29 -24.05 -1.73 80.63
C THR D 29 -25.00 -1.31 81.77
N MET D 30 -26.23 -0.95 81.42
CA MET D 30 -27.20 -0.53 82.43
C MET D 30 -27.56 -1.69 83.35
N LEU D 31 -27.95 -2.82 82.77
CA LEU D 31 -28.33 -4.00 83.57
C LEU D 31 -27.21 -4.45 84.49
N GLU D 32 -26.08 -3.77 84.41
CA GLU D 32 -24.93 -4.08 85.23
C GLU D 32 -24.61 -2.90 86.13
N ASP D 33 -23.99 -1.87 85.56
CA ASP D 33 -23.62 -0.68 86.31
C ASP D 33 -24.79 0.05 86.95
N LEU D 34 -25.97 -0.58 86.98
CA LEU D 34 -27.16 0.06 87.56
C LEU D 34 -28.15 -0.94 88.16
N GLY D 35 -28.13 -2.18 87.69
CA GLY D 35 -29.03 -3.20 88.20
C GLY D 35 -30.46 -2.70 88.35
N MET D 36 -31.06 -2.30 87.22
CA MET D 36 -32.42 -1.79 87.21
C MET D 36 -33.40 -2.80 86.63
N ASP D 37 -34.68 -2.67 86.99
CA ASP D 37 -35.70 -3.57 86.46
C ASP D 37 -36.29 -2.92 85.20
N PRO D 38 -37.20 -1.95 85.36
CA PRO D 38 -37.73 -1.37 84.13
C PRO D 38 -36.63 -0.52 83.48
N VAL D 39 -35.75 -1.16 82.73
CA VAL D 39 -34.65 -0.45 82.06
C VAL D 39 -35.17 0.74 81.25
N PRO D 40 -34.78 1.97 81.64
CA PRO D 40 -35.21 3.20 80.97
C PRO D 40 -34.56 3.38 79.60
N LEU D 41 -35.38 3.40 78.55
CA LEU D 41 -34.89 3.60 77.19
C LEU D 41 -35.54 4.84 76.58
N PRO D 42 -35.18 6.03 77.08
CA PRO D 42 -35.73 7.30 76.61
C PRO D 42 -35.52 7.67 75.14
N ASN D 43 -34.60 6.99 74.47
CA ASN D 43 -34.33 7.30 73.07
C ASN D 43 -34.94 6.35 72.04
N VAL D 44 -35.74 5.39 72.47
CA VAL D 44 -36.35 4.44 71.55
C VAL D 44 -37.84 4.29 71.84
N ASN D 45 -38.70 4.58 70.87
CA ASN D 45 -40.12 4.45 71.15
C ASN D 45 -40.54 2.99 71.10
N ALA D 46 -41.81 2.74 71.39
CA ALA D 46 -42.37 1.39 71.43
C ALA D 46 -42.40 0.64 70.10
N ALA D 47 -42.57 1.37 68.98
CA ALA D 47 -42.62 0.74 67.66
C ALA D 47 -41.25 0.19 67.25
N ILE D 48 -40.24 1.04 67.35
CA ILE D 48 -38.88 0.68 66.98
C ILE D 48 -38.31 -0.40 67.91
N LEU D 49 -38.42 -0.19 69.21
CA LEU D 49 -37.91 -1.16 70.19
C LEU D 49 -38.48 -2.56 69.92
N LYS D 50 -39.76 -2.63 69.63
CA LYS D 50 -40.43 -3.88 69.35
C LYS D 50 -39.74 -4.54 68.16
N LYS D 51 -39.20 -3.71 67.27
CA LYS D 51 -38.50 -4.17 66.07
C LYS D 51 -37.14 -4.68 66.49
N VAL D 52 -36.44 -3.86 67.27
CA VAL D 52 -35.09 -4.20 67.78
C VAL D 52 -35.08 -5.54 68.53
N ILE D 53 -36.11 -5.75 69.34
CA ILE D 53 -36.24 -6.98 70.10
C ILE D 53 -36.48 -8.13 69.13
N GLN D 54 -37.32 -7.88 68.12
CA GLN D 54 -37.67 -8.88 67.10
C GLN D 54 -36.42 -9.33 66.34
N TRP D 55 -35.68 -8.34 65.85
CA TRP D 55 -34.48 -8.60 65.10
C TRP D 55 -33.47 -9.35 65.97
N CYS D 56 -33.30 -8.91 67.21
CA CYS D 56 -32.35 -9.56 68.12
C CYS D 56 -32.81 -10.97 68.49
N THR D 57 -34.11 -11.20 68.53
CA THR D 57 -34.60 -12.52 68.88
C THR D 57 -34.33 -13.46 67.73
N HIS D 58 -34.58 -12.96 66.52
CA HIS D 58 -34.36 -13.74 65.31
C HIS D 58 -32.88 -14.13 65.27
N HIS D 59 -32.03 -13.19 65.65
CA HIS D 59 -30.61 -13.45 65.67
C HIS D 59 -30.03 -13.72 67.07
N LYS D 60 -30.76 -14.41 67.93
CA LYS D 60 -30.28 -14.66 69.29
C LYS D 60 -29.00 -15.50 69.32
N ASP D 61 -28.88 -16.39 68.34
CA ASP D 61 -27.69 -17.22 68.24
C ASP D 61 -26.70 -16.47 67.36
N ASP D 62 -27.22 -15.67 66.42
CA ASP D 62 -26.43 -14.88 65.48
C ASP D 62 -25.55 -13.80 66.14
N ILE D 71 -27.62 -9.68 52.47
CA ILE D 71 -28.68 -9.47 53.51
C ILE D 71 -29.73 -10.56 53.43
N PRO D 72 -29.95 -11.27 54.53
CA PRO D 72 -30.92 -12.36 54.55
C PRO D 72 -32.31 -11.90 54.15
N VAL D 73 -33.08 -12.84 53.61
CA VAL D 73 -34.43 -12.53 53.15
C VAL D 73 -35.31 -11.99 54.26
N TRP D 74 -35.20 -12.61 55.43
CA TRP D 74 -35.98 -12.22 56.60
C TRP D 74 -35.62 -10.81 57.02
N ASP D 75 -34.34 -10.46 56.92
CA ASP D 75 -33.92 -9.14 57.32
C ASP D 75 -34.35 -8.12 56.28
N GLN D 76 -34.47 -8.55 55.04
CA GLN D 76 -34.90 -7.61 54.02
C GLN D 76 -36.34 -7.35 54.30
N GLU D 77 -37.13 -8.40 54.46
CA GLU D 77 -38.56 -8.21 54.76
C GLU D 77 -38.72 -7.44 56.08
N PHE D 78 -37.83 -7.70 57.01
CA PHE D 78 -37.87 -7.02 58.28
C PHE D 78 -37.71 -5.53 58.06
N LEU D 79 -36.77 -5.16 57.19
CA LEU D 79 -36.48 -3.76 56.94
C LEU D 79 -37.23 -3.20 55.77
N LYS D 80 -38.34 -3.83 55.44
CA LYS D 80 -39.18 -3.39 54.35
C LYS D 80 -40.17 -2.40 54.98
N VAL D 81 -39.63 -1.28 55.44
CA VAL D 81 -40.41 -0.23 56.10
C VAL D 81 -40.17 1.13 55.45
N ASP D 82 -40.94 2.12 55.86
CA ASP D 82 -40.82 3.48 55.32
C ASP D 82 -39.51 4.11 55.79
N GLN D 83 -39.04 5.10 55.04
CA GLN D 83 -37.79 5.76 55.39
C GLN D 83 -37.73 6.20 56.85
N GLY D 84 -38.86 6.63 57.40
CA GLY D 84 -38.92 7.08 58.78
C GLY D 84 -38.54 6.01 59.78
N THR D 85 -39.15 4.84 59.66
CA THR D 85 -38.85 3.72 60.55
C THR D 85 -37.38 3.32 60.47
N LEU D 86 -36.88 3.16 59.26
CA LEU D 86 -35.49 2.78 59.03
C LEU D 86 -34.56 3.80 59.66
N PHE D 87 -34.93 5.08 59.55
CA PHE D 87 -34.14 6.15 60.14
C PHE D 87 -34.17 5.98 61.66
N GLU D 88 -35.35 5.62 62.17
CA GLU D 88 -35.50 5.42 63.60
C GLU D 88 -34.67 4.20 64.04
N LEU D 89 -34.71 3.13 63.25
CA LEU D 89 -33.95 1.92 63.58
C LEU D 89 -32.45 2.17 63.64
N ILE D 90 -31.91 2.83 62.64
CA ILE D 90 -30.48 3.09 62.61
C ILE D 90 -30.10 3.87 63.85
N LEU D 91 -30.99 4.71 64.32
CA LEU D 91 -30.72 5.50 65.51
C LEU D 91 -30.81 4.63 66.74
N ALA D 92 -31.88 3.85 66.79
CA ALA D 92 -32.09 2.93 67.90
C ALA D 92 -30.88 2.01 67.97
N ALA D 93 -30.60 1.37 66.84
CA ALA D 93 -29.47 0.44 66.71
C ALA D 93 -28.17 1.04 67.22
N ASN D 94 -27.94 2.29 66.84
CA ASN D 94 -26.76 3.00 67.27
C ASN D 94 -26.86 3.35 68.77
N TYR D 95 -27.99 3.92 69.18
CA TYR D 95 -28.23 4.28 70.58
C TYR D 95 -28.06 3.07 71.49
N LEU D 96 -28.68 1.96 71.12
CA LEU D 96 -28.59 0.73 71.91
C LEU D 96 -27.27 0.01 71.61
N ASP D 97 -26.53 0.56 70.66
CA ASP D 97 -25.26 -0.01 70.22
C ASP D 97 -25.35 -1.51 69.95
N ILE D 98 -26.09 -1.85 68.91
CA ILE D 98 -26.27 -3.23 68.50
C ILE D 98 -25.58 -3.45 67.15
N LYS D 99 -24.25 -3.51 67.15
CA LYS D 99 -23.47 -3.70 65.91
C LYS D 99 -24.08 -4.58 64.84
N GLY D 100 -24.80 -5.62 65.25
CA GLY D 100 -25.40 -6.50 64.27
C GLY D 100 -26.49 -5.85 63.45
N LEU D 101 -27.45 -5.24 64.13
CA LEU D 101 -28.57 -4.59 63.50
C LEU D 101 -28.14 -3.25 62.89
N LEU D 102 -27.08 -2.66 63.44
CA LEU D 102 -26.58 -1.39 62.93
C LEU D 102 -25.96 -1.67 61.56
N ASP D 103 -25.52 -2.90 61.37
CA ASP D 103 -24.88 -3.31 60.11
C ASP D 103 -25.87 -3.45 58.96
N VAL D 104 -26.96 -4.19 59.20
CA VAL D 104 -27.99 -4.40 58.19
C VAL D 104 -28.76 -3.15 57.80
N THR D 105 -29.03 -2.29 58.77
CA THR D 105 -29.77 -1.09 58.46
C THR D 105 -28.88 -0.16 57.65
N CYS D 106 -27.60 -0.10 58.00
CA CYS D 106 -26.67 0.74 57.23
C CYS D 106 -26.49 0.20 55.82
N LYS D 107 -26.47 -1.13 55.67
CA LYS D 107 -26.32 -1.75 54.36
C LYS D 107 -27.61 -1.63 53.54
N THR D 108 -28.72 -1.51 54.24
CA THR D 108 -30.01 -1.38 53.59
C THR D 108 -30.13 0.02 52.97
N VAL D 109 -29.63 1.02 53.68
CA VAL D 109 -29.64 2.40 53.21
C VAL D 109 -28.60 2.54 52.10
N ALA D 110 -27.56 1.71 52.20
CA ALA D 110 -26.49 1.71 51.19
C ALA D 110 -27.09 1.14 49.91
N ASN D 111 -27.89 0.09 50.04
CA ASN D 111 -28.55 -0.55 48.90
C ASN D 111 -29.58 0.37 48.26
N MET D 112 -30.06 1.33 49.02
CA MET D 112 -31.04 2.27 48.50
C MET D 112 -30.32 3.29 47.65
N ILE D 113 -29.13 3.67 48.09
CA ILE D 113 -28.32 4.63 47.36
C ILE D 113 -27.84 4.07 46.05
N LYS D 114 -27.41 2.81 46.04
CA LYS D 114 -26.94 2.19 44.81
C LYS D 114 -28.00 2.30 43.73
N GLY D 115 -27.57 2.65 42.52
CA GLY D 115 -28.53 2.79 41.42
C GLY D 115 -29.08 4.20 41.23
N LYS D 116 -29.57 4.80 42.31
CA LYS D 116 -30.11 6.16 42.23
C LYS D 116 -29.00 7.13 41.94
N THR D 117 -29.33 8.24 41.30
CA THR D 117 -28.37 9.28 40.97
C THR D 117 -28.37 10.26 42.13
N PRO D 118 -27.41 11.19 42.17
CA PRO D 118 -27.38 12.14 43.28
C PRO D 118 -28.73 12.83 43.50
N GLU D 119 -29.43 13.11 42.41
CA GLU D 119 -30.75 13.76 42.45
C GLU D 119 -31.78 12.83 43.07
N GLU D 120 -31.85 11.62 42.54
CA GLU D 120 -32.80 10.62 43.02
C GLU D 120 -32.58 10.35 44.50
N ILE D 121 -31.34 10.53 44.96
CA ILE D 121 -31.01 10.30 46.37
C ILE D 121 -31.52 11.46 47.22
N ARG D 122 -31.40 12.68 46.72
CA ARG D 122 -31.87 13.84 47.48
C ARG D 122 -33.37 13.67 47.64
N LYS D 123 -34.04 13.30 46.56
CA LYS D 123 -35.49 13.09 46.58
C LYS D 123 -35.84 12.18 47.75
N THR D 124 -35.51 10.90 47.60
CA THR D 124 -35.79 9.89 48.60
C THR D 124 -35.49 10.31 50.04
N PHE D 125 -34.22 10.45 50.37
CA PHE D 125 -33.80 10.85 51.72
C PHE D 125 -34.02 12.33 52.00
N ASN D 126 -34.65 13.02 51.06
CA ASN D 126 -34.94 14.43 51.21
C ASN D 126 -33.71 15.17 51.77
N ILE D 127 -32.79 15.52 50.88
CA ILE D 127 -31.57 16.22 51.28
C ILE D 127 -31.43 17.55 50.54
N LYS D 128 -31.21 18.62 51.29
CA LYS D 128 -31.03 19.94 50.68
C LYS D 128 -29.76 19.95 49.86
N ASN D 129 -29.82 20.52 48.67
CA ASN D 129 -28.65 20.58 47.80
C ASN D 129 -27.79 21.79 48.19
N ASP D 130 -26.78 21.57 49.02
CA ASP D 130 -25.90 22.64 49.52
C ASP D 130 -24.95 23.22 48.48
N PHE D 131 -24.88 22.61 47.31
CA PHE D 131 -23.96 23.05 46.27
C PHE D 131 -24.35 24.21 45.36
N THR D 132 -23.36 24.60 44.58
CA THR D 132 -23.45 25.64 43.57
C THR D 132 -23.43 24.84 42.28
N GLU D 133 -24.23 25.21 41.29
CA GLU D 133 -24.20 24.45 40.04
C GLU D 133 -22.78 24.34 39.49
N GLU D 134 -21.90 25.23 39.92
CA GLU D 134 -20.52 25.22 39.47
C GLU D 134 -19.68 24.27 40.32
N GLU D 135 -20.13 24.02 41.53
CA GLU D 135 -19.45 23.11 42.44
C GLU D 135 -19.81 21.70 42.05
N GLU D 136 -21.09 21.48 41.76
CA GLU D 136 -21.52 20.14 41.34
C GLU D 136 -20.82 19.84 40.02
N ALA D 137 -20.40 20.89 39.32
CA ALA D 137 -19.72 20.76 38.05
C ALA D 137 -18.33 20.20 38.29
N GLN D 138 -17.67 20.67 39.35
CA GLN D 138 -16.32 20.19 39.68
C GLN D 138 -16.37 18.81 40.35
N VAL D 139 -17.28 18.66 41.31
CA VAL D 139 -17.43 17.38 42.01
C VAL D 139 -17.61 16.33 40.93
N ARG D 140 -18.40 16.65 39.91
CA ARG D 140 -18.64 15.74 38.81
C ARG D 140 -17.36 15.46 38.02
N LYS D 141 -16.60 16.52 37.77
CA LYS D 141 -15.36 16.39 37.01
C LYS D 141 -14.39 15.54 37.83
N GLU D 142 -14.31 15.82 39.12
CA GLU D 142 -13.41 15.09 39.99
C GLU D 142 -13.76 13.61 40.13
N ASN D 143 -14.89 13.18 39.58
CA ASN D 143 -15.28 11.78 39.69
C ASN D 143 -15.51 11.09 38.35
N GLN D 144 -15.07 11.73 37.28
CA GLN D 144 -15.25 11.18 35.95
C GLN D 144 -14.46 9.91 35.82
N TRP D 145 -13.19 9.98 36.20
CA TRP D 145 -12.30 8.84 36.12
C TRP D 145 -12.90 7.51 36.53
N CYS D 146 -13.79 7.55 37.50
CA CYS D 146 -14.40 6.33 37.99
C CYS D 146 -15.42 5.75 37.02
N VAL E 7 -7.15 -20.91 -23.50
CA VAL E 7 -7.33 -22.39 -23.43
C VAL E 7 -8.29 -22.79 -22.30
N SER E 8 -8.83 -24.00 -22.38
CA SER E 8 -9.75 -24.49 -21.37
C SER E 8 -9.06 -25.60 -20.57
N TRP E 9 -9.39 -25.67 -19.28
CA TRP E 9 -8.81 -26.68 -18.41
C TRP E 9 -9.72 -27.90 -18.31
N ASP E 10 -10.95 -27.77 -18.81
CA ASP E 10 -11.91 -28.86 -18.76
C ASP E 10 -11.39 -30.00 -19.62
N SER E 11 -10.26 -29.73 -20.28
CA SER E 11 -9.61 -30.71 -21.15
C SER E 11 -8.55 -31.43 -20.33
N LEU E 12 -8.53 -31.14 -19.04
CA LEU E 12 -7.57 -31.74 -18.11
C LEU E 12 -8.09 -33.10 -17.66
N PRO E 13 -7.21 -34.10 -17.58
CA PRO E 13 -7.59 -35.45 -17.18
C PRO E 13 -8.38 -35.49 -15.87
N ASP E 14 -9.31 -36.44 -15.78
CA ASP E 14 -10.13 -36.61 -14.59
C ASP E 14 -9.25 -36.82 -13.36
N GLU E 15 -8.14 -37.51 -13.54
CA GLU E 15 -7.24 -37.80 -12.43
C GLU E 15 -6.55 -36.55 -11.89
N LEU E 16 -6.31 -35.58 -12.77
CA LEU E 16 -5.64 -34.36 -12.35
C LEU E 16 -6.56 -33.34 -11.67
N LEU E 17 -7.81 -33.24 -12.11
CA LEU E 17 -8.71 -32.30 -11.47
C LEU E 17 -8.85 -32.73 -10.02
N LEU E 18 -8.93 -34.04 -9.79
CA LEU E 18 -9.06 -34.53 -8.42
C LEU E 18 -7.84 -34.08 -7.63
N GLY E 19 -6.69 -34.06 -8.29
CA GLY E 19 -5.48 -33.62 -7.62
C GLY E 19 -5.68 -32.19 -7.15
N ILE E 20 -6.05 -31.33 -8.09
CA ILE E 20 -6.29 -29.91 -7.82
C ILE E 20 -7.32 -29.80 -6.71
N PHE E 21 -8.41 -30.56 -6.84
CA PHE E 21 -9.48 -30.55 -5.84
C PHE E 21 -9.01 -31.02 -4.46
N SER E 22 -8.12 -32.01 -4.42
CA SER E 22 -7.62 -32.52 -3.15
C SER E 22 -6.83 -31.45 -2.42
N CYS E 23 -6.48 -30.37 -3.12
CA CYS E 23 -5.73 -29.28 -2.51
C CYS E 23 -6.70 -28.22 -1.96
N LEU E 24 -7.99 -28.45 -2.15
CA LEU E 24 -8.98 -27.49 -1.67
C LEU E 24 -9.55 -27.94 -0.36
N CYS E 25 -9.77 -26.97 0.53
CA CYS E 25 -10.37 -27.25 1.84
C CYS E 25 -11.87 -27.38 1.64
N LEU E 26 -12.55 -28.02 2.59
CA LEU E 26 -13.99 -28.23 2.49
C LEU E 26 -14.83 -27.12 1.80
N PRO E 27 -14.82 -25.88 2.34
CA PRO E 27 -15.59 -24.81 1.72
C PRO E 27 -15.27 -24.56 0.25
N GLU E 28 -13.98 -24.65 -0.07
CA GLU E 28 -13.49 -24.45 -1.44
C GLU E 28 -13.98 -25.57 -2.37
N LEU E 29 -13.99 -26.80 -1.85
CA LEU E 29 -14.44 -27.93 -2.64
C LEU E 29 -15.93 -27.78 -2.99
N LEU E 30 -16.72 -27.25 -2.06
CA LEU E 30 -18.14 -27.09 -2.32
C LEU E 30 -18.39 -25.90 -3.24
N LYS E 31 -17.39 -25.02 -3.33
CA LYS E 31 -17.49 -23.86 -4.20
C LYS E 31 -17.35 -24.34 -5.64
N VAL E 32 -16.22 -24.99 -5.91
CA VAL E 32 -15.92 -25.52 -7.23
C VAL E 32 -16.95 -26.50 -7.78
N SER E 33 -17.59 -27.28 -6.91
CA SER E 33 -18.60 -28.25 -7.36
C SER E 33 -19.69 -27.58 -8.19
N GLY E 34 -19.75 -26.26 -8.12
CA GLY E 34 -20.76 -25.52 -8.83
C GLY E 34 -20.24 -24.70 -9.99
N VAL E 35 -19.08 -25.08 -10.52
CA VAL E 35 -18.48 -24.40 -11.66
C VAL E 35 -19.11 -24.96 -12.93
N CYS E 36 -18.99 -26.26 -13.12
CA CYS E 36 -19.55 -26.94 -14.29
C CYS E 36 -20.02 -28.31 -13.85
N LYS E 37 -20.87 -28.95 -14.65
CA LYS E 37 -21.39 -30.27 -14.30
C LYS E 37 -20.29 -31.32 -14.06
N ARG E 38 -19.16 -31.16 -14.72
CA ARG E 38 -18.06 -32.11 -14.55
C ARG E 38 -17.42 -31.96 -13.16
N TRP E 39 -17.07 -30.72 -12.82
CA TRP E 39 -16.48 -30.41 -11.53
C TRP E 39 -17.40 -30.87 -10.41
N TYR E 40 -18.72 -30.74 -10.62
CA TYR E 40 -19.68 -31.15 -9.62
C TYR E 40 -19.59 -32.65 -9.38
N ARG E 41 -19.38 -33.41 -10.44
CA ARG E 41 -19.26 -34.87 -10.30
C ARG E 41 -18.01 -35.19 -9.50
N LEU E 42 -16.87 -34.68 -9.99
CA LEU E 42 -15.58 -34.91 -9.35
C LEU E 42 -15.46 -34.34 -7.93
N ALA E 43 -16.07 -33.18 -7.69
CA ALA E 43 -16.03 -32.54 -6.37
C ALA E 43 -16.70 -33.40 -5.31
N SER E 44 -17.29 -34.52 -5.72
CA SER E 44 -17.93 -35.43 -4.78
C SER E 44 -17.32 -36.83 -4.90
N ASP E 45 -16.20 -36.91 -5.60
CA ASP E 45 -15.50 -38.17 -5.79
C ASP E 45 -15.14 -38.77 -4.43
N GLU E 46 -15.24 -40.09 -4.31
CA GLU E 46 -14.93 -40.77 -3.05
C GLU E 46 -13.54 -40.53 -2.50
N SER E 47 -12.57 -40.31 -3.38
CA SER E 47 -11.20 -40.08 -2.94
C SER E 47 -11.09 -38.78 -2.12
N LEU E 48 -11.97 -37.83 -2.43
CA LEU E 48 -11.97 -36.55 -1.73
C LEU E 48 -12.71 -36.55 -0.39
N TRP E 49 -13.56 -37.56 -0.15
CA TRP E 49 -14.34 -37.57 1.08
C TRP E 49 -14.10 -38.66 2.12
N GLN E 50 -12.95 -39.32 2.09
CA GLN E 50 -12.67 -40.38 3.08
C GLN E 50 -12.74 -39.98 4.56
N THR E 51 -12.24 -38.78 4.89
CA THR E 51 -12.24 -38.31 6.27
C THR E 51 -12.90 -36.94 6.37
N LEU E 52 -14.01 -36.87 7.09
CA LEU E 52 -14.74 -35.60 7.27
C LEU E 52 -14.86 -35.20 8.72
N ASP E 53 -14.62 -33.91 9.01
CA ASP E 53 -14.68 -33.38 10.37
C ASP E 53 -15.63 -32.19 10.49
N LEU E 54 -16.88 -32.47 10.86
CA LEU E 54 -17.88 -31.43 11.05
C LEU E 54 -18.24 -31.52 12.52
N THR E 55 -17.50 -30.81 13.37
CA THR E 55 -17.79 -30.87 14.79
C THR E 55 -18.44 -29.61 15.32
N GLY E 56 -19.49 -29.80 16.11
CA GLY E 56 -20.17 -28.66 16.68
C GLY E 56 -21.00 -27.96 15.64
N LYS E 57 -21.18 -28.63 14.51
CA LYS E 57 -21.94 -28.07 13.41
C LYS E 57 -23.39 -28.46 13.54
N ASN E 58 -24.29 -27.47 13.48
CA ASN E 58 -25.72 -27.75 13.54
C ASN E 58 -25.88 -28.36 12.16
N LEU E 59 -26.71 -29.39 12.03
CA LEU E 59 -26.76 -30.02 10.73
C LEU E 59 -28.06 -30.74 10.48
N HIS E 60 -28.50 -30.75 9.22
CA HIS E 60 -29.74 -31.43 8.89
C HIS E 60 -29.38 -32.85 8.52
N PRO E 61 -30.14 -33.83 9.03
CA PRO E 61 -29.87 -35.23 8.73
C PRO E 61 -29.67 -35.56 7.26
N ASP E 62 -30.30 -34.81 6.36
CA ASP E 62 -30.10 -35.08 4.93
C ASP E 62 -28.67 -34.72 4.51
N VAL E 63 -28.12 -33.65 5.07
CA VAL E 63 -26.77 -33.27 4.73
C VAL E 63 -25.83 -34.37 5.21
N THR E 64 -26.00 -34.82 6.44
CA THR E 64 -25.15 -35.86 7.00
C THR E 64 -25.26 -37.14 6.19
N GLY E 65 -26.49 -37.46 5.74
CA GLY E 65 -26.70 -38.66 4.94
C GLY E 65 -26.10 -38.53 3.55
N ARG E 66 -26.32 -37.37 2.93
CA ARG E 66 -25.83 -37.08 1.59
C ARG E 66 -24.32 -37.10 1.62
N LEU E 67 -23.75 -36.62 2.72
CA LEU E 67 -22.30 -36.61 2.85
C LEU E 67 -21.75 -37.98 3.18
N LEU E 68 -22.52 -38.76 3.94
CA LEU E 68 -22.05 -40.11 4.30
C LEU E 68 -22.24 -41.07 3.13
N SER E 69 -23.07 -40.65 2.19
CA SER E 69 -23.37 -41.44 0.98
C SER E 69 -22.26 -41.32 -0.09
N GLN E 70 -21.32 -40.39 0.12
CA GLN E 70 -20.23 -40.19 -0.82
C GLN E 70 -19.01 -41.01 -0.40
N GLY E 71 -19.24 -42.12 0.29
CA GLY E 71 -18.11 -42.93 0.70
C GLY E 71 -17.18 -42.14 1.60
N VAL E 72 -17.58 -42.02 2.86
CA VAL E 72 -16.80 -41.33 3.89
C VAL E 72 -16.42 -42.43 4.86
N ILE E 73 -15.13 -42.54 5.16
CA ILE E 73 -14.63 -43.59 6.05
C ILE E 73 -14.52 -43.18 7.51
N ALA E 74 -13.96 -42.00 7.74
CA ALA E 74 -13.80 -41.45 9.06
C ALA E 74 -14.65 -40.19 9.19
N PHE E 75 -15.71 -40.25 9.99
CA PHE E 75 -16.61 -39.10 10.17
C PHE E 75 -16.55 -38.58 11.59
N ARG E 76 -15.88 -37.43 11.75
CA ARG E 76 -15.74 -36.83 13.07
C ARG E 76 -16.81 -35.77 13.22
N CYS E 77 -17.70 -35.95 14.19
CA CYS E 77 -18.80 -35.02 14.36
C CYS E 77 -19.29 -34.87 15.80
N PRO E 78 -18.36 -34.75 16.77
CA PRO E 78 -18.81 -34.60 18.17
C PRO E 78 -19.41 -33.23 18.47
N ARG E 79 -20.31 -33.16 19.45
CA ARG E 79 -20.92 -31.89 19.84
C ARG E 79 -21.66 -31.23 18.68
N SER E 80 -22.32 -32.04 17.87
CA SER E 80 -23.03 -31.52 16.72
C SER E 80 -24.51 -31.46 17.02
N PHE E 81 -25.25 -30.89 16.08
CA PHE E 81 -26.70 -30.77 16.24
C PHE E 81 -27.49 -31.21 15.04
N MET E 82 -28.17 -32.35 15.19
CA MET E 82 -29.00 -32.92 14.15
C MET E 82 -30.29 -33.20 14.90
N ASP E 83 -31.30 -32.38 14.63
CA ASP E 83 -32.58 -32.52 15.30
C ASP E 83 -33.79 -32.39 14.40
N GLN E 84 -33.74 -33.00 13.22
CA GLN E 84 -34.87 -32.95 12.30
C GLN E 84 -35.19 -34.26 11.61
N PRO E 85 -36.37 -34.36 10.98
CA PRO E 85 -36.82 -35.56 10.27
C PRO E 85 -35.88 -36.06 9.21
N LEU E 86 -36.28 -37.22 8.70
CA LEU E 86 -35.60 -37.98 7.65
C LEU E 86 -34.47 -38.79 8.29
N ALA E 87 -34.95 -39.64 9.17
CA ALA E 87 -34.15 -40.62 9.86
C ALA E 87 -33.43 -41.39 8.78
N GLU E 88 -32.31 -40.81 8.43
CA GLU E 88 -31.43 -41.32 7.39
C GLU E 88 -31.78 -42.76 7.07
N HIS E 89 -31.98 -42.96 5.82
CA HIS E 89 -32.25 -44.26 5.27
C HIS E 89 -31.57 -44.24 3.98
N PHE E 90 -31.07 -43.08 3.75
CA PHE E 90 -30.35 -42.96 2.60
C PHE E 90 -29.71 -44.36 2.42
N SER E 91 -29.06 -44.61 1.30
CA SER E 91 -28.39 -45.93 1.07
C SER E 91 -27.32 -46.26 2.16
N PRO E 92 -26.91 -47.57 2.28
CA PRO E 92 -25.90 -48.02 3.26
C PRO E 92 -24.65 -47.16 3.20
N PHE E 93 -24.07 -46.85 4.37
CA PHE E 93 -22.87 -46.03 4.45
C PHE E 93 -21.59 -46.86 4.60
N ARG E 94 -20.47 -46.29 4.15
CA ARG E 94 -19.18 -46.96 4.26
C ARG E 94 -18.51 -46.63 5.59
N VAL E 95 -19.00 -45.57 6.23
CA VAL E 95 -18.47 -45.09 7.51
C VAL E 95 -17.95 -46.18 8.44
N GLN E 96 -16.68 -46.08 8.77
CA GLN E 96 -16.04 -47.07 9.63
C GLN E 96 -15.73 -46.50 11.01
N HIS E 97 -15.27 -45.26 11.04
CA HIS E 97 -14.92 -44.59 12.27
C HIS E 97 -15.81 -43.35 12.40
N MET E 98 -16.66 -43.34 13.42
CA MET E 98 -17.59 -42.23 13.62
C MET E 98 -17.71 -41.82 15.07
N ASP E 99 -17.58 -40.51 15.31
CA ASP E 99 -17.69 -39.95 16.65
C ASP E 99 -18.79 -38.89 16.72
N LEU E 100 -19.85 -39.25 17.41
CA LEU E 100 -21.00 -38.35 17.59
C LEU E 100 -21.13 -37.98 19.07
N SER E 101 -20.07 -38.21 19.83
CA SER E 101 -20.11 -37.95 21.27
C SER E 101 -20.52 -36.55 21.69
N ASN E 102 -21.29 -36.50 22.77
CA ASN E 102 -21.78 -35.26 23.38
C ASN E 102 -22.51 -34.34 22.44
N SER E 103 -23.18 -34.92 21.46
CA SER E 103 -23.92 -34.13 20.48
C SER E 103 -25.38 -34.18 20.90
N VAL E 104 -26.19 -33.35 20.27
CA VAL E 104 -27.62 -33.36 20.54
C VAL E 104 -28.18 -33.86 19.21
N ILE E 105 -28.76 -35.05 19.21
CA ILE E 105 -29.29 -35.64 18.00
C ILE E 105 -30.62 -36.33 18.28
N GLU E 106 -31.67 -35.89 17.62
CA GLU E 106 -32.98 -36.47 17.81
C GLU E 106 -32.77 -37.95 17.74
N VAL E 107 -33.36 -38.67 18.68
CA VAL E 107 -33.21 -40.12 18.72
C VAL E 107 -33.59 -40.79 17.43
N SER E 108 -34.62 -40.27 16.74
CA SER E 108 -35.04 -40.90 15.47
C SER E 108 -34.01 -40.62 14.39
N THR E 109 -33.35 -39.48 14.50
CA THR E 109 -32.31 -39.11 13.54
C THR E 109 -31.10 -39.99 13.81
N LEU E 110 -30.85 -40.24 15.10
CA LEU E 110 -29.72 -41.05 15.47
C LEU E 110 -29.93 -42.44 14.90
N HIS E 111 -31.15 -42.96 15.07
CA HIS E 111 -31.50 -44.29 14.56
C HIS E 111 -31.42 -44.36 13.04
N GLY E 112 -32.03 -43.39 12.35
CA GLY E 112 -32.00 -43.39 10.91
C GLY E 112 -30.59 -43.47 10.34
N ILE E 113 -29.65 -42.77 10.96
CA ILE E 113 -28.27 -42.78 10.47
C ILE E 113 -27.55 -44.07 10.74
N LEU E 114 -27.66 -44.58 11.96
CA LEU E 114 -26.99 -45.83 12.33
C LEU E 114 -27.62 -47.03 11.70
N SER E 115 -28.80 -46.88 11.13
CA SER E 115 -29.47 -48.01 10.49
C SER E 115 -28.96 -48.15 9.08
N GLN E 116 -28.01 -47.30 8.71
CA GLN E 116 -27.40 -47.33 7.39
C GLN E 116 -25.94 -47.68 7.56
N CYS E 117 -25.61 -48.13 8.76
CA CYS E 117 -24.24 -48.50 9.09
C CYS E 117 -24.15 -49.97 9.47
N SER E 118 -23.09 -50.59 8.99
CA SER E 118 -22.85 -51.99 9.29
C SER E 118 -21.35 -52.16 9.31
N LYS E 119 -20.67 -51.31 8.54
CA LYS E 119 -19.21 -51.36 8.42
C LYS E 119 -18.43 -50.57 9.48
N LEU E 120 -19.09 -50.20 10.58
CA LEU E 120 -18.40 -49.46 11.63
C LEU E 120 -17.41 -50.34 12.37
N GLN E 121 -16.23 -49.76 12.64
CA GLN E 121 -15.14 -50.43 13.38
C GLN E 121 -14.95 -49.69 14.72
N ASN E 122 -15.06 -48.36 14.66
CA ASN E 122 -14.92 -47.51 15.82
C ASN E 122 -16.04 -46.46 15.88
N LEU E 123 -16.90 -46.58 16.89
CA LEU E 123 -18.04 -45.69 17.07
C LEU E 123 -18.15 -45.12 18.49
N SER E 124 -18.59 -43.88 18.57
CA SER E 124 -18.76 -43.25 19.87
C SER E 124 -20.07 -42.49 19.96
N LEU E 125 -20.98 -42.97 20.81
CA LEU E 125 -22.27 -42.30 21.02
C LEU E 125 -22.32 -41.75 22.44
N GLU E 126 -21.15 -41.52 23.02
CA GLU E 126 -21.06 -41.04 24.38
C GLU E 126 -21.96 -39.88 24.63
N GLY E 127 -22.73 -39.96 25.71
CA GLY E 127 -23.64 -38.90 26.12
C GLY E 127 -24.85 -38.66 25.22
N LEU E 128 -25.37 -39.71 24.59
CA LEU E 128 -26.52 -39.61 23.71
C LEU E 128 -27.65 -40.52 24.15
N ARG E 129 -28.86 -39.96 24.23
CA ARG E 129 -30.01 -40.76 24.60
C ARG E 129 -30.17 -41.70 23.40
N LEU E 130 -30.44 -42.97 23.64
CA LEU E 130 -30.60 -43.90 22.54
C LEU E 130 -31.97 -44.60 22.70
N SER E 131 -32.07 -45.81 22.18
CA SER E 131 -33.29 -46.57 22.30
C SER E 131 -33.03 -47.95 21.74
N ASP E 132 -33.84 -48.90 22.15
CA ASP E 132 -33.71 -50.25 21.66
C ASP E 132 -33.56 -50.32 20.14
N PRO E 133 -34.37 -49.53 19.40
CA PRO E 133 -34.25 -49.54 17.95
C PRO E 133 -32.82 -49.16 17.56
N ILE E 134 -32.31 -48.10 18.17
CA ILE E 134 -30.94 -47.70 17.88
C ILE E 134 -29.95 -48.80 18.28
N VAL E 135 -29.93 -49.17 19.55
CA VAL E 135 -29.02 -50.21 20.04
C VAL E 135 -29.06 -51.46 19.18
N ASN E 136 -30.23 -51.88 18.75
CA ASN E 136 -30.33 -53.08 17.91
C ASN E 136 -29.70 -52.92 16.55
N THR E 137 -29.84 -51.73 15.96
CA THR E 137 -29.27 -51.50 14.63
C THR E 137 -27.75 -51.57 14.71
N LEU E 138 -27.20 -51.14 15.85
CA LEU E 138 -25.75 -51.21 16.03
C LEU E 138 -25.28 -52.65 15.95
N ALA E 139 -26.14 -53.59 16.30
CA ALA E 139 -25.74 -55.00 16.25
C ALA E 139 -25.21 -55.38 14.87
N LYS E 140 -25.70 -54.71 13.84
CA LYS E 140 -25.24 -54.96 12.47
C LYS E 140 -23.73 -54.81 12.38
N ASN E 141 -23.18 -53.80 13.04
CA ASN E 141 -21.76 -53.58 12.95
C ASN E 141 -20.97 -54.56 13.77
N SER E 142 -21.14 -55.83 13.46
CA SER E 142 -20.43 -56.89 14.14
C SER E 142 -18.91 -56.75 14.08
N ASN E 143 -18.38 -55.96 13.13
CA ASN E 143 -16.92 -55.79 13.04
C ASN E 143 -16.43 -54.68 13.95
N LEU E 144 -17.28 -54.26 14.90
CA LEU E 144 -16.93 -53.20 15.85
C LEU E 144 -15.74 -53.61 16.68
N VAL E 145 -14.72 -52.74 16.66
CA VAL E 145 -13.51 -52.95 17.42
C VAL E 145 -13.52 -52.07 18.65
N ARG E 146 -14.02 -50.84 18.50
CA ARG E 146 -14.13 -49.91 19.61
C ARG E 146 -15.52 -49.30 19.63
N LEU E 147 -16.19 -49.40 20.78
CA LEU E 147 -17.54 -48.85 20.93
C LEU E 147 -17.63 -48.11 22.24
N ASN E 148 -18.01 -46.83 22.18
CA ASN E 148 -18.13 -46.01 23.37
C ASN E 148 -19.57 -45.59 23.61
N LEU E 149 -20.28 -46.25 24.54
CA LEU E 149 -21.65 -45.84 24.87
C LEU E 149 -21.72 -45.19 26.26
N SER E 150 -20.63 -44.56 26.67
CA SER E 150 -20.56 -43.93 27.98
C SER E 150 -21.53 -42.79 28.12
N GLY E 151 -22.33 -42.85 29.18
CA GLY E 151 -23.30 -41.80 29.45
C GLY E 151 -24.60 -41.95 28.67
N CYS E 152 -24.67 -42.97 27.81
CA CYS E 152 -25.87 -43.18 27.02
C CYS E 152 -26.95 -43.76 27.90
N SER E 153 -28.18 -43.77 27.39
CA SER E 153 -29.32 -44.31 28.12
C SER E 153 -30.41 -44.63 27.12
N GLY E 154 -31.59 -44.97 27.61
CA GLY E 154 -32.69 -45.25 26.71
C GLY E 154 -32.82 -46.64 26.13
N PHE E 155 -32.02 -47.60 26.59
CA PHE E 155 -32.14 -48.96 26.05
C PHE E 155 -32.21 -49.99 27.17
N SER E 156 -32.78 -51.14 26.84
CA SER E 156 -32.96 -52.21 27.80
C SER E 156 -31.74 -53.08 27.89
N GLU E 157 -31.75 -53.98 28.87
CA GLU E 157 -30.63 -54.89 29.02
C GLU E 157 -30.76 -55.96 27.95
N PHE E 158 -31.87 -55.95 27.21
CA PHE E 158 -32.04 -56.95 26.15
C PHE E 158 -31.42 -56.40 24.87
N ALA E 159 -31.67 -55.12 24.58
CA ALA E 159 -31.09 -54.51 23.38
C ALA E 159 -29.56 -54.58 23.56
N LEU E 160 -29.11 -54.25 24.76
CA LEU E 160 -27.69 -54.29 25.11
C LEU E 160 -27.09 -55.70 24.88
N GLN E 161 -27.91 -56.71 25.19
CA GLN E 161 -27.51 -58.10 25.05
C GLN E 161 -27.28 -58.53 23.62
N THR E 162 -28.15 -58.09 22.70
CA THR E 162 -27.99 -58.47 21.30
C THR E 162 -26.83 -57.68 20.69
N LEU E 163 -26.67 -56.44 21.12
CA LEU E 163 -25.56 -55.65 20.62
C LEU E 163 -24.24 -56.32 21.02
N LEU E 164 -24.04 -56.56 22.32
CA LEU E 164 -22.82 -57.18 22.80
C LEU E 164 -22.63 -58.58 22.23
N SER E 165 -23.70 -59.36 22.19
CA SER E 165 -23.63 -60.70 21.63
C SER E 165 -23.13 -60.63 20.16
N SER E 166 -23.64 -59.63 19.43
CA SER E 166 -23.33 -59.42 18.03
C SER E 166 -21.92 -58.90 17.74
N CYS E 167 -21.37 -58.08 18.63
CA CYS E 167 -20.02 -57.56 18.46
C CYS E 167 -18.97 -58.46 19.12
N SER E 168 -18.77 -59.62 18.48
CA SER E 168 -17.84 -60.65 18.91
C SER E 168 -16.34 -60.43 18.66
N ARG E 169 -15.93 -59.27 18.16
CA ARG E 169 -14.51 -59.00 17.98
C ARG E 169 -14.17 -57.69 18.67
N LEU E 170 -15.07 -57.25 19.53
CA LEU E 170 -14.92 -55.99 20.25
C LEU E 170 -13.66 -55.99 21.11
N ASP E 171 -12.87 -54.92 21.01
CA ASP E 171 -11.62 -54.79 21.75
C ASP E 171 -11.74 -53.78 22.90
N GLU E 172 -12.23 -52.59 22.59
CA GLU E 172 -12.41 -51.55 23.57
C GLU E 172 -13.90 -51.29 23.73
N LEU E 173 -14.38 -51.29 24.98
CA LEU E 173 -15.79 -51.06 25.28
C LEU E 173 -15.99 -50.14 26.49
N ASN E 174 -16.42 -48.92 26.23
CA ASN E 174 -16.65 -48.01 27.32
C ASN E 174 -18.14 -47.95 27.50
N LEU E 175 -18.62 -48.70 28.48
CA LEU E 175 -20.05 -48.75 28.73
C LEU E 175 -20.23 -48.22 30.15
N SER E 176 -19.65 -47.07 30.43
CA SER E 176 -19.73 -46.51 31.77
C SER E 176 -20.72 -45.39 31.90
N TRP E 177 -21.19 -45.23 33.14
CA TRP E 177 -22.13 -44.22 33.52
C TRP E 177 -23.41 -44.14 32.74
N CYS E 178 -23.95 -45.28 32.38
CA CYS E 178 -25.22 -45.29 31.70
C CYS E 178 -26.18 -45.19 32.86
N PHE E 179 -26.35 -43.97 33.32
CA PHE E 179 -27.19 -43.60 34.44
C PHE E 179 -28.54 -44.25 34.32
N ASP E 180 -28.88 -44.60 33.09
CA ASP E 180 -30.15 -45.22 32.75
C ASP E 180 -30.30 -46.61 33.30
N PHE E 181 -29.22 -47.29 33.66
CA PHE E 181 -29.50 -48.66 34.05
C PHE E 181 -29.26 -49.39 35.33
N THR E 182 -29.93 -50.54 35.38
CA THR E 182 -30.00 -51.42 36.52
C THR E 182 -28.96 -52.52 36.62
N GLU E 183 -29.20 -53.41 37.59
CA GLU E 183 -28.35 -54.56 37.86
C GLU E 183 -28.30 -55.42 36.61
N LYS E 184 -29.48 -55.69 36.06
CA LYS E 184 -29.62 -56.51 34.89
C LYS E 184 -28.77 -56.04 33.72
N HIS E 185 -28.64 -54.72 33.54
CA HIS E 185 -27.82 -54.24 32.44
C HIS E 185 -26.38 -54.65 32.75
N VAL E 186 -25.95 -54.37 33.97
CA VAL E 186 -24.60 -54.71 34.42
C VAL E 186 -24.34 -56.20 34.27
N GLN E 187 -25.34 -57.01 34.59
CA GLN E 187 -25.22 -58.44 34.51
C GLN E 187 -25.16 -58.83 33.05
N VAL E 188 -26.00 -58.22 32.21
CA VAL E 188 -25.99 -58.52 30.79
C VAL E 188 -24.61 -58.14 30.30
N ALA E 189 -24.18 -56.95 30.69
CA ALA E 189 -22.89 -56.46 30.26
C ALA E 189 -21.83 -57.54 30.41
N VAL E 190 -21.54 -57.93 31.66
CA VAL E 190 -20.50 -58.93 31.94
C VAL E 190 -20.75 -60.35 31.42
N ALA E 191 -22.01 -60.69 31.14
CA ALA E 191 -22.30 -62.03 30.61
C ALA E 191 -22.19 -62.12 29.06
N HIS E 192 -22.20 -60.97 28.36
CA HIS E 192 -22.13 -61.01 26.90
C HIS E 192 -21.04 -60.21 26.20
N VAL E 193 -20.19 -59.51 26.94
CA VAL E 193 -19.12 -58.77 26.31
C VAL E 193 -18.23 -59.83 25.67
N SER E 194 -17.75 -59.56 24.47
CA SER E 194 -16.92 -60.52 23.77
C SER E 194 -15.64 -60.89 24.49
N GLU E 195 -15.31 -62.18 24.49
CA GLU E 195 -14.09 -62.64 25.11
C GLU E 195 -12.89 -61.96 24.48
N THR E 196 -13.12 -61.28 23.36
CA THR E 196 -12.05 -60.61 22.65
C THR E 196 -11.75 -59.25 23.28
N ILE E 197 -12.63 -58.80 24.16
CA ILE E 197 -12.48 -57.52 24.85
C ILE E 197 -11.17 -57.41 25.69
N THR E 198 -10.48 -56.29 25.58
CA THR E 198 -9.21 -56.09 26.29
C THR E 198 -9.22 -54.78 27.07
N GLN E 199 -10.15 -53.90 26.74
CA GLN E 199 -10.27 -52.63 27.42
C GLN E 199 -11.75 -52.46 27.69
N LEU E 200 -12.11 -52.47 28.97
CA LEU E 200 -13.51 -52.32 29.38
C LEU E 200 -13.67 -51.30 30.47
N ASN E 201 -14.60 -50.39 30.26
CA ASN E 201 -14.88 -49.33 31.25
C ASN E 201 -16.31 -49.46 31.71
N LEU E 202 -16.49 -50.09 32.87
CA LEU E 202 -17.83 -50.24 33.45
C LEU E 202 -18.01 -49.45 34.73
N SER E 203 -17.47 -48.24 34.79
CA SER E 203 -17.57 -47.43 36.00
C SER E 203 -18.93 -46.76 36.12
N GLY E 204 -19.26 -46.34 37.34
CA GLY E 204 -20.51 -45.64 37.59
C GLY E 204 -21.76 -46.36 38.04
N TYR E 205 -21.69 -47.67 38.22
CA TYR E 205 -22.87 -48.42 38.65
C TYR E 205 -22.67 -48.82 40.09
N ARG E 206 -22.98 -47.94 41.01
CA ARG E 206 -22.78 -48.23 42.41
C ARG E 206 -23.35 -49.57 42.89
N LYS E 207 -24.51 -49.52 43.54
CA LYS E 207 -25.10 -50.73 44.08
C LYS E 207 -25.48 -51.78 43.05
N ASN E 208 -25.36 -51.45 41.77
CA ASN E 208 -25.77 -52.41 40.75
C ASN E 208 -24.66 -53.31 40.21
N LEU E 209 -23.44 -53.11 40.68
CA LEU E 209 -22.33 -53.94 40.22
C LEU E 209 -21.85 -54.82 41.37
N GLN E 210 -22.29 -56.07 41.38
CA GLN E 210 -21.86 -56.98 42.43
C GLN E 210 -20.50 -57.65 42.11
N LYS E 211 -19.93 -58.26 43.14
CA LYS E 211 -18.66 -58.97 43.05
C LYS E 211 -18.86 -60.14 42.08
N SER E 212 -20.01 -60.79 42.19
CA SER E 212 -20.29 -61.90 41.30
C SER E 212 -20.23 -61.40 39.85
N ASP E 213 -20.64 -60.16 39.64
CA ASP E 213 -20.60 -59.62 38.30
C ASP E 213 -19.15 -59.48 37.84
N LEU E 214 -18.26 -59.30 38.80
CA LEU E 214 -16.82 -59.16 38.53
C LEU E 214 -16.26 -60.55 38.23
N SER E 215 -16.87 -61.57 38.83
CA SER E 215 -16.41 -62.93 38.61
C SER E 215 -16.75 -63.35 37.21
N THR E 216 -18.01 -63.18 36.82
CA THR E 216 -18.48 -63.53 35.51
C THR E 216 -17.59 -62.89 34.45
N LEU E 217 -17.34 -61.59 34.60
CA LEU E 217 -16.53 -60.83 33.66
C LEU E 217 -15.14 -61.51 33.51
N VAL E 218 -14.47 -61.67 34.63
CA VAL E 218 -13.15 -62.27 34.69
C VAL E 218 -13.15 -63.69 34.16
N ARG E 219 -14.27 -64.40 34.33
CA ARG E 219 -14.36 -65.77 33.87
C ARG E 219 -14.45 -65.83 32.36
N ARG E 220 -15.27 -64.94 31.80
CA ARG E 220 -15.51 -64.89 30.38
C ARG E 220 -14.53 -64.08 29.59
N CYS E 221 -13.78 -63.21 30.25
CA CYS E 221 -12.87 -62.35 29.50
C CYS E 221 -11.47 -62.29 30.08
N PRO E 222 -10.65 -63.28 29.77
CA PRO E 222 -9.27 -63.36 30.26
C PRO E 222 -8.30 -62.35 29.64
N ASN E 223 -8.68 -61.77 28.51
CA ASN E 223 -7.78 -60.85 27.79
C ASN E 223 -7.81 -59.37 28.19
N LEU E 224 -8.48 -59.04 29.30
CA LEU E 224 -8.55 -57.66 29.76
C LEU E 224 -7.20 -57.05 30.12
N VAL E 225 -6.91 -55.89 29.53
CA VAL E 225 -5.66 -55.17 29.76
C VAL E 225 -6.01 -53.86 30.50
N HIS E 226 -7.18 -53.32 30.19
CA HIS E 226 -7.69 -52.11 30.83
C HIS E 226 -9.02 -52.46 31.52
N LEU E 227 -9.11 -52.23 32.81
CA LEU E 227 -10.37 -52.51 33.50
C LEU E 227 -10.67 -51.38 34.45
N ASP E 228 -11.68 -50.58 34.09
CA ASP E 228 -12.09 -49.44 34.90
C ASP E 228 -13.35 -49.78 35.64
N LEU E 229 -13.27 -49.91 36.96
CA LEU E 229 -14.46 -50.21 37.77
C LEU E 229 -14.79 -49.11 38.79
N SER E 230 -14.26 -47.92 38.56
CA SER E 230 -14.49 -46.82 39.47
C SER E 230 -15.94 -46.74 39.91
N ASP E 231 -16.15 -46.20 41.10
CA ASP E 231 -17.48 -46.03 41.65
C ASP E 231 -18.26 -47.31 41.83
N SER E 232 -17.55 -48.44 41.90
CA SER E 232 -18.19 -49.74 42.14
C SER E 232 -18.26 -49.91 43.67
N VAL E 233 -19.18 -49.17 44.26
CA VAL E 233 -19.46 -49.11 45.70
C VAL E 233 -19.51 -50.45 46.43
N MET E 234 -19.93 -51.51 45.74
CA MET E 234 -20.03 -52.83 46.37
C MET E 234 -18.70 -53.55 46.55
N LEU E 235 -17.75 -53.29 45.65
CA LEU E 235 -16.45 -53.96 45.69
C LEU E 235 -15.57 -53.74 46.92
N LYS E 236 -15.19 -54.85 47.54
CA LYS E 236 -14.31 -54.86 48.70
C LYS E 236 -13.02 -55.51 48.25
N ASN E 237 -12.00 -55.51 49.10
CA ASN E 237 -10.73 -56.09 48.71
C ASN E 237 -10.83 -57.57 48.34
N ASP E 238 -11.94 -58.22 48.68
CA ASP E 238 -12.09 -59.64 48.35
C ASP E 238 -12.38 -59.84 46.87
N CYS E 239 -12.20 -58.78 46.09
CA CYS E 239 -12.43 -58.82 44.64
C CYS E 239 -11.10 -58.99 43.97
N PHE E 240 -10.05 -58.59 44.68
CA PHE E 240 -8.71 -58.67 44.18
C PHE E 240 -8.40 -60.10 43.71
N GLN E 241 -8.99 -61.08 44.36
CA GLN E 241 -8.75 -62.46 43.98
C GLN E 241 -9.25 -62.75 42.57
N GLU E 242 -10.02 -61.83 41.99
CA GLU E 242 -10.54 -62.00 40.64
C GLU E 242 -9.62 -61.31 39.64
N PHE E 243 -9.09 -60.16 40.04
CA PHE E 243 -8.18 -59.39 39.19
C PHE E 243 -6.91 -60.21 39.00
N PHE E 244 -6.59 -61.00 40.03
CA PHE E 244 -5.41 -61.88 40.00
C PHE E 244 -5.57 -62.94 38.91
N GLN E 245 -6.81 -63.25 38.56
CA GLN E 245 -7.10 -64.24 37.53
C GLN E 245 -6.98 -63.68 36.13
N LEU E 246 -6.63 -62.40 36.05
CA LEU E 246 -6.41 -61.76 34.77
C LEU E 246 -4.91 -61.69 34.65
N ASN E 247 -4.35 -62.40 33.67
CA ASN E 247 -2.91 -62.40 33.52
C ASN E 247 -2.36 -61.37 32.56
N TYR E 248 -3.21 -60.47 32.09
CA TYR E 248 -2.76 -59.43 31.17
C TYR E 248 -3.20 -58.04 31.61
N LEU E 249 -3.92 -57.97 32.74
CA LEU E 249 -4.39 -56.71 33.28
C LEU E 249 -3.22 -55.82 33.64
N GLN E 250 -3.11 -54.66 33.02
CA GLN E 250 -2.02 -53.77 33.36
C GLN E 250 -2.51 -52.36 33.66
N HIS E 251 -3.82 -52.18 33.57
CA HIS E 251 -4.43 -50.90 33.90
C HIS E 251 -5.76 -51.18 34.61
N LEU E 252 -5.85 -50.70 35.85
CA LEU E 252 -7.03 -50.90 36.67
C LEU E 252 -7.48 -49.59 37.31
N SER E 253 -8.78 -49.44 37.50
CA SER E 253 -9.30 -48.24 38.15
C SER E 253 -10.35 -48.65 39.14
N LEU E 254 -10.23 -48.13 40.35
CA LEU E 254 -11.17 -48.46 41.41
C LEU E 254 -11.53 -47.19 42.16
N SER E 255 -11.20 -46.07 41.54
CA SER E 255 -11.50 -44.78 42.13
C SER E 255 -12.91 -44.76 42.73
N ARG E 256 -13.06 -44.09 43.87
CA ARG E 256 -14.32 -44.00 44.57
C ARG E 256 -15.01 -45.30 44.95
N CYS E 257 -14.23 -46.39 45.04
CA CYS E 257 -14.79 -47.67 45.50
C CYS E 257 -14.60 -47.61 47.01
N TYR E 258 -15.51 -46.89 47.67
CA TYR E 258 -15.48 -46.66 49.10
C TYR E 258 -15.37 -47.84 50.06
N ASP E 259 -15.75 -49.04 49.62
CA ASP E 259 -15.64 -50.23 50.46
C ASP E 259 -14.33 -50.94 50.31
N ILE E 260 -13.38 -50.34 49.59
CA ILE E 260 -12.08 -50.94 49.44
C ILE E 260 -11.14 -50.22 50.41
N ILE E 261 -10.82 -50.88 51.54
CA ILE E 261 -9.95 -50.32 52.57
C ILE E 261 -8.61 -49.97 51.97
N PRO E 262 -8.18 -48.71 52.09
CA PRO E 262 -6.92 -48.23 51.54
C PRO E 262 -5.72 -49.13 51.70
N GLU E 263 -5.62 -49.77 52.84
CA GLU E 263 -4.50 -50.66 53.09
C GLU E 263 -4.51 -51.88 52.16
N THR E 264 -5.65 -52.54 52.03
CA THR E 264 -5.76 -53.77 51.21
C THR E 264 -5.19 -53.51 49.82
N LEU E 265 -5.14 -52.25 49.41
CA LEU E 265 -4.61 -51.90 48.09
C LEU E 265 -3.20 -52.42 47.85
N LEU E 266 -2.51 -52.80 48.93
CA LEU E 266 -1.15 -53.29 48.81
C LEU E 266 -1.19 -54.62 48.11
N GLU E 267 -2.25 -55.36 48.36
CA GLU E 267 -2.42 -56.68 47.74
C GLU E 267 -2.39 -56.63 46.23
N LEU E 268 -2.80 -55.50 45.64
CA LEU E 268 -2.81 -55.41 44.18
C LEU E 268 -1.40 -55.54 43.60
N GLY E 269 -0.42 -55.79 44.47
CA GLY E 269 0.95 -55.97 44.02
C GLY E 269 1.13 -57.41 43.54
N GLU E 270 0.09 -58.22 43.73
CA GLU E 270 0.10 -59.61 43.32
C GLU E 270 -0.01 -59.72 41.81
N ILE E 271 -0.75 -58.80 41.21
CA ILE E 271 -0.93 -58.78 39.77
C ILE E 271 0.41 -58.35 39.17
N PRO E 272 1.14 -59.31 38.59
CA PRO E 272 2.45 -59.06 37.98
C PRO E 272 2.42 -58.07 36.85
N THR E 273 1.49 -58.27 35.93
CA THR E 273 1.35 -57.43 34.76
C THR E 273 0.91 -55.98 34.97
N LEU E 274 0.31 -55.70 36.12
CA LEU E 274 -0.19 -54.36 36.42
C LEU E 274 0.88 -53.29 36.28
N LYS E 275 0.55 -52.23 35.55
CA LYS E 275 1.46 -51.11 35.29
C LYS E 275 0.96 -49.80 35.92
N THR E 276 -0.37 -49.67 36.03
CA THR E 276 -0.95 -48.47 36.62
C THR E 276 -2.19 -48.80 37.43
N LEU E 277 -2.43 -47.98 38.44
CA LEU E 277 -3.57 -48.13 39.34
C LEU E 277 -4.15 -46.75 39.62
N GLN E 278 -5.47 -46.66 39.52
CA GLN E 278 -6.16 -45.40 39.79
C GLN E 278 -7.15 -45.66 40.91
N VAL E 279 -6.88 -45.06 42.06
CA VAL E 279 -7.73 -45.17 43.24
C VAL E 279 -7.91 -43.80 43.85
N PHE E 280 -8.63 -42.92 43.16
CA PHE E 280 -8.84 -41.61 43.69
C PHE E 280 -10.00 -41.58 44.68
N GLY E 281 -9.92 -40.66 45.64
CA GLY E 281 -10.98 -40.49 46.60
C GLY E 281 -11.15 -41.52 47.68
N ILE E 282 -10.25 -42.48 47.79
CA ILE E 282 -10.36 -43.48 48.85
C ILE E 282 -9.04 -43.70 49.53
N VAL E 283 -8.01 -43.04 49.00
CA VAL E 283 -6.66 -43.19 49.54
C VAL E 283 -6.14 -41.88 50.09
N PRO E 284 -5.86 -41.85 51.41
CA PRO E 284 -5.33 -40.67 52.10
C PRO E 284 -3.97 -40.34 51.48
N ASP E 285 -3.67 -39.06 51.29
CA ASP E 285 -2.41 -38.68 50.69
C ASP E 285 -1.22 -39.42 51.30
N GLY E 286 -1.32 -39.72 52.58
CA GLY E 286 -0.23 -40.40 53.27
C GLY E 286 -0.06 -41.85 52.89
N THR E 287 -1.10 -42.67 53.09
CA THR E 287 -0.99 -44.06 52.75
C THR E 287 -0.82 -44.19 51.24
N LEU E 288 -1.10 -43.11 50.50
CA LEU E 288 -0.96 -43.14 49.04
C LEU E 288 0.49 -43.13 48.63
N GLN E 289 1.28 -42.30 49.32
CA GLN E 289 2.70 -42.23 49.04
C GLN E 289 3.43 -43.45 49.58
N LEU E 290 2.84 -44.13 50.57
CA LEU E 290 3.49 -45.33 51.08
C LEU E 290 3.15 -46.45 50.11
N LEU E 291 1.97 -46.36 49.52
CA LEU E 291 1.52 -47.37 48.57
C LEU E 291 2.42 -47.28 47.33
N LYS E 292 2.84 -46.08 46.98
CA LYS E 292 3.73 -45.86 45.84
C LYS E 292 5.15 -46.33 46.17
N GLU E 293 5.48 -46.32 47.46
CA GLU E 293 6.79 -46.77 47.95
C GLU E 293 6.85 -48.28 47.72
N ALA E 294 5.83 -48.95 48.25
CA ALA E 294 5.73 -50.40 48.16
C ALA E 294 5.70 -50.95 46.72
N LEU E 295 4.87 -50.33 45.88
CA LEU E 295 4.71 -50.74 44.50
C LEU E 295 5.31 -49.73 43.54
N PRO E 296 6.66 -49.65 43.50
CA PRO E 296 7.37 -48.71 42.62
C PRO E 296 7.14 -49.02 41.16
N HIS E 297 6.72 -50.25 40.86
CA HIS E 297 6.48 -50.66 39.50
C HIS E 297 5.20 -50.03 38.95
N LEU E 298 4.29 -49.68 39.85
CA LEU E 298 3.02 -49.08 39.47
C LEU E 298 3.04 -47.57 39.29
N GLN E 299 1.95 -47.08 38.71
CA GLN E 299 1.71 -45.68 38.45
C GLN E 299 0.35 -45.46 39.14
N ILE E 300 0.38 -44.97 40.36
CA ILE E 300 -0.86 -44.77 41.11
C ILE E 300 -1.43 -43.35 41.01
N ASN E 301 -2.76 -43.28 40.87
CA ASN E 301 -3.49 -42.02 40.72
C ASN E 301 -2.72 -41.06 39.86
N CYS E 302 -2.25 -41.59 38.74
CA CYS E 302 -1.49 -40.80 37.78
C CYS E 302 -2.35 -40.14 36.70
N SER E 303 -3.52 -40.71 36.43
CA SER E 303 -4.40 -40.17 35.41
C SER E 303 -5.84 -40.08 35.86
N HIS E 304 -6.45 -38.94 35.51
CA HIS E 304 -7.84 -38.68 35.86
C HIS E 304 -8.91 -39.11 34.86
N PHE E 305 -8.61 -39.12 33.56
CA PHE E 305 -9.63 -39.48 32.60
C PHE E 305 -9.42 -40.80 31.92
N THR E 306 -10.54 -41.42 31.54
CA THR E 306 -10.49 -42.69 30.82
C THR E 306 -10.10 -42.41 29.37
N THR E 307 -9.41 -43.37 28.76
CA THR E 307 -9.02 -43.26 27.37
C THR E 307 -9.77 -44.37 26.65
N ILE E 308 -10.35 -45.29 27.43
CA ILE E 308 -11.09 -46.43 26.88
C ILE E 308 -12.14 -46.04 25.86
N ALA E 309 -11.89 -46.41 24.61
CA ALA E 309 -12.79 -46.14 23.49
C ALA E 309 -13.05 -44.65 23.24
N ARG E 310 -12.04 -43.81 23.49
CA ARG E 310 -12.17 -42.37 23.26
C ARG E 310 -11.70 -41.94 21.88
N PRO E 311 -12.62 -41.39 21.08
CA PRO E 311 -12.31 -40.92 19.73
C PRO E 311 -11.08 -40.02 19.75
N THR E 312 -11.03 -39.12 20.72
CA THR E 312 -9.87 -38.24 20.82
C THR E 312 -9.48 -38.07 22.28
N ILE E 313 -8.19 -37.88 22.51
CA ILE E 313 -7.63 -37.72 23.84
C ILE E 313 -6.75 -36.47 23.84
N GLY E 314 -7.25 -35.37 24.40
CA GLY E 314 -6.42 -34.17 24.43
C GLY E 314 -7.07 -32.90 23.96
N ASN E 315 -6.28 -31.82 23.92
CA ASN E 315 -6.75 -30.50 23.52
C ASN E 315 -5.86 -30.04 22.37
N LYS E 316 -6.43 -29.29 21.42
CA LYS E 316 -5.62 -28.78 20.30
C LYS E 316 -5.30 -29.99 19.42
N LYS E 317 -5.71 -31.18 19.88
CA LYS E 317 -5.42 -32.41 19.17
C LYS E 317 -6.67 -33.05 18.70
N ASN E 318 -7.62 -32.17 18.39
CA ASN E 318 -8.91 -32.57 17.89
C ASN E 318 -8.64 -33.24 16.55
N GLN E 319 -9.72 -33.69 15.92
CA GLN E 319 -9.64 -34.25 14.59
C GLN E 319 -8.52 -35.27 14.43
N GLU E 320 -8.37 -36.11 15.44
CA GLU E 320 -7.40 -37.19 15.38
C GLU E 320 -8.27 -38.37 15.78
N ILE E 321 -9.54 -38.26 15.39
CA ILE E 321 -10.52 -39.30 15.67
C ILE E 321 -9.81 -40.63 15.48
N TRP E 322 -9.43 -41.24 16.60
CA TRP E 322 -8.71 -42.50 16.58
C TRP E 322 -7.54 -42.45 15.63
N GLY E 323 -6.75 -41.39 15.75
CA GLY E 323 -5.60 -41.21 14.91
C GLY E 323 -5.81 -40.55 13.55
N ILE E 324 -7.03 -40.61 13.01
CA ILE E 324 -7.29 -40.01 11.71
C ILE E 324 -7.36 -38.49 11.70
N LYS E 325 -6.48 -37.84 10.93
CA LYS E 325 -6.48 -36.38 10.81
C LYS E 325 -7.45 -36.03 9.67
N CYS E 326 -8.74 -35.97 9.94
CA CYS E 326 -9.71 -35.63 8.90
C CYS E 326 -9.24 -34.51 7.96
N ARG E 327 -9.20 -34.82 6.66
CA ARG E 327 -8.73 -33.87 5.66
C ARG E 327 -9.77 -32.79 5.33
N LEU E 328 -11.04 -33.07 5.60
CA LEU E 328 -12.07 -32.06 5.37
C LEU E 328 -12.63 -31.61 6.71
N THR E 329 -12.51 -30.32 7.01
CA THR E 329 -13.01 -29.79 8.28
C THR E 329 -13.59 -28.39 8.07
N LEU E 330 -14.00 -27.76 9.16
CA LEU E 330 -14.53 -26.40 9.09
C LEU E 330 -13.81 -25.51 10.09
N GLN E 331 -12.80 -26.05 10.76
CA GLN E 331 -12.05 -25.28 11.73
C GLN E 331 -11.62 -23.93 11.18
N PRO F 2 27.58 -37.71 -14.33
CA PRO F 2 27.23 -36.50 -13.53
C PRO F 2 26.37 -35.55 -14.35
N SER F 3 26.47 -35.69 -15.68
CA SER F 3 25.70 -34.86 -16.59
C SER F 3 24.87 -35.70 -17.54
N ILE F 4 23.78 -35.14 -18.01
CA ILE F 4 22.87 -35.80 -18.96
C ILE F 4 22.25 -34.70 -19.80
N LYS F 5 22.03 -34.97 -21.08
CA LYS F 5 21.44 -33.97 -21.96
C LYS F 5 19.98 -34.28 -22.22
N LEU F 6 19.15 -33.27 -22.09
CA LEU F 6 17.71 -33.42 -22.33
C LEU F 6 17.39 -32.70 -23.63
N GLN F 7 16.39 -33.19 -24.36
CA GLN F 7 16.03 -32.56 -25.63
C GLN F 7 14.56 -32.19 -25.66
N SER F 8 14.29 -30.89 -25.69
CA SER F 8 12.93 -30.38 -25.72
C SER F 8 12.21 -30.83 -26.98
N SER F 9 10.88 -30.91 -26.90
CA SER F 9 10.07 -31.34 -28.03
C SER F 9 10.24 -30.41 -29.22
N ASP F 10 11.04 -29.38 -29.08
CA ASP F 10 11.25 -28.46 -30.18
C ASP F 10 12.71 -28.08 -30.45
N GLY F 11 13.63 -29.00 -30.17
CA GLY F 11 15.02 -28.73 -30.48
C GLY F 11 16.07 -28.52 -29.40
N GLU F 12 15.83 -27.61 -28.47
CA GLU F 12 16.84 -27.34 -27.43
C GLU F 12 17.37 -28.53 -26.66
N ILE F 13 18.64 -28.43 -26.31
CA ILE F 13 19.32 -29.46 -25.55
C ILE F 13 19.86 -28.81 -24.29
N PHE F 14 19.38 -29.27 -23.13
CA PHE F 14 19.85 -28.72 -21.86
C PHE F 14 20.65 -29.80 -21.14
N GLU F 15 21.79 -29.41 -20.57
CA GLU F 15 22.58 -30.37 -19.83
C GLU F 15 22.29 -30.17 -18.36
N VAL F 16 21.57 -31.12 -17.79
CA VAL F 16 21.22 -31.06 -16.39
C VAL F 16 22.00 -32.12 -15.64
N ASP F 17 22.15 -31.94 -14.34
CA ASP F 17 22.87 -32.93 -13.56
C ASP F 17 22.00 -34.19 -13.52
N VAL F 18 22.64 -35.34 -13.60
CA VAL F 18 21.93 -36.62 -13.59
C VAL F 18 20.96 -36.76 -12.39
N GLU F 19 21.43 -36.29 -11.23
CA GLU F 19 20.66 -36.37 -10.00
C GLU F 19 19.41 -35.50 -10.04
N ILE F 20 19.51 -34.36 -10.72
CA ILE F 20 18.40 -33.41 -10.85
C ILE F 20 17.40 -33.89 -11.88
N ALA F 21 17.91 -34.49 -12.95
CA ALA F 21 17.06 -35.01 -14.01
C ALA F 21 16.35 -36.24 -13.51
N LYS F 22 16.98 -36.94 -12.56
CA LYS F 22 16.44 -38.15 -11.97
C LYS F 22 15.19 -37.82 -11.15
N GLN F 23 15.05 -36.54 -10.80
CA GLN F 23 13.90 -36.06 -10.05
C GLN F 23 12.62 -36.30 -10.85
N SER F 24 12.78 -36.58 -12.14
CA SER F 24 11.65 -36.87 -13.02
C SER F 24 11.55 -38.38 -13.23
N VAL F 25 10.52 -38.99 -12.67
CA VAL F 25 10.36 -40.43 -12.81
C VAL F 25 10.42 -40.83 -14.28
N THR F 26 9.82 -39.99 -15.12
CA THR F 26 9.81 -40.22 -16.56
C THR F 26 11.24 -40.23 -17.11
N ILE F 27 11.96 -39.12 -16.92
CA ILE F 27 13.33 -39.01 -17.37
C ILE F 27 14.25 -40.02 -16.68
N LYS F 28 13.84 -40.49 -15.52
CA LYS F 28 14.62 -41.46 -14.76
C LYS F 28 14.56 -42.83 -15.42
N THR F 29 13.34 -43.32 -15.64
CA THR F 29 13.12 -44.61 -16.25
C THR F 29 13.84 -44.75 -17.59
N MET F 30 13.84 -43.69 -18.39
CA MET F 30 14.51 -43.69 -19.69
C MET F 30 16.03 -43.82 -19.54
N LEU F 31 16.62 -42.98 -18.69
CA LEU F 31 18.06 -43.02 -18.46
C LEU F 31 18.51 -44.37 -17.97
N GLU F 32 17.55 -45.25 -17.75
CA GLU F 32 17.83 -46.61 -17.27
C GLU F 32 17.41 -47.63 -18.32
N ASP F 33 16.10 -47.84 -18.44
CA ASP F 33 15.54 -48.80 -19.37
C ASP F 33 15.83 -48.47 -20.84
N LEU F 34 16.75 -47.53 -21.09
CA LEU F 34 17.09 -47.14 -22.45
C LEU F 34 18.54 -46.69 -22.61
N GLY F 35 19.11 -46.14 -21.54
CA GLY F 35 20.49 -45.67 -21.60
C GLY F 35 20.75 -44.80 -22.83
N MET F 36 20.04 -43.69 -22.92
CA MET F 36 20.15 -42.76 -24.04
C MET F 36 20.88 -41.48 -23.64
N ASP F 37 21.50 -40.80 -24.60
CA ASP F 37 22.18 -39.55 -24.30
C ASP F 37 21.19 -38.41 -24.49
N PRO F 38 20.91 -38.01 -25.75
CA PRO F 38 19.95 -36.92 -25.92
C PRO F 38 18.54 -37.41 -25.56
N VAL F 39 18.25 -37.49 -24.26
CA VAL F 39 16.95 -37.96 -23.79
C VAL F 39 15.82 -37.22 -24.49
N PRO F 40 15.03 -37.95 -25.31
CA PRO F 40 13.90 -37.43 -26.08
C PRO F 40 12.71 -37.05 -25.21
N LEU F 41 12.41 -35.76 -25.16
CA LEU F 41 11.27 -35.28 -24.38
C LEU F 41 10.32 -34.58 -25.35
N PRO F 42 9.56 -35.36 -26.12
CA PRO F 42 8.61 -34.84 -27.10
C PRO F 42 7.40 -34.09 -26.52
N ASN F 43 7.13 -34.28 -25.23
CA ASN F 43 5.98 -33.62 -24.61
C ASN F 43 6.29 -32.35 -23.84
N VAL F 44 7.51 -31.85 -23.92
CA VAL F 44 7.85 -30.64 -23.19
C VAL F 44 8.68 -29.72 -24.09
N ASN F 45 8.21 -28.50 -24.33
CA ASN F 45 8.97 -27.59 -25.18
C ASN F 45 10.13 -26.96 -24.42
N ALA F 46 10.96 -26.20 -25.12
CA ALA F 46 12.14 -25.56 -24.54
C ALA F 46 11.89 -24.57 -23.40
N ALA F 47 10.75 -23.87 -23.45
CA ALA F 47 10.40 -22.90 -22.41
C ALA F 47 10.08 -23.57 -21.08
N ILE F 48 9.10 -24.46 -21.12
CA ILE F 48 8.68 -25.19 -19.94
C ILE F 48 9.78 -26.07 -19.32
N LEU F 49 10.54 -26.78 -20.15
CA LEU F 49 11.62 -27.66 -19.66
C LEU F 49 12.68 -26.86 -18.92
N LYS F 50 12.94 -25.66 -19.41
CA LYS F 50 13.93 -24.76 -18.81
C LYS F 50 13.43 -24.38 -17.42
N LYS F 51 12.11 -24.31 -17.27
CA LYS F 51 11.46 -24.00 -16.01
C LYS F 51 11.53 -25.21 -15.11
N VAL F 52 11.19 -26.38 -15.64
CA VAL F 52 11.22 -27.63 -14.90
C VAL F 52 12.60 -27.87 -14.29
N ILE F 53 13.63 -27.65 -15.09
CA ILE F 53 15.02 -27.84 -14.67
C ILE F 53 15.37 -26.82 -13.58
N GLN F 54 14.85 -25.61 -13.73
CA GLN F 54 15.09 -24.55 -12.76
C GLN F 54 14.50 -24.95 -11.42
N TRP F 55 13.20 -25.22 -11.44
CA TRP F 55 12.49 -25.61 -10.25
C TRP F 55 13.19 -26.79 -9.57
N CYS F 56 13.55 -27.80 -10.35
CA CYS F 56 14.22 -28.98 -9.78
C CYS F 56 15.62 -28.70 -9.28
N THR F 57 16.25 -27.66 -9.81
CA THR F 57 17.58 -27.28 -9.40
C THR F 57 17.44 -26.65 -8.03
N HIS F 58 16.55 -25.66 -7.97
CA HIS F 58 16.26 -24.97 -6.73
C HIS F 58 16.03 -26.01 -5.63
N HIS F 59 15.22 -27.03 -5.93
CA HIS F 59 14.91 -28.05 -4.95
C HIS F 59 15.69 -29.35 -5.09
N LYS F 60 16.94 -29.25 -5.51
CA LYS F 60 17.76 -30.44 -5.71
C LYS F 60 17.90 -31.27 -4.44
N ASP F 61 17.85 -30.60 -3.29
CA ASP F 61 17.96 -31.29 -1.99
C ASP F 61 16.55 -31.54 -1.47
N ASP F 62 15.60 -30.74 -1.96
CA ASP F 62 14.19 -30.83 -1.57
C ASP F 62 13.54 -32.10 -2.13
N ILE F 71 3.22 -22.14 0.50
CA ILE F 71 4.07 -22.14 -0.74
C ILE F 71 5.20 -21.13 -0.57
N PRO F 72 6.45 -21.59 -0.78
CA PRO F 72 7.62 -20.74 -0.64
C PRO F 72 7.51 -19.53 -1.57
N VAL F 73 8.12 -18.43 -1.16
CA VAL F 73 8.10 -17.22 -1.94
C VAL F 73 8.78 -17.43 -3.31
N TRP F 74 9.92 -18.13 -3.33
CA TRP F 74 10.63 -18.40 -4.57
C TRP F 74 9.70 -19.19 -5.51
N ASP F 75 9.04 -20.23 -4.99
CA ASP F 75 8.13 -21.00 -5.82
C ASP F 75 6.99 -20.10 -6.29
N GLN F 76 6.53 -19.22 -5.42
CA GLN F 76 5.47 -18.31 -5.79
C GLN F 76 5.94 -17.40 -6.92
N GLU F 77 7.12 -16.80 -6.77
CA GLU F 77 7.61 -15.93 -7.82
C GLU F 77 7.84 -16.81 -9.04
N PHE F 78 8.25 -18.04 -8.81
CA PHE F 78 8.52 -18.96 -9.89
C PHE F 78 7.27 -19.22 -10.73
N LEU F 79 6.14 -19.44 -10.07
CA LEU F 79 4.90 -19.72 -10.79
C LEU F 79 4.10 -18.48 -11.08
N LYS F 80 4.76 -17.32 -11.03
CA LYS F 80 4.12 -16.05 -11.29
C LYS F 80 4.17 -15.88 -12.82
N VAL F 81 3.45 -16.77 -13.50
CA VAL F 81 3.36 -16.78 -14.97
C VAL F 81 1.89 -16.78 -15.42
N ASP F 82 1.69 -16.66 -16.72
CA ASP F 82 0.34 -16.64 -17.29
C ASP F 82 -0.30 -18.02 -17.22
N GLN F 83 -1.62 -18.05 -17.19
CA GLN F 83 -2.37 -19.30 -17.11
C GLN F 83 -1.86 -20.35 -18.08
N GLY F 84 -1.45 -19.91 -19.26
CA GLY F 84 -0.94 -20.83 -20.24
C GLY F 84 0.26 -21.60 -19.73
N THR F 85 1.28 -20.87 -19.31
CA THR F 85 2.50 -21.47 -18.79
C THR F 85 2.22 -22.40 -17.61
N LEU F 86 1.35 -21.96 -16.71
CA LEU F 86 1.01 -22.76 -15.55
C LEU F 86 0.35 -24.06 -15.98
N PHE F 87 -0.52 -23.97 -16.98
CA PHE F 87 -1.22 -25.14 -17.52
C PHE F 87 -0.21 -26.09 -18.16
N GLU F 88 0.77 -25.50 -18.83
CA GLU F 88 1.82 -26.27 -19.49
C GLU F 88 2.66 -26.97 -18.42
N LEU F 89 2.98 -26.24 -17.35
CA LEU F 89 3.78 -26.82 -16.26
C LEU F 89 3.11 -27.97 -15.54
N ILE F 90 1.84 -27.81 -15.18
CA ILE F 90 1.16 -28.89 -14.49
C ILE F 90 1.22 -30.14 -15.35
N LEU F 91 1.14 -29.93 -16.66
CA LEU F 91 1.19 -31.04 -17.63
C LEU F 91 2.60 -31.60 -17.66
N ALA F 92 3.55 -30.71 -17.88
CA ALA F 92 4.95 -31.10 -17.94
C ALA F 92 5.24 -31.90 -16.68
N ALA F 93 4.91 -31.30 -15.54
CA ALA F 93 5.14 -31.94 -14.24
C ALA F 93 4.52 -33.32 -14.18
N ASN F 94 3.29 -33.41 -14.72
CA ASN F 94 2.55 -34.66 -14.74
C ASN F 94 3.21 -35.66 -15.69
N TYR F 95 3.51 -35.17 -16.90
CA TYR F 95 4.15 -35.98 -17.91
C TYR F 95 5.50 -36.51 -17.43
N LEU F 96 6.32 -35.64 -16.85
CA LEU F 96 7.63 -36.03 -16.34
C LEU F 96 7.50 -36.67 -14.97
N ASP F 97 6.28 -36.70 -14.46
CA ASP F 97 5.98 -37.27 -13.14
C ASP F 97 6.99 -36.81 -12.08
N ILE F 98 6.84 -35.54 -11.70
CA ILE F 98 7.66 -34.89 -10.71
C ILE F 98 6.72 -34.46 -9.57
N LYS F 99 6.33 -35.41 -8.72
CA LYS F 99 5.42 -35.14 -7.60
C LYS F 99 5.61 -33.81 -6.91
N GLY F 100 6.87 -33.43 -6.73
CA GLY F 100 7.18 -32.19 -6.07
C GLY F 100 6.64 -30.98 -6.79
N LEU F 101 6.98 -30.85 -8.06
CA LEU F 101 6.53 -29.71 -8.87
C LEU F 101 5.03 -29.79 -9.22
N LEU F 102 4.49 -31.00 -9.23
CA LEU F 102 3.09 -31.20 -9.55
C LEU F 102 2.27 -30.72 -8.35
N ASP F 103 2.87 -30.81 -7.16
CA ASP F 103 2.21 -30.40 -5.92
C ASP F 103 2.01 -28.89 -5.85
N VAL F 104 3.10 -28.13 -6.00
CA VAL F 104 3.04 -26.67 -5.96
C VAL F 104 2.20 -26.05 -7.07
N THR F 105 2.25 -26.64 -8.26
CA THR F 105 1.50 -26.12 -9.38
C THR F 105 0.02 -26.32 -9.16
N CYS F 106 -0.37 -27.46 -8.58
CA CYS F 106 -1.77 -27.75 -8.31
C CYS F 106 -2.32 -26.85 -7.20
N LYS F 107 -1.48 -26.59 -6.18
CA LYS F 107 -1.85 -25.73 -5.06
C LYS F 107 -1.89 -24.28 -5.51
N THR F 108 -1.10 -23.96 -6.53
CA THR F 108 -1.08 -22.60 -7.07
C THR F 108 -2.41 -22.32 -7.76
N VAL F 109 -2.90 -23.34 -8.46
CA VAL F 109 -4.16 -23.25 -9.17
C VAL F 109 -5.26 -23.29 -8.15
N ALA F 110 -5.02 -24.03 -7.07
CA ALA F 110 -5.99 -24.14 -6.00
C ALA F 110 -6.12 -22.77 -5.35
N ASN F 111 -5.00 -22.08 -5.21
CA ASN F 111 -4.99 -20.75 -4.60
C ASN F 111 -5.64 -19.70 -5.50
N MET F 112 -5.75 -20.00 -6.78
CA MET F 112 -6.37 -19.08 -7.71
C MET F 112 -7.89 -19.20 -7.60
N ILE F 113 -8.35 -20.42 -7.36
CA ILE F 113 -9.77 -20.70 -7.22
C ILE F 113 -10.34 -20.10 -5.94
N LYS F 114 -9.59 -20.21 -4.84
CA LYS F 114 -10.02 -19.66 -3.56
C LYS F 114 -10.35 -18.18 -3.73
N GLY F 115 -11.47 -17.74 -3.16
CA GLY F 115 -11.83 -16.33 -3.28
C GLY F 115 -12.77 -16.07 -4.44
N LYS F 116 -12.35 -16.48 -5.64
CA LYS F 116 -13.17 -16.29 -6.84
C LYS F 116 -14.47 -17.08 -6.74
N THR F 117 -15.54 -16.54 -7.32
CA THR F 117 -16.82 -17.23 -7.30
C THR F 117 -16.81 -18.14 -8.52
N PRO F 118 -17.78 -19.05 -8.63
CA PRO F 118 -17.80 -19.93 -9.80
C PRO F 118 -17.71 -19.17 -11.14
N GLU F 119 -18.31 -17.99 -11.20
CA GLU F 119 -18.28 -17.16 -12.40
C GLU F 119 -16.87 -16.64 -12.67
N GLU F 120 -16.28 -16.03 -11.65
CA GLU F 120 -14.93 -15.49 -11.75
C GLU F 120 -13.96 -16.58 -12.14
N ILE F 121 -14.28 -17.82 -11.78
CA ILE F 121 -13.43 -18.96 -12.10
C ILE F 121 -13.58 -19.34 -13.57
N ARG F 122 -14.79 -19.28 -14.09
CA ARG F 122 -15.01 -19.62 -15.48
C ARG F 122 -14.28 -18.59 -16.34
N LYS F 123 -14.33 -17.33 -15.90
CA LYS F 123 -13.66 -16.25 -16.61
C LYS F 123 -12.18 -16.59 -16.77
N THR F 124 -11.48 -16.57 -15.64
CA THR F 124 -10.04 -16.87 -15.58
C THR F 124 -9.62 -18.10 -16.39
N PHE F 125 -9.95 -19.29 -15.92
CA PHE F 125 -9.59 -20.54 -16.58
C PHE F 125 -10.39 -20.79 -17.84
N ASN F 126 -11.25 -19.83 -18.20
CA ASN F 126 -12.09 -19.94 -19.39
C ASN F 126 -12.74 -21.32 -19.44
N ILE F 127 -13.88 -21.46 -18.76
CA ILE F 127 -14.60 -22.72 -18.73
C ILE F 127 -16.04 -22.52 -19.19
N LYS F 128 -16.50 -23.40 -20.08
CA LYS F 128 -17.86 -23.33 -20.59
C LYS F 128 -18.80 -23.74 -19.48
N ASN F 129 -19.90 -23.00 -19.33
CA ASN F 129 -20.88 -23.29 -18.30
C ASN F 129 -21.86 -24.36 -18.78
N ASP F 130 -21.66 -25.61 -18.35
CA ASP F 130 -22.50 -26.73 -18.76
C ASP F 130 -23.88 -26.87 -18.04
N PHE F 131 -24.12 -26.18 -16.93
CA PHE F 131 -25.38 -26.29 -16.14
C PHE F 131 -26.69 -25.65 -16.63
N THR F 132 -27.75 -25.94 -15.88
CA THR F 132 -29.11 -25.41 -16.08
C THR F 132 -29.36 -24.49 -14.89
N GLU F 133 -30.00 -23.34 -15.09
CA GLU F 133 -30.23 -22.44 -13.97
C GLU F 133 -30.88 -23.13 -12.78
N GLU F 134 -31.60 -24.22 -13.06
CA GLU F 134 -32.29 -24.98 -12.04
C GLU F 134 -31.33 -25.96 -11.36
N GLU F 135 -30.33 -26.40 -12.10
CA GLU F 135 -29.34 -27.33 -11.57
C GLU F 135 -28.41 -26.55 -10.64
N GLU F 136 -28.01 -25.36 -11.07
CA GLU F 136 -27.14 -24.53 -10.24
C GLU F 136 -27.93 -24.17 -9.00
N ALA F 137 -29.24 -24.30 -9.08
CA ALA F 137 -30.10 -24.00 -7.96
C ALA F 137 -29.96 -25.12 -6.94
N GLN F 138 -29.90 -26.36 -7.43
CA GLN F 138 -29.78 -27.50 -6.54
C GLN F 138 -28.36 -27.60 -5.98
N VAL F 139 -27.38 -27.51 -6.87
CA VAL F 139 -25.97 -27.58 -6.46
C VAL F 139 -25.77 -26.61 -5.30
N ARG F 140 -26.33 -25.42 -5.44
CA ARG F 140 -26.25 -24.39 -4.42
C ARG F 140 -26.97 -24.81 -3.15
N LYS F 141 -28.13 -25.44 -3.29
CA LYS F 141 -28.91 -25.87 -2.15
C LYS F 141 -28.18 -26.99 -1.42
N GLU F 142 -27.62 -27.92 -2.18
CA GLU F 142 -26.88 -29.05 -1.62
C GLU F 142 -25.59 -28.66 -0.92
N ASN F 143 -25.19 -27.40 -1.06
CA ASN F 143 -23.95 -26.92 -0.44
C ASN F 143 -24.19 -25.76 0.51
N GLN F 144 -25.44 -25.53 0.87
CA GLN F 144 -25.76 -24.44 1.78
C GLN F 144 -25.18 -24.74 3.16
N TRP F 145 -25.43 -25.95 3.66
CA TRP F 145 -24.96 -26.40 4.97
C TRP F 145 -23.54 -26.01 5.31
N CYS F 146 -22.72 -25.80 4.29
CA CYS F 146 -21.33 -25.47 4.51
C CYS F 146 -21.08 -24.01 4.82
N VAL G 7 14.96 -17.14 86.31
CA VAL G 7 13.56 -16.76 86.60
C VAL G 7 12.61 -17.71 85.90
N SER G 8 11.37 -17.79 86.37
CA SER G 8 10.38 -18.66 85.75
C SER G 8 9.33 -17.85 85.02
N TRP G 9 8.81 -18.40 83.93
CA TRP G 9 7.81 -17.71 83.15
C TRP G 9 6.41 -18.15 83.56
N ASP G 10 6.33 -19.19 84.38
CA ASP G 10 5.04 -19.69 84.82
C ASP G 10 4.39 -18.65 85.72
N SER G 11 5.11 -17.55 85.96
CA SER G 11 4.61 -16.45 86.76
C SER G 11 4.07 -15.39 85.81
N LEU G 12 3.94 -15.74 84.55
CA LEU G 12 3.44 -14.85 83.51
C LEU G 12 1.91 -14.92 83.50
N PRO G 13 1.22 -13.77 83.35
CA PRO G 13 -0.24 -13.74 83.34
C PRO G 13 -0.87 -14.73 82.35
N ASP G 14 -2.03 -15.27 82.73
CA ASP G 14 -2.76 -16.21 81.90
C ASP G 14 -3.03 -15.58 80.54
N GLU G 15 -3.29 -14.28 80.54
CA GLU G 15 -3.60 -13.55 79.31
C GLU G 15 -2.42 -13.46 78.37
N LEU G 16 -1.22 -13.42 78.93
CA LEU G 16 -0.01 -13.31 78.13
C LEU G 16 0.45 -14.63 77.53
N LEU G 17 0.35 -15.73 78.27
CA LEU G 17 0.77 -17.01 77.71
C LEU G 17 -0.07 -17.28 76.49
N LEU G 18 -1.36 -16.93 76.56
CA LEU G 18 -2.25 -17.14 75.44
C LEU G 18 -1.70 -16.34 74.27
N GLY G 19 -1.21 -15.14 74.54
CA GLY G 19 -0.66 -14.32 73.47
C GLY G 19 0.49 -15.07 72.80
N ILE G 20 1.44 -15.52 73.60
CA ILE G 20 2.58 -16.28 73.09
C ILE G 20 2.06 -17.52 72.37
N PHE G 21 1.08 -18.22 72.95
CA PHE G 21 0.52 -19.41 72.30
C PHE G 21 -0.18 -19.12 70.98
N SER G 22 -0.79 -17.95 70.87
CA SER G 22 -1.48 -17.61 69.63
C SER G 22 -0.46 -17.48 68.48
N CYS G 23 0.80 -17.23 68.81
CA CYS G 23 1.86 -17.12 67.82
C CYS G 23 2.37 -18.47 67.36
N LEU G 24 1.87 -19.55 67.96
CA LEU G 24 2.33 -20.89 67.62
C LEU G 24 1.40 -21.57 66.61
N CYS G 25 1.99 -22.24 65.64
CA CYS G 25 1.17 -22.95 64.65
C CYS G 25 0.69 -24.24 65.29
N LEU G 26 -0.35 -24.84 64.72
CA LEU G 26 -0.94 -26.05 65.28
C LEU G 26 0.02 -27.05 65.92
N PRO G 27 0.99 -27.58 65.17
CA PRO G 27 1.92 -28.53 65.76
C PRO G 27 2.69 -28.00 66.97
N GLU G 28 3.03 -26.72 66.94
CA GLU G 28 3.75 -26.07 68.04
C GLU G 28 2.87 -25.98 69.28
N LEU G 29 1.60 -25.66 69.07
CA LEU G 29 0.65 -25.54 70.16
C LEU G 29 0.47 -26.88 70.88
N LEU G 30 0.42 -27.97 70.12
CA LEU G 30 0.25 -29.28 70.74
C LEU G 30 1.55 -29.71 71.43
N LYS G 31 2.67 -29.11 71.04
CA LYS G 31 3.94 -29.44 71.66
C LYS G 31 3.92 -28.83 73.07
N VAL G 32 3.74 -27.52 73.14
CA VAL G 32 3.70 -26.79 74.41
C VAL G 32 2.67 -27.31 75.41
N SER G 33 1.57 -27.88 74.93
CA SER G 33 0.52 -28.35 75.81
C SER G 33 1.06 -29.43 76.72
N GLY G 34 2.25 -29.91 76.39
CA GLY G 34 2.87 -30.97 77.17
C GLY G 34 4.03 -30.51 78.02
N VAL G 35 4.17 -29.19 78.21
CA VAL G 35 5.23 -28.61 79.02
C VAL G 35 4.87 -28.74 80.49
N CYS G 36 3.78 -28.10 80.89
CA CYS G 36 3.35 -28.19 82.27
C CYS G 36 1.84 -28.26 82.28
N LYS G 37 1.25 -28.67 83.41
CA LYS G 37 -0.20 -28.77 83.47
C LYS G 37 -0.91 -27.48 83.15
N ARG G 38 -0.27 -26.35 83.47
CA ARG G 38 -0.87 -25.04 83.19
C ARG G 38 -0.92 -24.82 81.69
N TRP G 39 0.23 -24.97 81.04
CA TRP G 39 0.30 -24.79 79.60
C TRP G 39 -0.69 -25.72 78.88
N TYR G 40 -0.90 -26.91 79.42
CA TYR G 40 -1.83 -27.85 78.81
C TYR G 40 -3.24 -27.29 78.82
N ARG G 41 -3.63 -26.66 79.93
CA ARG G 41 -4.96 -26.08 80.04
C ARG G 41 -5.10 -24.98 79.01
N LEU G 42 -4.20 -24.00 79.08
CA LEU G 42 -4.20 -22.85 78.18
C LEU G 42 -4.03 -23.23 76.71
N ALA G 43 -3.21 -24.24 76.42
CA ALA G 43 -3.00 -24.69 75.05
C ALA G 43 -4.29 -25.13 74.35
N SER G 44 -5.36 -25.31 75.12
CA SER G 44 -6.64 -25.73 74.58
C SER G 44 -7.70 -24.65 74.79
N ASP G 45 -7.25 -23.47 75.24
CA ASP G 45 -8.15 -22.35 75.46
C ASP G 45 -8.97 -22.10 74.19
N GLU G 46 -10.25 -21.73 74.35
CA GLU G 46 -11.13 -21.49 73.20
C GLU G 46 -10.67 -20.41 72.23
N SER G 47 -9.99 -19.39 72.73
CA SER G 47 -9.51 -18.32 71.88
C SER G 47 -8.54 -18.85 70.81
N LEU G 48 -7.77 -19.87 71.17
CA LEU G 48 -6.80 -20.47 70.26
C LEU G 48 -7.40 -21.42 69.22
N TRP G 49 -8.60 -21.93 69.48
CA TRP G 49 -9.21 -22.89 68.57
C TRP G 49 -10.45 -22.50 67.77
N GLN G 50 -10.62 -21.21 67.50
CA GLN G 50 -11.80 -20.79 66.77
C GLN G 50 -11.87 -21.35 65.35
N THR G 51 -10.74 -21.33 64.67
CA THR G 51 -10.69 -21.80 63.28
C THR G 51 -9.67 -22.91 63.07
N LEU G 52 -10.14 -24.10 62.73
CA LEU G 52 -9.24 -25.23 62.49
C LEU G 52 -9.28 -25.81 61.05
N ASP G 53 -8.10 -25.97 60.46
CA ASP G 53 -7.99 -26.55 59.10
C ASP G 53 -7.24 -27.91 59.04
N LEU G 54 -7.99 -29.01 59.07
CA LEU G 54 -7.39 -30.32 59.00
C LEU G 54 -7.97 -30.92 57.74
N THR G 55 -7.37 -30.63 56.61
CA THR G 55 -7.89 -31.16 55.36
C THR G 55 -7.06 -32.33 54.85
N GLY G 56 -7.76 -33.34 54.33
CA GLY G 56 -7.08 -34.49 53.79
C GLY G 56 -6.41 -35.29 54.88
N LYS G 57 -6.71 -34.96 56.13
CA LYS G 57 -6.09 -35.67 57.26
C LYS G 57 -6.88 -36.92 57.60
N ASN G 58 -6.19 -38.05 57.76
CA ASN G 58 -6.87 -39.27 58.16
C ASN G 58 -7.07 -38.95 59.62
N LEU G 59 -8.23 -39.27 60.17
CA LEU G 59 -8.49 -38.86 61.55
C LEU G 59 -9.41 -39.79 62.31
N HIS G 60 -9.22 -39.88 63.62
CA HIS G 60 -10.09 -40.73 64.43
C HIS G 60 -11.21 -39.82 64.94
N PRO G 61 -12.47 -40.28 64.91
CA PRO G 61 -13.60 -39.48 65.40
C PRO G 61 -13.42 -38.89 66.80
N ASP G 62 -12.62 -39.54 67.65
CA ASP G 62 -12.41 -38.99 69.00
C ASP G 62 -11.55 -37.75 68.94
N VAL G 63 -10.62 -37.70 68.00
CA VAL G 63 -9.78 -36.51 67.84
C VAL G 63 -10.64 -35.36 67.30
N THR G 64 -11.50 -35.65 66.33
CA THR G 64 -12.35 -34.61 65.77
C THR G 64 -13.32 -34.09 66.83
N GLY G 65 -13.82 -35.00 67.66
CA GLY G 65 -14.74 -34.58 68.72
C GLY G 65 -14.03 -33.79 69.82
N ARG G 66 -12.89 -34.28 70.26
CA ARG G 66 -12.14 -33.63 71.31
C ARG G 66 -11.65 -32.28 70.82
N LEU G 67 -11.49 -32.14 69.53
CA LEU G 67 -11.03 -30.87 68.98
C LEU G 67 -12.20 -29.93 68.80
N LEU G 68 -13.37 -30.47 68.45
CA LEU G 68 -14.56 -29.64 68.26
C LEU G 68 -15.13 -29.22 69.61
N SER G 69 -14.77 -29.98 70.65
CA SER G 69 -15.26 -29.72 71.99
C SER G 69 -14.55 -28.55 72.63
N GLN G 70 -13.46 -28.11 72.00
CA GLN G 70 -12.71 -26.99 72.54
C GLN G 70 -13.24 -25.66 71.99
N GLY G 71 -14.50 -25.65 71.59
CA GLY G 71 -15.04 -24.42 71.06
C GLY G 71 -14.28 -24.01 69.81
N VAL G 72 -14.59 -24.72 68.72
CA VAL G 72 -14.03 -24.48 67.39
C VAL G 72 -15.24 -23.98 66.59
N ILE G 73 -15.10 -22.80 66.00
CA ILE G 73 -16.20 -22.16 65.26
C ILE G 73 -16.21 -22.48 63.79
N ALA G 74 -15.03 -22.44 63.17
CA ALA G 74 -14.88 -22.73 61.76
C ALA G 74 -14.00 -23.96 61.61
N PHE G 75 -14.58 -25.08 61.22
CA PHE G 75 -13.84 -26.33 61.06
C PHE G 75 -13.72 -26.78 59.60
N ARG G 76 -12.57 -26.52 59.00
CA ARG G 76 -12.31 -26.88 57.60
C ARG G 76 -11.69 -28.27 57.54
N CYS G 77 -12.38 -29.23 56.92
CA CYS G 77 -11.88 -30.57 56.89
C CYS G 77 -12.33 -31.41 55.68
N PRO G 78 -12.23 -30.86 54.45
CA PRO G 78 -12.64 -31.63 53.25
C PRO G 78 -11.63 -32.69 52.82
N ARG G 79 -12.11 -33.72 52.13
CA ARG G 79 -11.20 -34.79 51.67
C ARG G 79 -10.47 -35.43 52.83
N SER G 80 -11.15 -35.58 53.95
CA SER G 80 -10.57 -36.17 55.14
C SER G 80 -10.99 -37.62 55.29
N PHE G 81 -10.40 -38.31 56.27
CA PHE G 81 -10.78 -39.70 56.50
C PHE G 81 -11.09 -39.95 57.98
N MET G 82 -12.34 -40.30 58.25
CA MET G 82 -12.79 -40.61 59.60
C MET G 82 -13.62 -41.87 59.40
N ASP G 83 -13.04 -43.02 59.70
CA ASP G 83 -13.74 -44.28 59.48
C ASP G 83 -13.72 -45.25 60.65
N GLN G 84 -13.89 -44.73 61.86
CA GLN G 84 -13.91 -45.61 63.01
C GLN G 84 -15.01 -45.29 64.03
N PRO G 85 -15.25 -46.22 64.97
CA PRO G 85 -16.27 -46.07 66.00
C PRO G 85 -16.20 -44.82 66.87
N LEU G 86 -17.26 -44.63 67.66
CA LEU G 86 -17.45 -43.50 68.58
C LEU G 86 -17.89 -42.23 67.85
N ALA G 87 -19.30 -43.11 67.51
CA ALA G 87 -20.14 -42.07 66.93
C ALA G 87 -20.17 -40.95 67.98
N GLU G 88 -19.36 -39.92 67.75
CA GLU G 88 -19.23 -38.77 68.65
C GLU G 88 -20.45 -38.39 69.51
N HIS G 89 -20.15 -37.78 70.65
CA HIS G 89 -21.17 -37.38 71.62
C HIS G 89 -20.48 -36.55 72.71
N PHE G 90 -19.64 -36.87 72.03
CA PHE G 90 -19.03 -35.94 73.03
C PHE G 90 -20.11 -34.87 73.35
N SER G 91 -19.82 -33.95 74.25
CA SER G 91 -20.77 -32.81 74.53
C SER G 91 -21.08 -31.91 73.26
N PRO G 92 -22.23 -31.13 73.26
CA PRO G 92 -22.65 -30.24 72.14
C PRO G 92 -21.50 -29.39 71.63
N PHE G 93 -21.39 -29.26 70.30
CA PHE G 93 -20.31 -28.49 69.69
C PHE G 93 -20.75 -27.08 69.32
N ARG G 94 -19.79 -26.15 69.32
CA ARG G 94 -20.04 -24.76 68.98
C ARG G 94 -19.92 -24.54 67.47
N VAL G 95 -19.31 -25.52 66.80
CA VAL G 95 -19.09 -25.45 65.36
C VAL G 95 -20.24 -24.79 64.59
N GLN G 96 -19.87 -23.76 63.85
CA GLN G 96 -20.83 -23.01 63.06
C GLN G 96 -20.60 -23.21 61.58
N HIS G 97 -19.34 -23.24 61.18
CA HIS G 97 -18.98 -23.44 59.77
C HIS G 97 -18.13 -24.68 59.62
N MET G 98 -18.67 -25.69 58.95
CA MET G 98 -17.96 -26.95 58.79
C MET G 98 -17.99 -27.54 57.38
N ASP G 99 -16.81 -27.91 56.88
CA ASP G 99 -16.69 -28.49 55.55
C ASP G 99 -16.09 -29.88 55.54
N LEU G 100 -16.94 -30.88 55.33
CA LEU G 100 -16.49 -32.26 55.32
C LEU G 100 -16.63 -32.81 53.91
N SER G 101 -16.70 -31.91 52.93
CA SER G 101 -16.90 -32.34 51.54
C SER G 101 -15.89 -33.35 51.00
N ASN G 102 -16.41 -34.25 50.17
CA ASN G 102 -15.62 -35.29 49.52
C ASN G 102 -14.68 -36.05 50.44
N SER G 103 -15.14 -36.28 51.67
CA SER G 103 -14.34 -37.02 52.62
C SER G 103 -14.90 -38.43 52.67
N VAL G 104 -14.21 -39.33 53.35
CA VAL G 104 -14.70 -40.68 53.51
C VAL G 104 -14.92 -40.79 55.01
N ILE G 105 -16.19 -40.79 55.39
CA ILE G 105 -16.56 -40.85 56.80
C ILE G 105 -17.60 -41.91 57.06
N GLU G 106 -17.25 -42.89 57.91
CA GLU G 106 -18.19 -43.93 58.28
C GLU G 106 -19.51 -43.21 58.56
N VAL G 107 -20.59 -43.75 58.05
CA VAL G 107 -21.89 -43.11 58.23
C VAL G 107 -22.27 -42.93 59.71
N SER G 108 -21.87 -43.88 60.56
CA SER G 108 -22.19 -43.78 61.99
C SER G 108 -21.32 -42.71 62.65
N THR G 109 -20.12 -42.51 62.13
CA THR G 109 -19.23 -41.50 62.64
C THR G 109 -19.75 -40.15 62.22
N LEU G 110 -20.27 -40.10 60.98
CA LEU G 110 -20.80 -38.86 60.44
C LEU G 110 -21.98 -38.44 61.31
N HIS G 111 -22.84 -39.40 61.62
CA HIS G 111 -24.01 -39.15 62.46
C HIS G 111 -23.62 -38.69 63.86
N GLY G 112 -22.73 -39.46 64.48
CA GLY G 112 -22.26 -39.13 65.82
C GLY G 112 -21.78 -37.70 65.95
N ILE G 113 -20.99 -37.24 64.98
CA ILE G 113 -20.50 -35.86 65.05
C ILE G 113 -21.62 -34.84 64.84
N LEU G 114 -22.43 -35.04 63.80
CA LEU G 114 -23.49 -34.09 63.51
C LEU G 114 -24.61 -34.10 64.56
N SER G 115 -24.62 -35.12 65.39
CA SER G 115 -25.63 -35.23 66.43
C SER G 115 -25.25 -34.42 67.66
N GLN G 116 -24.18 -33.65 67.54
CA GLN G 116 -23.70 -32.79 68.62
C GLN G 116 -23.67 -31.39 68.06
N CYS G 117 -24.31 -31.22 66.92
CA CYS G 117 -24.32 -29.93 66.25
C CYS G 117 -25.71 -29.41 66.12
N SER G 118 -25.85 -28.13 66.46
CA SER G 118 -27.12 -27.45 66.38
C SER G 118 -26.85 -26.03 65.92
N LYS G 119 -25.66 -25.55 66.26
CA LYS G 119 -25.25 -24.19 65.95
C LYS G 119 -24.66 -23.97 64.56
N LEU G 120 -24.79 -24.95 63.68
CA LEU G 120 -24.28 -24.82 62.32
C LEU G 120 -24.96 -23.74 61.45
N GLN G 121 -24.16 -22.89 60.83
CA GLN G 121 -24.67 -21.84 59.96
C GLN G 121 -24.35 -22.25 58.52
N ASN G 122 -23.16 -22.78 58.31
CA ASN G 122 -22.72 -23.21 56.97
C ASN G 122 -22.11 -24.60 57.03
N LEU G 123 -22.72 -25.54 56.33
CA LEU G 123 -22.28 -26.91 56.34
C LEU G 123 -22.19 -27.53 54.96
N SER G 124 -21.14 -28.29 54.72
CA SER G 124 -20.97 -28.97 53.44
C SER G 124 -20.67 -30.44 53.62
N LEU G 125 -21.59 -31.29 53.21
CA LEU G 125 -21.42 -32.73 53.30
C LEU G 125 -21.37 -33.30 51.90
N GLU G 126 -20.99 -32.46 50.94
CA GLU G 126 -20.91 -32.85 49.53
C GLU G 126 -20.15 -34.16 49.30
N GLY G 127 -20.80 -35.10 48.64
CA GLY G 127 -20.17 -36.36 48.32
C GLY G 127 -20.07 -37.35 49.45
N LEU G 128 -21.03 -37.30 50.37
CA LEU G 128 -21.06 -38.19 51.52
C LEU G 128 -22.33 -38.99 51.64
N ARG G 129 -22.17 -40.31 51.73
CA ARG G 129 -23.33 -41.20 51.89
C ARG G 129 -23.83 -40.77 53.26
N LEU G 130 -25.15 -40.66 53.39
CA LEU G 130 -25.72 -40.24 54.67
C LEU G 130 -26.78 -41.25 55.05
N SER G 131 -27.76 -40.80 55.81
CA SER G 131 -28.83 -41.68 56.27
C SER G 131 -29.87 -40.83 56.97
N ASP G 132 -31.08 -41.38 57.09
CA ASP G 132 -32.15 -40.66 57.77
C ASP G 132 -31.71 -40.17 59.15
N PRO G 133 -31.08 -41.06 59.92
CA PRO G 133 -30.65 -40.58 61.23
C PRO G 133 -29.78 -39.34 61.05
N ILE G 134 -28.90 -39.36 60.04
CA ILE G 134 -28.02 -38.21 59.81
C ILE G 134 -28.80 -36.96 59.39
N VAL G 135 -29.55 -37.10 58.32
CA VAL G 135 -30.32 -35.98 57.80
C VAL G 135 -31.23 -35.39 58.88
N ASN G 136 -31.87 -36.25 59.67
CA ASN G 136 -32.74 -35.76 60.75
C ASN G 136 -31.98 -34.95 61.83
N THR G 137 -30.79 -35.41 62.22
CA THR G 137 -30.02 -34.68 63.21
C THR G 137 -29.66 -33.32 62.68
N LEU G 138 -29.53 -33.21 61.35
CA LEU G 138 -29.20 -31.90 60.76
C LEU G 138 -30.28 -30.88 61.03
N ALA G 139 -31.54 -31.35 61.10
CA ALA G 139 -32.69 -30.49 61.35
C ALA G 139 -32.45 -29.60 62.56
N LYS G 140 -31.71 -30.09 63.54
CA LYS G 140 -31.43 -29.27 64.73
C LYS G 140 -30.82 -27.94 64.34
N ASN G 141 -30.03 -27.91 63.28
CA ASN G 141 -29.38 -26.67 62.92
C ASN G 141 -30.28 -25.75 62.12
N SER G 142 -31.45 -25.46 62.70
CA SER G 142 -32.41 -24.59 62.06
C SER G 142 -31.78 -23.24 61.69
N ASN G 143 -30.62 -22.91 62.22
CA ASN G 143 -29.99 -21.63 61.87
C ASN G 143 -29.12 -21.74 60.63
N LEU G 144 -29.25 -22.86 59.92
CA LEU G 144 -28.50 -23.05 58.71
C LEU G 144 -28.76 -22.00 57.63
N VAL G 145 -27.69 -21.34 57.22
CA VAL G 145 -27.74 -20.32 56.20
C VAL G 145 -27.29 -20.90 54.84
N ARG G 146 -26.30 -21.79 54.89
CA ARG G 146 -25.78 -22.45 53.69
C ARG G 146 -25.61 -23.95 53.96
N LEU G 147 -26.23 -24.75 53.11
CA LEU G 147 -26.18 -26.19 53.23
C LEU G 147 -25.88 -26.84 51.89
N ASN G 148 -24.82 -27.62 51.83
CA ASN G 148 -24.42 -28.31 50.61
C ASN G 148 -24.49 -29.82 50.79
N LEU G 149 -25.49 -30.47 50.20
CA LEU G 149 -25.60 -31.93 50.30
C LEU G 149 -25.42 -32.53 48.91
N SER G 150 -24.72 -31.79 48.05
CA SER G 150 -24.50 -32.19 46.67
C SER G 150 -23.80 -33.52 46.56
N GLY G 151 -24.35 -34.41 45.76
CA GLY G 151 -23.73 -35.70 45.62
C GLY G 151 -24.06 -36.66 46.74
N CYS G 152 -24.71 -36.15 47.79
CA CYS G 152 -25.06 -37.00 48.90
C CYS G 152 -26.12 -38.01 48.52
N SER G 153 -26.31 -39.03 49.34
CA SER G 153 -27.31 -40.07 49.12
C SER G 153 -27.66 -40.73 50.46
N GLY G 154 -28.44 -41.81 50.39
CA GLY G 154 -28.78 -42.53 51.60
C GLY G 154 -29.91 -42.05 52.50
N PHE G 155 -30.66 -41.05 52.05
CA PHE G 155 -31.77 -40.55 52.86
C PHE G 155 -33.08 -40.42 52.07
N SER G 156 -34.19 -40.72 52.74
CA SER G 156 -35.50 -40.67 52.10
C SER G 156 -35.93 -39.25 51.79
N GLU G 157 -37.10 -39.14 51.17
CA GLU G 157 -37.65 -37.83 50.85
C GLU G 157 -38.36 -37.30 52.10
N PHE G 158 -38.46 -38.17 53.11
CA PHE G 158 -39.08 -37.80 54.36
C PHE G 158 -38.04 -37.12 55.23
N ALA G 159 -36.87 -37.73 55.38
CA ALA G 159 -35.82 -37.11 56.20
C ALA G 159 -35.48 -35.75 55.59
N LEU G 160 -35.45 -35.72 54.26
CA LEU G 160 -35.15 -34.49 53.53
C LEU G 160 -36.21 -33.42 53.85
N GLN G 161 -37.45 -33.89 53.98
CA GLN G 161 -38.57 -33.00 54.26
C GLN G 161 -38.46 -32.31 55.61
N THR G 162 -38.14 -33.08 56.64
CA THR G 162 -38.00 -32.49 57.96
C THR G 162 -36.82 -31.54 57.98
N LEU G 163 -35.70 -31.93 57.35
CA LEU G 163 -34.52 -31.07 57.30
C LEU G 163 -34.87 -29.72 56.68
N LEU G 164 -35.47 -29.77 55.47
CA LEU G 164 -35.84 -28.56 54.74
C LEU G 164 -36.84 -27.73 55.50
N SER G 165 -37.86 -28.41 56.03
CA SER G 165 -38.91 -27.77 56.83
C SER G 165 -38.31 -27.09 58.04
N SER G 166 -37.30 -27.74 58.62
CA SER G 166 -36.62 -27.25 59.79
C SER G 166 -35.62 -26.11 59.59
N CYS G 167 -35.06 -25.98 58.37
CA CYS G 167 -34.09 -24.92 58.10
C CYS G 167 -34.75 -23.76 57.36
N SER G 168 -35.61 -23.08 58.09
CA SER G 168 -36.40 -21.97 57.60
C SER G 168 -35.71 -20.63 57.29
N ARG G 169 -34.40 -20.54 57.49
CA ARG G 169 -33.70 -19.31 57.17
C ARG G 169 -32.58 -19.62 56.18
N LEU G 170 -32.67 -20.79 55.56
CA LEU G 170 -31.68 -21.22 54.60
C LEU G 170 -31.57 -20.22 53.44
N ASP G 171 -30.33 -19.86 53.09
CA ASP G 171 -30.10 -18.89 52.00
C ASP G 171 -29.56 -19.54 50.73
N GLU G 172 -28.54 -20.39 50.92
CA GLU G 172 -27.90 -21.11 49.83
C GLU G 172 -28.13 -22.60 50.02
N LEU G 173 -28.64 -23.27 48.99
CA LEU G 173 -28.87 -24.70 49.11
C LEU G 173 -28.42 -25.40 47.85
N ASN G 174 -27.42 -26.24 47.99
CA ASN G 174 -26.95 -27.02 46.86
C ASN G 174 -27.32 -28.47 47.16
N LEU G 175 -28.44 -28.87 46.61
CA LEU G 175 -28.95 -30.21 46.78
C LEU G 175 -28.90 -30.86 45.38
N SER G 176 -27.76 -30.72 44.71
CA SER G 176 -27.67 -31.31 43.38
C SER G 176 -27.00 -32.66 43.31
N TRP G 177 -27.29 -33.37 42.24
CA TRP G 177 -26.74 -34.69 41.95
C TRP G 177 -26.84 -35.73 43.02
N CYS G 178 -27.95 -35.74 43.75
CA CYS G 178 -28.12 -36.75 44.75
C CYS G 178 -28.60 -37.92 43.93
N PHE G 179 -27.63 -38.61 43.35
CA PHE G 179 -27.89 -39.77 42.48
C PHE G 179 -28.83 -40.75 43.14
N ASP G 180 -28.89 -40.66 44.46
CA ASP G 180 -29.70 -41.52 45.29
C ASP G 180 -31.18 -41.33 45.12
N PHE G 181 -31.62 -40.19 44.61
CA PHE G 181 -33.06 -40.05 44.59
C PHE G 181 -34.01 -39.83 43.44
N THR G 182 -35.27 -40.14 43.76
CA THR G 182 -36.41 -40.11 42.86
C THR G 182 -37.14 -38.79 42.73
N GLU G 183 -38.29 -38.86 42.06
CA GLU G 183 -39.18 -37.71 41.83
C GLU G 183 -39.54 -37.12 43.20
N LYS G 184 -40.07 -37.99 44.07
CA LYS G 184 -40.50 -37.61 45.39
C LYS G 184 -39.50 -36.75 46.12
N HIS G 185 -38.21 -37.02 45.96
CA HIS G 185 -37.22 -36.20 46.63
C HIS G 185 -37.19 -34.81 46.03
N VAL G 186 -37.34 -34.75 44.71
CA VAL G 186 -37.31 -33.48 44.00
C VAL G 186 -38.54 -32.70 44.41
N GLN G 187 -39.66 -33.43 44.48
CA GLN G 187 -40.93 -32.82 44.87
C GLN G 187 -40.85 -32.30 46.30
N VAL G 188 -40.33 -33.12 47.21
CA VAL G 188 -40.16 -32.70 48.60
C VAL G 188 -39.32 -31.42 48.56
N ALA G 189 -38.19 -31.49 47.86
CA ALA G 189 -37.27 -30.39 47.72
C ALA G 189 -37.95 -29.07 47.41
N VAL G 190 -38.60 -28.99 46.25
CA VAL G 190 -39.27 -27.75 45.86
C VAL G 190 -40.45 -27.37 46.74
N ALA G 191 -41.06 -28.36 47.41
CA ALA G 191 -42.21 -28.14 48.30
C ALA G 191 -41.84 -27.63 49.71
N HIS G 192 -40.63 -27.92 50.18
CA HIS G 192 -40.22 -27.49 51.52
C HIS G 192 -38.93 -26.67 51.65
N VAL G 193 -38.38 -26.16 50.56
CA VAL G 193 -37.19 -25.35 50.75
C VAL G 193 -37.69 -24.03 51.31
N SER G 194 -36.97 -23.46 52.26
CA SER G 194 -37.43 -22.22 52.84
C SER G 194 -37.61 -21.11 51.82
N GLU G 195 -38.65 -20.30 52.02
CA GLU G 195 -38.92 -19.20 51.12
C GLU G 195 -37.79 -18.22 51.17
N THR G 196 -36.98 -18.35 52.22
CA THR G 196 -35.84 -17.46 52.43
C THR G 196 -34.68 -17.76 51.47
N ILE G 197 -34.73 -18.94 50.86
CA ILE G 197 -33.70 -19.40 49.92
C ILE G 197 -33.48 -18.42 48.77
N THR G 198 -32.23 -18.16 48.45
CA THR G 198 -31.94 -17.25 47.36
C THR G 198 -31.01 -17.87 46.33
N GLN G 199 -30.33 -18.95 46.73
CA GLN G 199 -29.41 -19.65 45.84
C GLN G 199 -29.70 -21.12 45.97
N LEU G 200 -30.25 -21.70 44.91
CA LEU G 200 -30.62 -23.11 44.90
C LEU G 200 -29.99 -23.89 43.72
N ASN G 201 -29.39 -25.04 44.02
CA ASN G 201 -28.78 -25.87 42.98
C ASN G 201 -29.42 -27.25 42.98
N LEU G 202 -30.35 -27.48 42.04
CA LEU G 202 -31.03 -28.77 41.95
C LEU G 202 -30.72 -29.45 40.64
N SER G 203 -29.48 -29.37 40.18
CA SER G 203 -29.15 -30.01 38.91
C SER G 203 -28.91 -31.50 39.04
N GLY G 204 -29.04 -32.22 37.93
CA GLY G 204 -28.78 -33.65 37.95
C GLY G 204 -29.94 -34.62 38.09
N TYR G 205 -31.15 -34.12 38.09
CA TYR G 205 -32.29 -35.01 38.22
C TYR G 205 -32.99 -34.94 36.89
N ARG G 206 -32.57 -35.80 35.96
CA ARG G 206 -33.15 -35.80 34.63
C ARG G 206 -34.67 -35.91 34.56
N LYS G 207 -35.18 -37.12 34.32
CA LYS G 207 -36.61 -37.36 34.22
C LYS G 207 -37.38 -37.14 35.52
N ASN G 208 -36.69 -36.90 36.63
CA ASN G 208 -37.37 -36.72 37.91
C ASN G 208 -37.70 -35.29 38.27
N LEU G 209 -37.30 -34.35 37.42
CA LEU G 209 -37.61 -32.95 37.69
C LEU G 209 -38.59 -32.41 36.65
N GLN G 210 -39.88 -32.41 37.00
CA GLN G 210 -40.92 -31.93 36.10
C GLN G 210 -41.05 -30.41 36.13
N LYS G 211 -41.80 -29.90 35.16
CA LYS G 211 -42.06 -28.47 35.04
C LYS G 211 -42.90 -28.01 36.25
N SER G 212 -43.83 -28.87 36.66
CA SER G 212 -44.68 -28.57 37.80
C SER G 212 -43.83 -28.40 39.03
N ASP G 213 -42.71 -29.12 39.08
CA ASP G 213 -41.80 -28.98 40.20
C ASP G 213 -41.13 -27.62 40.10
N LEU G 214 -41.04 -27.10 38.89
CA LEU G 214 -40.42 -25.79 38.69
C LEU G 214 -41.42 -24.74 39.07
N SER G 215 -42.70 -25.07 38.93
CA SER G 215 -43.79 -24.16 39.28
C SER G 215 -43.86 -23.96 40.79
N THR G 216 -43.95 -25.10 41.48
CA THR G 216 -43.99 -25.15 42.95
C THR G 216 -42.86 -24.33 43.57
N LEU G 217 -41.65 -24.56 43.06
CA LEU G 217 -40.47 -23.88 43.55
C LEU G 217 -40.65 -22.37 43.36
N VAL G 218 -40.96 -21.96 42.13
CA VAL G 218 -41.13 -20.54 41.82
C VAL G 218 -42.26 -19.89 42.62
N ARG G 219 -43.31 -20.66 42.90
CA ARG G 219 -44.46 -20.18 43.66
C ARG G 219 -44.05 -19.89 45.10
N ARG G 220 -43.45 -20.88 45.75
CA ARG G 220 -43.02 -20.77 47.15
C ARG G 220 -41.73 -19.98 47.40
N CYS G 221 -40.89 -19.82 46.38
CA CYS G 221 -39.62 -19.14 46.60
C CYS G 221 -39.38 -17.98 45.65
N PRO G 222 -39.98 -16.82 45.92
CA PRO G 222 -39.80 -15.64 45.06
C PRO G 222 -38.46 -14.95 45.19
N ASN G 223 -37.65 -15.34 46.16
CA ASN G 223 -36.37 -14.66 46.36
C ASN G 223 -35.12 -15.24 45.67
N LEU G 224 -35.32 -16.21 44.77
CA LEU G 224 -34.19 -16.84 44.09
C LEU G 224 -33.36 -15.89 43.24
N VAL G 225 -32.06 -15.85 43.51
CA VAL G 225 -31.12 -15.00 42.79
C VAL G 225 -30.22 -15.92 41.95
N HIS G 226 -29.99 -17.14 42.47
CA HIS G 226 -29.19 -18.17 41.78
C HIS G 226 -30.04 -19.41 41.64
N LEU G 227 -30.25 -19.87 40.41
CA LEU G 227 -31.03 -21.07 40.20
C LEU G 227 -30.34 -21.96 39.19
N ASP G 228 -29.90 -23.12 39.67
CA ASP G 228 -29.21 -24.03 38.80
C ASP G 228 -30.08 -25.25 38.52
N LEU G 229 -30.46 -25.44 37.27
CA LEU G 229 -31.28 -26.57 36.89
C LEU G 229 -30.65 -27.41 35.81
N SER G 230 -29.33 -27.26 35.64
CA SER G 230 -28.62 -28.05 34.65
C SER G 230 -29.06 -29.51 34.67
N ASP G 231 -29.09 -30.12 33.49
CA ASP G 231 -29.44 -31.53 33.37
C ASP G 231 -30.90 -31.83 33.67
N SER G 232 -31.74 -30.80 33.61
CA SER G 232 -33.17 -31.01 33.83
C SER G 232 -33.77 -31.37 32.47
N VAL G 233 -33.51 -32.59 32.06
CA VAL G 233 -33.95 -33.15 30.79
C VAL G 233 -35.40 -32.88 30.37
N MET G 234 -36.31 -32.74 31.35
CA MET G 234 -37.75 -32.51 31.07
C MET G 234 -38.11 -31.09 30.67
N LEU G 235 -37.37 -30.13 31.19
CA LEU G 235 -37.63 -28.72 30.92
C LEU G 235 -37.52 -28.24 29.47
N LYS G 236 -38.62 -27.68 28.99
CA LYS G 236 -38.68 -27.13 27.64
C LYS G 236 -38.72 -25.62 27.82
N ASN G 237 -38.79 -24.87 26.73
CA ASN G 237 -38.80 -23.41 26.84
C ASN G 237 -40.09 -22.90 27.47
N ASP G 238 -41.08 -23.78 27.63
CA ASP G 238 -42.35 -23.39 28.27
C ASP G 238 -42.20 -23.28 29.79
N CYS G 239 -40.95 -23.32 30.25
CA CYS G 239 -40.63 -23.21 31.68
C CYS G 239 -40.24 -21.77 31.91
N PHE G 240 -39.75 -21.14 30.86
CA PHE G 240 -39.32 -19.76 30.92
C PHE G 240 -40.37 -18.87 31.53
N GLN G 241 -41.63 -19.25 31.36
CA GLN G 241 -42.71 -18.45 31.91
C GLN G 241 -42.71 -18.50 33.43
N GLU G 242 -41.95 -19.43 33.99
CA GLU G 242 -41.87 -19.56 35.44
C GLU G 242 -40.71 -18.70 35.92
N PHE G 243 -39.60 -18.74 35.20
CA PHE G 243 -38.42 -17.96 35.55
C PHE G 243 -38.74 -16.49 35.52
N PHE G 244 -39.68 -16.13 34.66
CA PHE G 244 -40.10 -14.73 34.52
C PHE G 244 -40.78 -14.27 35.80
N GLN G 245 -41.37 -15.21 36.54
CA GLN G 245 -42.06 -14.90 37.78
C GLN G 245 -41.10 -14.68 38.94
N LEU G 246 -39.80 -14.79 38.65
CA LEU G 246 -38.78 -14.55 39.66
C LEU G 246 -38.24 -13.18 39.32
N ASN G 247 -38.43 -12.21 40.20
CA ASN G 247 -38.00 -10.85 39.93
C ASN G 247 -36.65 -10.46 40.48
N TYR G 248 -35.90 -11.46 40.94
CA TYR G 248 -34.58 -11.22 41.48
C TYR G 248 -33.57 -12.22 40.91
N LEU G 249 -34.05 -13.09 40.03
CA LEU G 249 -33.17 -14.08 39.41
C LEU G 249 -32.14 -13.40 38.54
N GLN G 250 -30.87 -13.55 38.85
CA GLN G 250 -29.86 -12.93 38.02
C GLN G 250 -28.81 -13.93 37.55
N HIS G 251 -28.95 -15.18 37.98
CA HIS G 251 -28.02 -16.23 37.60
C HIS G 251 -28.83 -17.49 37.42
N LEU G 252 -28.85 -18.00 36.20
CA LEU G 252 -29.60 -19.20 35.87
C LEU G 252 -28.72 -20.20 35.09
N SER G 253 -28.96 -21.48 35.31
CA SER G 253 -28.23 -22.51 34.63
C SER G 253 -29.19 -23.56 34.09
N LEU G 254 -28.99 -23.92 32.83
CA LEU G 254 -29.83 -24.88 32.16
C LEU G 254 -28.99 -25.83 31.32
N SER G 255 -27.68 -25.82 31.58
CA SER G 255 -26.75 -26.67 30.85
C SER G 255 -27.27 -28.08 30.75
N ARG G 256 -27.14 -28.65 29.57
CA ARG G 256 -27.56 -30.02 29.32
C ARG G 256 -29.06 -30.31 29.44
N CYS G 257 -29.87 -29.26 29.34
CA CYS G 257 -31.33 -29.41 29.34
C CYS G 257 -31.60 -29.56 27.85
N TYR G 258 -31.43 -30.79 27.37
CA TYR G 258 -31.59 -31.14 25.96
C TYR G 258 -32.93 -30.83 25.28
N ASP G 259 -33.99 -30.65 26.05
CA ASP G 259 -35.29 -30.34 25.46
C ASP G 259 -35.54 -28.84 25.28
N ILE G 260 -34.56 -28.03 25.63
CA ILE G 260 -34.69 -26.60 25.48
C ILE G 260 -34.05 -26.20 24.15
N ILE G 261 -34.88 -26.01 23.12
CA ILE G 261 -34.40 -25.63 21.80
C ILE G 261 -33.54 -24.37 21.92
N PRO G 262 -32.31 -24.42 21.37
CA PRO G 262 -31.35 -23.32 21.40
C PRO G 262 -31.88 -21.94 21.09
N GLU G 263 -32.79 -21.86 20.14
CA GLU G 263 -33.34 -20.58 19.74
C GLU G 263 -34.19 -19.94 20.83
N THR G 264 -35.07 -20.74 21.43
CA THR G 264 -35.98 -20.25 22.46
C THR G 264 -35.20 -19.50 23.55
N LEU G 265 -33.91 -19.81 23.71
CA LEU G 265 -33.07 -19.17 24.73
C LEU G 265 -33.05 -17.66 24.62
N LEU G 266 -33.52 -17.14 23.48
CA LEU G 266 -33.55 -15.70 23.28
C LEU G 266 -34.61 -15.10 24.21
N GLU G 267 -35.65 -15.87 24.48
CA GLU G 267 -36.74 -15.45 25.37
C GLU G 267 -36.23 -15.10 26.77
N LEU G 268 -35.18 -15.78 27.23
CA LEU G 268 -34.69 -15.49 28.56
C LEU G 268 -34.26 -14.03 28.70
N GLY G 269 -34.42 -13.25 27.63
CA GLY G 269 -34.07 -11.85 27.69
C GLY G 269 -35.19 -11.08 28.37
N GLU G 270 -36.28 -11.79 28.64
CA GLU G 270 -37.44 -11.20 29.30
C GLU G 270 -37.11 -10.92 30.77
N ILE G 271 -36.30 -11.79 31.36
CA ILE G 271 -35.90 -11.66 32.75
C ILE G 271 -34.97 -10.45 32.85
N PRO G 272 -35.49 -9.32 33.35
CA PRO G 272 -34.74 -8.06 33.50
C PRO G 272 -33.50 -8.14 34.38
N THR G 273 -33.67 -8.79 35.54
CA THR G 273 -32.62 -8.93 36.53
C THR G 273 -31.48 -9.88 36.17
N LEU G 274 -31.72 -10.80 35.24
CA LEU G 274 -30.72 -11.79 34.79
C LEU G 274 -29.38 -11.18 34.37
N LYS G 275 -28.30 -11.65 35.00
CA LYS G 275 -26.97 -11.15 34.73
C LYS G 275 -26.11 -12.19 34.00
N THR G 276 -26.36 -13.47 34.26
CA THR G 276 -25.58 -14.54 33.63
C THR G 276 -26.47 -15.73 33.29
N LEU G 277 -26.08 -16.46 32.25
CA LEU G 277 -26.81 -17.64 31.79
C LEU G 277 -25.80 -18.70 31.43
N GLN G 278 -26.04 -19.91 31.92
CA GLN G 278 -25.17 -21.05 31.64
C GLN G 278 -26.01 -22.10 30.93
N VAL G 279 -25.70 -22.30 29.64
CA VAL G 279 -26.38 -23.26 28.80
C VAL G 279 -25.35 -24.04 27.99
N PHE G 280 -24.55 -24.85 28.67
CA PHE G 280 -23.54 -25.64 27.98
C PHE G 280 -24.13 -26.91 27.41
N GLY G 281 -23.52 -27.42 26.36
CA GLY G 281 -24.00 -28.66 25.79
C GLY G 281 -25.24 -28.67 24.94
N ILE G 282 -25.93 -27.54 24.82
CA ILE G 282 -27.15 -27.49 24.03
C ILE G 282 -27.20 -26.32 23.06
N VAL G 283 -26.18 -25.49 23.09
CA VAL G 283 -26.13 -24.33 22.21
C VAL G 283 -24.95 -24.41 21.26
N PRO G 284 -25.23 -24.47 19.95
CA PRO G 284 -24.18 -24.55 18.92
C PRO G 284 -23.27 -23.34 19.08
N ASP G 285 -21.97 -23.48 18.84
CA ASP G 285 -21.10 -22.32 19.00
C ASP G 285 -21.63 -21.10 18.24
N GLY G 286 -22.29 -21.37 17.13
CA GLY G 286 -22.79 -20.31 16.29
C GLY G 286 -23.95 -19.57 16.89
N THR G 287 -25.04 -20.30 17.13
CA THR G 287 -26.20 -19.67 17.71
C THR G 287 -25.85 -19.10 19.08
N LEU G 288 -24.78 -19.59 19.70
CA LEU G 288 -24.36 -19.09 21.00
C LEU G 288 -23.79 -17.68 20.94
N GLN G 289 -22.99 -17.38 19.91
CA GLN G 289 -22.43 -16.05 19.78
C GLN G 289 -23.51 -15.07 19.34
N LEU G 290 -24.52 -15.55 18.61
CA LEU G 290 -25.60 -14.67 18.18
C LEU G 290 -26.44 -14.38 19.41
N LEU G 291 -26.56 -15.37 20.28
CA LEU G 291 -27.32 -15.24 21.51
C LEU G 291 -26.66 -14.19 22.39
N LYS G 292 -25.33 -14.14 22.34
CA LYS G 292 -24.58 -13.16 23.12
C LYS G 292 -24.72 -11.79 22.50
N GLU G 293 -24.94 -11.77 21.19
CA GLU G 293 -25.13 -10.53 20.44
C GLU G 293 -26.43 -9.93 20.94
N ALA G 294 -27.49 -10.73 20.85
CA ALA G 294 -28.81 -10.31 21.27
C ALA G 294 -28.89 -9.85 22.73
N LEU G 295 -28.32 -10.64 23.63
CA LEU G 295 -28.36 -10.33 25.05
C LEU G 295 -27.00 -9.88 25.57
N PRO G 296 -26.56 -8.68 25.20
CA PRO G 296 -25.27 -8.15 25.63
C PRO G 296 -25.19 -7.93 27.13
N HIS G 297 -26.35 -7.84 27.78
CA HIS G 297 -26.38 -7.61 29.22
C HIS G 297 -25.99 -8.89 29.97
N LEU G 298 -26.21 -10.05 29.34
CA LEU G 298 -25.88 -11.32 29.97
C LEU G 298 -24.45 -11.77 29.84
N GLN G 299 -24.17 -12.87 30.53
CA GLN G 299 -22.86 -13.51 30.57
C GLN G 299 -23.23 -14.96 30.29
N ILE G 300 -23.13 -15.37 29.02
CA ILE G 300 -23.50 -16.74 28.68
C ILE G 300 -22.32 -17.71 28.66
N ASN G 301 -22.58 -18.93 29.14
CA ASN G 301 -21.56 -19.98 29.23
C ASN G 301 -20.21 -19.41 29.66
N CYS G 302 -20.26 -18.56 30.67
CA CYS G 302 -19.05 -17.93 31.20
C CYS G 302 -18.39 -18.73 32.34
N SER G 303 -19.18 -19.56 33.01
CA SER G 303 -18.65 -20.33 34.13
C SER G 303 -19.07 -21.78 34.09
N HIS G 304 -18.13 -22.64 34.48
CA HIS G 304 -18.39 -24.08 34.47
C HIS G 304 -18.73 -24.71 35.83
N PHE G 305 -18.30 -24.09 36.92
CA PHE G 305 -18.60 -24.69 38.19
C PHE G 305 -19.56 -23.88 39.05
N THR G 306 -20.40 -24.60 39.80
CA THR G 306 -21.36 -23.96 40.70
C THR G 306 -20.60 -23.40 41.88
N THR G 307 -21.08 -22.29 42.41
CA THR G 307 -20.47 -21.67 43.58
C THR G 307 -21.45 -21.86 44.75
N ILE G 308 -22.69 -22.24 44.39
CA ILE G 308 -23.75 -22.43 45.35
C ILE G 308 -23.37 -23.34 46.53
N ALA G 309 -23.34 -22.75 47.70
CA ALA G 309 -23.00 -23.48 48.92
C ALA G 309 -21.62 -24.18 48.87
N ARG G 310 -20.63 -23.52 48.29
CA ARG G 310 -19.29 -24.06 48.22
C ARG G 310 -18.36 -23.50 49.29
N PRO G 311 -17.92 -24.35 50.21
CA PRO G 311 -17.02 -23.92 51.27
C PRO G 311 -15.91 -23.07 50.70
N THR G 312 -15.30 -23.56 49.63
CA THR G 312 -14.21 -22.82 49.02
C THR G 312 -14.33 -22.80 47.50
N ILE G 313 -13.88 -21.71 46.92
CA ILE G 313 -13.93 -21.57 45.48
C ILE G 313 -12.52 -21.22 45.00
N GLY G 314 -11.84 -22.18 44.37
CA GLY G 314 -10.51 -21.86 43.86
C GLY G 314 -9.39 -22.83 44.16
N ASN G 315 -8.18 -22.44 43.77
CA ASN G 315 -6.99 -23.25 44.00
C ASN G 315 -5.97 -22.37 44.71
N LYS G 316 -5.20 -22.94 45.62
CA LYS G 316 -4.19 -22.14 46.33
C LYS G 316 -4.94 -21.20 47.25
N LYS G 317 -6.27 -21.31 47.24
CA LYS G 317 -7.12 -20.43 48.06
C LYS G 317 -7.95 -21.25 49.01
N ASN G 318 -7.37 -22.39 49.36
CA ASN G 318 -7.96 -23.31 50.28
C ASN G 318 -8.11 -22.53 51.56
N GLN G 319 -8.61 -23.23 52.58
CA GLN G 319 -8.71 -22.65 53.89
C GLN G 319 -9.29 -21.24 53.94
N GLU G 320 -10.30 -21.01 53.12
CA GLU G 320 -10.99 -19.74 53.13
C GLU G 320 -12.43 -20.21 53.24
N ILE G 321 -12.57 -21.34 53.94
CA ILE G 321 -13.88 -21.93 54.19
C ILE G 321 -14.86 -20.77 54.44
N TRP G 322 -15.67 -20.51 53.43
CA TRP G 322 -16.61 -19.42 53.48
C TRP G 322 -15.95 -18.15 54.01
N GLY G 323 -14.77 -17.85 53.47
CA GLY G 323 -14.04 -16.65 53.84
C GLY G 323 -13.13 -16.73 55.04
N ILE G 324 -13.31 -17.74 55.89
CA ILE G 324 -12.47 -17.88 57.08
C ILE G 324 -11.08 -18.49 56.80
N LYS G 325 -10.04 -17.73 57.10
CA LYS G 325 -8.68 -18.24 56.92
C LYS G 325 -8.32 -19.00 58.18
N CYS G 326 -8.62 -20.30 58.23
CA CYS G 326 -8.32 -21.09 59.42
C CYS G 326 -6.93 -20.77 60.00
N ARG G 327 -6.86 -20.38 61.28
CA ARG G 327 -5.57 -20.05 61.90
C ARG G 327 -4.75 -21.28 62.27
N LEU G 328 -5.42 -22.41 62.50
CA LEU G 328 -4.70 -23.64 62.81
C LEU G 328 -4.84 -24.57 61.62
N THR G 329 -3.72 -24.97 61.03
CA THR G 329 -3.76 -25.89 59.88
C THR G 329 -2.61 -26.87 59.98
N LEU G 330 -2.47 -27.73 58.96
CA LEU G 330 -1.37 -28.69 58.92
C LEU G 330 -0.61 -28.58 57.60
N GLN G 331 -0.98 -27.59 56.80
CA GLN G 331 -0.32 -27.37 55.51
C GLN G 331 1.19 -27.38 55.63
N PRO H 2 7.11 18.91 72.69
CA PRO H 2 7.95 18.05 71.84
C PRO H 2 8.74 17.10 72.72
N SER H 3 9.10 17.52 73.92
CA SER H 3 9.85 16.68 74.85
C SER H 3 9.08 16.38 76.14
N ILE H 4 9.30 15.20 76.70
CA ILE H 4 8.63 14.73 77.92
C ILE H 4 9.61 13.87 78.72
N LYS H 5 9.78 14.16 80.00
CA LYS H 5 10.68 13.35 80.80
C LYS H 5 9.98 12.12 81.41
N LEU H 6 10.65 10.99 81.38
CA LEU H 6 10.11 9.77 81.93
C LEU H 6 11.00 9.48 83.11
N GLN H 7 10.46 8.78 84.11
CA GLN H 7 11.24 8.46 85.31
C GLN H 7 11.09 6.99 85.61
N SER H 8 12.21 6.29 85.53
CA SER H 8 12.30 4.86 85.80
C SER H 8 11.98 4.58 87.27
N SER H 9 11.48 3.37 87.53
CA SER H 9 11.14 2.97 88.89
C SER H 9 12.37 2.96 89.77
N ASP H 10 13.51 3.45 89.29
CA ASP H 10 14.68 3.44 90.14
C ASP H 10 15.56 4.64 89.97
N GLY H 11 14.98 5.77 89.62
CA GLY H 11 15.80 6.96 89.52
C GLY H 11 15.92 7.67 88.19
N GLU H 12 16.32 6.94 87.15
CA GLU H 12 16.55 7.56 85.86
C GLU H 12 15.46 8.32 85.14
N ILE H 13 15.88 9.48 84.63
CA ILE H 13 15.04 10.37 83.87
C ILE H 13 15.52 10.43 82.41
N PHE H 14 14.67 9.94 81.50
CA PHE H 14 14.98 9.97 80.09
C PHE H 14 14.06 10.95 79.43
N GLU H 15 14.60 11.80 78.56
CA GLU H 15 13.74 12.73 77.82
C GLU H 15 13.45 12.12 76.46
N VAL H 16 12.21 11.71 76.27
CA VAL H 16 11.83 11.11 75.01
C VAL H 16 10.90 12.08 74.30
N ASP H 17 10.75 11.92 73.00
CA ASP H 17 9.87 12.79 72.25
C ASP H 17 8.46 12.40 72.62
N VAL H 18 7.63 13.40 72.88
CA VAL H 18 6.25 13.19 73.27
C VAL H 18 5.53 12.26 72.35
N GLU H 19 5.88 12.30 71.07
CA GLU H 19 5.23 11.45 70.09
C GLU H 19 5.65 9.99 70.25
N ILE H 20 6.90 9.78 70.63
CA ILE H 20 7.41 8.43 70.84
C ILE H 20 6.91 7.81 72.14
N ALA H 21 6.86 8.62 73.20
CA ALA H 21 6.35 8.18 74.50
C ALA H 21 4.88 7.82 74.39
N LYS H 22 4.15 8.66 73.63
CA LYS H 22 2.73 8.50 73.40
C LYS H 22 2.44 7.13 72.81
N GLN H 23 3.48 6.50 72.26
CA GLN H 23 3.34 5.16 71.71
C GLN H 23 2.88 4.24 72.82
N SER H 24 3.10 4.67 74.05
CA SER H 24 2.66 3.90 75.21
C SER H 24 1.29 4.41 75.66
N VAL H 25 0.26 3.58 75.54
CA VAL H 25 -1.07 3.99 75.99
C VAL H 25 -0.99 4.46 77.48
N THR H 26 -0.35 3.65 78.31
CA THR H 26 -0.15 3.97 79.72
C THR H 26 0.50 5.35 79.84
N ILE H 27 1.67 5.55 79.27
CA ILE H 27 2.30 6.85 79.36
C ILE H 27 1.46 7.95 78.69
N LYS H 28 0.64 7.53 77.74
CA LYS H 28 -0.17 8.50 77.04
C LYS H 28 -1.22 8.99 78.01
N THR H 29 -2.04 8.07 78.52
CA THR H 29 -3.13 8.44 79.43
C THR H 29 -2.65 9.38 80.52
N MET H 30 -1.48 9.11 81.08
CA MET H 30 -0.97 9.99 82.11
C MET H 30 -0.66 11.39 81.60
N LEU H 31 0.04 11.48 80.48
CA LEU H 31 0.41 12.78 79.94
C LEU H 31 -0.79 13.65 79.59
N GLU H 32 -1.97 13.08 79.76
CA GLU H 32 -3.25 13.76 79.51
C GLU H 32 -3.97 13.89 80.85
N ASP H 33 -4.62 12.79 81.24
CA ASP H 33 -5.38 12.69 82.49
C ASP H 33 -4.61 13.06 83.76
N LEU H 34 -3.43 13.66 83.61
CA LEU H 34 -2.63 14.07 84.77
C LEU H 34 -1.74 15.28 84.50
N GLY H 35 -1.32 15.45 83.24
CA GLY H 35 -0.45 16.57 82.90
C GLY H 35 0.75 16.69 83.83
N MET H 36 1.53 15.61 83.92
CA MET H 36 2.71 15.55 84.78
C MET H 36 4.00 15.71 83.97
N ASP H 37 5.04 16.23 84.62
CA ASP H 37 6.31 16.37 83.94
C ASP H 37 7.09 15.08 84.16
N PRO H 38 7.75 14.95 85.31
CA PRO H 38 8.47 13.68 85.44
C PRO H 38 7.49 12.52 85.52
N VAL H 39 7.02 12.04 84.36
CA VAL H 39 6.06 10.93 84.34
C VAL H 39 6.59 9.77 85.18
N PRO H 40 5.88 9.42 86.27
CA PRO H 40 6.24 8.34 87.18
C PRO H 40 5.98 6.96 86.60
N LEU H 41 7.05 6.19 86.41
CA LEU H 41 6.93 4.83 85.89
C LEU H 41 7.50 3.82 86.91
N PRO H 42 6.79 3.63 88.03
CA PRO H 42 7.20 2.71 89.10
C PRO H 42 7.34 1.23 88.70
N ASN H 43 6.74 0.85 87.58
CA ASN H 43 6.82 -0.54 87.11
C ASN H 43 7.85 -0.85 86.01
N VAL H 44 8.77 0.07 85.73
CA VAL H 44 9.77 -0.16 84.72
C VAL H 44 11.10 0.38 85.16
N ASN H 45 12.13 -0.44 85.28
CA ASN H 45 13.39 0.12 85.72
C ASN H 45 14.07 0.84 84.57
N ALA H 46 15.23 1.45 84.85
CA ALA H 46 16.04 2.19 83.90
C ALA H 46 16.61 1.31 82.77
N ALA H 47 16.90 0.06 83.05
CA ALA H 47 17.47 -0.76 82.03
C ALA H 47 16.44 -1.01 80.94
N ILE H 48 15.30 -1.54 81.35
CA ILE H 48 14.22 -1.84 80.42
C ILE H 48 13.57 -0.63 79.73
N LEU H 49 13.40 0.49 80.44
CA LEU H 49 12.78 1.68 79.86
C LEU H 49 13.64 2.21 78.71
N LYS H 50 14.96 2.18 78.92
CA LYS H 50 15.92 2.63 77.92
C LYS H 50 15.68 1.79 76.68
N LYS H 51 15.38 0.52 76.91
CA LYS H 51 15.12 -0.39 75.81
C LYS H 51 13.79 -0.07 75.14
N VAL H 52 12.74 0.14 75.94
CA VAL H 52 11.43 0.46 75.39
C VAL H 52 11.50 1.70 74.51
N ILE H 53 12.19 2.71 75.03
CA ILE H 53 12.40 3.97 74.33
C ILE H 53 13.19 3.75 73.06
N GLN H 54 14.18 2.86 73.13
CA GLN H 54 14.98 2.57 71.95
C GLN H 54 14.10 1.92 70.88
N TRP H 55 13.45 0.83 71.24
CA TRP H 55 12.58 0.11 70.32
C TRP H 55 11.56 1.02 69.65
N CYS H 56 10.94 1.89 70.43
CA CYS H 56 9.89 2.85 70.00
C CYS H 56 10.46 3.91 69.07
N THR H 57 11.62 4.45 69.42
CA THR H 57 12.24 5.43 68.59
C THR H 57 12.43 4.78 67.21
N HIS H 58 13.11 3.64 67.16
CA HIS H 58 13.34 2.93 65.91
C HIS H 58 12.04 2.78 65.13
N HIS H 59 10.94 2.50 65.82
CA HIS H 59 9.68 2.33 65.15
C HIS H 59 8.80 3.57 65.26
N LYS H 60 9.41 4.74 65.41
CA LYS H 60 8.64 5.96 65.57
C LYS H 60 7.58 6.18 64.50
N ASP H 61 7.80 5.64 63.31
CA ASP H 61 6.84 5.78 62.20
C ASP H 61 6.04 4.50 62.13
N ASP H 62 6.62 3.44 62.65
CA ASP H 62 6.01 2.12 62.63
C ASP H 62 4.79 2.02 63.51
N ILE H 71 10.13 -11.19 61.83
CA ILE H 71 10.66 -10.16 62.76
C ILE H 71 11.89 -9.47 62.15
N PRO H 72 11.82 -8.16 62.02
CA PRO H 72 12.93 -7.40 61.44
C PRO H 72 14.25 -7.80 62.08
N VAL H 73 15.36 -7.69 61.35
CA VAL H 73 16.69 -8.03 61.83
C VAL H 73 17.13 -7.11 62.95
N TRP H 74 16.78 -5.83 62.86
CA TRP H 74 17.14 -4.91 63.93
C TRP H 74 16.36 -5.33 65.20
N ASP H 75 15.12 -5.78 65.03
CA ASP H 75 14.32 -6.23 66.16
C ASP H 75 14.92 -7.48 66.79
N GLN H 76 15.31 -8.43 65.96
CA GLN H 76 15.93 -9.64 66.47
C GLN H 76 17.22 -9.34 67.23
N GLU H 77 18.00 -8.38 66.75
CA GLU H 77 19.25 -8.07 67.42
C GLU H 77 18.82 -7.38 68.70
N PHE H 78 17.81 -6.52 68.59
CA PHE H 78 17.32 -5.81 69.75
C PHE H 78 16.90 -6.81 70.83
N LEU H 79 16.18 -7.85 70.45
CA LEU H 79 15.75 -8.81 71.44
C LEU H 79 16.76 -9.90 71.71
N LYS H 80 18.00 -9.63 71.39
CA LYS H 80 19.03 -10.64 71.57
C LYS H 80 19.51 -10.31 72.97
N VAL H 81 18.68 -10.67 73.94
CA VAL H 81 18.95 -10.46 75.37
C VAL H 81 18.62 -11.74 76.13
N ASP H 82 19.07 -11.80 77.38
CA ASP H 82 18.83 -12.98 78.23
C ASP H 82 17.37 -13.12 78.54
N GLN H 83 16.93 -14.33 78.83
CA GLN H 83 15.53 -14.55 79.14
C GLN H 83 14.99 -13.54 80.17
N GLY H 84 15.82 -13.17 81.15
CA GLY H 84 15.39 -12.25 82.18
C GLY H 84 14.93 -10.95 81.57
N THR H 85 15.81 -10.31 80.80
CA THR H 85 15.47 -9.06 80.14
C THR H 85 14.21 -9.23 79.29
N LEU H 86 14.16 -10.27 78.46
CA LEU H 86 13.00 -10.50 77.61
C LEU H 86 11.70 -10.58 78.42
N PHE H 87 11.76 -11.25 79.57
CA PHE H 87 10.58 -11.40 80.42
C PHE H 87 10.21 -10.02 80.96
N GLU H 88 11.24 -9.26 81.26
CA GLU H 88 11.05 -7.91 81.75
C GLU H 88 10.42 -7.03 80.66
N LEU H 89 10.85 -7.22 79.41
CA LEU H 89 10.30 -6.43 78.31
C LEU H 89 8.86 -6.77 78.05
N ILE H 90 8.54 -8.05 77.99
CA ILE H 90 7.18 -8.41 77.75
C ILE H 90 6.32 -7.79 78.81
N LEU H 91 6.83 -7.74 80.04
CA LEU H 91 6.13 -7.15 81.18
C LEU H 91 5.99 -5.66 81.02
N ALA H 92 7.13 -5.00 80.79
CA ALA H 92 7.13 -3.56 80.59
C ALA H 92 6.14 -3.24 79.46
N ALA H 93 6.38 -3.85 78.30
CA ALA H 93 5.55 -3.68 77.13
C ALA H 93 4.07 -3.81 77.50
N ASN H 94 3.75 -4.80 78.31
CA ASN H 94 2.36 -5.01 78.70
C ASN H 94 1.86 -3.93 79.67
N TYR H 95 2.73 -3.56 80.62
CA TYR H 95 2.44 -2.54 81.61
C TYR H 95 2.27 -1.16 80.97
N LEU H 96 3.15 -0.82 80.04
CA LEU H 96 3.05 0.46 79.35
C LEU H 96 2.05 0.34 78.16
N ASP H 97 1.53 -0.87 77.97
CA ASP H 97 0.59 -1.16 76.89
C ASP H 97 1.08 -0.65 75.51
N ILE H 98 2.13 -1.27 75.01
CA ILE H 98 2.73 -0.93 73.71
C ILE H 98 2.53 -2.17 72.82
N LYS H 99 1.38 -2.26 72.16
CA LYS H 99 1.01 -3.37 71.31
C LYS H 99 2.12 -3.75 70.35
N GLY H 100 2.78 -2.72 69.82
CA GLY H 100 3.84 -2.99 68.87
C GLY H 100 4.87 -3.90 69.48
N LEU H 101 5.54 -3.38 70.50
CA LEU H 101 6.58 -4.10 71.18
C LEU H 101 6.12 -5.36 71.88
N LEU H 102 4.84 -5.41 72.22
CA LEU H 102 4.32 -6.58 72.92
C LEU H 102 4.33 -7.70 71.90
N ASP H 103 3.96 -7.35 70.67
CA ASP H 103 3.89 -8.30 69.56
C ASP H 103 5.22 -9.01 69.26
N VAL H 104 6.28 -8.24 69.01
CA VAL H 104 7.56 -8.84 68.71
C VAL H 104 8.09 -9.71 69.85
N THR H 105 8.06 -9.18 71.07
CA THR H 105 8.54 -9.91 72.22
C THR H 105 7.81 -11.24 72.33
N CYS H 106 6.49 -11.24 72.15
CA CYS H 106 5.72 -12.49 72.25
C CYS H 106 6.03 -13.43 71.11
N LYS H 107 6.30 -12.90 69.93
CA LYS H 107 6.60 -13.75 68.79
C LYS H 107 8.02 -14.27 68.96
N THR H 108 8.83 -13.49 69.66
CA THR H 108 10.19 -13.86 69.93
C THR H 108 10.25 -15.09 70.83
N VAL H 109 9.39 -15.11 71.83
CA VAL H 109 9.28 -16.21 72.79
C VAL H 109 8.65 -17.37 72.03
N ALA H 110 7.77 -17.06 71.09
CA ALA H 110 7.12 -18.14 70.34
C ALA H 110 8.16 -18.85 69.47
N ASN H 111 9.06 -18.07 68.89
CA ASN H 111 10.13 -18.60 68.05
C ASN H 111 11.06 -19.45 68.87
N MET H 112 11.28 -19.09 70.13
CA MET H 112 12.13 -19.88 71.01
C MET H 112 11.49 -21.24 71.30
N ILE H 113 10.17 -21.25 71.46
CA ILE H 113 9.44 -22.47 71.77
C ILE H 113 9.46 -23.39 70.58
N LYS H 114 9.41 -22.81 69.39
CA LYS H 114 9.43 -23.62 68.19
C LYS H 114 10.72 -24.43 68.16
N GLY H 115 10.59 -25.71 67.84
CA GLY H 115 11.77 -26.56 67.78
C GLY H 115 12.04 -27.34 69.06
N LYS H 116 12.14 -26.63 70.18
CA LYS H 116 12.41 -27.27 71.46
C LYS H 116 11.28 -28.21 71.81
N THR H 117 11.60 -29.27 72.54
CA THR H 117 10.55 -30.20 72.94
C THR H 117 10.01 -29.70 74.27
N PRO H 118 8.91 -30.29 74.77
CA PRO H 118 8.37 -29.83 76.05
C PRO H 118 9.46 -29.74 77.12
N GLU H 119 10.36 -30.72 77.13
CA GLU H 119 11.46 -30.78 78.09
C GLU H 119 12.44 -29.64 77.89
N GLU H 120 12.86 -29.43 76.65
CA GLU H 120 13.80 -28.36 76.34
C GLU H 120 13.18 -27.01 76.71
N ILE H 121 11.85 -26.93 76.63
CA ILE H 121 11.16 -25.69 76.97
C ILE H 121 11.15 -25.44 78.48
N ARG H 122 10.91 -26.50 79.26
CA ARG H 122 10.92 -26.38 80.71
C ARG H 122 12.31 -25.90 81.11
N LYS H 123 13.34 -26.51 80.52
CA LYS H 123 14.73 -26.13 80.81
C LYS H 123 14.89 -24.63 80.67
N THR H 124 14.78 -24.16 79.42
CA THR H 124 14.96 -22.75 79.09
C THR H 124 14.20 -21.78 79.97
N PHE H 125 12.88 -21.80 79.87
CA PHE H 125 12.06 -20.88 80.67
C PHE H 125 11.89 -21.35 82.12
N ASN H 126 12.62 -22.40 82.47
CA ASN H 126 12.57 -22.95 83.81
C ASN H 126 11.12 -23.07 84.22
N ILE H 127 10.50 -24.19 83.91
CA ILE H 127 9.12 -24.39 84.29
C ILE H 127 9.01 -25.69 85.07
N LYS H 128 8.24 -25.67 86.15
CA LYS H 128 8.08 -26.88 86.93
C LYS H 128 7.13 -27.79 86.17
N ASN H 129 7.48 -29.06 86.10
CA ASN H 129 6.66 -30.04 85.44
C ASN H 129 5.54 -30.48 86.40
N ASP H 130 4.35 -29.89 86.26
CA ASP H 130 3.22 -30.24 87.11
C ASP H 130 2.66 -31.64 86.76
N PHE H 131 3.27 -32.33 85.79
CA PHE H 131 2.84 -33.67 85.31
C PHE H 131 3.33 -34.98 85.97
N THR H 132 2.64 -36.06 85.62
CA THR H 132 2.91 -37.44 86.06
C THR H 132 3.40 -38.12 84.78
N GLU H 133 4.29 -39.08 84.87
CA GLU H 133 4.77 -39.75 83.65
C GLU H 133 3.64 -40.43 82.90
N GLU H 134 2.54 -40.70 83.59
CA GLU H 134 1.38 -41.35 82.98
C GLU H 134 0.52 -40.30 82.29
N GLU H 135 0.55 -39.07 82.81
CA GLU H 135 -0.22 -37.94 82.25
C GLU H 135 0.47 -37.49 80.97
N GLU H 136 1.79 -37.38 81.01
CA GLU H 136 2.55 -36.99 79.83
C GLU H 136 2.37 -38.11 78.78
N ALA H 137 1.87 -39.25 79.25
CA ALA H 137 1.64 -40.38 78.38
C ALA H 137 0.32 -40.16 77.65
N GLN H 138 -0.67 -39.63 78.34
CA GLN H 138 -1.95 -39.37 77.70
C GLN H 138 -1.85 -38.12 76.82
N VAL H 139 -1.29 -37.04 77.38
CA VAL H 139 -1.13 -35.81 76.60
C VAL H 139 -0.49 -36.19 75.27
N ARG H 140 0.55 -37.01 75.32
CA ARG H 140 1.26 -37.46 74.12
C ARG H 140 0.37 -38.26 73.17
N LYS H 141 -0.49 -39.11 73.74
CA LYS H 141 -1.40 -39.95 72.97
C LYS H 141 -2.47 -39.06 72.34
N GLU H 142 -2.92 -38.07 73.10
CA GLU H 142 -3.93 -37.13 72.64
C GLU H 142 -3.44 -36.21 71.52
N ASN H 143 -2.14 -36.22 71.24
CA ASN H 143 -1.62 -35.36 70.17
C ASN H 143 -0.83 -36.11 69.11
N GLN H 144 -1.07 -37.43 69.02
CA GLN H 144 -0.37 -38.25 68.02
C GLN H 144 -0.90 -37.90 66.62
N TRP H 145 -2.22 -37.78 66.53
CA TRP H 145 -2.94 -37.48 65.30
C TRP H 145 -2.34 -36.32 64.53
N CYS H 146 -1.62 -35.44 65.23
CA CYS H 146 -1.01 -34.28 64.62
C CYS H 146 0.34 -34.58 63.95
N VAL I 7 -40.19 38.92 -1.39
CA VAL I 7 -39.27 39.97 -0.90
C VAL I 7 -38.47 40.57 -2.06
N SER I 8 -37.94 41.76 -1.85
CA SER I 8 -37.15 42.44 -2.87
C SER I 8 -35.69 42.45 -2.46
N TRP I 9 -34.80 42.38 -3.45
CA TRP I 9 -33.38 42.41 -3.20
C TRP I 9 -32.83 43.81 -3.35
N ASP I 10 -33.62 44.72 -3.90
CA ASP I 10 -33.19 46.09 -4.10
C ASP I 10 -32.93 46.72 -2.73
N SER I 11 -33.25 45.97 -1.68
CA SER I 11 -33.06 46.42 -0.31
C SER I 11 -31.69 45.93 0.16
N LEU I 12 -30.95 45.33 -0.76
CA LEU I 12 -29.62 44.79 -0.47
C LEU I 12 -28.61 45.93 -0.52
N PRO I 13 -27.64 45.94 0.43
CA PRO I 13 -26.62 46.99 0.49
C PRO I 13 -25.90 47.20 -0.84
N ASP I 14 -25.51 48.45 -1.09
CA ASP I 14 -24.79 48.79 -2.31
C ASP I 14 -23.51 47.99 -2.44
N GLU I 15 -22.87 47.70 -1.31
CA GLU I 15 -21.62 46.95 -1.32
C GLU I 15 -21.82 45.49 -1.73
N LEU I 16 -22.99 44.95 -1.42
CA LEU I 16 -23.29 43.57 -1.74
C LEU I 16 -23.71 43.33 -3.18
N LEU I 17 -24.45 44.26 -3.77
CA LEU I 17 -24.84 44.11 -5.18
C LEU I 17 -23.56 44.09 -5.99
N LEU I 18 -22.61 44.96 -5.62
CA LEU I 18 -21.33 45.00 -6.31
C LEU I 18 -20.68 43.63 -6.21
N GLY I 19 -20.82 42.98 -5.05
CA GLY I 19 -20.26 41.66 -4.87
C GLY I 19 -20.88 40.69 -5.86
N ILE I 20 -22.20 40.70 -5.93
CA ILE I 20 -22.93 39.83 -6.86
C ILE I 20 -22.53 40.15 -8.30
N PHE I 21 -22.43 41.45 -8.61
CA PHE I 21 -22.04 41.90 -9.95
C PHE I 21 -20.61 41.50 -10.31
N SER I 22 -19.70 41.54 -9.33
CA SER I 22 -18.33 41.17 -9.59
C SER I 22 -18.24 39.71 -10.03
N CYS I 23 -19.29 38.93 -9.74
CA CYS I 23 -19.32 37.53 -10.12
C CYS I 23 -19.87 37.36 -11.54
N LEU I 24 -20.20 38.48 -12.17
CA LEU I 24 -20.77 38.44 -13.51
C LEU I 24 -19.73 38.77 -14.56
N CYS I 25 -19.74 37.98 -15.65
CA CYS I 25 -18.82 38.19 -16.76
C CYS I 25 -19.35 39.38 -17.57
N LEU I 26 -18.47 40.03 -18.33
CA LEU I 26 -18.83 41.20 -19.12
C LEU I 26 -20.27 41.24 -19.70
N PRO I 27 -20.62 40.27 -20.55
CA PRO I 27 -21.97 40.28 -21.12
C PRO I 27 -23.06 40.24 -20.06
N GLU I 28 -22.83 39.51 -18.96
CA GLU I 28 -23.80 39.43 -17.87
C GLU I 28 -23.97 40.79 -17.18
N LEU I 29 -22.85 41.42 -16.90
CA LEU I 29 -22.83 42.71 -16.24
C LEU I 29 -23.61 43.75 -17.06
N LEU I 30 -23.48 43.73 -18.39
CA LEU I 30 -24.20 44.69 -19.22
C LEU I 30 -25.68 44.32 -19.31
N LYS I 31 -25.99 43.07 -19.01
CA LYS I 31 -27.40 42.62 -19.03
C LYS I 31 -28.08 43.24 -17.81
N VAL I 32 -27.52 42.94 -16.63
CA VAL I 32 -28.05 43.43 -15.37
C VAL I 32 -28.18 44.96 -15.28
N SER I 33 -27.29 45.69 -15.95
CA SER I 33 -27.32 47.16 -15.93
C SER I 33 -28.67 47.70 -16.39
N GLY I 34 -29.46 46.85 -17.06
CA GLY I 34 -30.74 47.27 -17.54
C GLY I 34 -31.91 46.67 -16.80
N VAL I 35 -31.69 46.32 -15.54
CA VAL I 35 -32.77 45.74 -14.74
C VAL I 35 -33.56 46.90 -14.09
N CYS I 36 -32.83 47.76 -13.38
CA CYS I 36 -33.43 48.90 -12.72
C CYS I 36 -32.39 50.01 -12.70
N LYS I 37 -32.82 51.26 -12.54
CA LYS I 37 -31.88 52.37 -12.53
C LYS I 37 -30.74 52.22 -11.53
N ARG I 38 -31.00 51.52 -10.42
CA ARG I 38 -29.96 51.33 -9.40
C ARG I 38 -28.88 50.40 -9.94
N TRP I 39 -29.30 49.23 -10.44
CA TRP I 39 -28.36 48.27 -10.99
C TRP I 39 -27.54 48.91 -12.09
N TYR I 40 -28.17 49.78 -12.88
CA TYR I 40 -27.48 50.47 -13.96
C TYR I 40 -26.34 51.34 -13.41
N ARG I 41 -26.57 52.02 -12.30
CA ARG I 41 -25.52 52.86 -11.73
C ARG I 41 -24.38 51.95 -11.30
N LEU I 42 -24.70 50.99 -10.45
CA LEU I 42 -23.71 50.06 -9.91
C LEU I 42 -22.98 49.21 -10.96
N ALA I 43 -23.70 48.75 -11.98
CA ALA I 43 -23.08 47.92 -13.02
C ALA I 43 -21.92 48.64 -13.71
N SER I 44 -21.81 49.95 -13.46
CA SER I 44 -20.74 50.75 -14.04
C SER I 44 -19.78 51.24 -12.98
N ASP I 45 -19.88 50.69 -11.78
CA ASP I 45 -19.02 51.10 -10.68
C ASP I 45 -17.56 50.88 -11.05
N GLU I 46 -16.69 51.80 -10.64
CA GLU I 46 -15.28 51.69 -10.96
C GLU I 46 -14.63 50.38 -10.53
N SER I 47 -15.05 49.86 -9.39
CA SER I 47 -14.49 48.61 -8.90
C SER I 47 -14.64 47.46 -9.91
N LEU I 48 -15.74 47.48 -10.66
CA LEU I 48 -16.04 46.43 -11.63
C LEU I 48 -15.31 46.57 -12.96
N TRP I 49 -14.78 47.76 -13.24
CA TRP I 49 -14.11 48.00 -14.51
C TRP I 49 -12.61 48.30 -14.49
N GLN I 50 -11.88 47.78 -13.51
CA GLN I 50 -10.45 48.05 -13.46
C GLN I 50 -9.65 47.43 -14.59
N THR I 51 -10.02 46.20 -14.95
CA THR I 51 -9.31 45.49 -16.00
C THR I 51 -10.24 45.02 -17.12
N LEU I 52 -10.12 45.61 -18.29
CA LEU I 52 -10.97 45.25 -19.42
C LEU I 52 -10.22 44.70 -20.65
N ASP I 53 -10.67 43.54 -21.13
CA ASP I 53 -10.05 42.88 -22.27
C ASP I 53 -11.00 42.75 -23.46
N LEU I 54 -10.89 43.68 -24.42
CA LEU I 54 -11.70 43.65 -25.63
C LEU I 54 -10.70 43.61 -26.76
N THR I 55 -10.28 42.41 -27.12
CA THR I 55 -9.28 42.26 -28.17
C THR I 55 -9.83 41.69 -29.46
N GLY I 56 -9.46 42.30 -30.57
CA GLY I 56 -9.94 41.84 -31.87
C GLY I 56 -11.39 42.27 -32.02
N LYS I 57 -11.84 43.18 -31.16
CA LYS I 57 -13.22 43.65 -31.20
C LYS I 57 -13.30 44.90 -32.06
N ASN I 58 -14.23 44.89 -33.02
CA ASN I 58 -14.45 46.04 -33.87
C ASN I 58 -15.10 46.93 -32.83
N LEU I 59 -14.81 48.22 -32.84
CA LEU I 59 -15.38 49.03 -31.80
C LEU I 59 -15.54 50.51 -32.13
N HIS I 60 -16.65 51.13 -31.72
CA HIS I 60 -16.81 52.53 -32.03
C HIS I 60 -16.09 53.29 -30.95
N PRO I 61 -15.39 54.37 -31.29
CA PRO I 61 -14.64 55.17 -30.32
C PRO I 61 -15.45 55.67 -29.11
N ASP I 62 -16.76 55.85 -29.29
CA ASP I 62 -17.60 56.30 -28.19
C ASP I 62 -17.75 55.19 -27.14
N VAL I 63 -17.72 53.93 -27.58
CA VAL I 63 -17.78 52.84 -26.65
C VAL I 63 -16.45 52.74 -25.90
N THR I 64 -15.34 52.90 -26.60
CA THR I 64 -14.06 52.81 -25.91
C THR I 64 -13.91 53.96 -24.93
N GLY I 65 -14.33 55.16 -25.30
CA GLY I 65 -14.22 56.29 -24.39
C GLY I 65 -15.17 56.21 -23.20
N ARG I 66 -16.40 55.76 -23.47
CA ARG I 66 -17.41 55.60 -22.43
C ARG I 66 -16.96 54.52 -21.45
N LEU I 67 -16.26 53.50 -21.95
CA LEU I 67 -15.78 52.41 -21.09
C LEU I 67 -14.49 52.83 -20.39
N LEU I 68 -13.72 53.71 -21.00
CA LEU I 68 -12.48 54.14 -20.38
C LEU I 68 -12.81 55.20 -19.35
N SER I 69 -13.98 55.81 -19.51
CA SER I 69 -14.43 56.86 -18.58
C SER I 69 -14.96 56.25 -17.26
N GLN I 70 -15.15 54.93 -17.23
CA GLN I 70 -15.65 54.28 -16.02
C GLN I 70 -14.52 53.90 -15.07
N GLY I 71 -13.36 54.54 -15.21
CA GLY I 71 -12.26 54.19 -14.34
C GLY I 71 -11.81 52.76 -14.61
N VAL I 72 -11.12 52.59 -15.71
CA VAL I 72 -10.54 51.32 -16.16
C VAL I 72 -9.02 51.53 -16.08
N ILE I 73 -8.34 50.64 -15.34
CA ILE I 73 -6.89 50.74 -15.14
C ILE I 73 -6.05 49.98 -16.14
N ALA I 74 -6.48 48.77 -16.45
CA ALA I 74 -5.80 47.92 -17.42
C ALA I 74 -6.74 47.72 -18.60
N PHE I 75 -6.42 48.30 -19.75
CA PHE I 75 -7.26 48.13 -20.93
C PHE I 75 -6.50 47.36 -22.03
N ARG I 76 -6.82 46.07 -22.16
CA ARG I 76 -6.19 45.20 -23.16
C ARG I 76 -7.07 45.18 -24.42
N CYS I 77 -6.54 45.69 -25.52
CA CYS I 77 -7.33 45.78 -26.74
C CYS I 77 -6.50 45.61 -28.02
N PRO I 78 -5.59 44.63 -28.09
CA PRO I 78 -4.81 44.47 -29.31
C PRO I 78 -5.60 43.87 -30.48
N ARG I 79 -5.18 44.20 -31.69
CA ARG I 79 -5.84 43.67 -32.88
C ARG I 79 -7.30 44.05 -32.91
N SER I 80 -7.57 45.28 -32.47
CA SER I 80 -8.94 45.78 -32.50
C SER I 80 -9.21 46.73 -33.70
N PHE I 81 -10.46 47.08 -33.87
CA PHE I 81 -10.84 47.98 -34.92
C PHE I 81 -11.66 49.14 -34.40
N MET I 82 -11.09 50.32 -34.51
CA MET I 82 -11.74 51.56 -34.14
C MET I 82 -11.46 52.48 -35.32
N ASP I 83 -12.44 52.65 -36.21
CA ASP I 83 -12.25 53.48 -37.40
C ASP I 83 -13.34 54.48 -37.70
N GLN I 84 -13.80 55.21 -36.69
CA GLN I 84 -14.83 56.23 -36.91
C GLN I 84 -14.61 57.51 -36.11
N PRO I 85 -15.42 58.55 -36.37
CA PRO I 85 -15.34 59.86 -35.69
C PRO I 85 -15.50 59.89 -34.18
N LEU I 86 -15.23 61.06 -33.61
CA LEU I 86 -15.30 61.30 -32.17
C LEU I 86 -14.12 60.71 -31.40
N ALA I 87 -13.01 61.81 -31.85
CA ALA I 87 -11.69 61.66 -31.25
C ALA I 87 -11.89 61.86 -29.76
N GLU I 88 -11.95 60.77 -28.98
CA GLU I 88 -12.23 60.83 -27.52
C GLU I 88 -11.84 62.06 -26.65
N HIS I 89 -12.70 62.34 -25.66
CA HIS I 89 -12.54 63.48 -24.76
C HIS I 89 -13.45 63.30 -23.54
N PHE I 90 -13.83 62.49 -24.35
CA PHE I 90 -14.40 62.29 -23.00
C PHE I 90 -13.42 62.81 -21.93
N SER I 91 -13.90 62.86 -20.68
CA SER I 91 -13.06 63.29 -19.53
C SER I 91 -11.75 62.46 -19.41
N PRO I 92 -10.68 63.01 -18.76
CA PRO I 92 -9.42 62.30 -18.58
C PRO I 92 -9.70 60.85 -18.10
N PHE I 93 -8.79 59.93 -18.39
CA PHE I 93 -8.97 58.53 -17.99
C PHE I 93 -7.98 58.10 -16.92
N ARG I 94 -8.32 57.07 -16.16
CA ARG I 94 -7.44 56.55 -15.11
C ARG I 94 -6.47 55.54 -15.69
N VAL I 95 -6.82 55.02 -16.88
CA VAL I 95 -6.02 54.00 -17.55
C VAL I 95 -4.53 54.10 -17.28
N GLN I 96 -3.95 53.01 -16.77
CA GLN I 96 -2.52 52.95 -16.49
C GLN I 96 -1.75 51.98 -17.40
N HIS I 97 -2.40 50.87 -17.74
CA HIS I 97 -1.80 49.84 -18.57
C HIS I 97 -2.68 49.64 -19.79
N MET I 98 -2.17 50.00 -20.96
CA MET I 98 -2.95 49.90 -22.17
C MET I 98 -2.23 49.32 -23.36
N ASP I 99 -2.86 48.32 -23.97
CA ASP I 99 -2.29 47.68 -25.16
C ASP I 99 -3.22 47.74 -26.36
N LEU I 100 -2.86 48.61 -27.31
CA LEU I 100 -3.62 48.79 -28.52
C LEU I 100 -2.85 48.22 -29.71
N SER I 101 -1.79 47.47 -29.44
CA SER I 101 -0.94 46.94 -30.49
C SER I 101 -1.65 46.22 -31.64
N ASN I 102 -1.11 46.45 -32.84
CA ASN I 102 -1.59 45.83 -34.09
C ASN I 102 -3.07 45.99 -34.38
N SER I 103 -3.64 47.07 -33.86
CA SER I 103 -5.04 47.34 -34.07
C SER I 103 -5.15 48.30 -35.25
N VAL I 104 -6.37 48.50 -35.73
CA VAL I 104 -6.55 49.45 -36.79
C VAL I 104 -7.37 50.55 -36.09
N ILE I 105 -6.76 51.70 -35.89
CA ILE I 105 -7.42 52.79 -35.25
C ILE I 105 -7.23 54.10 -35.99
N GLU I 106 -8.32 54.69 -36.47
CA GLU I 106 -8.22 55.97 -37.15
C GLU I 106 -7.32 56.88 -36.30
N VAL I 107 -6.30 57.43 -36.93
CA VAL I 107 -5.37 58.29 -36.27
C VAL I 107 -6.03 59.34 -35.40
N SER I 108 -7.16 59.87 -35.81
CA SER I 108 -7.79 60.92 -35.02
C SER I 108 -8.42 60.28 -33.78
N THR I 109 -8.88 59.04 -33.93
CA THR I 109 -9.50 58.33 -32.82
C THR I 109 -8.40 57.95 -31.83
N LEU I 110 -7.23 57.63 -32.37
CA LEU I 110 -6.14 57.27 -31.50
C LEU I 110 -5.79 58.49 -30.66
N HIS I 111 -5.73 59.66 -31.31
CA HIS I 111 -5.37 60.88 -30.61
C HIS I 111 -6.39 61.28 -29.55
N GLY I 112 -7.65 61.22 -29.91
CA GLY I 112 -8.70 61.58 -28.98
C GLY I 112 -8.60 60.81 -27.68
N ILE I 113 -8.32 59.50 -27.81
CA ILE I 113 -8.19 58.64 -26.63
C ILE I 113 -6.94 58.94 -25.78
N LEU I 114 -5.77 58.92 -26.39
CA LEU I 114 -4.53 59.20 -25.66
C LEU I 114 -4.43 60.64 -25.17
N SER I 115 -5.38 61.50 -25.57
CA SER I 115 -5.35 62.91 -25.15
C SER I 115 -6.15 63.03 -23.89
N GLN I 116 -6.61 61.90 -23.38
CA GLN I 116 -7.36 61.84 -22.15
C GLN I 116 -6.57 60.96 -21.19
N CYS I 117 -5.33 60.71 -21.56
CA CYS I 117 -4.44 59.87 -20.78
C CYS I 117 -3.20 60.61 -20.29
N SER I 118 -2.91 60.46 -18.99
CA SER I 118 -1.74 61.10 -18.39
C SER I 118 -1.17 60.15 -17.37
N LYS I 119 -2.04 59.27 -16.87
CA LYS I 119 -1.66 58.31 -15.85
C LYS I 119 -1.11 56.98 -16.37
N LEU I 120 -0.78 56.94 -17.67
CA LEU I 120 -0.26 55.70 -18.24
C LEU I 120 1.11 55.36 -17.70
N GLN I 121 1.27 54.08 -17.35
CA GLN I 121 2.54 53.53 -16.84
C GLN I 121 3.11 52.54 -17.89
N ASN I 122 2.22 51.84 -18.57
CA ASN I 122 2.60 50.88 -19.60
C ASN I 122 1.65 50.98 -20.78
N LEU I 123 2.23 51.32 -21.91
CA LEU I 123 1.48 51.52 -23.14
C LEU I 123 2.09 50.84 -24.34
N SER I 124 1.25 50.26 -25.17
CA SER I 124 1.71 49.64 -26.41
C SER I 124 0.94 50.14 -27.62
N LEU I 125 1.61 50.87 -28.52
CA LEU I 125 0.96 51.32 -29.76
C LEU I 125 1.66 50.64 -30.96
N GLU I 126 2.19 49.44 -30.73
CA GLU I 126 2.92 48.73 -31.75
C GLU I 126 2.12 48.58 -33.05
N GLY I 127 2.75 48.92 -34.17
CA GLY I 127 2.11 48.82 -35.47
C GLY I 127 0.96 49.78 -35.73
N LEU I 128 1.01 50.98 -35.15
CA LEU I 128 -0.04 51.98 -35.36
C LEU I 128 0.47 53.26 -35.92
N ARG I 129 -0.14 53.70 -37.02
CA ARG I 129 0.24 54.94 -37.68
C ARG I 129 -0.08 55.98 -36.62
N LEU I 130 0.84 56.89 -36.34
CA LEU I 130 0.60 57.90 -35.32
C LEU I 130 0.70 59.27 -35.97
N SER I 131 1.04 60.28 -35.17
CA SER I 131 1.19 61.63 -35.67
C SER I 131 1.76 62.50 -34.57
N ASP I 132 2.33 63.64 -34.93
CA ASP I 132 2.87 64.53 -33.92
C ASP I 132 1.80 64.81 -32.86
N PRO I 133 0.57 65.12 -33.29
CA PRO I 133 -0.44 65.39 -32.27
C PRO I 133 -0.58 64.20 -31.32
N ILE I 134 -0.46 62.99 -31.83
CA ILE I 134 -0.54 61.82 -30.96
C ILE I 134 0.71 61.68 -30.06
N VAL I 135 1.89 61.65 -30.67
CA VAL I 135 3.12 61.52 -29.94
C VAL I 135 3.28 62.60 -28.89
N ASN I 136 2.86 63.84 -29.18
CA ASN I 136 2.98 64.89 -28.19
C ASN I 136 2.04 64.68 -27.01
N THR I 137 0.82 64.19 -27.24
CA THR I 137 -0.12 63.96 -26.15
C THR I 137 0.44 62.87 -25.22
N LEU I 138 1.24 61.96 -25.79
CA LEU I 138 1.86 60.92 -24.98
C LEU I 138 2.86 61.51 -23.96
N ALA I 139 3.43 62.67 -24.27
CA ALA I 139 4.36 63.31 -23.37
C ALA I 139 3.69 63.58 -21.98
N LYS I 140 2.36 63.67 -21.94
CA LYS I 140 1.64 63.89 -20.67
C LYS I 140 1.95 62.73 -19.70
N ASN I 141 1.93 61.52 -20.22
CA ASN I 141 2.21 60.39 -19.40
C ASN I 141 3.70 60.27 -19.02
N SER I 142 4.17 61.29 -18.31
CA SER I 142 5.55 61.31 -17.85
C SER I 142 5.90 60.14 -16.91
N ASN I 143 4.88 59.51 -16.31
CA ASN I 143 5.17 58.39 -15.40
C ASN I 143 5.24 57.10 -16.17
N LEU I 144 5.47 57.19 -17.47
CA LEU I 144 5.57 55.98 -18.30
C LEU I 144 6.78 55.17 -17.92
N VAL I 145 6.52 53.88 -17.66
CA VAL I 145 7.59 52.96 -17.31
C VAL I 145 7.90 52.06 -18.49
N ARG I 146 6.88 51.70 -19.26
CA ARG I 146 7.06 50.86 -20.43
C ARG I 146 6.25 51.41 -21.63
N LEU I 147 6.97 51.69 -22.71
CA LEU I 147 6.37 52.22 -23.91
C LEU I 147 6.83 51.41 -25.12
N ASN I 148 5.85 50.98 -25.91
CA ASN I 148 6.12 50.20 -27.11
C ASN I 148 5.60 50.93 -28.38
N LEU I 149 6.50 51.53 -29.14
CA LEU I 149 6.10 52.21 -30.38
C LEU I 149 6.69 51.49 -31.57
N SER I 150 6.98 50.20 -31.39
CA SER I 150 7.58 49.38 -32.44
C SER I 150 6.70 49.30 -33.70
N GLY I 151 7.30 49.61 -34.83
CA GLY I 151 6.54 49.56 -36.07
C GLY I 151 5.65 50.78 -36.31
N CYS I 152 5.64 51.72 -35.39
CA CYS I 152 4.82 52.89 -35.56
C CYS I 152 5.49 53.82 -36.57
N SER I 153 4.75 54.82 -37.03
CA SER I 153 5.25 55.80 -38.00
C SER I 153 4.36 57.00 -37.89
N GLY I 154 4.65 58.01 -38.68
CA GLY I 154 3.79 59.18 -38.69
C GLY I 154 4.16 60.32 -37.78
N PHE I 155 5.34 60.30 -37.19
CA PHE I 155 5.75 61.40 -36.31
C PHE I 155 7.18 61.84 -36.57
N SER I 156 7.43 63.14 -36.43
CA SER I 156 8.76 63.66 -36.63
C SER I 156 9.74 63.30 -35.51
N GLU I 157 11.00 63.64 -35.71
CA GLU I 157 11.99 63.38 -34.70
C GLU I 157 11.81 64.45 -33.61
N PHE I 158 10.95 65.42 -33.87
CA PHE I 158 10.74 66.45 -32.87
C PHE I 158 9.66 66.00 -31.89
N ALA I 159 8.57 65.44 -32.40
CA ALA I 159 7.52 64.97 -31.51
C ALA I 159 8.16 63.87 -30.64
N LEU I 160 9.02 63.06 -31.24
CA LEU I 160 9.70 61.99 -30.53
C LEU I 160 10.55 62.55 -29.38
N GLN I 161 11.24 63.64 -29.67
CA GLN I 161 12.12 64.28 -28.71
C GLN I 161 11.39 64.80 -27.48
N THR I 162 10.20 65.35 -27.64
CA THR I 162 9.52 65.85 -26.48
C THR I 162 8.97 64.63 -25.72
N LEU I 163 8.64 63.57 -26.45
CA LEU I 163 8.10 62.39 -25.81
C LEU I 163 9.12 61.76 -24.90
N LEU I 164 10.29 61.48 -25.44
CA LEU I 164 11.37 60.86 -24.69
C LEU I 164 11.84 61.82 -23.60
N SER I 165 12.01 63.11 -23.93
CA SER I 165 12.43 64.07 -22.91
C SER I 165 11.44 64.10 -21.76
N SER I 166 10.16 63.99 -22.08
CA SER I 166 9.11 64.01 -21.09
C SER I 166 9.10 62.73 -20.22
N CYS I 167 9.27 61.57 -20.82
CA CYS I 167 9.23 60.33 -20.06
C CYS I 167 10.57 60.00 -19.40
N SER I 168 10.88 60.77 -18.36
CA SER I 168 12.10 60.68 -17.60
C SER I 168 12.33 59.49 -16.66
N ARG I 169 11.34 58.61 -16.50
CA ARG I 169 11.49 57.44 -15.63
C ARG I 169 11.25 56.16 -16.42
N LEU I 170 11.25 56.31 -17.74
CA LEU I 170 11.00 55.19 -18.66
C LEU I 170 12.03 54.09 -18.39
N ASP I 171 11.57 52.84 -18.33
CA ASP I 171 12.43 51.70 -18.06
C ASP I 171 12.63 50.81 -19.30
N GLU I 172 11.50 50.44 -19.89
CA GLU I 172 11.51 49.63 -21.10
C GLU I 172 11.04 50.47 -22.29
N LEU I 173 11.86 50.48 -23.33
CA LEU I 173 11.53 51.21 -24.55
C LEU I 173 11.79 50.42 -25.80
N ASN I 174 10.72 50.03 -26.46
CA ASN I 174 10.84 49.33 -27.74
C ASN I 174 10.41 50.32 -28.80
N LEU I 175 11.39 50.99 -29.39
CA LEU I 175 11.17 51.98 -30.45
C LEU I 175 11.80 51.40 -31.70
N SER I 176 11.41 50.19 -32.08
CA SER I 176 12.03 49.52 -33.22
C SER I 176 11.14 49.41 -34.46
N TRP I 177 11.82 49.42 -35.60
CA TRP I 177 11.20 49.27 -36.89
C TRP I 177 10.18 50.31 -37.23
N CYS I 178 10.45 51.52 -36.81
CA CYS I 178 9.58 52.63 -37.17
C CYS I 178 10.12 52.94 -38.57
N PHE I 179 9.56 52.18 -39.52
CA PHE I 179 9.92 52.22 -40.93
C PHE I 179 9.86 53.63 -41.44
N ASP I 180 9.08 54.41 -40.73
CA ASP I 180 8.85 55.80 -41.03
C ASP I 180 10.08 56.68 -40.88
N PHE I 181 11.12 56.25 -40.18
CA PHE I 181 12.15 57.24 -40.00
C PHE I 181 13.60 57.21 -40.37
N THR I 182 14.16 58.41 -40.29
CA THR I 182 15.52 58.71 -40.66
C THR I 182 16.54 58.73 -39.54
N GLU I 183 17.74 59.19 -39.90
CA GLU I 183 18.86 59.30 -38.99
C GLU I 183 18.45 60.17 -37.81
N LYS I 184 17.88 61.31 -38.12
CA LYS I 184 17.46 62.26 -37.11
C LYS I 184 16.58 61.65 -36.04
N HIS I 185 15.72 60.72 -36.40
CA HIS I 185 14.89 60.08 -35.40
C HIS I 185 15.76 59.22 -34.47
N VAL I 186 16.69 58.47 -35.07
CA VAL I 186 17.60 57.59 -34.37
C VAL I 186 18.50 58.43 -33.48
N GLN I 187 18.87 59.60 -33.99
CA GLN I 187 19.73 60.47 -33.21
C GLN I 187 18.94 61.09 -32.07
N VAL I 188 17.69 61.47 -32.33
CA VAL I 188 16.88 62.04 -31.25
C VAL I 188 16.72 60.95 -30.20
N ALA I 189 16.44 59.73 -30.66
CA ALA I 189 16.25 58.58 -29.76
C ALA I 189 17.38 58.44 -28.75
N VAL I 190 18.58 58.16 -29.24
CA VAL I 190 19.70 57.98 -28.32
C VAL I 190 20.09 59.22 -27.53
N ALA I 191 19.63 60.41 -27.93
CA ALA I 191 20.02 61.63 -27.21
C ALA I 191 19.00 62.13 -26.15
N HIS I 192 17.85 61.49 -26.10
CA HIS I 192 16.85 61.93 -25.16
C HIS I 192 16.13 60.76 -24.47
N VAL I 193 16.60 59.52 -24.65
CA VAL I 193 15.95 58.43 -23.93
C VAL I 193 16.37 58.66 -22.48
N SER I 194 15.49 58.33 -21.54
CA SER I 194 15.84 58.57 -20.15
C SER I 194 17.03 57.73 -19.65
N GLU I 195 17.89 58.35 -18.83
CA GLU I 195 19.01 57.62 -18.26
C GLU I 195 18.50 56.47 -17.43
N THR I 196 17.23 56.55 -17.03
CA THR I 196 16.59 55.52 -16.24
C THR I 196 16.25 54.29 -17.08
N ILE I 197 16.43 54.38 -18.39
CA ILE I 197 16.13 53.26 -19.28
C ILE I 197 17.05 52.03 -19.02
N THR I 198 16.45 50.86 -18.98
CA THR I 198 17.19 49.62 -18.73
C THR I 198 16.95 48.59 -19.82
N GLN I 199 15.89 48.77 -20.60
CA GLN I 199 15.60 47.87 -21.69
C GLN I 199 15.25 48.73 -22.89
N LEU I 200 16.10 48.65 -23.91
CA LEU I 200 15.91 49.40 -25.14
C LEU I 200 15.97 48.52 -26.39
N ASN I 201 14.99 48.65 -27.28
CA ASN I 201 14.97 47.91 -28.56
C ASN I 201 14.93 48.94 -29.70
N LEU I 202 16.07 49.18 -30.35
CA LEU I 202 16.20 50.11 -31.47
C LEU I 202 16.66 49.40 -32.73
N SER I 203 16.10 48.23 -33.02
CA SER I 203 16.49 47.47 -34.20
C SER I 203 15.70 47.93 -35.44
N GLY I 204 16.19 47.59 -36.63
CA GLY I 204 15.51 47.94 -37.86
C GLY I 204 15.89 49.24 -38.54
N TYR I 205 16.95 49.91 -38.08
CA TYR I 205 17.35 51.15 -38.73
C TYR I 205 18.72 50.90 -39.35
N ARG I 206 18.75 50.31 -40.53
CA ARG I 206 20.00 49.99 -41.20
C ARG I 206 21.02 51.11 -41.27
N LYS I 207 21.12 51.78 -42.42
CA LYS I 207 22.08 52.86 -42.61
C LYS I 207 21.88 54.08 -41.72
N ASN I 208 20.73 54.17 -41.04
CA ASN I 208 20.44 55.32 -40.17
C ASN I 208 20.93 55.25 -38.73
N LEU I 209 21.51 54.12 -38.33
CA LEU I 209 22.02 53.98 -36.97
C LEU I 209 23.55 53.87 -37.03
N GLN I 210 24.24 54.98 -36.75
CA GLN I 210 25.69 55.00 -36.76
C GLN I 210 26.28 54.52 -35.44
N LYS I 211 27.59 54.33 -35.44
CA LYS I 211 28.31 53.90 -34.26
C LYS I 211 28.26 55.03 -33.23
N SER I 212 28.35 56.26 -33.70
CA SER I 212 28.30 57.43 -32.83
C SER I 212 26.96 57.51 -32.11
N ASP I 213 25.93 56.93 -32.72
CA ASP I 213 24.61 56.95 -32.09
C ASP I 213 24.64 55.94 -30.98
N LEU I 214 25.48 54.92 -31.12
CA LEU I 214 25.61 53.87 -30.11
C LEU I 214 26.41 54.49 -28.96
N SER I 215 27.39 55.32 -29.29
CA SER I 215 28.20 55.99 -28.29
C SER I 215 27.33 56.88 -27.40
N THR I 216 26.59 57.79 -28.01
CA THR I 216 25.69 58.69 -27.29
C THR I 216 24.81 57.88 -26.34
N LEU I 217 24.20 56.83 -26.87
CA LEU I 217 23.33 55.98 -26.10
C LEU I 217 24.08 55.47 -24.87
N VAL I 218 25.21 54.84 -25.11
CA VAL I 218 25.98 54.29 -24.03
C VAL I 218 26.43 55.34 -23.05
N ARG I 219 26.74 56.52 -23.54
CA ARG I 219 27.22 57.62 -22.70
C ARG I 219 26.15 58.13 -21.73
N ARG I 220 24.93 58.26 -22.25
CA ARG I 220 23.78 58.78 -21.51
C ARG I 220 23.01 57.75 -20.74
N CYS I 221 23.11 56.49 -21.12
CA CYS I 221 22.33 55.46 -20.46
C CYS I 221 23.15 54.30 -19.98
N PRO I 222 23.77 54.40 -18.80
CA PRO I 222 24.61 53.35 -18.20
C PRO I 222 23.85 52.13 -17.67
N ASN I 223 22.59 52.30 -17.35
CA ASN I 223 21.78 51.22 -16.75
C ASN I 223 21.15 50.20 -17.69
N LEU I 224 21.56 50.17 -18.97
CA LEU I 224 20.97 49.24 -19.92
C LEU I 224 21.22 47.79 -19.59
N VAL I 225 20.16 47.02 -19.55
CA VAL I 225 20.23 45.60 -19.24
C VAL I 225 19.89 44.78 -20.49
N HIS I 226 18.93 45.29 -21.26
CA HIS I 226 18.48 44.68 -22.50
C HIS I 226 18.78 45.70 -23.57
N LEU I 227 19.53 45.31 -24.60
CA LEU I 227 19.84 46.21 -25.69
C LEU I 227 19.73 45.50 -27.04
N ASP I 228 18.67 45.78 -27.76
CA ASP I 228 18.44 45.16 -29.05
C ASP I 228 18.85 46.09 -30.22
N LEU I 229 19.86 45.66 -30.98
CA LEU I 229 20.34 46.48 -32.09
C LEU I 229 20.31 45.69 -33.40
N SER I 230 19.52 44.63 -33.44
CA SER I 230 19.40 43.82 -34.64
C SER I 230 19.13 44.71 -35.85
N ASP I 231 19.73 44.33 -36.96
CA ASP I 231 19.56 45.04 -38.21
C ASP I 231 20.24 46.39 -38.29
N SER I 232 21.27 46.59 -37.46
CA SER I 232 22.03 47.83 -37.50
C SER I 232 23.24 47.61 -38.41
N VAL I 233 22.93 47.48 -39.68
CA VAL I 233 23.86 47.30 -40.77
C VAL I 233 25.23 48.04 -40.73
N MET I 234 25.28 49.20 -40.07
CA MET I 234 26.52 49.97 -39.99
C MET I 234 27.49 49.47 -38.93
N LEU I 235 26.95 48.83 -37.89
CA LEU I 235 27.76 48.36 -36.79
C LEU I 235 28.75 47.28 -37.14
N LYS I 236 29.99 47.51 -36.71
CA LYS I 236 31.10 46.59 -36.91
C LYS I 236 31.54 46.20 -35.50
N ASN I 237 32.52 45.30 -35.39
CA ASN I 237 33.00 44.88 -34.08
C ASN I 237 33.63 46.01 -33.28
N ASP I 238 33.94 47.13 -33.92
CA ASP I 238 34.53 48.24 -33.17
C ASP I 238 33.48 48.97 -32.33
N CYS I 239 32.30 48.35 -32.20
CA CYS I 239 31.22 48.92 -31.40
C CYS I 239 31.27 48.27 -30.04
N PHE I 240 31.78 47.04 -30.03
CA PHE I 240 31.89 46.28 -28.83
C PHE I 240 32.53 47.12 -27.72
N GLN I 241 33.44 48.01 -28.09
CA GLN I 241 34.10 48.84 -27.09
C GLN I 241 33.13 49.78 -26.39
N GLU I 242 31.90 49.82 -26.90
CA GLU I 242 30.87 50.68 -26.31
C GLU I 242 29.96 49.82 -25.41
N PHE I 243 29.76 48.57 -25.80
CA PHE I 243 28.94 47.65 -25.02
C PHE I 243 29.71 47.33 -23.73
N PHE I 244 31.03 47.41 -23.82
CA PHE I 244 31.90 47.15 -22.69
C PHE I 244 31.70 48.21 -21.62
N GLN I 245 31.31 49.40 -22.05
CA GLN I 245 31.10 50.50 -21.12
C GLN I 245 29.76 50.43 -20.39
N LEU I 246 29.00 49.38 -20.66
CA LEU I 246 27.72 49.14 -19.99
C LEU I 246 28.01 48.02 -18.97
N ASN I 247 27.92 48.33 -17.68
CA ASN I 247 28.25 47.31 -16.70
C ASN I 247 27.07 46.47 -16.22
N TYR I 248 25.89 46.68 -16.81
CA TYR I 248 24.70 45.94 -16.41
C TYR I 248 24.00 45.25 -17.57
N LEU I 249 24.60 45.37 -18.75
CA LEU I 249 24.09 44.75 -19.97
C LEU I 249 24.23 43.23 -19.84
N GLN I 250 23.12 42.52 -19.90
CA GLN I 250 23.17 41.08 -19.82
C GLN I 250 22.38 40.42 -20.95
N HIS I 251 21.78 41.26 -21.80
CA HIS I 251 21.03 40.76 -22.96
C HIS I 251 21.30 41.68 -24.14
N LEU I 252 21.93 41.12 -25.17
CA LEU I 252 22.26 41.92 -26.33
C LEU I 252 21.82 41.24 -27.61
N SER I 253 21.31 42.04 -28.56
CA SER I 253 20.91 41.53 -29.86
C SER I 253 21.59 42.29 -30.99
N LEU I 254 22.21 41.53 -31.89
CA LEU I 254 22.91 42.08 -33.03
C LEU I 254 22.53 41.32 -34.29
N SER I 255 21.40 40.61 -34.23
CA SER I 255 20.94 39.83 -35.35
C SER I 255 20.95 40.64 -36.66
N ARG I 256 21.41 40.02 -37.73
CA ARG I 256 21.41 40.69 -39.00
C ARG I 256 22.25 41.97 -39.10
N CYS I 257 23.27 42.07 -38.26
CA CYS I 257 24.22 43.18 -38.34
C CYS I 257 25.33 42.57 -39.21
N TYR I 258 25.12 42.65 -40.52
CA TYR I 258 26.02 42.08 -41.53
C TYR I 258 27.50 42.55 -41.55
N ASP I 259 27.79 43.68 -40.93
CA ASP I 259 29.16 44.13 -40.92
C ASP I 259 29.94 43.66 -39.71
N ILE I 260 29.29 42.85 -38.87
CA ILE I 260 29.93 42.31 -37.69
C ILE I 260 30.49 40.93 -38.05
N ILE I 261 31.79 40.87 -38.32
CA ILE I 261 32.42 39.61 -38.68
C ILE I 261 32.15 38.57 -37.59
N PRO I 262 31.62 37.40 -37.96
CA PRO I 262 31.31 36.34 -37.00
C PRO I 262 32.39 36.03 -35.96
N GLU I 263 33.66 36.10 -36.34
CA GLU I 263 34.73 35.79 -35.40
C GLU I 263 34.83 36.81 -34.27
N THR I 264 34.79 38.08 -34.61
CA THR I 264 34.91 39.16 -33.62
C THR I 264 33.91 38.93 -32.48
N LEU I 265 32.83 38.20 -32.71
CA LEU I 265 31.83 37.96 -31.68
C LEU I 265 32.41 37.37 -30.42
N LEU I 266 33.60 36.80 -30.51
CA LEU I 266 34.24 36.21 -29.35
C LEU I 266 34.53 37.29 -28.32
N GLU I 267 34.87 38.49 -28.81
CA GLU I 267 35.17 39.63 -27.94
C GLU I 267 34.04 39.98 -26.98
N LEU I 268 32.81 39.63 -27.34
CA LEU I 268 31.67 39.95 -26.49
C LEU I 268 31.73 39.18 -25.18
N GLY I 269 32.81 38.43 -24.99
CA GLY I 269 32.99 37.70 -23.75
C GLY I 269 33.63 38.62 -22.72
N GLU I 270 33.95 39.83 -23.16
CA GLU I 270 34.54 40.85 -22.30
C GLU I 270 33.51 41.42 -21.33
N ILE I 271 32.26 41.45 -21.80
CA ILE I 271 31.14 41.94 -21.02
C ILE I 271 30.84 40.86 -19.99
N PRO I 272 31.23 41.10 -18.73
CA PRO I 272 31.04 40.18 -17.62
C PRO I 272 29.60 39.87 -17.31
N THR I 273 28.77 40.90 -17.28
CA THR I 273 27.35 40.75 -16.96
C THR I 273 26.48 40.08 -17.99
N LEU I 274 26.99 39.96 -19.23
CA LEU I 274 26.24 39.39 -20.35
C LEU I 274 25.80 37.94 -20.11
N LYS I 275 24.49 37.70 -20.25
CA LYS I 275 23.87 36.40 -20.03
C LYS I 275 23.36 35.72 -21.31
N THR I 276 22.95 36.53 -22.28
CA THR I 276 22.42 36.03 -23.56
C THR I 276 22.83 36.91 -24.74
N LEU I 277 23.03 36.27 -25.89
CA LEU I 277 23.40 36.97 -27.11
C LEU I 277 22.57 36.43 -28.28
N GLN I 278 22.01 37.35 -29.05
CA GLN I 278 21.20 36.99 -30.24
C GLN I 278 21.88 37.61 -31.45
N VAL I 279 22.38 36.73 -32.32
CA VAL I 279 23.11 37.10 -33.53
C VAL I 279 22.69 36.18 -34.63
N PHE I 280 21.42 36.28 -35.02
CA PHE I 280 20.97 35.43 -36.08
C PHE I 280 21.30 36.02 -37.43
N GLY I 281 21.43 35.14 -38.42
CA GLY I 281 21.72 35.57 -39.77
C GLY I 281 23.12 35.99 -40.12
N ILE I 282 24.04 35.96 -39.17
CA ILE I 282 25.40 36.35 -39.48
C ILE I 282 26.43 35.36 -38.93
N VAL I 283 25.96 34.34 -38.23
CA VAL I 283 26.87 33.36 -37.66
C VAL I 283 26.65 31.98 -38.24
N PRO I 284 27.63 31.50 -39.01
CA PRO I 284 27.53 30.17 -39.62
C PRO I 284 27.27 29.13 -38.51
N ASP I 285 26.44 28.13 -38.78
CA ASP I 285 26.16 27.10 -37.79
C ASP I 285 27.42 26.56 -37.06
N GLY I 286 28.49 26.42 -37.80
CA GLY I 286 29.72 25.93 -37.21
C GLY I 286 30.37 26.90 -36.27
N THR I 287 30.77 28.07 -36.76
CA THR I 287 31.39 29.04 -35.86
C THR I 287 30.43 29.39 -34.72
N LEU I 288 29.13 29.13 -34.92
CA LEU I 288 28.16 29.43 -33.88
C LEU I 288 28.30 28.48 -32.70
N GLN I 289 28.54 27.21 -32.98
CA GLN I 289 28.70 26.23 -31.90
C GLN I 289 30.08 26.37 -31.22
N LEU I 290 31.05 26.93 -31.92
CA LEU I 290 32.36 27.11 -31.33
C LEU I 290 32.25 28.32 -30.43
N LEU I 291 31.42 29.25 -30.84
CA LEU I 291 31.20 30.48 -30.08
C LEU I 291 30.52 30.08 -28.76
N LYS I 292 29.61 29.12 -28.82
CA LYS I 292 28.92 28.66 -27.62
C LYS I 292 29.91 27.88 -26.74
N GLU I 293 30.90 27.25 -27.37
CA GLU I 293 31.93 26.50 -26.64
C GLU I 293 32.71 27.53 -25.82
N ALA I 294 33.22 28.55 -26.50
CA ALA I 294 34.02 29.58 -25.86
C ALA I 294 33.29 30.36 -24.78
N LEU I 295 32.04 30.72 -25.05
CA LEU I 295 31.28 31.47 -24.07
C LEU I 295 30.13 30.63 -23.51
N PRO I 296 30.47 29.63 -22.66
CA PRO I 296 29.48 28.74 -22.05
C PRO I 296 28.54 29.51 -21.12
N HIS I 297 28.99 30.67 -20.65
CA HIS I 297 28.17 31.46 -19.75
C HIS I 297 27.01 32.12 -20.46
N LEU I 298 27.15 32.28 -21.79
CA LEU I 298 26.12 32.90 -22.62
C LEU I 298 25.08 31.93 -23.16
N GLN I 299 24.02 32.52 -23.70
CA GLN I 299 22.90 31.82 -24.29
C GLN I 299 22.90 32.47 -25.67
N ILE I 300 23.36 31.76 -26.69
CA ILE I 300 23.42 32.36 -28.03
C ILE I 300 22.28 31.92 -28.97
N ASN I 301 21.74 32.87 -29.75
CA ASN I 301 20.61 32.62 -30.65
C ASN I 301 19.60 31.69 -30.04
N CYS I 302 19.30 31.96 -28.77
CA CYS I 302 18.38 31.16 -28.00
C CYS I 302 16.93 31.64 -28.14
N SER I 303 16.75 32.90 -28.50
CA SER I 303 15.40 33.49 -28.65
C SER I 303 15.19 34.33 -29.91
N HIS I 304 14.05 34.10 -30.54
CA HIS I 304 13.71 34.85 -31.75
C HIS I 304 12.89 36.13 -31.59
N PHE I 305 12.12 36.26 -30.52
CA PHE I 305 11.33 37.47 -30.39
C PHE I 305 11.72 38.34 -29.23
N THR I 306 11.55 39.64 -29.43
CA THR I 306 11.89 40.57 -28.39
C THR I 306 10.79 40.51 -27.32
N THR I 307 11.13 40.87 -26.11
CA THR I 307 10.16 40.87 -25.01
C THR I 307 10.08 42.33 -24.52
N ILE I 308 11.07 43.11 -24.95
CA ILE I 308 11.14 44.52 -24.56
C ILE I 308 9.83 45.25 -24.78
N ALA I 309 9.23 45.67 -23.69
CA ALA I 309 7.97 46.40 -23.71
C ALA I 309 6.82 45.63 -24.38
N ARG I 310 6.75 44.32 -24.19
CA ARG I 310 5.66 43.55 -24.78
C ARG I 310 4.50 43.32 -23.81
N PRO I 311 3.30 43.80 -24.15
CA PRO I 311 2.13 43.62 -23.30
C PRO I 311 1.96 42.18 -22.93
N THR I 312 2.09 41.29 -23.90
CA THR I 312 1.94 39.89 -23.62
C THR I 312 2.99 39.10 -24.35
N ILE I 313 3.46 38.02 -23.74
CA ILE I 313 4.49 37.17 -24.32
C ILE I 313 3.97 35.75 -24.31
N GLY I 314 3.58 35.21 -25.47
CA GLY I 314 3.10 33.85 -25.47
C GLY I 314 1.78 33.58 -26.15
N ASN I 315 1.35 32.32 -26.11
CA ASN I 315 0.10 31.91 -26.75
C ASN I 315 -0.80 31.27 -25.68
N LYS I 316 -2.12 31.45 -25.77
CA LYS I 316 -3.02 30.85 -24.80
C LYS I 316 -2.81 31.61 -23.49
N LYS I 317 -1.89 32.56 -23.52
CA LYS I 317 -1.53 33.33 -22.34
C LYS I 317 -1.86 34.78 -22.52
N ASN I 318 -2.87 34.99 -23.33
CA ASN I 318 -3.37 36.31 -23.63
C ASN I 318 -3.82 36.88 -22.31
N GLN I 319 -4.35 38.10 -22.38
CA GLN I 319 -4.91 38.74 -21.22
C GLN I 319 -4.06 38.63 -19.97
N GLU I 320 -2.76 38.86 -20.13
CA GLU I 320 -1.86 38.86 -19.01
C GLU I 320 -1.10 40.15 -19.28
N ILE I 321 -1.83 41.08 -19.89
CA ILE I 321 -1.28 42.40 -20.21
C ILE I 321 -0.38 42.84 -19.06
N TRP I 322 0.91 42.64 -19.26
CA TRP I 322 1.89 42.99 -18.25
C TRP I 322 1.52 42.34 -16.91
N GLY I 323 1.16 41.07 -16.98
CA GLY I 323 0.82 40.33 -15.79
C GLY I 323 -0.63 40.43 -15.36
N ILE I 324 -1.34 41.48 -15.74
CA ILE I 324 -2.74 41.60 -15.32
C ILE I 324 -3.68 40.67 -16.06
N LYS I 325 -4.42 39.86 -15.31
CA LYS I 325 -5.40 38.91 -15.88
C LYS I 325 -6.71 39.67 -15.92
N CYS I 326 -6.99 40.37 -17.00
CA CYS I 326 -8.23 41.16 -17.09
C CYS I 326 -9.46 40.38 -16.64
N ARG I 327 -10.19 40.93 -15.68
CA ARG I 327 -11.34 40.23 -15.14
C ARG I 327 -12.55 40.27 -16.07
N LEU I 328 -12.65 41.31 -16.90
CA LEU I 328 -13.74 41.45 -17.88
C LEU I 328 -13.19 41.23 -19.30
N THR I 329 -13.76 40.26 -20.00
CA THR I 329 -13.31 39.95 -21.35
C THR I 329 -14.50 39.50 -22.21
N LEU I 330 -14.20 39.08 -23.44
CA LEU I 330 -15.22 38.59 -24.34
C LEU I 330 -14.84 37.23 -24.94
N GLN I 331 -13.73 36.68 -24.47
CA GLN I 331 -13.28 35.37 -24.93
C GLN I 331 -14.41 34.36 -24.88
N PRO J 2 -11.64 25.63 23.09
CA PRO J 2 -12.10 24.72 22.01
C PRO J 2 -13.56 25.02 21.63
N SER J 3 -14.35 25.47 22.59
CA SER J 3 -15.75 25.78 22.35
C SER J 3 -16.08 27.24 22.64
N ILE J 4 -17.11 27.74 21.98
CA ILE J 4 -17.59 29.11 22.15
C ILE J 4 -19.10 29.11 21.91
N LYS J 5 -19.83 29.91 22.66
CA LYS J 5 -21.26 29.94 22.45
C LYS J 5 -21.64 31.20 21.70
N LEU J 6 -22.52 31.03 20.71
CA LEU J 6 -23.00 32.14 19.89
C LEU J 6 -24.45 32.37 20.25
N GLN J 7 -24.89 33.62 20.20
CA GLN J 7 -26.29 33.91 20.53
C GLN J 7 -27.02 34.62 19.40
N SER J 8 -28.02 33.94 18.82
CA SER J 8 -28.80 34.52 17.74
C SER J 8 -29.58 35.76 18.17
N SER J 9 -29.83 36.65 17.22
CA SER J 9 -30.56 37.87 17.49
C SER J 9 -31.93 37.58 18.10
N ASP J 10 -32.32 36.31 18.14
CA ASP J 10 -33.62 35.97 18.69
C ASP J 10 -33.62 34.87 19.78
N GLY J 11 -32.53 34.78 20.53
CA GLY J 11 -32.48 33.80 21.61
C GLY J 11 -31.56 32.60 21.57
N GLU J 12 -31.61 31.81 20.50
CA GLU J 12 -30.79 30.60 20.42
C GLU J 12 -29.30 30.75 20.72
N ILE J 13 -28.76 29.71 21.34
CA ILE J 13 -27.35 29.64 21.70
C ILE J 13 -26.81 28.39 21.04
N PHE J 14 -25.82 28.57 20.16
CA PHE J 14 -25.20 27.45 19.48
C PHE J 14 -23.79 27.38 19.99
N GLU J 15 -23.29 26.16 20.20
CA GLU J 15 -21.91 25.98 20.63
C GLU J 15 -21.13 25.50 19.42
N VAL J 16 -20.30 26.39 18.90
CA VAL J 16 -19.48 26.08 17.75
C VAL J 16 -18.06 26.00 18.22
N ASP J 17 -17.20 25.39 17.41
CA ASP J 17 -15.80 25.28 17.75
C ASP J 17 -15.20 26.66 17.56
N VAL J 18 -14.31 27.04 18.46
CA VAL J 18 -13.67 28.35 18.40
C VAL J 18 -13.02 28.62 17.03
N GLU J 19 -12.46 27.57 16.45
CA GLU J 19 -11.77 27.67 15.17
C GLU J 19 -12.70 27.86 13.99
N ILE J 20 -13.94 27.41 14.15
CA ILE J 20 -14.97 27.54 13.12
C ILE J 20 -15.65 28.90 13.24
N ALA J 21 -15.86 29.35 14.47
CA ALA J 21 -16.48 30.64 14.74
C ALA J 21 -15.52 31.76 14.35
N LYS J 22 -14.23 31.47 14.47
CA LYS J 22 -13.18 32.41 14.13
C LYS J 22 -13.15 32.65 12.61
N GLN J 23 -13.85 31.80 11.86
CA GLN J 23 -13.93 31.98 10.42
C GLN J 23 -14.66 33.29 10.13
N SER J 24 -15.36 33.79 11.14
CA SER J 24 -16.09 35.05 11.03
C SER J 24 -15.25 36.17 11.63
N VAL J 25 -14.69 37.03 10.78
CA VAL J 25 -13.86 38.13 11.25
C VAL J 25 -14.58 38.90 12.36
N THR J 26 -15.89 39.07 12.18
CA THR J 26 -16.71 39.77 13.14
C THR J 26 -16.68 39.02 14.47
N ILE J 27 -17.16 37.78 14.47
CA ILE J 27 -17.18 36.98 15.69
C ILE J 27 -15.77 36.81 16.24
N LYS J 28 -14.77 36.94 15.36
CA LYS J 28 -13.38 36.80 15.78
C LYS J 28 -12.95 38.01 16.59
N THR J 29 -13.13 39.20 16.03
CA THR J 29 -12.74 40.42 16.71
C THR J 29 -13.38 40.51 18.10
N MET J 30 -14.62 40.06 18.22
CA MET J 30 -15.30 40.11 19.50
C MET J 30 -14.71 39.14 20.52
N LEU J 31 -14.43 37.91 20.09
CA LEU J 31 -13.85 36.91 20.99
C LEU J 31 -12.47 37.31 21.50
N GLU J 32 -11.97 38.44 21.00
CA GLU J 32 -10.66 38.97 21.39
C GLU J 32 -10.82 40.30 22.10
N ASP J 33 -11.14 41.34 21.34
CA ASP J 33 -11.32 42.69 21.86
C ASP J 33 -12.46 42.81 22.88
N LEU J 34 -12.98 41.68 23.33
CA LEU J 34 -14.08 41.70 24.28
C LEU J 34 -14.11 40.49 25.21
N GLY J 35 -13.53 39.37 24.77
CA GLY J 35 -13.52 38.17 25.59
C GLY J 35 -14.85 37.85 26.24
N MET J 36 -15.89 37.70 25.43
CA MET J 36 -17.24 37.40 25.91
C MET J 36 -17.59 35.93 25.75
N ASP J 37 -18.55 35.44 26.54
CA ASP J 37 -18.96 34.05 26.40
C ASP J 37 -20.13 33.96 25.43
N PRO J 38 -21.35 34.33 25.87
CA PRO J 38 -22.46 34.25 24.92
C PRO J 38 -22.32 35.37 23.87
N VAL J 39 -21.44 35.19 22.90
CA VAL J 39 -21.21 36.19 21.85
C VAL J 39 -22.52 36.69 21.26
N PRO J 40 -22.83 37.98 21.49
CA PRO J 40 -24.04 38.64 21.01
C PRO J 40 -24.02 38.84 19.49
N LEU J 41 -24.98 38.22 18.81
CA LEU J 41 -25.09 38.37 17.37
C LEU J 41 -26.49 38.90 17.04
N PRO J 42 -26.74 40.19 17.35
CA PRO J 42 -28.03 40.85 17.11
C PRO J 42 -28.50 40.98 15.66
N ASN J 43 -27.60 40.74 14.71
CA ASN J 43 -27.96 40.85 13.31
C ASN J 43 -28.20 39.53 12.58
N VAL J 44 -28.11 38.41 13.28
CA VAL J 44 -28.31 37.10 12.65
C VAL J 44 -29.29 36.27 13.46
N ASN J 45 -30.42 35.87 12.87
CA ASN J 45 -31.37 35.08 13.64
C ASN J 45 -30.89 33.63 13.73
N ALA J 46 -31.60 32.82 14.49
CA ALA J 46 -31.27 31.42 14.73
C ALA J 46 -31.27 30.49 13.50
N ALA J 47 -32.12 30.79 12.52
CA ALA J 47 -32.19 29.94 11.33
C ALA J 47 -30.94 30.09 10.43
N ILE J 48 -30.62 31.34 10.12
CA ILE J 48 -29.49 31.68 9.29
C ILE J 48 -28.17 31.29 9.95
N LEU J 49 -28.00 31.67 11.22
CA LEU J 49 -26.76 31.37 11.94
C LEU J 49 -26.50 29.87 11.91
N LYS J 50 -27.56 29.08 12.04
CA LYS J 50 -27.44 27.62 12.01
C LYS J 50 -26.84 27.21 10.66
N LYS J 51 -27.18 27.99 9.63
CA LYS J 51 -26.72 27.78 8.26
C LYS J 51 -25.26 28.17 8.17
N VAL J 52 -24.96 29.37 8.65
CA VAL J 52 -23.60 29.90 8.66
C VAL J 52 -22.61 28.96 9.36
N ILE J 53 -23.07 28.34 10.44
CA ILE J 53 -22.22 27.42 11.20
C ILE J 53 -22.07 26.13 10.43
N GLN J 54 -23.15 25.71 9.78
CA GLN J 54 -23.13 24.48 9.00
C GLN J 54 -22.16 24.61 7.83
N TRP J 55 -22.26 25.73 7.13
CA TRP J 55 -21.40 26.01 5.99
C TRP J 55 -19.94 26.08 6.43
N CYS J 56 -19.67 26.85 7.48
CA CYS J 56 -18.31 27.01 7.99
C CYS J 56 -17.73 25.67 8.46
N THR J 57 -18.58 24.85 9.07
CA THR J 57 -18.17 23.55 9.55
C THR J 57 -17.71 22.70 8.37
N HIS J 58 -18.56 22.63 7.35
CA HIS J 58 -18.30 21.87 6.15
C HIS J 58 -16.99 22.31 5.52
N HIS J 59 -16.68 23.59 5.67
CA HIS J 59 -15.46 24.14 5.13
C HIS J 59 -14.48 24.54 6.21
N LYS J 60 -14.49 23.82 7.33
CA LYS J 60 -13.58 24.15 8.43
C LYS J 60 -12.11 24.10 7.98
N ASP J 61 -11.79 23.24 7.02
CA ASP J 61 -10.43 23.15 6.53
C ASP J 61 -10.25 24.08 5.34
N ASP J 62 -11.37 24.37 4.68
CA ASP J 62 -11.42 25.23 3.47
C ASP J 62 -11.12 26.71 3.77
N ILE J 71 -18.93 26.07 -8.25
CA ILE J 71 -19.62 25.87 -6.93
C ILE J 71 -19.86 24.40 -6.68
N PRO J 72 -19.29 23.86 -5.59
CA PRO J 72 -19.37 22.47 -5.17
C PRO J 72 -20.80 21.99 -5.15
N VAL J 73 -20.99 20.70 -5.30
CA VAL J 73 -22.34 20.17 -5.30
C VAL J 73 -23.01 20.35 -3.94
N TRP J 74 -22.27 20.16 -2.85
CA TRP J 74 -22.81 20.32 -1.50
C TRP J 74 -23.27 21.77 -1.30
N ASP J 75 -22.40 22.73 -1.65
CA ASP J 75 -22.75 24.15 -1.49
C ASP J 75 -24.00 24.48 -2.30
N GLN J 76 -24.17 23.78 -3.42
CA GLN J 76 -25.34 24.00 -4.26
C GLN J 76 -26.57 23.44 -3.56
N GLU J 77 -26.47 22.23 -3.03
CA GLU J 77 -27.60 21.68 -2.31
C GLU J 77 -27.81 22.57 -1.08
N PHE J 78 -26.71 22.99 -0.48
CA PHE J 78 -26.78 23.87 0.70
C PHE J 78 -27.57 25.14 0.42
N LEU J 79 -27.26 25.81 -0.69
CA LEU J 79 -27.93 27.05 -1.05
C LEU J 79 -29.15 26.83 -1.91
N LYS J 80 -29.72 25.64 -1.78
CA LYS J 80 -30.93 25.25 -2.50
C LYS J 80 -32.07 25.65 -1.56
N VAL J 81 -32.23 26.95 -1.35
CA VAL J 81 -33.26 27.50 -0.47
C VAL J 81 -34.04 28.62 -1.17
N ASP J 82 -35.09 29.14 -0.51
CA ASP J 82 -35.89 30.21 -1.12
C ASP J 82 -35.12 31.52 -1.19
N GLN J 83 -35.55 32.40 -2.08
CA GLN J 83 -34.88 33.68 -2.25
C GLN J 83 -34.63 34.38 -0.93
N GLY J 84 -35.63 34.38 -0.07
CA GLY J 84 -35.48 35.05 1.21
C GLY J 84 -34.32 34.54 2.04
N THR J 85 -34.20 33.21 2.14
CA THR J 85 -33.14 32.64 2.91
C THR J 85 -31.80 33.04 2.35
N LEU J 86 -31.68 32.96 1.03
CA LEU J 86 -30.43 33.31 0.37
C LEU J 86 -30.12 34.80 0.59
N PHE J 87 -31.16 35.62 0.63
CA PHE J 87 -30.99 37.05 0.84
C PHE J 87 -30.53 37.29 2.27
N GLU J 88 -31.01 36.43 3.17
CA GLU J 88 -30.65 36.52 4.57
C GLU J 88 -29.19 36.06 4.74
N LEU J 89 -28.80 34.98 4.04
CA LEU J 89 -27.44 34.46 4.11
C LEU J 89 -26.38 35.43 3.62
N ILE J 90 -26.65 36.11 2.51
CA ILE J 90 -25.69 37.06 1.96
C ILE J 90 -25.51 38.20 2.96
N LEU J 91 -26.57 38.54 3.67
CA LEU J 91 -26.51 39.62 4.65
C LEU J 91 -25.70 39.12 5.82
N ALA J 92 -26.08 37.93 6.30
CA ALA J 92 -25.44 37.27 7.42
C ALA J 92 -23.99 37.20 7.06
N ALA J 93 -23.71 36.52 5.96
CA ALA J 93 -22.33 36.35 5.49
C ALA J 93 -21.56 37.66 5.55
N ASN J 94 -22.19 38.72 5.07
CA ASN J 94 -21.60 40.05 5.04
C ASN J 94 -21.42 40.64 6.46
N TYR J 95 -22.48 40.58 7.26
CA TYR J 95 -22.46 41.06 8.63
C TYR J 95 -21.38 40.36 9.44
N LEU J 96 -21.34 39.04 9.34
CA LEU J 96 -20.33 38.27 10.06
C LEU J 96 -19.02 38.35 9.32
N ASP J 97 -19.05 38.98 8.16
CA ASP J 97 -17.87 39.11 7.31
C ASP J 97 -17.13 37.78 7.14
N ILE J 98 -17.75 36.87 6.40
CA ILE J 98 -17.19 35.56 6.12
C ILE J 98 -16.98 35.51 4.61
N LYS J 99 -15.83 36.02 4.15
CA LYS J 99 -15.46 36.06 2.74
C LYS J 99 -15.79 34.77 2.00
N GLY J 100 -15.57 33.64 2.64
CA GLY J 100 -15.85 32.39 1.98
C GLY J 100 -17.30 32.16 1.64
N LEU J 101 -18.18 32.39 2.60
CA LEU J 101 -19.61 32.15 2.39
C LEU J 101 -20.28 33.33 1.66
N LEU J 102 -19.61 34.47 1.67
CA LEU J 102 -20.13 35.64 0.99
C LEU J 102 -19.97 35.38 -0.50
N ASP J 103 -18.82 34.78 -0.87
CA ASP J 103 -18.50 34.44 -2.25
C ASP J 103 -19.46 33.45 -2.89
N VAL J 104 -19.72 32.32 -2.25
CA VAL J 104 -20.65 31.35 -2.86
C VAL J 104 -22.09 31.83 -2.97
N THR J 105 -22.52 32.67 -2.05
CA THR J 105 -23.88 33.17 -2.09
C THR J 105 -24.02 34.16 -3.23
N CYS J 106 -23.04 35.05 -3.33
CA CYS J 106 -23.06 36.03 -4.40
C CYS J 106 -23.02 35.33 -5.75
N LYS J 107 -22.21 34.26 -5.88
CA LYS J 107 -22.11 33.51 -7.14
C LYS J 107 -23.33 32.66 -7.37
N THR J 108 -24.09 32.43 -6.31
CA THR J 108 -25.32 31.66 -6.41
C THR J 108 -26.40 32.56 -7.02
N VAL J 109 -26.39 33.82 -6.59
CA VAL J 109 -27.31 34.82 -7.08
C VAL J 109 -26.93 35.15 -8.51
N ALA J 110 -25.61 35.15 -8.76
CA ALA J 110 -25.07 35.41 -10.09
C ALA J 110 -25.58 34.34 -11.03
N ASN J 111 -25.49 33.10 -10.62
CA ASN J 111 -25.95 32.00 -11.46
C ASN J 111 -27.46 32.02 -11.66
N MET J 112 -28.17 32.78 -10.85
CA MET J 112 -29.61 32.86 -11.01
C MET J 112 -29.90 33.86 -12.10
N ILE J 113 -29.13 34.95 -12.11
CA ILE J 113 -29.27 36.01 -13.09
C ILE J 113 -28.96 35.48 -14.50
N LYS J 114 -27.88 34.71 -14.61
CA LYS J 114 -27.48 34.14 -15.90
C LYS J 114 -28.66 33.42 -16.53
N GLY J 115 -28.90 33.68 -17.81
CA GLY J 115 -30.00 33.05 -18.52
C GLY J 115 -31.28 33.87 -18.53
N LYS J 116 -31.72 34.31 -17.35
CA LYS J 116 -32.93 35.11 -17.24
C LYS J 116 -32.79 36.44 -17.99
N THR J 117 -33.87 36.96 -18.54
CA THR J 117 -33.78 38.24 -19.21
C THR J 117 -34.01 39.28 -18.12
N PRO J 118 -33.85 40.58 -18.44
CA PRO J 118 -34.06 41.61 -17.41
C PRO J 118 -35.45 41.51 -16.78
N GLU J 119 -36.43 41.06 -17.55
CA GLU J 119 -37.80 40.92 -17.06
C GLU J 119 -37.93 39.76 -16.07
N GLU J 120 -37.43 38.59 -16.47
CA GLU J 120 -37.47 37.39 -15.63
C GLU J 120 -36.67 37.62 -14.35
N ILE J 121 -35.74 38.57 -14.40
CA ILE J 121 -34.94 38.89 -13.24
C ILE J 121 -35.74 39.76 -12.26
N ARG J 122 -36.50 40.71 -12.79
CA ARG J 122 -37.32 41.56 -11.94
C ARG J 122 -38.33 40.63 -11.25
N LYS J 123 -38.94 39.73 -12.02
CA LYS J 123 -39.90 38.76 -11.49
C LYS J 123 -39.33 38.08 -10.25
N THR J 124 -38.38 37.20 -10.47
CA THR J 124 -37.73 36.45 -9.39
C THR J 124 -37.38 37.29 -8.16
N PHE J 125 -36.35 38.14 -8.26
CA PHE J 125 -35.91 38.98 -7.16
C PHE J 125 -36.88 40.10 -6.82
N ASN J 126 -37.98 40.17 -7.56
CA ASN J 126 -39.00 41.20 -7.35
C ASN J 126 -38.36 42.59 -7.30
N ILE J 127 -38.12 43.17 -8.46
CA ILE J 127 -37.50 44.48 -8.54
C ILE J 127 -38.40 45.44 -9.32
N LYS J 128 -38.58 46.63 -8.76
CA LYS J 128 -39.40 47.64 -9.43
C LYS J 128 -38.65 48.13 -10.67
N ASN J 129 -39.37 48.30 -11.78
CA ASN J 129 -38.74 48.79 -12.99
C ASN J 129 -38.68 50.31 -12.91
N ASP J 130 -37.51 50.83 -12.57
CA ASP J 130 -37.32 52.28 -12.45
C ASP J 130 -37.23 52.90 -13.83
N PHE J 131 -37.07 52.03 -14.82
CA PHE J 131 -36.90 52.47 -16.18
C PHE J 131 -38.07 52.95 -16.99
N THR J 132 -37.75 53.83 -17.92
CA THR J 132 -38.69 54.41 -18.86
C THR J 132 -38.41 53.59 -20.10
N GLU J 133 -39.44 53.33 -20.90
CA GLU J 133 -39.22 52.54 -22.12
C GLU J 133 -38.17 53.22 -23.01
N GLU J 134 -37.94 54.51 -22.78
CA GLU J 134 -36.98 55.28 -23.55
C GLU J 134 -35.59 55.12 -22.95
N GLU J 135 -35.54 54.85 -21.65
CA GLU J 135 -34.27 54.66 -20.96
C GLU J 135 -33.75 53.26 -21.25
N GLU J 136 -34.65 52.28 -21.28
CA GLU J 136 -34.26 50.90 -21.58
C GLU J 136 -33.80 50.87 -23.03
N ALA J 137 -34.21 51.89 -23.76
CA ALA J 137 -33.84 52.01 -25.16
C ALA J 137 -32.37 52.40 -25.21
N GLN J 138 -31.98 53.38 -24.40
CA GLN J 138 -30.59 53.84 -24.39
C GLN J 138 -29.67 52.81 -23.75
N VAL J 139 -30.08 52.26 -22.61
CA VAL J 139 -29.28 51.24 -21.94
C VAL J 139 -28.95 50.17 -22.97
N ARG J 140 -29.97 49.75 -23.71
CA ARG J 140 -29.82 48.73 -24.75
C ARG J 140 -28.85 49.20 -25.85
N LYS J 141 -28.94 50.47 -26.23
CA LYS J 141 -28.08 51.04 -27.26
C LYS J 141 -26.66 51.07 -26.73
N GLU J 142 -26.51 51.54 -25.51
CA GLU J 142 -25.22 51.62 -24.86
C GLU J 142 -24.54 50.27 -24.69
N ASN J 143 -25.27 49.16 -24.85
CA ASN J 143 -24.64 47.85 -24.69
C ASN J 143 -24.72 46.97 -25.94
N GLN J 144 -25.02 47.56 -27.08
CA GLN J 144 -25.10 46.79 -28.33
C GLN J 144 -23.71 46.26 -28.70
N TRP J 145 -22.71 47.15 -28.62
CA TRP J 145 -21.35 46.81 -28.98
C TRP J 145 -20.91 45.45 -28.52
N CYS J 146 -21.43 45.04 -27.37
CA CYS J 146 -21.04 43.77 -26.76
C CYS J 146 -21.62 42.55 -27.47
N VAL K 7 44.28 -7.87 -57.95
CA VAL K 7 43.78 -7.20 -59.19
C VAL K 7 43.55 -5.71 -58.93
N SER K 8 43.54 -4.92 -60.00
CA SER K 8 43.31 -3.49 -59.87
C SER K 8 41.95 -3.14 -60.44
N TRP K 9 41.32 -2.11 -59.86
CA TRP K 9 40.01 -1.68 -60.31
C TRP K 9 40.12 -0.54 -61.31
N ASP K 10 41.31 0.05 -61.42
CA ASP K 10 41.54 1.16 -62.34
C ASP K 10 41.31 0.66 -63.77
N SER K 11 41.09 -0.66 -63.88
CA SER K 11 40.83 -1.28 -65.17
C SER K 11 39.33 -1.34 -65.39
N LEU K 12 38.60 -0.72 -64.47
CA LEU K 12 37.14 -0.68 -64.53
C LEU K 12 36.71 0.43 -65.49
N PRO K 13 35.70 0.17 -66.32
CA PRO K 13 35.21 1.17 -67.27
C PRO K 13 34.92 2.54 -66.65
N ASP K 14 35.10 3.59 -67.43
CA ASP K 14 34.85 4.96 -66.98
C ASP K 14 33.40 5.10 -66.55
N GLU K 15 32.51 4.41 -67.25
CA GLU K 15 31.08 4.48 -66.96
C GLU K 15 30.72 3.86 -65.63
N LEU K 16 31.50 2.87 -65.21
CA LEU K 16 31.24 2.18 -63.96
C LEU K 16 31.78 2.89 -62.71
N LEU K 17 32.94 3.54 -62.82
CA LEU K 17 33.48 4.24 -61.67
C LEU K 17 32.50 5.35 -61.31
N LEU K 18 31.94 6.00 -62.33
CA LEU K 18 30.98 7.05 -62.09
C LEU K 18 29.81 6.46 -61.33
N GLY K 19 29.44 5.24 -61.67
CA GLY K 19 28.33 4.59 -60.98
C GLY K 19 28.67 4.45 -59.52
N ILE K 20 29.87 3.94 -59.25
CA ILE K 20 30.34 3.78 -57.89
C ILE K 20 30.37 5.14 -57.21
N PHE K 21 30.92 6.13 -57.90
CA PHE K 21 31.00 7.50 -57.36
C PHE K 21 29.62 8.14 -57.10
N SER K 22 28.64 7.83 -57.94
CA SER K 22 27.32 8.38 -57.76
C SER K 22 26.73 7.87 -56.45
N CYS K 23 27.27 6.78 -55.94
CA CYS K 23 26.80 6.21 -54.68
C CYS K 23 27.45 6.89 -53.48
N LEU K 24 28.40 7.79 -53.74
CA LEU K 24 29.11 8.50 -52.66
C LEU K 24 28.52 9.87 -52.34
N CYS K 25 28.39 10.16 -51.05
CA CYS K 25 27.86 11.44 -50.62
C CYS K 25 28.97 12.46 -50.85
N LEU K 26 28.61 13.74 -50.88
CA LEU K 26 29.57 14.82 -51.14
C LEU K 26 30.97 14.68 -50.51
N PRO K 27 31.06 14.58 -49.17
CA PRO K 27 32.37 14.46 -48.55
C PRO K 27 33.16 13.23 -49.05
N GLU K 28 32.47 12.13 -49.32
CA GLU K 28 33.11 10.91 -49.82
C GLU K 28 33.67 11.13 -51.21
N LEU K 29 32.89 11.82 -52.06
CA LEU K 29 33.29 12.11 -53.44
C LEU K 29 34.57 12.96 -53.45
N LEU K 30 34.68 13.91 -52.55
CA LEU K 30 35.89 14.72 -52.52
C LEU K 30 37.04 13.94 -51.96
N LYS K 31 36.75 12.85 -51.27
CA LYS K 31 37.82 12.03 -50.72
C LYS K 31 38.43 11.28 -51.90
N VAL K 32 37.60 10.45 -52.53
CA VAL K 32 38.03 9.65 -53.67
C VAL K 32 38.75 10.44 -54.76
N SER K 33 38.36 11.69 -54.96
CA SER K 33 38.98 12.52 -55.99
C SER K 33 40.49 12.62 -55.81
N GLY K 34 40.98 12.22 -54.63
CA GLY K 34 42.40 12.29 -54.37
C GLY K 34 43.09 10.93 -54.31
N VAL K 35 42.47 9.91 -54.88
CA VAL K 35 43.07 8.58 -54.88
C VAL K 35 44.11 8.52 -55.99
N CYS K 36 43.66 8.76 -57.21
CA CYS K 36 44.54 8.75 -58.36
C CYS K 36 44.08 9.83 -59.33
N LYS K 37 44.94 10.21 -60.26
CA LYS K 37 44.58 11.23 -61.24
C LYS K 37 43.32 10.90 -62.03
N ARG K 38 43.06 9.62 -62.27
CA ARG K 38 41.87 9.24 -63.01
C ARG K 38 40.62 9.53 -62.17
N TRP K 39 40.60 9.03 -60.94
CA TRP K 39 39.48 9.24 -60.02
C TRP K 39 39.20 10.73 -59.85
N TYR K 40 40.25 11.53 -59.80
CA TYR K 40 40.09 12.97 -59.65
C TYR K 40 39.34 13.56 -60.85
N ARG K 41 39.63 13.08 -62.05
CA ARG K 41 38.95 13.59 -63.24
C ARG K 41 37.48 13.23 -63.14
N LEU K 42 37.22 11.95 -62.91
CA LEU K 42 35.86 11.43 -62.81
C LEU K 42 35.07 11.92 -61.61
N ALA K 43 35.76 12.22 -60.51
CA ALA K 43 35.08 12.70 -59.31
C ALA K 43 34.48 14.06 -59.55
N SER K 44 34.84 14.69 -60.66
CA SER K 44 34.32 16.01 -61.01
C SER K 44 33.45 15.97 -62.25
N ASP K 45 33.16 14.76 -62.74
CA ASP K 45 32.34 14.57 -63.93
C ASP K 45 31.01 15.27 -63.74
N GLU K 46 30.48 15.85 -64.82
CA GLU K 46 29.24 16.61 -64.78
C GLU K 46 28.02 15.84 -64.27
N SER K 47 27.96 14.56 -64.57
CA SER K 47 26.83 13.75 -64.15
C SER K 47 26.71 13.71 -62.62
N LEU K 48 27.83 13.85 -61.94
CA LEU K 48 27.86 13.80 -60.48
C LEU K 48 27.48 15.12 -59.83
N TRP K 49 27.60 16.22 -60.55
CA TRP K 49 27.33 17.52 -59.97
C TRP K 49 26.11 18.34 -60.40
N GLN K 50 25.10 17.69 -60.98
CA GLN K 50 23.91 18.42 -61.42
C GLN K 50 23.14 19.18 -60.33
N THR K 51 23.04 18.60 -59.15
CA THR K 51 22.31 19.20 -58.06
C THR K 51 23.20 19.24 -56.82
N LEU K 52 23.53 20.45 -56.36
CA LEU K 52 24.39 20.61 -55.21
C LEU K 52 23.73 21.48 -54.11
N ASP K 53 23.73 20.97 -52.88
CA ASP K 53 23.15 21.68 -51.75
C ASP K 53 24.21 22.01 -50.68
N LEU K 54 24.63 23.26 -50.63
CA LEU K 54 25.60 23.70 -49.66
C LEU K 54 24.95 24.81 -48.89
N THR K 55 23.96 24.51 -48.06
CA THR K 55 23.27 25.56 -47.30
C THR K 55 23.87 25.91 -45.93
N GLY K 56 23.96 27.21 -45.67
CA GLY K 56 24.50 27.66 -44.39
C GLY K 56 25.98 27.43 -44.32
N LYS K 57 26.57 27.09 -45.44
CA LYS K 57 28.00 26.86 -45.48
C LYS K 57 28.77 28.16 -45.67
N ASN K 58 29.78 28.41 -44.83
CA ASN K 58 30.62 29.60 -45.01
C ASN K 58 31.44 29.12 -46.21
N LEU K 59 31.71 29.98 -47.17
CA LEU K 59 32.38 29.49 -48.36
C LEU K 59 33.18 30.56 -49.09
N HIS K 60 34.28 30.15 -49.72
CA HIS K 60 35.08 31.10 -50.47
C HIS K 60 34.56 31.12 -51.90
N PRO K 61 34.38 32.32 -52.48
CA PRO K 61 33.87 32.45 -53.85
C PRO K 61 34.57 31.53 -54.87
N ASP K 62 35.87 31.26 -54.68
CA ASP K 62 36.58 30.38 -55.62
C ASP K 62 36.04 28.97 -55.57
N VAL K 63 35.59 28.53 -54.39
CA VAL K 63 35.02 27.18 -54.26
C VAL K 63 33.69 27.15 -54.99
N THR K 64 32.88 28.20 -54.78
CA THR K 64 31.57 28.25 -55.41
C THR K 64 31.75 28.29 -56.92
N GLY K 65 32.72 29.05 -57.40
CA GLY K 65 32.93 29.13 -58.83
C GLY K 65 33.43 27.81 -59.42
N ARG K 66 34.41 27.25 -58.73
CA ARG K 66 35.01 26.00 -59.15
C ARG K 66 33.97 24.91 -59.15
N LEU K 67 33.04 25.00 -58.21
CA LEU K 67 31.99 24.00 -58.14
C LEU K 67 30.94 24.24 -59.17
N LEU K 68 30.65 25.52 -59.46
CA LEU K 68 29.64 25.85 -60.47
C LEU K 68 30.19 25.59 -61.87
N SER K 69 31.51 25.63 -61.99
CA SER K 69 32.15 25.38 -63.27
C SER K 69 32.13 23.90 -63.65
N GLN K 70 31.62 23.05 -62.76
CA GLN K 70 31.57 21.63 -63.06
C GLN K 70 30.22 21.26 -63.56
N GLY K 71 29.54 22.18 -64.23
CA GLY K 71 28.22 21.86 -64.73
C GLY K 71 27.31 21.41 -63.61
N VAL K 72 26.84 22.38 -62.84
CA VAL K 72 25.91 22.17 -61.72
C VAL K 72 24.64 22.88 -62.17
N ILE K 73 23.54 22.15 -62.28
CA ILE K 73 22.27 22.71 -62.73
C ILE K 73 21.41 23.37 -61.65
N ALA K 74 21.23 22.68 -60.52
CA ALA K 74 20.45 23.18 -59.40
C ALA K 74 21.42 23.44 -58.24
N PHE K 75 21.60 24.70 -57.87
CA PHE K 75 22.52 25.02 -56.79
C PHE K 75 21.75 25.65 -55.62
N ARG K 76 21.52 24.85 -54.56
CA ARG K 76 20.81 25.28 -53.37
C ARG K 76 21.81 25.78 -52.34
N CYS K 77 21.76 27.07 -52.03
CA CYS K 77 22.73 27.63 -51.11
C CYS K 77 22.21 28.80 -50.27
N PRO K 78 21.03 28.61 -49.64
CA PRO K 78 20.51 29.71 -48.80
C PRO K 78 21.26 29.86 -47.46
N ARG K 79 21.17 31.02 -46.85
CA ARG K 79 21.82 31.23 -45.57
C ARG K 79 23.30 30.90 -45.59
N SER K 80 23.96 31.11 -46.72
CA SER K 80 25.37 30.83 -46.82
C SER K 80 26.26 32.05 -46.55
N PHE K 81 27.56 31.87 -46.64
CA PHE K 81 28.47 32.97 -46.37
C PHE K 81 29.63 33.01 -47.34
N MET K 82 29.64 34.00 -48.21
CA MET K 82 30.71 34.18 -49.17
C MET K 82 31.02 35.66 -49.08
N ASP K 83 32.12 35.97 -48.40
CA ASP K 83 32.49 37.36 -48.21
C ASP K 83 33.94 37.68 -48.52
N GLN K 84 34.46 37.13 -49.62
CA GLN K 84 35.84 37.41 -50.03
C GLN K 84 36.03 37.66 -51.53
N PRO K 85 37.19 38.23 -51.91
CA PRO K 85 37.52 38.57 -53.29
C PRO K 85 37.38 37.46 -54.33
N LEU K 86 37.53 37.85 -55.59
CA LEU K 86 37.41 36.96 -56.74
C LEU K 86 35.96 36.57 -57.05
N ALA K 87 35.80 37.95 -57.20
CA ALA K 87 34.47 38.04 -57.79
C ALA K 87 34.46 37.14 -59.04
N GLU K 88 34.06 35.89 -58.82
CA GLU K 88 33.99 34.85 -59.84
C GLU K 88 33.97 35.25 -61.31
N HIS K 89 34.64 34.41 -62.10
CA HIS K 89 34.79 34.59 -63.55
C HIS K 89 35.27 33.26 -64.17
N PHE K 90 35.44 33.05 -63.08
CA PHE K 90 35.68 31.72 -63.73
C PHE K 90 34.88 31.73 -65.05
N SER K 91 35.04 30.70 -65.86
CA SER K 91 34.26 30.55 -67.12
C SER K 91 32.72 30.62 -66.86
N PRO K 92 31.87 30.79 -67.92
CA PRO K 92 30.38 30.89 -67.81
C PRO K 92 29.82 29.59 -67.20
N PHE K 93 28.81 29.74 -66.34
CA PHE K 93 28.22 28.59 -65.67
C PHE K 93 26.96 28.09 -66.37
N ARG K 94 26.63 26.83 -66.15
CA ARG K 94 25.44 26.22 -66.73
C ARG K 94 24.27 26.37 -65.77
N VAL K 95 24.57 26.76 -64.55
CA VAL K 95 23.56 26.91 -63.51
C VAL K 95 22.21 27.42 -64.01
N GLN K 96 21.18 26.62 -63.78
CA GLN K 96 19.83 26.97 -64.19
C GLN K 96 18.91 27.37 -63.03
N HIS K 97 19.05 26.68 -61.91
CA HIS K 97 18.23 26.94 -60.74
C HIS K 97 19.19 27.24 -59.61
N MET K 98 19.11 28.44 -59.07
CA MET K 98 20.01 28.80 -57.98
C MET K 98 19.32 29.58 -56.86
N ASP K 99 19.53 29.12 -55.62
CA ASP K 99 18.96 29.77 -54.45
C ASP K 99 20.03 30.25 -53.49
N LEU K 100 20.21 31.55 -53.46
CA LEU K 100 21.19 32.16 -52.57
C LEU K 100 20.48 33.01 -51.53
N SER K 101 19.21 32.67 -51.26
CA SER K 101 18.42 33.45 -50.30
C SER K 101 18.93 33.53 -48.87
N ASN K 102 18.81 34.72 -48.28
CA ASN K 102 19.22 34.95 -46.89
C ASN K 102 20.65 34.58 -46.58
N SER K 103 21.49 34.64 -47.58
CA SER K 103 22.88 34.34 -47.38
C SER K 103 23.56 35.66 -47.09
N VAL K 104 24.83 35.60 -46.75
CA VAL K 104 25.58 36.82 -46.49
C VAL K 104 26.70 36.64 -47.51
N ILE K 105 26.65 37.43 -48.57
CA ILE K 105 27.62 37.34 -49.65
C ILE K 105 28.12 38.72 -50.04
N GLU K 106 29.42 38.90 -49.96
CA GLU K 106 30.04 40.17 -50.34
C GLU K 106 29.42 40.58 -51.67
N VAL K 107 28.95 41.82 -51.75
CA VAL K 107 28.31 42.28 -52.98
C VAL K 107 29.17 42.06 -54.25
N SER K 108 30.50 42.19 -54.13
CA SER K 108 31.37 41.98 -55.29
C SER K 108 31.47 40.50 -55.66
N THR K 109 31.34 39.62 -54.66
CA THR K 109 31.39 38.18 -54.88
C THR K 109 30.08 37.81 -55.54
N LEU K 110 29.00 38.43 -55.07
CA LEU K 110 27.68 38.15 -55.61
C LEU K 110 27.70 38.51 -57.10
N HIS K 111 28.25 39.68 -57.40
CA HIS K 111 28.35 40.13 -58.79
C HIS K 111 29.19 39.18 -59.65
N GLY K 112 30.40 38.89 -59.19
CA GLY K 112 31.28 38.00 -59.93
C GLY K 112 30.68 36.66 -60.29
N ILE K 113 29.83 36.11 -59.42
CA ILE K 113 29.22 34.82 -59.68
C ILE K 113 28.09 34.94 -60.67
N LEU K 114 27.26 35.96 -60.48
CA LEU K 114 26.12 36.15 -61.37
C LEU K 114 26.56 36.59 -62.74
N SER K 115 27.78 37.13 -62.83
CA SER K 115 28.30 37.63 -64.12
C SER K 115 28.81 36.50 -64.98
N GLN K 116 28.61 35.28 -64.52
CA GLN K 116 29.04 34.09 -65.25
C GLN K 116 27.81 33.27 -65.44
N CYS K 117 26.67 33.93 -65.28
CA CYS K 117 25.38 33.29 -65.41
C CYS K 117 24.54 33.96 -66.49
N SER K 118 23.91 33.14 -67.32
CA SER K 118 23.05 33.62 -68.37
C SER K 118 21.97 32.58 -68.58
N LYS K 119 22.24 31.37 -68.16
CA LYS K 119 21.29 30.28 -68.35
C LYS K 119 20.31 30.05 -67.20
N LEU K 120 20.21 31.03 -66.31
CA LEU K 120 19.33 30.91 -65.15
C LEU K 120 17.88 30.89 -65.50
N GLN K 121 17.14 29.93 -64.94
CA GLN K 121 15.70 29.86 -65.18
C GLN K 121 14.93 30.25 -63.90
N ASN K 122 15.49 29.89 -62.74
CA ASN K 122 14.89 30.19 -61.45
C ASN K 122 15.99 30.64 -60.52
N LEU K 123 15.90 31.87 -60.04
CA LEU K 123 16.92 32.42 -59.17
C LEU K 123 16.32 33.14 -57.98
N SER K 124 16.97 33.00 -56.82
CA SER K 124 16.52 33.68 -55.62
C SER K 124 17.65 34.37 -54.91
N LEU K 125 17.50 35.66 -54.73
CA LEU K 125 18.49 36.44 -54.06
C LEU K 125 17.76 37.12 -52.92
N GLU K 126 16.69 36.50 -52.45
CA GLU K 126 15.94 37.10 -51.36
C GLU K 126 16.81 37.47 -50.13
N GLY K 127 16.72 38.71 -49.73
CA GLY K 127 17.47 39.15 -48.57
C GLY K 127 18.93 39.46 -48.81
N LEU K 128 19.32 39.81 -50.02
CA LEU K 128 20.73 40.16 -50.28
C LEU K 128 20.89 41.59 -50.80
N ARG K 129 21.81 42.33 -50.21
CA ARG K 129 22.11 43.68 -50.66
C ARG K 129 22.75 43.44 -52.02
N LEU K 130 22.27 44.15 -53.04
CA LEU K 130 22.78 43.97 -54.40
C LEU K 130 23.36 45.26 -54.83
N SER K 131 23.38 45.47 -56.15
CA SER K 131 23.94 46.69 -56.75
C SER K 131 23.63 46.70 -58.21
N ASP K 132 23.64 47.90 -58.79
CA ASP K 132 23.38 48.03 -60.20
C ASP K 132 24.22 47.01 -60.97
N PRO K 133 25.54 46.95 -60.66
CA PRO K 133 26.35 45.98 -61.39
C PRO K 133 25.73 44.60 -61.29
N ILE K 134 25.23 44.26 -60.12
CA ILE K 134 24.64 42.94 -59.98
C ILE K 134 23.35 42.82 -60.73
N VAL K 135 22.45 43.76 -60.53
CA VAL K 135 21.16 43.74 -61.19
C VAL K 135 21.28 43.76 -62.70
N ASN K 136 22.20 44.54 -63.24
CA ASN K 136 22.38 44.53 -64.69
C ASN K 136 22.85 43.17 -65.24
N THR K 137 23.85 42.56 -64.59
CA THR K 137 24.36 41.27 -65.02
C THR K 137 23.23 40.26 -65.07
N LEU K 138 22.24 40.45 -64.20
CA LEU K 138 21.11 39.52 -64.18
C LEU K 138 20.33 39.57 -65.50
N ALA K 139 20.39 40.73 -66.14
CA ALA K 139 19.67 40.94 -67.39
C ALA K 139 20.02 39.87 -68.40
N LYS K 140 21.25 39.38 -68.37
CA LYS K 140 21.70 38.33 -69.29
C LYS K 140 20.78 37.13 -69.22
N ASN K 141 20.26 36.82 -68.05
CA ASN K 141 19.43 35.64 -67.90
C ASN K 141 18.00 35.89 -68.37
N SER K 142 17.88 36.32 -69.62
CA SER K 142 16.58 36.60 -70.22
C SER K 142 15.64 35.41 -70.15
N ASN K 143 16.17 34.20 -70.02
CA ASN K 143 15.30 33.05 -69.93
C ASN K 143 14.75 32.80 -68.51
N LEU K 144 14.89 33.78 -67.63
CA LEU K 144 14.40 33.66 -66.27
C LEU K 144 12.90 33.42 -66.23
N VAL K 145 12.49 32.36 -65.55
CA VAL K 145 11.09 32.04 -65.42
C VAL K 145 10.60 32.49 -64.04
N ARG K 146 11.44 32.34 -63.01
CA ARG K 146 11.10 32.76 -61.64
C ARG K 146 12.28 33.51 -61.06
N LEU K 147 12.04 34.70 -60.55
CA LEU K 147 13.07 35.54 -59.95
C LEU K 147 12.56 36.13 -58.61
N ASN K 148 13.29 35.84 -57.53
CA ASN K 148 12.94 36.33 -56.20
C ASN K 148 13.97 37.32 -55.72
N LEU K 149 13.62 38.60 -55.59
CA LEU K 149 14.54 39.64 -55.12
C LEU K 149 13.90 40.28 -53.93
N SER K 150 13.03 39.51 -53.26
CA SER K 150 12.35 40.01 -52.08
C SER K 150 13.35 40.44 -51.01
N GLY K 151 13.12 41.62 -50.47
CA GLY K 151 13.97 42.14 -49.46
C GLY K 151 15.31 42.60 -49.96
N CYS K 152 15.59 42.48 -51.24
CA CYS K 152 16.92 42.93 -51.67
C CYS K 152 16.95 44.44 -51.66
N SER K 153 18.12 45.01 -51.89
CA SER K 153 18.26 46.46 -51.90
C SER K 153 19.55 46.78 -52.63
N GLY K 154 19.90 48.07 -52.72
CA GLY K 154 21.12 48.48 -53.38
C GLY K 154 21.14 48.72 -54.89
N PHE K 155 19.97 48.72 -55.53
CA PHE K 155 19.93 48.99 -56.97
C PHE K 155 18.89 50.05 -57.29
N SER K 156 19.16 50.84 -58.33
CA SER K 156 18.26 51.93 -58.75
C SER K 156 17.08 51.40 -59.50
N GLU K 157 16.13 52.29 -59.81
CA GLU K 157 14.92 51.89 -60.56
C GLU K 157 15.32 51.69 -62.01
N PHE K 158 16.51 52.17 -62.37
CA PHE K 158 17.03 52.01 -63.71
C PHE K 158 17.57 50.60 -63.91
N ALA K 159 18.43 50.14 -63.01
CA ALA K 159 18.96 48.80 -63.15
C ALA K 159 17.80 47.80 -63.14
N LEU K 160 16.80 48.08 -62.31
CA LEU K 160 15.64 47.22 -62.20
C LEU K 160 14.91 47.19 -63.54
N GLN K 161 14.91 48.35 -64.20
CA GLN K 161 14.25 48.51 -65.48
C GLN K 161 14.88 47.65 -66.57
N THR K 162 16.20 47.68 -66.65
CA THR K 162 16.81 46.85 -67.67
C THR K 162 16.66 45.38 -67.30
N LEU K 163 16.66 45.06 -66.01
CA LEU K 163 16.47 43.67 -65.65
C LEU K 163 15.09 43.19 -66.10
N LEU K 164 14.05 43.89 -65.66
CA LEU K 164 12.67 43.51 -65.98
C LEU K 164 12.41 43.58 -67.50
N SER K 165 13.00 44.58 -68.16
CA SER K 165 12.81 44.72 -69.61
C SER K 165 13.44 43.51 -70.31
N SER K 166 14.58 43.08 -69.80
CA SER K 166 15.27 41.96 -70.35
C SER K 166 14.64 40.59 -70.05
N CYS K 167 13.95 40.43 -68.93
CA CYS K 167 13.37 39.13 -68.63
C CYS K 167 11.95 39.03 -69.11
N SER K 168 11.82 38.94 -70.42
CA SER K 168 10.53 38.88 -71.10
C SER K 168 9.75 37.58 -71.06
N ARG K 169 10.20 36.58 -70.32
CA ARG K 169 9.40 35.35 -70.22
C ARG K 169 9.18 35.04 -68.73
N LEU K 170 9.45 36.02 -67.88
CA LEU K 170 9.28 35.86 -66.43
C LEU K 170 7.85 35.44 -66.07
N ASP K 171 7.70 34.38 -65.29
CA ASP K 171 6.37 33.90 -64.92
C ASP K 171 6.05 34.28 -63.46
N GLU K 172 7.01 34.04 -62.58
CA GLU K 172 6.87 34.35 -61.18
C GLU K 172 7.88 35.43 -60.89
N LEU K 173 7.45 36.44 -60.12
CA LEU K 173 8.31 37.56 -59.72
C LEU K 173 7.98 38.02 -58.30
N ASN K 174 8.94 37.81 -57.42
CA ASN K 174 8.76 38.28 -56.07
C ASN K 174 9.72 39.40 -55.87
N LEU K 175 9.21 40.61 -56.03
CA LEU K 175 10.01 41.81 -55.87
C LEU K 175 9.41 42.53 -54.66
N SER K 176 9.22 41.84 -53.54
CA SER K 176 8.59 42.52 -52.42
C SER K 176 9.54 42.93 -51.32
N TRP K 177 9.10 43.93 -50.56
CA TRP K 177 9.84 44.46 -49.41
C TRP K 177 11.25 44.86 -49.69
N CYS K 178 11.48 45.43 -50.86
CA CYS K 178 12.80 45.92 -51.15
C CYS K 178 12.72 47.26 -50.43
N PHE K 179 13.13 47.18 -49.17
CA PHE K 179 13.10 48.30 -48.26
C PHE K 179 13.88 49.48 -48.81
N ASP K 180 14.77 49.15 -49.73
CA ASP K 180 15.64 50.09 -50.39
C ASP K 180 14.91 51.06 -51.32
N PHE K 181 13.67 50.76 -51.74
CA PHE K 181 13.17 51.70 -52.69
C PHE K 181 11.95 52.57 -52.67
N THR K 182 11.96 53.52 -53.62
CA THR K 182 10.96 54.55 -53.80
C THR K 182 9.79 54.28 -54.72
N GLU K 183 9.11 55.36 -55.10
CA GLU K 183 7.94 55.29 -55.98
C GLU K 183 8.40 54.86 -57.36
N LYS K 184 9.47 55.50 -57.80
CA LYS K 184 10.07 55.21 -59.08
C LYS K 184 10.36 53.74 -59.30
N HIS K 185 10.84 53.03 -58.26
CA HIS K 185 11.09 51.60 -58.38
C HIS K 185 9.76 50.90 -58.57
N VAL K 186 8.77 51.28 -57.77
CA VAL K 186 7.43 50.68 -57.86
C VAL K 186 6.82 50.93 -59.23
N GLN K 187 7.01 52.16 -59.72
CA GLN K 187 6.52 52.57 -61.03
C GLN K 187 7.28 51.78 -62.12
N VAL K 188 8.62 51.74 -62.04
CA VAL K 188 9.37 50.98 -63.02
C VAL K 188 8.91 49.54 -62.97
N ALA K 189 8.64 49.04 -61.78
CA ALA K 189 8.22 47.64 -61.65
C ALA K 189 6.96 47.36 -62.47
N VAL K 190 5.90 48.10 -62.20
CA VAL K 190 4.68 47.84 -62.94
C VAL K 190 4.78 48.21 -64.40
N ALA K 191 5.71 49.09 -64.74
CA ALA K 191 5.92 49.52 -66.13
C ALA K 191 6.69 48.51 -67.01
N HIS K 192 7.57 47.72 -66.40
CA HIS K 192 8.34 46.79 -67.19
C HIS K 192 8.29 45.29 -66.90
N VAL K 193 7.45 44.84 -65.98
CA VAL K 193 7.38 43.42 -65.73
C VAL K 193 6.82 42.80 -67.01
N SER K 194 7.37 41.68 -67.44
CA SER K 194 6.89 41.03 -68.64
C SER K 194 5.39 40.73 -68.57
N GLU K 195 4.70 40.87 -69.70
CA GLU K 195 3.29 40.59 -69.78
C GLU K 195 3.09 39.12 -69.62
N THR K 196 4.21 38.39 -69.54
CA THR K 196 4.16 36.94 -69.41
C THR K 196 3.97 36.55 -67.95
N ILE K 197 4.20 37.53 -67.08
CA ILE K 197 4.09 37.33 -65.64
C ILE K 197 2.71 36.84 -65.19
N THR K 198 2.71 35.83 -64.31
CA THR K 198 1.47 35.25 -63.80
C THR K 198 1.41 35.22 -62.26
N GLN K 199 2.54 35.47 -61.62
CA GLN K 199 2.63 35.50 -60.18
C GLN K 199 3.54 36.62 -59.82
N LEU K 200 2.98 37.65 -59.20
CA LEU K 200 3.77 38.81 -58.83
C LEU K 200 3.50 39.19 -57.38
N ASN K 201 4.59 39.43 -56.62
CA ASN K 201 4.51 39.81 -55.20
C ASN K 201 5.17 41.17 -55.09
N LEU K 202 4.37 42.21 -54.91
CA LEU K 202 4.91 43.54 -54.75
C LEU K 202 4.48 44.18 -53.42
N SER K 203 4.42 43.37 -52.37
CA SER K 203 4.04 43.84 -51.04
C SER K 203 5.14 44.59 -50.31
N GLY K 204 4.73 45.42 -49.36
CA GLY K 204 5.73 46.14 -48.58
C GLY K 204 6.06 47.58 -48.93
N TYR K 205 5.42 48.12 -49.97
CA TYR K 205 5.71 49.50 -50.36
C TYR K 205 4.50 50.28 -50.02
N ARG K 206 4.47 50.82 -48.81
CA ARG K 206 3.31 51.59 -48.32
C ARG K 206 2.87 52.76 -49.21
N LYS K 207 3.30 53.96 -48.84
CA LYS K 207 2.96 55.17 -49.56
C LYS K 207 3.54 55.22 -50.97
N ASN K 208 4.41 54.28 -51.33
CA ASN K 208 5.00 54.28 -52.66
C ASN K 208 4.27 53.53 -53.77
N LEU K 209 3.21 52.81 -53.45
CA LEU K 209 2.47 52.07 -54.47
C LEU K 209 1.10 52.71 -54.64
N GLN K 210 0.93 53.50 -55.71
CA GLN K 210 -0.35 54.17 -55.98
C GLN K 210 -1.34 53.31 -56.73
N LYS K 211 -2.57 53.74 -56.72
CA LYS K 211 -3.63 53.03 -57.41
C LYS K 211 -3.26 52.99 -58.90
N SER K 212 -2.80 54.12 -59.43
CA SER K 212 -2.40 54.21 -60.82
C SER K 212 -1.34 53.14 -61.16
N ASP K 213 -0.49 52.82 -60.19
CA ASP K 213 0.54 51.80 -60.39
C ASP K 213 -0.16 50.45 -60.50
N LEU K 214 -1.33 50.32 -59.88
CA LEU K 214 -2.06 49.06 -59.96
C LEU K 214 -2.74 49.03 -61.35
N SER K 215 -3.02 50.21 -61.91
CA SER K 215 -3.68 50.27 -63.19
C SER K 215 -2.70 49.88 -64.25
N THR K 216 -1.52 50.48 -64.20
CA THR K 216 -0.50 50.16 -65.17
C THR K 216 -0.32 48.66 -65.22
N LEU K 217 -0.01 48.09 -64.06
CA LEU K 217 0.23 46.68 -63.91
C LEU K 217 -0.90 45.88 -64.53
N VAL K 218 -2.14 46.19 -64.16
CA VAL K 218 -3.29 45.47 -64.69
C VAL K 218 -3.47 45.61 -66.20
N ARG K 219 -3.04 46.75 -66.73
CA ARG K 219 -3.15 47.05 -68.15
C ARG K 219 -2.10 46.25 -68.96
N ARG K 220 -0.87 46.26 -68.45
CA ARG K 220 0.22 45.52 -69.09
C ARG K 220 0.25 44.03 -68.82
N CYS K 221 -0.30 43.59 -67.69
CA CYS K 221 -0.22 42.17 -67.36
C CYS K 221 -1.52 41.46 -67.11
N PRO K 222 -2.25 41.11 -68.16
CA PRO K 222 -3.52 40.41 -68.05
C PRO K 222 -3.46 38.98 -67.57
N ASN K 223 -2.28 38.40 -67.49
CA ASN K 223 -2.17 36.97 -67.12
C ASN K 223 -1.89 36.64 -65.65
N LEU K 224 -1.96 37.66 -64.77
CA LEU K 224 -1.71 37.44 -63.35
C LEU K 224 -2.69 36.47 -62.69
N VAL K 225 -2.12 35.45 -62.06
CA VAL K 225 -2.89 34.43 -61.37
C VAL K 225 -2.71 34.61 -59.86
N HIS K 226 -1.51 35.06 -59.46
CA HIS K 226 -1.19 35.31 -58.06
C HIS K 226 -0.81 36.78 -58.03
N LEU K 227 -1.38 37.55 -57.09
CA LEU K 227 -1.03 38.96 -56.98
C LEU K 227 -1.05 39.34 -55.52
N ASP K 228 0.12 39.64 -54.99
CA ASP K 228 0.24 39.98 -53.61
C ASP K 228 0.53 41.46 -53.49
N LEU K 229 -0.40 42.18 -52.86
CA LEU K 229 -0.20 43.60 -52.69
C LEU K 229 -0.27 43.99 -51.23
N SER K 230 0.03 43.04 -50.36
CA SER K 230 -0.01 43.27 -48.93
C SER K 230 0.80 44.49 -48.56
N ASP K 231 0.29 45.23 -47.57
CA ASP K 231 0.95 46.43 -47.06
C ASP K 231 0.95 47.58 -48.05
N SER K 232 -0.05 47.58 -48.93
CA SER K 232 -0.20 48.65 -49.92
C SER K 232 -1.13 49.67 -49.33
N VAL K 233 -0.63 50.36 -48.32
CA VAL K 233 -1.34 51.39 -47.56
C VAL K 233 -2.24 52.34 -48.36
N MET K 234 -1.84 52.71 -49.57
CA MET K 234 -2.66 53.62 -50.40
C MET K 234 -3.98 52.99 -50.95
N LEU K 235 -3.95 51.71 -51.27
CA LEU K 235 -5.12 51.06 -51.85
C LEU K 235 -6.42 51.11 -51.05
N LYS K 236 -7.49 51.54 -51.71
CA LYS K 236 -8.82 51.57 -51.09
C LYS K 236 -9.62 50.61 -51.92
N ASN K 237 -10.91 50.47 -51.65
CA ASN K 237 -11.70 49.51 -52.40
C ASN K 237 -11.95 49.91 -53.85
N ASP K 238 -11.60 51.15 -54.21
CA ASP K 238 -11.79 51.61 -55.58
C ASP K 238 -10.69 51.05 -56.50
N CYS K 239 -9.96 50.06 -56.00
CA CYS K 239 -8.91 49.40 -56.77
C CYS K 239 -9.52 48.14 -57.30
N PHE K 240 -10.53 47.66 -56.58
CA PHE K 240 -11.20 46.43 -56.95
C PHE K 240 -11.64 46.44 -58.40
N GLN K 241 -11.88 47.63 -58.96
CA GLN K 241 -12.30 47.70 -60.34
C GLN K 241 -11.15 47.34 -61.27
N GLU K 242 -9.94 47.29 -60.73
CA GLU K 242 -8.77 46.94 -61.52
C GLU K 242 -8.53 45.42 -61.46
N PHE K 243 -8.83 44.82 -60.30
CA PHE K 243 -8.65 43.37 -60.10
C PHE K 243 -9.69 42.65 -60.91
N PHE K 244 -10.78 43.35 -61.20
CA PHE K 244 -11.88 42.77 -61.98
C PHE K 244 -11.45 42.62 -63.43
N GLN K 245 -10.49 43.45 -63.84
CA GLN K 245 -9.98 43.41 -65.20
C GLN K 245 -8.96 42.31 -65.39
N LEU K 246 -8.78 41.48 -64.37
CA LEU K 246 -7.86 40.33 -64.45
C LEU K 246 -8.77 39.11 -64.52
N ASN K 247 -8.81 38.45 -65.67
CA ASN K 247 -9.68 37.30 -65.81
C ASN K 247 -9.07 35.96 -65.48
N TYR K 248 -7.91 35.97 -64.83
CA TYR K 248 -7.25 34.73 -64.42
C TYR K 248 -6.74 34.81 -62.99
N LEU K 249 -7.02 35.93 -62.32
CA LEU K 249 -6.57 36.12 -60.94
C LEU K 249 -7.32 35.12 -60.08
N GLN K 250 -6.59 34.30 -59.34
CA GLN K 250 -7.27 33.37 -58.44
C GLN K 250 -6.69 33.41 -57.04
N HIS K 251 -5.66 34.22 -56.86
CA HIS K 251 -5.03 34.36 -55.56
C HIS K 251 -4.64 35.82 -55.39
N LEU K 252 -5.22 36.46 -54.40
CA LEU K 252 -4.93 37.88 -54.17
C LEU K 252 -4.59 38.14 -52.72
N SER K 253 -3.68 39.07 -52.48
CA SER K 253 -3.35 39.40 -51.11
C SER K 253 -3.34 40.91 -50.87
N LEU K 254 -4.11 41.30 -49.86
CA LEU K 254 -4.24 42.69 -49.49
C LEU K 254 -4.07 42.88 -47.98
N SER K 255 -3.31 41.98 -47.36
CA SER K 255 -3.08 42.05 -45.93
C SER K 255 -2.47 43.38 -45.59
N ARG K 256 -2.92 43.93 -44.48
CA ARG K 256 -2.44 45.19 -43.97
C ARG K 256 -2.60 46.37 -44.88
N CYS K 257 -3.65 46.32 -45.71
CA CYS K 257 -3.99 47.44 -46.58
C CYS K 257 -5.07 48.14 -45.77
N TYR K 258 -4.62 48.93 -44.81
CA TYR K 258 -5.46 49.64 -43.87
C TYR K 258 -6.51 50.58 -44.40
N ASP K 259 -6.42 50.98 -45.68
CA ASP K 259 -7.42 51.88 -46.25
C ASP K 259 -8.53 51.13 -46.96
N ILE K 260 -8.49 49.80 -46.91
CA ILE K 260 -9.51 48.99 -47.52
C ILE K 260 -10.53 48.61 -46.44
N ILE K 261 -11.66 49.30 -46.45
CA ILE K 261 -12.75 49.07 -45.47
C ILE K 261 -13.17 47.61 -45.54
N PRO K 262 -13.10 46.90 -44.41
CA PRO K 262 -13.45 45.47 -44.32
C PRO K 262 -14.69 45.05 -45.08
N GLU K 263 -15.72 45.87 -45.02
CA GLU K 263 -16.98 45.55 -45.71
C GLU K 263 -16.84 45.52 -47.25
N THR K 264 -16.08 46.44 -47.80
CA THR K 264 -15.91 46.50 -49.26
C THR K 264 -15.32 45.18 -49.76
N LEU K 265 -14.64 44.43 -48.91
CA LEU K 265 -14.08 43.16 -49.33
C LEU K 265 -15.12 42.22 -49.95
N LEU K 266 -16.40 42.44 -49.68
CA LEU K 266 -17.45 41.58 -50.23
C LEU K 266 -17.50 41.70 -51.77
N GLU K 267 -17.09 42.86 -52.27
CA GLU K 267 -17.07 43.14 -53.70
C GLU K 267 -16.08 42.23 -54.44
N LEU K 268 -15.06 41.75 -53.76
CA LEU K 268 -14.10 40.88 -54.44
C LEU K 268 -14.76 39.58 -54.84
N GLY K 269 -16.06 39.47 -54.60
CA GLY K 269 -16.79 38.28 -55.00
C GLY K 269 -17.10 38.41 -56.47
N GLU K 270 -16.77 39.56 -57.05
CA GLU K 270 -17.00 39.83 -58.46
C GLU K 270 -16.02 39.02 -59.31
N ILE K 271 -14.79 38.92 -58.85
CA ILE K 271 -13.78 38.19 -59.55
C ILE K 271 -14.18 36.71 -59.54
N PRO K 272 -14.67 36.20 -60.68
CA PRO K 272 -15.11 34.81 -60.86
C PRO K 272 -14.03 33.76 -60.66
N THR K 273 -12.84 34.06 -61.13
CA THR K 273 -11.72 33.13 -61.02
C THR K 273 -11.04 33.02 -59.63
N LEU K 274 -11.24 34.03 -58.77
CA LEU K 274 -10.63 34.08 -57.45
C LEU K 274 -10.91 32.80 -56.64
N LYS K 275 -9.86 32.26 -56.04
CA LYS K 275 -9.97 31.02 -55.26
C LYS K 275 -9.56 31.25 -53.78
N THR K 276 -8.70 32.23 -53.56
CA THR K 276 -8.24 32.54 -52.21
C THR K 276 -7.95 34.03 -52.07
N LEU K 277 -8.16 34.51 -50.84
CA LEU K 277 -7.97 35.89 -50.47
C LEU K 277 -7.29 35.98 -49.09
N GLN K 278 -6.26 36.79 -49.03
CA GLN K 278 -5.55 37.00 -47.81
C GLN K 278 -5.68 38.47 -47.48
N VAL K 279 -6.40 38.72 -46.39
CA VAL K 279 -6.62 40.05 -45.86
C VAL K 279 -6.40 39.98 -44.37
N PHE K 280 -5.14 39.90 -43.93
CA PHE K 280 -4.87 39.82 -42.50
C PHE K 280 -4.66 41.21 -41.94
N GLY K 281 -5.01 41.41 -40.68
CA GLY K 281 -4.79 42.69 -40.04
C GLY K 281 -5.73 43.83 -40.34
N ILE K 282 -6.81 43.58 -41.07
CA ILE K 282 -7.74 44.65 -41.43
C ILE K 282 -9.18 44.14 -41.31
N VAL K 283 -9.34 42.83 -41.13
CA VAL K 283 -10.65 42.24 -41.03
C VAL K 283 -10.94 41.68 -39.64
N PRO K 284 -11.94 42.23 -38.94
CA PRO K 284 -12.35 41.81 -37.60
C PRO K 284 -12.76 40.35 -37.66
N ASP K 285 -12.37 39.56 -36.65
CA ASP K 285 -12.74 38.15 -36.65
C ASP K 285 -14.19 37.90 -37.01
N GLY K 286 -15.06 38.83 -36.68
CA GLY K 286 -16.46 38.66 -36.97
C GLY K 286 -16.91 38.89 -38.39
N THR K 287 -16.55 40.05 -38.93
CA THR K 287 -16.89 40.36 -40.30
C THR K 287 -16.11 39.38 -41.20
N LEU K 288 -15.04 38.81 -40.65
CA LEU K 288 -14.25 37.85 -41.41
C LEU K 288 -14.99 36.56 -41.66
N GLN K 289 -15.70 36.09 -40.65
CA GLN K 289 -16.43 34.84 -40.80
C GLN K 289 -17.68 35.09 -41.61
N LEU K 290 -18.17 36.31 -41.61
CA LEU K 290 -19.36 36.59 -42.38
C LEU K 290 -18.90 36.61 -43.83
N LEU K 291 -17.72 37.20 -44.04
CA LEU K 291 -17.11 37.31 -45.37
C LEU K 291 -16.96 35.90 -45.94
N LYS K 292 -16.49 34.97 -45.13
CA LYS K 292 -16.34 33.59 -45.57
C LYS K 292 -17.72 32.97 -45.86
N GLU K 293 -18.75 33.43 -45.14
CA GLU K 293 -20.11 32.94 -45.33
C GLU K 293 -20.53 33.31 -46.72
N ALA K 294 -20.40 34.60 -47.00
CA ALA K 294 -20.78 35.17 -48.28
C ALA K 294 -20.05 34.56 -49.47
N LEU K 295 -18.73 34.41 -49.33
CA LEU K 295 -17.91 33.92 -50.42
C LEU K 295 -17.40 32.53 -50.11
N PRO K 296 -18.29 31.53 -50.12
CA PRO K 296 -17.92 30.14 -49.83
C PRO K 296 -16.90 29.57 -50.82
N HIS K 297 -16.82 30.17 -52.01
CA HIS K 297 -15.91 29.69 -53.04
C HIS K 297 -14.47 30.08 -52.74
N LEU K 298 -14.29 31.11 -51.91
CA LEU K 298 -12.95 31.55 -51.55
C LEU K 298 -12.37 30.81 -50.35
N GLN K 299 -11.14 31.17 -50.03
CA GLN K 299 -10.35 30.61 -48.95
C GLN K 299 -9.79 31.91 -48.40
N ILE K 300 -10.36 32.41 -47.31
CA ILE K 300 -9.88 33.67 -46.80
C ILE K 300 -8.90 33.51 -45.64
N ASN K 301 -7.92 34.42 -45.56
CA ASN K 301 -6.90 34.37 -44.53
C ASN K 301 -6.54 32.93 -44.16
N CYS K 302 -6.26 32.15 -45.20
CA CYS K 302 -5.89 30.73 -45.06
C CYS K 302 -4.38 30.47 -45.07
N SER K 303 -3.60 31.45 -45.50
CA SER K 303 -2.16 31.26 -45.56
C SER K 303 -1.41 32.53 -45.23
N HIS K 304 -0.35 32.35 -44.46
CA HIS K 304 0.45 33.47 -44.02
C HIS K 304 1.68 33.79 -44.82
N PHE K 305 2.23 32.82 -45.53
CA PHE K 305 3.46 33.10 -46.28
C PHE K 305 3.28 33.02 -47.77
N THR K 306 4.06 33.85 -48.48
CA THR K 306 4.02 33.85 -49.92
C THR K 306 4.79 32.62 -50.45
N THR K 307 4.33 32.10 -51.57
CA THR K 307 5.00 30.98 -52.19
C THR K 307 5.62 31.51 -53.50
N ILE K 308 5.23 32.74 -53.84
CA ILE K 308 5.71 33.36 -55.06
C ILE K 308 7.23 33.40 -55.18
N ALA K 309 7.75 32.62 -56.11
CA ALA K 309 9.18 32.57 -56.40
C ALA K 309 9.99 32.11 -55.20
N ARG K 310 9.46 31.12 -54.49
CA ARG K 310 10.14 30.55 -53.35
C ARG K 310 10.82 29.25 -53.71
N PRO K 311 12.17 29.22 -53.63
CA PRO K 311 12.95 28.04 -53.95
C PRO K 311 12.39 26.84 -53.19
N THR K 312 12.13 27.03 -51.90
CA THR K 312 11.56 25.94 -51.12
C THR K 312 10.42 26.42 -50.24
N ILE K 313 9.43 25.56 -50.05
CA ILE K 313 8.25 25.87 -49.24
C ILE K 313 8.08 24.78 -48.16
N GLY K 314 8.47 25.06 -46.93
CA GLY K 314 8.28 24.05 -45.90
C GLY K 314 9.46 23.78 -45.00
N ASN K 315 9.32 22.77 -44.15
CA ASN K 315 10.36 22.38 -43.19
C ASN K 315 10.63 20.89 -43.40
N LYS K 316 11.87 20.45 -43.20
CA LYS K 316 12.18 19.04 -43.37
C LYS K 316 12.10 18.74 -44.87
N LYS K 317 11.69 19.75 -45.63
CA LYS K 317 11.51 19.62 -47.07
C LYS K 317 12.46 20.50 -47.82
N ASN K 318 13.59 20.70 -47.20
CA ASN K 318 14.67 21.47 -47.76
C ASN K 318 15.05 20.76 -49.03
N GLN K 319 16.10 21.27 -49.67
CA GLN K 319 16.66 20.63 -50.84
C GLN K 319 15.65 20.12 -51.84
N GLU K 320 14.60 20.90 -52.05
CA GLU K 320 13.60 20.58 -53.04
C GLU K 320 13.53 21.88 -53.82
N ILE K 321 14.67 22.55 -53.91
CA ILE K 321 14.81 23.80 -54.66
C ILE K 321 13.95 23.64 -55.93
N TRP K 322 12.82 24.31 -55.94
CA TRP K 322 11.88 24.21 -57.05
C TRP K 322 11.72 22.77 -57.50
N GLY K 323 11.44 21.88 -56.57
CA GLY K 323 11.26 20.48 -56.94
C GLY K 323 12.50 19.60 -57.02
N ILE K 324 13.66 20.19 -57.25
CA ILE K 324 14.86 19.39 -57.35
C ILE K 324 15.39 18.93 -56.00
N LYS K 325 15.51 17.61 -55.84
CA LYS K 325 16.11 16.99 -54.64
C LYS K 325 17.62 16.90 -54.94
N CYS K 326 18.40 17.92 -54.58
CA CYS K 326 19.84 17.89 -54.85
C CYS K 326 20.50 16.57 -54.44
N ARG K 327 21.18 15.91 -55.37
CA ARG K 327 21.82 14.64 -55.07
C ARG K 327 23.12 14.77 -54.24
N LEU K 328 23.76 15.92 -54.27
CA LEU K 328 24.96 16.15 -53.47
C LEU K 328 24.65 17.17 -52.40
N THR K 329 24.83 16.81 -51.15
CA THR K 329 24.53 17.72 -50.04
C THR K 329 25.55 17.54 -48.92
N LEU K 330 25.34 18.25 -47.82
CA LEU K 330 26.22 18.14 -46.67
C LEU K 330 25.44 17.88 -45.40
N GLN K 331 24.12 17.70 -45.53
CA GLN K 331 23.25 17.42 -44.39
C GLN K 331 23.80 16.28 -43.54
N PRO L 2 9.29 -21.10 -69.95
CA PRO L 2 9.33 -20.90 -68.48
C PRO L 2 10.76 -21.04 -67.99
N SER L 3 11.55 -21.79 -68.74
CA SER L 3 12.95 -22.03 -68.42
C SER L 3 13.85 -21.57 -69.57
N ILE L 4 15.11 -21.31 -69.23
CA ILE L 4 16.12 -20.88 -70.20
C ILE L 4 17.46 -21.32 -69.64
N LYS L 5 18.35 -21.77 -70.51
CA LYS L 5 19.65 -22.21 -70.03
C LYS L 5 20.71 -21.15 -70.27
N LEU L 6 21.50 -20.88 -69.24
CA LEU L 6 22.56 -19.89 -69.32
C LEU L 6 23.87 -20.66 -69.34
N GLN L 7 24.87 -20.15 -70.06
CA GLN L 7 26.15 -20.84 -70.13
C GLN L 7 27.26 -19.90 -69.65
N SER L 8 27.92 -20.29 -68.56
CA SER L 8 29.01 -19.51 -67.97
C SER L 8 30.23 -19.51 -68.88
N SER L 9 31.00 -18.44 -68.81
CA SER L 9 32.19 -18.29 -69.63
C SER L 9 33.15 -19.47 -69.51
N ASP L 10 32.87 -20.34 -68.55
CA ASP L 10 33.72 -21.49 -68.34
C ASP L 10 32.98 -22.81 -68.29
N GLY L 11 31.91 -22.92 -69.04
CA GLY L 11 31.24 -24.19 -69.13
C GLY L 11 29.95 -24.55 -68.43
N GLU L 12 29.68 -23.98 -67.26
CA GLU L 12 28.46 -24.34 -66.54
C GLU L 12 27.18 -23.87 -67.17
N ILE L 13 26.18 -24.74 -67.11
CA ILE L 13 24.88 -24.44 -67.63
C ILE L 13 23.91 -24.38 -66.45
N PHE L 14 23.27 -23.23 -66.28
CA PHE L 14 22.30 -23.05 -65.23
C PHE L 14 20.94 -22.83 -65.87
N GLU L 15 19.91 -23.51 -65.37
CA GLU L 15 18.58 -23.31 -65.91
C GLU L 15 17.85 -22.34 -65.00
N VAL L 16 17.69 -21.10 -65.45
CA VAL L 16 17.00 -20.10 -64.66
C VAL L 16 15.64 -19.84 -65.27
N ASP L 17 14.73 -19.24 -64.51
CA ASP L 17 13.43 -18.95 -65.06
C ASP L 17 13.63 -17.83 -66.06
N VAL L 18 12.87 -17.88 -67.17
CA VAL L 18 12.93 -16.86 -68.21
C VAL L 18 12.70 -15.46 -67.67
N GLU L 19 11.76 -15.34 -66.73
CA GLU L 19 11.41 -14.08 -66.11
C GLU L 19 12.53 -13.54 -65.23
N ILE L 20 13.29 -14.43 -64.59
CA ILE L 20 14.40 -14.00 -63.73
C ILE L 20 15.62 -13.62 -64.58
N ALA L 21 15.86 -14.41 -65.64
CA ALA L 21 16.97 -14.17 -66.54
C ALA L 21 16.76 -12.84 -67.28
N LYS L 22 15.49 -12.57 -67.60
CA LYS L 22 15.10 -11.36 -68.30
C LYS L 22 15.45 -10.11 -67.47
N GLN L 23 15.70 -10.31 -66.18
CA GLN L 23 16.08 -9.21 -65.29
C GLN L 23 17.39 -8.62 -65.77
N SER L 24 18.04 -9.35 -66.68
CA SER L 24 19.32 -8.95 -67.25
C SER L 24 19.04 -8.43 -68.66
N VAL L 25 19.22 -7.13 -68.87
CA VAL L 25 18.98 -6.48 -70.15
C VAL L 25 19.80 -7.16 -71.24
N THR L 26 21.02 -7.52 -70.89
CA THR L 26 21.91 -8.21 -71.78
C THR L 26 21.32 -9.57 -72.10
N ILE L 27 21.08 -10.42 -71.10
CA ILE L 27 20.48 -11.72 -71.36
C ILE L 27 19.08 -11.62 -72.00
N LYS L 28 18.43 -10.48 -71.80
CA LYS L 28 17.10 -10.25 -72.35
C LYS L 28 17.17 -10.03 -73.85
N THR L 29 17.97 -9.06 -74.26
CA THR L 29 18.12 -8.76 -75.68
C THR L 29 18.48 -10.01 -76.47
N MET L 30 19.35 -10.84 -75.91
CA MET L 30 19.78 -12.07 -76.59
C MET L 30 18.64 -13.07 -76.75
N LEU L 31 17.89 -13.31 -75.68
CA LEU L 31 16.79 -14.25 -75.76
C LEU L 31 15.73 -13.81 -76.76
N GLU L 32 15.92 -12.60 -77.29
CA GLU L 32 14.98 -12.07 -78.27
C GLU L 32 15.65 -11.96 -79.62
N ASP L 33 16.53 -10.98 -79.75
CA ASP L 33 17.27 -10.72 -80.99
C ASP L 33 18.17 -11.87 -81.44
N LEU L 34 17.97 -13.07 -80.90
CA LEU L 34 18.78 -14.20 -81.28
C LEU L 34 18.04 -15.54 -81.07
N GLY L 35 17.12 -15.58 -80.11
CA GLY L 35 16.37 -16.80 -79.84
C GLY L 35 17.28 -18.02 -79.69
N MET L 36 18.20 -17.94 -78.74
CA MET L 36 19.15 -19.01 -78.48
C MET L 36 18.77 -19.81 -77.24
N ASP L 37 19.25 -21.06 -77.15
CA ASP L 37 18.96 -21.85 -75.97
C ASP L 37 20.11 -21.68 -75.00
N PRO L 38 21.26 -22.34 -75.25
CA PRO L 38 22.36 -22.17 -74.29
C PRO L 38 22.92 -20.75 -74.43
N VAL L 39 22.22 -19.78 -73.85
CA VAL L 39 22.65 -18.39 -73.92
C VAL L 39 24.12 -18.23 -73.54
N PRO L 40 24.95 -17.85 -74.52
CA PRO L 40 26.38 -17.64 -74.33
C PRO L 40 26.71 -16.43 -73.46
N LEU L 41 27.34 -16.66 -72.31
CA LEU L 41 27.74 -15.59 -71.40
C LEU L 41 29.25 -15.65 -71.19
N PRO L 42 30.03 -15.34 -72.24
CA PRO L 42 31.49 -15.37 -72.16
C PRO L 42 32.12 -14.43 -71.13
N ASN L 43 31.38 -13.45 -70.62
CA ASN L 43 31.95 -12.52 -69.66
C ASN L 43 31.63 -12.76 -68.20
N VAL L 44 31.05 -13.91 -67.88
CA VAL L 44 30.70 -14.22 -66.51
C VAL L 44 31.06 -15.68 -66.23
N ASN L 45 31.85 -15.93 -65.18
CA ASN L 45 32.18 -17.32 -64.93
C ASN L 45 31.03 -17.97 -64.15
N ALA L 46 31.14 -19.27 -63.90
CA ALA L 46 30.12 -20.05 -63.19
C ALA L 46 29.93 -19.64 -61.73
N ALA L 47 30.97 -19.13 -61.08
CA ALA L 47 30.86 -18.72 -59.69
C ALA L 47 29.93 -17.52 -59.63
N ILE L 48 30.38 -16.43 -60.26
CA ILE L 48 29.66 -15.19 -60.30
C ILE L 48 28.23 -15.35 -60.83
N LEU L 49 28.06 -16.01 -61.97
CA LEU L 49 26.74 -16.18 -62.54
C LEU L 49 25.80 -16.85 -61.53
N LYS L 50 26.32 -17.84 -60.82
CA LYS L 50 25.54 -18.55 -59.82
C LYS L 50 25.05 -17.56 -58.75
N LYS L 51 25.85 -16.53 -58.51
CA LYS L 51 25.53 -15.49 -57.54
C LYS L 51 24.46 -14.54 -58.10
N VAL L 52 24.66 -14.13 -59.36
CA VAL L 52 23.74 -13.24 -60.06
C VAL L 52 22.34 -13.82 -60.12
N ILE L 53 22.28 -15.10 -60.46
CA ILE L 53 21.02 -15.80 -60.54
C ILE L 53 20.40 -15.85 -59.18
N GLN L 54 21.23 -16.07 -58.16
CA GLN L 54 20.76 -16.16 -56.79
C GLN L 54 20.13 -14.83 -56.39
N TRP L 55 20.89 -13.76 -56.59
CA TRP L 55 20.44 -12.41 -56.26
C TRP L 55 19.15 -12.03 -56.97
N CYS L 56 19.04 -12.37 -58.26
CA CYS L 56 17.85 -12.08 -59.05
C CYS L 56 16.68 -12.91 -58.59
N THR L 57 16.92 -14.15 -58.19
CA THR L 57 15.85 -15.01 -57.72
C THR L 57 15.24 -14.44 -56.44
N HIS L 58 16.11 -14.02 -55.54
CA HIS L 58 15.71 -13.43 -54.26
C HIS L 58 14.85 -12.19 -54.51
N HIS L 59 15.20 -11.43 -55.55
CA HIS L 59 14.46 -10.23 -55.89
C HIS L 59 13.61 -10.40 -57.17
N LYS L 60 13.14 -11.61 -57.43
CA LYS L 60 12.34 -11.86 -58.63
C LYS L 60 11.13 -10.96 -58.74
N ASP L 61 10.64 -10.51 -57.58
CA ASP L 61 9.49 -9.61 -57.52
C ASP L 61 10.00 -8.19 -57.37
N ASP L 62 11.21 -8.07 -56.86
CA ASP L 62 11.83 -6.77 -56.62
C ASP L 62 12.19 -6.06 -57.91
N ILE L 71 21.11 -1.04 -47.33
CA ILE L 71 21.24 -2.38 -48.00
C ILE L 71 20.64 -3.50 -47.15
N PRO L 72 19.77 -4.30 -47.74
CA PRO L 72 19.13 -5.38 -46.99
C PRO L 72 20.18 -6.23 -46.33
N VAL L 73 19.80 -6.97 -45.29
CA VAL L 73 20.74 -7.81 -44.55
C VAL L 73 21.16 -8.99 -45.44
N TRP L 74 20.19 -9.62 -46.10
CA TRP L 74 20.47 -10.75 -47.00
C TRP L 74 21.43 -10.31 -48.09
N ASP L 75 21.30 -9.06 -48.53
CA ASP L 75 22.17 -8.55 -49.56
C ASP L 75 23.56 -8.32 -49.02
N GLN L 76 23.63 -7.87 -47.78
CA GLN L 76 24.91 -7.64 -47.13
C GLN L 76 25.63 -8.97 -46.90
N GLU L 77 24.90 -9.98 -46.45
CA GLU L 77 25.54 -11.25 -46.23
C GLU L 77 25.91 -11.77 -47.60
N PHE L 78 25.03 -11.54 -48.56
CA PHE L 78 25.26 -11.97 -49.93
C PHE L 78 26.58 -11.38 -50.46
N LEU L 79 26.81 -10.11 -50.19
CA LEU L 79 28.01 -9.47 -50.68
C LEU L 79 29.13 -9.46 -49.69
N LYS L 80 29.11 -10.44 -48.81
CA LYS L 80 30.15 -10.58 -47.80
C LYS L 80 31.14 -11.55 -48.41
N VAL L 81 31.84 -11.07 -49.45
CA VAL L 81 32.81 -11.88 -50.19
C VAL L 81 34.10 -11.07 -50.36
N ASP L 82 35.15 -11.73 -50.86
CA ASP L 82 36.45 -11.08 -51.08
C ASP L 82 36.35 -10.05 -52.21
N GLN L 83 37.27 -9.08 -52.16
CA GLN L 83 37.31 -8.01 -53.15
C GLN L 83 37.22 -8.56 -54.56
N GLY L 84 37.91 -9.68 -54.81
CA GLY L 84 37.90 -10.26 -56.12
C GLY L 84 36.49 -10.50 -56.61
N THR L 85 35.77 -11.32 -55.85
CA THR L 85 34.39 -11.65 -56.15
C THR L 85 33.49 -10.43 -56.32
N LEU L 86 33.68 -9.41 -55.49
CA LEU L 86 32.88 -8.21 -55.59
C LEU L 86 33.22 -7.51 -56.89
N PHE L 87 34.49 -7.54 -57.27
CA PHE L 87 34.96 -6.89 -58.50
C PHE L 87 34.37 -7.64 -59.69
N GLU L 88 34.26 -8.95 -59.53
CA GLU L 88 33.72 -9.77 -60.58
C GLU L 88 32.22 -9.54 -60.73
N LEU L 89 31.53 -9.34 -59.60
CA LEU L 89 30.08 -9.09 -59.59
C LEU L 89 29.70 -7.74 -60.16
N ILE L 90 30.41 -6.68 -59.79
CA ILE L 90 30.09 -5.37 -60.35
C ILE L 90 30.23 -5.44 -61.87
N LEU L 91 31.19 -6.23 -62.35
CA LEU L 91 31.39 -6.41 -63.77
C LEU L 91 30.28 -7.23 -64.37
N ALA L 92 30.00 -8.38 -63.76
CA ALA L 92 28.95 -9.25 -64.24
C ALA L 92 27.66 -8.44 -64.32
N ALA L 93 27.34 -7.78 -63.21
CA ALA L 93 26.14 -6.93 -63.08
C ALA L 93 26.05 -5.90 -64.20
N ASN L 94 27.18 -5.28 -64.52
CA ASN L 94 27.27 -4.29 -65.58
C ASN L 94 27.17 -4.94 -66.96
N TYR L 95 27.90 -6.04 -67.16
CA TYR L 95 27.89 -6.77 -68.43
C TYR L 95 26.47 -7.29 -68.73
N LEU L 96 25.85 -7.93 -67.74
CA LEU L 96 24.50 -8.46 -67.90
C LEU L 96 23.48 -7.34 -67.77
N ASP L 97 23.97 -6.13 -67.46
CA ASP L 97 23.13 -4.94 -67.27
C ASP L 97 21.93 -5.23 -66.39
N ILE L 98 22.20 -5.44 -65.10
CA ILE L 98 21.17 -5.71 -64.12
C ILE L 98 21.22 -4.54 -63.15
N LYS L 99 20.48 -3.48 -63.47
CA LYS L 99 20.44 -2.28 -62.62
C LYS L 99 20.28 -2.53 -61.12
N GLY L 100 19.45 -3.52 -60.78
CA GLY L 100 19.23 -3.83 -59.38
C GLY L 100 20.48 -4.25 -58.64
N LEU L 101 21.16 -5.27 -59.19
CA LEU L 101 22.36 -5.81 -58.57
C LEU L 101 23.54 -4.88 -58.79
N LEU L 102 23.47 -4.05 -59.81
CA LEU L 102 24.57 -3.14 -60.07
C LEU L 102 24.55 -2.04 -59.01
N ASP L 103 23.35 -1.78 -58.49
CA ASP L 103 23.15 -0.76 -57.47
C ASP L 103 23.79 -1.13 -56.15
N VAL L 104 23.40 -2.30 -55.61
CA VAL L 104 23.91 -2.78 -54.33
C VAL L 104 25.40 -3.01 -54.33
N THR L 105 25.93 -3.61 -55.40
CA THR L 105 27.38 -3.85 -55.48
C THR L 105 28.15 -2.53 -55.44
N CYS L 106 27.62 -1.51 -56.13
CA CYS L 106 28.26 -0.19 -56.14
C CYS L 106 28.16 0.48 -54.76
N LYS L 107 27.00 0.37 -54.12
CA LYS L 107 26.84 0.98 -52.79
C LYS L 107 27.70 0.21 -51.78
N THR L 108 27.88 -1.08 -52.04
CA THR L 108 28.69 -1.91 -51.17
C THR L 108 30.11 -1.40 -51.23
N VAL L 109 30.60 -1.12 -52.43
CA VAL L 109 31.95 -0.61 -52.61
C VAL L 109 32.05 0.79 -52.05
N ALA L 110 30.94 1.52 -52.05
CA ALA L 110 30.91 2.90 -51.55
C ALA L 110 31.09 2.83 -50.05
N ASN L 111 30.33 1.92 -49.44
CA ASN L 111 30.36 1.74 -48.01
C ASN L 111 31.74 1.33 -47.58
N MET L 112 32.50 0.73 -48.50
CA MET L 112 33.87 0.31 -48.19
C MET L 112 34.76 1.54 -48.09
N ILE L 113 34.57 2.45 -49.03
CA ILE L 113 35.33 3.69 -49.09
C ILE L 113 35.05 4.59 -47.88
N LYS L 114 33.78 4.75 -47.53
CA LYS L 114 33.41 5.57 -46.39
C LYS L 114 34.25 5.12 -45.19
N GLY L 115 34.78 6.10 -44.46
CA GLY L 115 35.58 5.78 -43.29
C GLY L 115 37.07 5.70 -43.58
N LYS L 116 37.44 4.85 -44.53
CA LYS L 116 38.85 4.70 -44.89
C LYS L 116 39.40 6.01 -45.42
N THR L 117 40.69 6.25 -45.18
CA THR L 117 41.32 7.47 -45.67
C THR L 117 41.82 7.14 -47.07
N PRO L 118 42.26 8.15 -47.84
CA PRO L 118 42.75 7.88 -49.19
C PRO L 118 43.82 6.78 -49.22
N GLU L 119 44.61 6.70 -48.14
CA GLU L 119 45.66 5.70 -48.04
C GLU L 119 45.03 4.33 -47.81
N GLU L 120 44.19 4.23 -46.79
CA GLU L 120 43.52 2.97 -46.46
C GLU L 120 42.76 2.46 -47.69
N ILE L 121 42.33 3.37 -48.55
CA ILE L 121 41.59 3.00 -49.75
C ILE L 121 42.51 2.40 -50.81
N ARG L 122 43.70 2.98 -50.95
CA ARG L 122 44.64 2.45 -51.93
C ARG L 122 45.03 1.04 -51.48
N LYS L 123 45.22 0.87 -50.19
CA LYS L 123 45.58 -0.42 -49.63
C LYS L 123 44.56 -1.44 -50.12
N THR L 124 43.36 -1.37 -49.55
CA THR L 124 42.28 -2.29 -49.88
C THR L 124 42.13 -2.62 -51.37
N PHE L 125 41.62 -1.66 -52.14
CA PHE L 125 41.41 -1.84 -53.58
C PHE L 125 42.71 -1.86 -54.38
N ASN L 126 43.84 -1.78 -53.66
CA ASN L 126 45.15 -1.79 -54.28
C ASN L 126 45.18 -0.83 -55.47
N ILE L 127 45.42 0.45 -55.19
CA ILE L 127 45.48 1.47 -56.23
C ILE L 127 46.82 2.21 -56.19
N LYS L 128 47.43 2.36 -57.35
CA LYS L 128 48.71 3.04 -57.45
C LYS L 128 48.48 4.52 -57.21
N ASN L 129 49.40 5.16 -56.49
CA ASN L 129 49.26 6.57 -56.19
C ASN L 129 49.90 7.36 -57.33
N ASP L 130 49.08 7.82 -58.27
CA ASP L 130 49.50 8.58 -59.47
C ASP L 130 49.98 10.01 -59.33
N PHE L 131 49.21 10.82 -58.65
CA PHE L 131 49.56 12.21 -58.46
C PHE L 131 51.02 12.60 -58.21
N THR L 132 51.21 13.90 -58.08
CA THR L 132 52.50 14.51 -57.77
C THR L 132 52.22 14.98 -56.34
N GLU L 133 53.20 14.88 -55.46
CA GLU L 133 52.98 15.34 -54.08
C GLU L 133 52.51 16.77 -54.08
N GLU L 134 52.78 17.49 -55.16
CA GLU L 134 52.36 18.89 -55.26
C GLU L 134 50.94 18.98 -55.78
N GLU L 135 50.49 17.93 -56.45
CA GLU L 135 49.13 17.89 -56.99
C GLU L 135 48.19 17.45 -55.88
N GLU L 136 48.65 16.49 -55.06
CA GLU L 136 47.84 16.01 -53.95
C GLU L 136 47.69 17.17 -53.00
N ALA L 137 48.63 18.10 -53.09
CA ALA L 137 48.62 19.28 -52.26
C ALA L 137 47.50 20.23 -52.69
N GLN L 138 47.29 20.34 -54.00
CA GLN L 138 46.23 21.23 -54.49
C GLN L 138 44.88 20.53 -54.33
N VAL L 139 44.77 19.29 -54.78
CA VAL L 139 43.52 18.55 -54.63
C VAL L 139 43.05 18.69 -53.19
N ARG L 140 43.98 18.61 -52.25
CA ARG L 140 43.67 18.74 -50.82
C ARG L 140 43.20 20.15 -50.49
N LYS L 141 43.86 21.14 -51.06
CA LYS L 141 43.52 22.53 -50.83
C LYS L 141 42.15 22.83 -51.43
N GLU L 142 41.90 22.29 -52.62
CA GLU L 142 40.64 22.48 -53.31
C GLU L 142 39.49 21.81 -52.59
N ASN L 143 39.77 21.00 -51.58
CA ASN L 143 38.69 20.32 -50.88
C ASN L 143 38.59 20.62 -49.38
N GLN L 144 39.40 21.56 -48.92
CA GLN L 144 39.40 21.95 -47.52
C GLN L 144 38.01 22.43 -47.06
N TRP L 145 37.42 23.34 -47.86
CA TRP L 145 36.12 23.95 -47.58
C TRP L 145 35.03 22.98 -47.11
N CYS L 146 35.17 21.71 -47.49
CA CYS L 146 34.18 20.72 -47.11
C CYS L 146 34.44 20.13 -45.70
N VAL M 7 26.55 49.39 13.14
CA VAL M 7 25.26 48.94 13.75
C VAL M 7 24.91 47.53 13.28
N SER M 8 24.09 46.83 14.05
CA SER M 8 23.68 45.48 13.70
C SER M 8 22.22 45.49 13.29
N TRP M 9 21.88 44.59 12.38
CA TRP M 9 20.52 44.49 11.90
C TRP M 9 19.76 43.40 12.66
N ASP M 10 20.47 42.61 13.44
CA ASP M 10 19.85 41.54 14.20
C ASP M 10 18.90 42.15 15.24
N SER M 11 18.90 43.48 15.28
CA SER M 11 18.06 44.23 16.20
C SER M 11 16.79 44.62 15.46
N LEU M 12 16.65 44.11 14.24
CA LEU M 12 15.49 44.40 13.41
C LEU M 12 14.36 43.45 13.80
N PRO M 13 13.12 43.97 13.88
CA PRO M 13 11.96 43.16 14.25
C PRO M 13 11.84 41.87 13.46
N ASP M 14 11.26 40.85 14.08
CA ASP M 14 11.07 39.57 13.43
C ASP M 14 10.20 39.72 12.19
N GLU M 15 9.24 40.62 12.25
CA GLU M 15 8.32 40.86 11.13
C GLU M 15 9.02 41.47 9.93
N LEU M 16 10.06 42.25 10.17
CA LEU M 16 10.78 42.90 9.09
C LEU M 16 11.81 42.01 8.38
N LEU M 17 12.46 41.12 9.12
CA LEU M 17 13.43 40.22 8.48
C LEU M 17 12.67 39.36 7.48
N LEU M 18 11.49 38.92 7.89
CA LEU M 18 10.67 38.10 7.01
C LEU M 18 10.39 38.88 5.74
N GLY M 19 10.15 40.19 5.90
CA GLY M 19 9.89 41.03 4.75
C GLY M 19 11.08 40.95 3.82
N ILE M 20 12.27 41.21 4.36
CA ILE M 20 13.51 41.17 3.58
C ILE M 20 13.71 39.78 2.96
N PHE M 21 13.38 38.74 3.73
CA PHE M 21 13.52 37.36 3.26
C PHE M 21 12.52 37.02 2.17
N SER M 22 11.32 37.61 2.24
CA SER M 22 10.28 37.36 1.25
C SER M 22 10.74 37.88 -0.11
N CYS M 23 11.70 38.80 -0.08
CA CYS M 23 12.25 39.38 -1.29
C CYS M 23 13.36 38.53 -1.88
N LEU M 24 13.67 37.42 -1.22
CA LEU M 24 14.73 36.53 -1.69
C LEU M 24 14.19 35.33 -2.43
N CYS M 25 14.87 34.95 -3.49
CA CYS M 25 14.46 33.80 -4.28
C CYS M 25 14.96 32.55 -3.56
N LEU M 26 14.33 31.41 -3.83
CA LEU M 26 14.68 30.16 -3.17
C LEU M 26 16.15 29.97 -2.78
N PRO M 27 17.07 29.97 -3.75
CA PRO M 27 18.49 29.79 -3.43
C PRO M 27 19.04 30.83 -2.45
N GLU M 28 18.55 32.06 -2.57
CA GLU M 28 18.97 33.14 -1.69
C GLU M 28 18.50 32.87 -0.27
N LEU M 29 17.26 32.44 -0.14
CA LEU M 29 16.68 32.16 1.16
C LEU M 29 17.49 31.09 1.87
N LEU M 30 17.87 30.03 1.17
CA LEU M 30 18.65 28.97 1.80
C LEU M 30 20.06 29.44 2.13
N LYS M 31 20.51 30.52 1.49
CA LYS M 31 21.82 31.07 1.76
C LYS M 31 21.76 31.74 3.13
N VAL M 32 20.87 32.73 3.25
CA VAL M 32 20.68 33.48 4.48
C VAL M 32 20.37 32.62 5.71
N SER M 33 19.71 31.49 5.51
CA SER M 33 19.38 30.60 6.63
C SER M 33 20.62 30.17 7.40
N GLY M 34 21.78 30.35 6.80
CA GLY M 34 23.04 29.96 7.43
C GLY M 34 23.88 31.13 7.93
N VAL M 35 23.27 32.30 8.08
CA VAL M 35 23.99 33.47 8.56
C VAL M 35 24.13 33.40 10.09
N CYS M 36 23.01 33.30 10.78
CA CYS M 36 22.99 33.22 12.23
C CYS M 36 21.79 32.36 12.61
N LYS M 37 21.78 31.83 13.83
CA LYS M 37 20.68 30.97 14.26
C LYS M 37 19.32 31.63 14.13
N ARG M 38 19.25 32.95 14.26
CA ARG M 38 17.97 33.63 14.14
C ARG M 38 17.47 33.54 12.70
N TRP M 39 18.32 33.98 11.77
CA TRP M 39 18.00 33.93 10.36
C TRP M 39 17.60 32.52 9.94
N TYR M 40 18.24 31.51 10.51
CA TYR M 40 17.90 30.15 10.17
C TYR M 40 16.49 29.81 10.59
N ARG M 41 16.05 30.34 11.72
CA ARG M 41 14.69 30.07 12.18
C ARG M 41 13.70 30.70 11.23
N LEU M 42 13.90 32.00 11.01
CA LEU M 42 13.04 32.79 10.16
C LEU M 42 13.00 32.36 8.70
N ALA M 43 14.16 32.01 8.16
CA ALA M 43 14.26 31.58 6.77
C ALA M 43 13.39 30.35 6.49
N SER M 44 12.80 29.77 7.53
CA SER M 44 11.95 28.60 7.34
C SER M 44 10.57 28.90 7.82
N ASP M 45 10.30 30.17 8.11
CA ASP M 45 8.99 30.62 8.59
C ASP M 45 7.92 30.18 7.59
N GLU M 46 6.74 29.82 8.09
CA GLU M 46 5.65 29.34 7.23
C GLU M 46 5.19 30.33 6.17
N SER M 47 5.28 31.60 6.49
CA SER M 47 4.87 32.62 5.54
C SER M 47 5.73 32.57 4.27
N LEU M 48 6.98 32.18 4.43
CA LEU M 48 7.93 32.10 3.31
C LEU M 48 7.81 30.86 2.45
N TRP M 49 7.09 29.86 2.94
CA TRP M 49 6.97 28.62 2.19
C TRP M 49 5.61 28.13 1.70
N GLN M 50 4.63 29.03 1.57
CA GLN M 50 3.31 28.57 1.13
C GLN M 50 3.26 27.89 -0.23
N THR M 51 3.95 28.46 -1.22
CA THR M 51 3.94 27.89 -2.57
C THR M 51 5.36 27.63 -3.02
N LEU M 52 5.64 26.36 -3.32
CA LEU M 52 6.96 25.96 -3.74
C LEU M 52 6.91 25.31 -5.11
N ASP M 53 7.90 25.62 -5.95
CA ASP M 53 7.96 25.05 -7.29
C ASP M 53 9.29 24.38 -7.56
N LEU M 54 9.35 23.07 -7.39
CA LEU M 54 10.58 22.33 -7.64
C LEU M 54 10.20 21.31 -8.71
N THR M 55 10.25 21.71 -9.96
CA THR M 55 9.89 20.79 -11.03
C THR M 55 11.10 20.23 -11.78
N GLY M 56 11.03 18.96 -12.11
CA GLY M 56 12.13 18.34 -12.81
C GLY M 56 13.38 18.29 -11.94
N LYS M 57 13.20 18.47 -10.62
CA LYS M 57 14.31 18.43 -9.70
C LYS M 57 14.52 17.01 -9.18
N ASN M 58 15.77 16.53 -9.20
CA ASN M 58 16.06 15.20 -8.66
C ASN M 58 16.01 15.54 -7.17
N LEU M 59 15.45 14.68 -6.34
CA LEU M 59 15.32 15.07 -4.96
C LEU M 59 15.29 13.91 -3.98
N HIS M 60 15.80 14.13 -2.77
CA HIS M 60 15.76 13.06 -1.79
C HIS M 60 14.47 13.24 -1.01
N PRO M 61 13.74 12.15 -0.74
CA PRO M 61 12.50 12.27 0.01
C PRO M 61 12.61 13.08 1.32
N ASP M 62 13.76 13.04 1.98
CA ASP M 62 13.90 13.80 3.21
C ASP M 62 13.82 15.27 2.94
N VAL M 63 14.29 15.71 1.79
CA VAL M 63 14.23 17.13 1.46
C VAL M 63 12.78 17.51 1.21
N THR M 64 12.06 16.68 0.47
CA THR M 64 10.68 16.96 0.15
C THR M 64 9.85 16.97 1.43
N GLY M 65 10.17 16.07 2.36
CA GLY M 65 9.42 16.01 3.60
C GLY M 65 9.74 17.18 4.51
N ARG M 66 11.03 17.49 4.60
CA ARG M 66 11.52 18.57 5.42
C ARG M 66 10.93 19.88 4.91
N LEU M 67 10.81 19.97 3.58
CA LEU M 67 10.26 21.17 2.97
C LEU M 67 8.73 21.22 3.15
N LEU M 68 8.08 20.07 2.99
CA LEU M 68 6.64 20.01 3.14
C LEU M 68 6.24 20.23 4.60
N SER M 69 7.18 19.95 5.51
CA SER M 69 6.95 20.10 6.94
C SER M 69 6.96 21.56 7.39
N GLN M 70 7.40 22.45 6.52
CA GLN M 70 7.45 23.86 6.87
C GLN M 70 6.13 24.58 6.50
N GLY M 71 5.04 23.84 6.42
CA GLY M 71 3.80 24.48 6.06
C GLY M 71 3.88 25.06 4.66
N VAL M 72 3.78 24.17 3.68
CA VAL M 72 3.77 24.47 2.25
C VAL M 72 2.37 24.08 1.77
N ILE M 73 1.65 25.05 1.22
CA ILE M 73 0.27 24.82 0.78
C ILE M 73 0.18 24.34 -0.66
N ALA M 74 0.94 24.98 -1.53
CA ALA M 74 0.95 24.63 -2.94
C ALA M 74 2.33 24.09 -3.33
N PHE M 75 2.38 22.80 -3.61
CA PHE M 75 3.64 22.16 -3.99
C PHE M 75 3.63 21.66 -5.45
N ARG M 76 4.34 22.42 -6.29
CA ARG M 76 4.45 22.09 -7.70
C ARG M 76 5.75 21.30 -7.92
N CYS M 77 5.60 20.06 -8.36
CA CYS M 77 6.77 19.22 -8.53
C CYS M 77 6.65 18.13 -9.61
N PRO M 78 6.15 18.48 -10.80
CA PRO M 78 6.02 17.47 -11.85
C PRO M 78 7.36 17.09 -12.50
N ARG M 79 7.41 15.90 -13.08
CA ARG M 79 8.63 15.52 -13.74
C ARG M 79 9.81 15.61 -12.76
N SER M 80 9.61 15.16 -11.53
CA SER M 80 10.68 15.21 -10.55
C SER M 80 11.24 13.80 -10.29
N PHE M 81 12.31 13.74 -9.51
CA PHE M 81 12.88 12.45 -9.22
C PHE M 81 13.15 12.24 -7.73
N MET M 82 12.41 11.30 -7.16
CA MET M 82 12.54 10.95 -5.76
C MET M 82 12.51 9.42 -5.76
N ASP M 83 13.70 8.83 -5.69
CA ASP M 83 13.82 7.38 -5.73
C ASP M 83 14.67 6.79 -4.60
N GLN M 84 14.49 7.28 -3.37
CA GLN M 84 15.24 6.72 -2.25
C GLN M 84 14.42 6.50 -0.98
N PRO M 85 14.98 5.75 -0.01
CA PRO M 85 14.32 5.45 1.25
C PRO M 85 13.82 6.62 2.10
N LEU M 86 13.05 6.29 3.13
CA LEU M 86 12.47 7.26 4.05
C LEU M 86 11.27 7.97 3.41
N ALA M 87 10.61 6.62 3.61
CA ALA M 87 9.19 6.82 3.28
C ALA M 87 8.63 7.84 4.27
N GLU M 88 8.67 9.12 3.87
CA GLU M 88 8.22 10.24 4.70
C GLU M 88 7.22 9.96 5.82
N HIS M 89 7.39 10.74 6.90
CA HIS M 89 6.60 10.66 8.11
C HIS M 89 6.71 11.86 8.79
N PHE M 90 7.67 12.52 8.36
CA PHE M 90 7.78 13.74 8.90
C PHE M 90 6.35 13.92 9.34
N SER M 91 6.17 14.72 10.31
CA SER M 91 4.85 14.99 10.86
C SER M 91 3.83 15.32 9.75
N PRO M 92 2.53 15.38 10.09
CA PRO M 92 1.47 15.67 9.10
C PRO M 92 1.76 16.96 8.34
N PHE M 93 1.47 16.94 7.03
CA PHE M 93 1.71 18.09 6.18
C PHE M 93 0.43 18.89 5.99
N ARG M 94 0.60 20.19 5.77
CA ARG M 94 -0.49 21.10 5.52
C ARG M 94 -0.83 21.12 4.03
N VAL M 95 0.07 20.58 3.21
CA VAL M 95 -0.09 20.54 1.76
C VAL M 95 -1.53 20.34 1.31
N GLN M 96 -2.02 21.28 0.51
CA GLN M 96 -3.38 21.24 -0.01
C GLN M 96 -3.44 21.01 -1.51
N HIS M 97 -2.49 21.61 -2.23
CA HIS M 97 -2.44 21.48 -3.69
C HIS M 97 -1.07 20.91 -4.06
N MET M 98 -1.10 19.73 -4.64
CA MET M 98 0.14 19.07 -4.97
C MET M 98 0.13 18.39 -6.32
N ASP M 99 1.17 18.68 -7.08
CA ASP M 99 1.36 18.09 -8.42
C ASP M 99 2.69 17.32 -8.58
N LEU M 100 2.58 16.00 -8.60
CA LEU M 100 3.76 15.15 -8.73
C LEU M 100 3.65 14.39 -10.06
N SER M 101 2.80 14.88 -10.94
CA SER M 101 2.58 14.22 -12.23
C SER M 101 3.85 13.95 -13.03
N ASN M 102 3.86 12.79 -13.69
CA ASN M 102 4.96 12.39 -14.56
C ASN M 102 6.35 12.45 -13.96
N SER M 103 6.43 12.22 -12.66
CA SER M 103 7.71 12.22 -11.96
C SER M 103 8.09 10.78 -11.84
N VAL M 104 9.30 10.55 -11.35
CA VAL M 104 9.75 9.18 -11.09
C VAL M 104 9.93 9.22 -9.56
N ILE M 105 9.08 8.49 -8.85
CA ILE M 105 9.13 8.45 -7.41
C ILE M 105 8.94 7.04 -6.89
N GLU M 106 9.93 6.56 -6.14
CA GLU M 106 9.88 5.20 -5.59
C GLU M 106 8.50 5.06 -4.99
N VAL M 107 7.85 3.93 -5.25
CA VAL M 107 6.51 3.71 -4.71
C VAL M 107 6.45 3.86 -3.17
N SER M 108 7.49 3.41 -2.47
CA SER M 108 7.50 3.53 -1.01
C SER M 108 7.70 5.00 -0.60
N THR M 109 8.37 5.78 -1.43
CA THR M 109 8.60 7.18 -1.13
C THR M 109 7.30 7.93 -1.40
N LEU M 110 6.57 7.48 -2.41
CA LEU M 110 5.31 8.11 -2.76
C LEU M 110 4.37 7.91 -1.56
N HIS M 111 4.25 6.66 -1.12
CA HIS M 111 3.42 6.30 0.03
C HIS M 111 3.82 7.08 1.27
N GLY M 112 5.11 7.10 1.55
CA GLY M 112 5.59 7.80 2.72
C GLY M 112 5.16 9.24 2.78
N ILE M 113 5.16 9.91 1.63
CA ILE M 113 4.76 11.31 1.60
C ILE M 113 3.25 11.49 1.68
N LEU M 114 2.51 10.72 0.90
CA LEU M 114 1.05 10.83 0.92
C LEU M 114 0.41 10.35 2.24
N SER M 115 1.19 9.63 3.05
CA SER M 115 0.69 9.13 4.33
C SER M 115 0.82 10.19 5.41
N GLN M 116 1.24 11.39 4.99
CA GLN M 116 1.38 12.51 5.91
C GLN M 116 0.46 13.60 5.40
N CYS M 117 -0.43 13.20 4.50
CA CYS M 117 -1.37 14.11 3.90
C CYS M 117 -2.81 13.73 4.15
N SER M 118 -3.59 14.73 4.52
CA SER M 118 -5.02 14.53 4.77
C SER M 118 -5.76 15.79 4.28
N LYS M 119 -5.04 16.90 4.28
CA LYS M 119 -5.62 18.17 3.91
C LYS M 119 -5.59 18.51 2.41
N LEU M 120 -5.31 17.51 1.58
CA LEU M 120 -5.25 17.73 0.13
C LEU M 120 -6.59 18.05 -0.46
N GLN M 121 -6.63 19.09 -1.30
CA GLN M 121 -7.84 19.52 -1.98
C GLN M 121 -7.67 19.19 -3.46
N ASN M 122 -6.46 19.42 -3.96
CA ASN M 122 -6.14 19.14 -5.34
C ASN M 122 -4.82 18.37 -5.45
N LEU M 123 -4.90 17.18 -6.04
CA LEU M 123 -3.73 16.33 -6.15
C LEU M 123 -3.62 15.69 -7.53
N SER M 124 -2.39 15.58 -8.01
CA SER M 124 -2.11 14.96 -9.30
C SER M 124 -0.97 13.94 -9.23
N LEU M 125 -1.30 12.68 -9.44
CA LEU M 125 -0.31 11.63 -9.43
C LEU M 125 -0.27 10.99 -10.80
N GLU M 126 -0.64 11.79 -11.79
CA GLU M 126 -0.66 11.32 -13.16
C GLU M 126 0.67 10.65 -13.55
N GLY M 127 0.56 9.46 -14.12
CA GLY M 127 1.71 8.73 -14.60
C GLY M 127 2.63 8.19 -13.55
N LEU M 128 2.08 7.81 -12.39
CA LEU M 128 2.88 7.24 -11.29
C LEU M 128 2.36 5.87 -10.89
N ARG M 129 3.27 4.90 -10.86
CA ARG M 129 2.92 3.54 -10.41
C ARG M 129 2.56 3.74 -8.94
N LEU M 130 1.45 3.20 -8.51
CA LEU M 130 1.05 3.37 -7.13
C LEU M 130 0.94 1.99 -6.45
N SER M 131 0.05 1.89 -5.47
CA SER M 131 -0.17 0.64 -4.76
C SER M 131 -1.30 0.83 -3.78
N ASP M 132 -2.01 -0.24 -3.47
CA ASP M 132 -3.10 -0.19 -2.50
C ASP M 132 -2.69 0.63 -1.26
N PRO M 133 -1.49 0.37 -0.69
CA PRO M 133 -1.11 1.16 0.48
C PRO M 133 -1.20 2.62 0.11
N ILE M 134 -0.66 2.99 -1.04
CA ILE M 134 -0.73 4.40 -1.46
C ILE M 134 -2.17 4.86 -1.64
N VAL M 135 -2.92 4.16 -2.50
CA VAL M 135 -4.29 4.55 -2.75
C VAL M 135 -5.15 4.66 -1.48
N ASN M 136 -4.90 3.78 -0.50
CA ASN M 136 -5.66 3.81 0.73
C ASN M 136 -5.31 5.03 1.58
N THR M 137 -4.05 5.46 1.55
CA THR M 137 -3.67 6.64 2.34
C THR M 137 -4.34 7.89 1.76
N LEU M 138 -4.60 7.86 0.46
CA LEU M 138 -5.26 8.99 -0.19
C LEU M 138 -6.65 9.19 0.38
N ALA M 139 -7.30 8.08 0.74
CA ALA M 139 -8.63 8.13 1.30
C ALA M 139 -8.71 9.15 2.42
N LYS M 140 -7.60 9.35 3.14
CA LYS M 140 -7.60 10.32 4.23
C LYS M 140 -8.00 11.70 3.76
N ASN M 141 -7.65 12.04 2.52
CA ASN M 141 -7.94 13.37 1.99
C ASN M 141 -9.35 13.40 1.45
N SER M 142 -10.30 13.18 2.35
CA SER M 142 -11.71 13.21 2.01
C SER M 142 -12.12 14.59 1.52
N ASN M 143 -11.28 15.62 1.76
CA ASN M 143 -11.62 16.94 1.27
C ASN M 143 -11.17 17.21 -0.16
N LEU M 144 -10.76 16.14 -0.85
CA LEU M 144 -10.31 16.22 -2.25
C LEU M 144 -11.35 16.76 -3.21
N VAL M 145 -10.99 17.84 -3.89
CA VAL M 145 -11.86 18.47 -4.85
C VAL M 145 -11.44 18.07 -6.25
N ARG M 146 -10.14 17.96 -6.46
CA ARG M 146 -9.61 17.52 -7.76
C ARG M 146 -8.52 16.46 -7.58
N LEU M 147 -8.70 15.33 -8.24
CA LEU M 147 -7.74 14.24 -8.14
C LEU M 147 -7.46 13.67 -9.52
N ASN M 148 -6.18 13.68 -9.90
CA ASN M 148 -5.75 13.19 -11.19
C ASN M 148 -4.93 11.94 -11.02
N LEU M 149 -5.48 10.79 -11.42
CA LEU M 149 -4.76 9.53 -11.33
C LEU M 149 -4.60 8.92 -12.73
N SER M 150 -4.62 9.82 -13.70
CA SER M 150 -4.54 9.40 -15.08
C SER M 150 -3.23 8.73 -15.32
N GLY M 151 -3.27 7.56 -15.97
CA GLY M 151 -2.05 6.82 -16.26
C GLY M 151 -1.47 6.03 -15.08
N CYS M 152 -2.01 6.23 -13.89
CA CYS M 152 -1.54 5.53 -12.72
C CYS M 152 -1.89 4.06 -12.83
N SER M 153 -1.25 3.26 -12.00
CA SER M 153 -1.48 1.82 -12.01
C SER M 153 -1.06 1.25 -10.65
N GLY M 154 -1.05 -0.08 -10.54
CA GLY M 154 -0.64 -0.74 -9.31
C GLY M 154 -1.60 -0.82 -8.13
N PHE M 155 -2.87 -0.51 -8.36
CA PHE M 155 -3.85 -0.59 -7.28
C PHE M 155 -5.09 -1.34 -7.70
N SER M 156 -5.67 -2.10 -6.77
CA SER M 156 -6.85 -2.93 -7.03
C SER M 156 -8.09 -2.09 -7.15
N GLU M 157 -9.19 -2.74 -7.54
CA GLU M 157 -10.43 -2.04 -7.69
C GLU M 157 -11.00 -1.84 -6.30
N PHE M 158 -10.39 -2.50 -5.32
CA PHE M 158 -10.84 -2.36 -3.92
C PHE M 158 -10.28 -1.09 -3.33
N ALA M 159 -8.97 -0.89 -3.45
CA ALA M 159 -8.36 0.31 -2.93
C ALA M 159 -9.03 1.52 -3.60
N LEU M 160 -9.26 1.41 -4.90
CA LEU M 160 -9.92 2.48 -5.66
C LEU M 160 -11.31 2.75 -5.03
N GLN M 161 -11.98 1.68 -4.65
CA GLN M 161 -13.29 1.79 -4.07
C GLN M 161 -13.32 2.55 -2.76
N THR M 162 -12.33 2.32 -1.89
CA THR M 162 -12.32 3.04 -0.64
C THR M 162 -11.90 4.47 -0.92
N LEU M 163 -10.98 4.68 -1.86
CA LEU M 163 -10.58 6.05 -2.14
C LEU M 163 -11.79 6.87 -2.62
N LEU M 164 -12.51 6.30 -3.59
CA LEU M 164 -13.65 6.98 -4.18
C LEU M 164 -14.75 7.16 -3.17
N SER M 165 -14.95 6.11 -2.37
CA SER M 165 -16.00 6.16 -1.35
C SER M 165 -15.69 7.23 -0.32
N SER M 166 -14.40 7.39 -0.05
CA SER M 166 -13.94 8.35 0.91
C SER M 166 -13.98 9.81 0.43
N CYS M 167 -13.78 10.06 -0.88
CA CYS M 167 -13.76 11.44 -1.42
C CYS M 167 -15.14 11.86 -1.93
N SER M 168 -16.02 12.09 -0.97
CA SER M 168 -17.41 12.46 -1.19
C SER M 168 -17.73 13.89 -1.64
N ARG M 169 -16.70 14.73 -1.82
CA ARG M 169 -16.94 16.09 -2.31
C ARG M 169 -16.13 16.35 -3.59
N LEU M 170 -15.55 15.28 -4.13
CA LEU M 170 -14.73 15.32 -5.33
C LEU M 170 -15.52 16.01 -6.46
N ASP M 171 -14.87 16.95 -7.14
CA ASP M 171 -15.51 17.69 -8.23
C ASP M 171 -14.97 17.26 -9.61
N GLU M 172 -13.65 17.25 -9.72
CA GLU M 172 -12.98 16.85 -10.93
C GLU M 172 -12.29 15.56 -10.64
N LEU M 173 -12.40 14.60 -11.55
CA LEU M 173 -11.72 13.31 -11.40
C LEU M 173 -11.20 12.78 -12.74
N ASN M 174 -9.89 12.82 -12.92
CA ASN M 174 -9.35 12.29 -14.14
C ASN M 174 -8.75 10.94 -13.77
N LEU M 175 -9.50 9.89 -14.10
CA LEU M 175 -9.09 8.54 -13.78
C LEU M 175 -9.06 7.82 -15.10
N SER M 176 -8.21 8.30 -16.01
CA SER M 176 -8.11 7.72 -17.37
C SER M 176 -6.81 7.06 -17.64
N TRP M 177 -6.86 6.15 -18.60
CA TRP M 177 -5.70 5.41 -19.05
C TRP M 177 -4.92 4.75 -17.94
N CYS M 178 -5.63 4.18 -16.98
CA CYS M 178 -4.96 3.45 -15.95
C CYS M 178 -4.85 2.11 -16.65
N PHE M 179 -3.77 2.00 -17.43
CA PHE M 179 -3.48 0.84 -18.26
C PHE M 179 -3.50 -0.41 -17.46
N ASP M 180 -3.35 -0.23 -16.16
CA ASP M 180 -3.30 -1.29 -15.18
C ASP M 180 -4.63 -1.96 -14.95
N PHE M 181 -5.74 -1.38 -15.35
CA PHE M 181 -6.89 -2.11 -14.96
C PHE M 181 -7.99 -2.72 -15.80
N THR M 182 -8.82 -3.52 -15.13
CA THR M 182 -9.90 -4.30 -15.71
C THR M 182 -11.28 -3.71 -15.61
N GLU M 183 -12.25 -4.53 -15.99
CA GLU M 183 -13.65 -4.16 -15.97
C GLU M 183 -13.98 -3.69 -14.55
N LYS M 184 -13.65 -4.54 -13.59
CA LYS M 184 -13.91 -4.29 -12.19
C LYS M 184 -13.47 -2.94 -11.70
N HIS M 185 -12.37 -2.41 -12.22
CA HIS M 185 -11.95 -1.07 -11.82
C HIS M 185 -12.90 -0.04 -12.42
N VAL M 186 -13.31 -0.29 -13.65
CA VAL M 186 -14.23 0.62 -14.31
C VAL M 186 -15.57 0.59 -13.59
N GLN M 187 -16.02 -0.61 -13.23
CA GLN M 187 -17.28 -0.79 -12.54
C GLN M 187 -17.19 -0.09 -11.19
N VAL M 188 -16.14 -0.38 -10.43
CA VAL M 188 -15.94 0.29 -9.14
C VAL M 188 -16.03 1.81 -9.37
N ALA M 189 -15.27 2.30 -10.34
CA ALA M 189 -15.24 3.72 -10.65
C ALA M 189 -16.63 4.33 -10.78
N VAL M 190 -17.44 3.85 -11.71
CA VAL M 190 -18.76 4.44 -11.90
C VAL M 190 -19.72 4.18 -10.75
N ALA M 191 -19.44 3.13 -9.94
CA ALA M 191 -20.27 2.78 -8.78
C ALA M 191 -19.97 3.61 -7.52
N HIS M 192 -18.76 4.14 -7.39
CA HIS M 192 -18.44 4.91 -6.19
C HIS M 192 -17.89 6.32 -6.35
N VAL M 193 -18.00 6.90 -7.55
CA VAL M 193 -17.52 8.25 -7.70
C VAL M 193 -18.58 9.07 -7.01
N SER M 194 -18.17 10.13 -6.31
CA SER M 194 -19.12 10.95 -5.59
C SER M 194 -20.13 11.61 -6.52
N GLU M 195 -21.37 11.71 -6.05
CA GLU M 195 -22.43 12.33 -6.82
C GLU M 195 -22.10 13.79 -6.99
N THR M 196 -21.10 14.26 -6.25
CA THR M 196 -20.70 15.66 -6.33
C THR M 196 -19.80 15.91 -7.54
N ILE M 197 -19.35 14.83 -8.18
CA ILE M 197 -18.46 14.91 -9.35
C ILE M 197 -19.08 15.69 -10.53
N THR M 198 -18.35 16.62 -11.10
CA THR M 198 -18.87 17.38 -12.23
C THR M 198 -17.95 17.26 -13.46
N GLN M 199 -16.73 16.77 -13.27
CA GLN M 199 -15.80 16.59 -14.37
C GLN M 199 -15.15 15.26 -14.18
N LEU M 200 -15.49 14.32 -15.05
CA LEU M 200 -14.96 12.98 -15.01
C LEU M 200 -14.31 12.51 -16.33
N ASN M 201 -13.04 12.10 -16.24
CA ASN M 201 -12.33 11.61 -17.41
C ASN M 201 -12.02 10.12 -17.23
N LEU M 202 -12.81 9.27 -17.84
CA LEU M 202 -12.63 7.84 -17.81
C LEU M 202 -12.29 7.24 -19.18
N SER M 203 -11.43 7.91 -19.94
CA SER M 203 -11.04 7.41 -21.27
C SER M 203 -9.94 6.35 -21.21
N GLY M 204 -9.85 5.53 -22.25
CA GLY M 204 -8.78 4.55 -22.27
C GLY M 204 -9.11 3.10 -21.89
N TYR M 205 -10.36 2.83 -21.54
CA TYR M 205 -10.72 1.48 -21.17
C TYR M 205 -11.58 0.95 -22.30
N ARG M 206 -10.94 0.33 -23.29
CA ARG M 206 -11.65 -0.18 -24.44
C ARG M 206 -12.77 -1.14 -24.11
N LYS M 207 -12.48 -2.44 -24.22
CA LYS M 207 -13.46 -3.48 -23.94
C LYS M 207 -13.92 -3.55 -22.47
N ASN M 208 -13.25 -2.81 -21.58
CA ASN M 208 -13.62 -2.85 -20.16
C ASN M 208 -14.65 -1.80 -19.73
N LEU M 209 -15.17 -1.01 -20.67
CA LEU M 209 -16.16 0.01 -20.28
C LEU M 209 -17.48 -0.21 -21.01
N GLN M 210 -18.37 -0.97 -20.38
CA GLN M 210 -19.67 -1.26 -20.96
C GLN M 210 -20.64 -0.10 -20.88
N LYS M 211 -21.73 -0.26 -21.62
CA LYS M 211 -22.78 0.72 -21.69
C LYS M 211 -23.40 0.78 -20.30
N SER M 212 -23.56 -0.40 -19.70
CA SER M 212 -24.17 -0.46 -18.39
C SER M 212 -23.35 0.35 -17.40
N ASP M 213 -22.05 0.48 -17.66
CA ASP M 213 -21.21 1.23 -16.77
C ASP M 213 -21.51 2.70 -16.98
N LEU M 214 -22.05 3.03 -18.13
CA LEU M 214 -22.36 4.43 -18.45
C LEU M 214 -23.71 4.76 -17.81
N SER M 215 -24.54 3.73 -17.69
CA SER M 215 -25.84 3.90 -17.08
C SER M 215 -25.66 4.20 -15.58
N THR M 216 -24.91 3.33 -14.89
CA THR M 216 -24.61 3.51 -13.48
C THR M 216 -24.06 4.89 -13.24
N LEU M 217 -23.01 5.24 -13.96
CA LEU M 217 -22.39 6.55 -13.83
C LEU M 217 -23.45 7.65 -13.92
N VAL M 218 -24.25 7.63 -14.97
CA VAL M 218 -25.29 8.63 -15.19
C VAL M 218 -26.34 8.62 -14.09
N ARG M 219 -26.66 7.43 -13.61
CA ARG M 219 -27.68 7.26 -12.58
C ARG M 219 -27.27 7.90 -11.28
N ARG M 220 -26.03 7.62 -10.89
CA ARG M 220 -25.45 8.12 -9.65
C ARG M 220 -24.85 9.51 -9.71
N CYS M 221 -24.62 10.04 -10.91
CA CYS M 221 -23.97 11.34 -10.99
C CYS M 221 -24.63 12.28 -11.95
N PRO M 222 -25.71 12.90 -11.54
CA PRO M 222 -26.43 13.85 -12.38
C PRO M 222 -25.73 15.17 -12.61
N ASN M 223 -24.67 15.45 -11.87
CA ASN M 223 -24.03 16.77 -11.98
C ASN M 223 -22.88 16.92 -12.95
N LEU M 224 -22.62 15.88 -13.76
CA LEU M 224 -21.52 15.93 -14.72
C LEU M 224 -21.63 17.04 -15.75
N VAL M 225 -20.58 17.85 -15.84
CA VAL M 225 -20.49 18.96 -16.76
C VAL M 225 -19.47 18.60 -17.83
N HIS M 226 -18.45 17.86 -17.44
CA HIS M 226 -17.41 17.39 -18.35
C HIS M 226 -17.40 15.87 -18.31
N LEU M 227 -17.49 15.21 -19.46
CA LEU M 227 -17.46 13.76 -19.48
C LEU M 227 -16.62 13.26 -20.65
N ASP M 228 -15.47 12.70 -20.32
CA ASP M 228 -14.55 12.20 -21.32
C ASP M 228 -14.60 10.67 -21.38
N LEU M 229 -15.10 10.10 -22.48
CA LEU M 229 -15.16 8.66 -22.59
C LEU M 229 -14.40 8.22 -23.79
N SER M 230 -13.46 9.06 -24.24
CA SER M 230 -12.66 8.71 -25.38
C SER M 230 -12.11 7.31 -25.31
N ASP M 231 -12.05 6.64 -26.45
CA ASP M 231 -11.55 5.28 -26.57
C ASP M 231 -12.43 4.25 -25.87
N SER M 232 -13.72 4.53 -25.78
CA SER M 232 -14.61 3.58 -25.16
C SER M 232 -15.16 2.75 -26.29
N VAL M 233 -14.30 1.90 -26.82
CA VAL M 233 -14.61 0.98 -27.91
C VAL M 233 -15.98 0.28 -27.89
N MET M 234 -16.54 0.05 -26.70
CA MET M 234 -17.83 -0.62 -26.65
C MET M 234 -19.02 0.25 -26.95
N LEU M 235 -18.92 1.53 -26.62
CA LEU M 235 -20.03 2.45 -26.83
C LEU M 235 -20.57 2.65 -28.28
N LYS M 236 -21.88 2.50 -28.43
CA LYS M 236 -22.57 2.72 -29.69
C LYS M 236 -23.49 3.91 -29.49
N ASN M 237 -24.17 4.37 -30.53
CA ASN M 237 -25.01 5.53 -30.37
C ASN M 237 -26.15 5.32 -29.38
N ASP M 238 -26.40 4.06 -29.04
CA ASP M 238 -27.48 3.74 -28.09
C ASP M 238 -27.08 4.11 -26.67
N CYS M 239 -26.00 4.87 -26.54
CA CYS M 239 -25.52 5.32 -25.24
C CYS M 239 -25.99 6.75 -25.08
N PHE M 240 -26.33 7.35 -26.22
CA PHE M 240 -26.77 8.74 -26.26
C PHE M 240 -27.98 8.97 -25.35
N GLN M 241 -28.80 7.94 -25.19
CA GLN M 241 -29.97 8.04 -24.34
C GLN M 241 -29.59 8.19 -22.86
N GLU M 242 -28.32 7.95 -22.54
CA GLU M 242 -27.86 8.09 -21.18
C GLU M 242 -27.34 9.52 -21.00
N PHE M 243 -26.61 10.04 -21.98
CA PHE M 243 -26.07 11.40 -21.93
C PHE M 243 -27.22 12.38 -21.84
N PHE M 244 -28.34 12.03 -22.48
CA PHE M 244 -29.52 12.88 -22.47
C PHE M 244 -30.04 13.06 -21.05
N GLN M 245 -29.80 12.07 -20.20
CA GLN M 245 -30.25 12.12 -18.82
C GLN M 245 -29.36 13.01 -17.96
N LEU M 246 -28.36 13.64 -18.57
CA LEU M 246 -27.48 14.55 -17.85
C LEU M 246 -27.91 15.94 -18.29
N ASN M 247 -28.53 16.69 -17.37
CA ASN M 247 -29.01 18.01 -17.71
C ASN M 247 -28.01 19.12 -17.48
N TYR M 248 -26.75 18.76 -17.26
CA TYR M 248 -25.72 19.78 -17.06
C TYR M 248 -24.46 19.51 -17.89
N LEU M 249 -24.46 18.40 -18.62
CA LEU M 249 -23.32 18.05 -19.45
C LEU M 249 -23.15 19.10 -20.55
N GLN M 250 -21.97 19.69 -20.63
CA GLN M 250 -21.74 20.67 -21.68
C GLN M 250 -20.41 20.44 -22.39
N HIS M 251 -19.73 19.37 -22.02
CA HIS M 251 -18.48 19.03 -22.67
C HIS M 251 -18.42 17.52 -22.66
N LEU M 252 -18.41 16.93 -23.83
CA LEU M 252 -18.37 15.48 -23.97
C LEU M 252 -17.27 15.06 -24.96
N SER M 253 -16.64 13.93 -24.69
CA SER M 253 -15.60 13.41 -25.58
C SER M 253 -15.91 11.95 -25.85
N LEU M 254 -15.77 11.57 -27.12
CA LEU M 254 -16.03 10.21 -27.53
C LEU M 254 -15.02 9.83 -28.58
N SER M 255 -13.92 10.60 -28.62
CA SER M 255 -12.87 10.35 -29.59
C SER M 255 -12.54 8.88 -29.60
N ARG M 256 -12.21 8.34 -30.78
CA ARG M 256 -11.86 6.94 -30.93
C ARG M 256 -12.85 5.91 -30.39
N CYS M 257 -14.13 6.25 -30.36
CA CYS M 257 -15.16 5.29 -29.98
C CYS M 257 -15.64 4.77 -31.32
N TYR M 258 -14.83 3.88 -31.90
CA TYR M 258 -15.08 3.30 -33.21
C TYR M 258 -16.40 2.64 -33.48
N ASP M 259 -17.24 2.41 -32.46
CA ASP M 259 -18.53 1.78 -32.73
C ASP M 259 -19.64 2.80 -32.76
N ILE M 260 -19.27 4.08 -32.70
CA ILE M 260 -20.26 5.13 -32.78
C ILE M 260 -20.30 5.65 -34.22
N ILE M 261 -21.27 5.19 -35.01
CA ILE M 261 -21.42 5.61 -36.42
C ILE M 261 -21.45 7.15 -36.51
N PRO M 262 -20.56 7.72 -37.34
CA PRO M 262 -20.45 9.17 -37.51
C PRO M 262 -21.75 9.93 -37.66
N GLU M 263 -22.72 9.33 -38.34
CA GLU M 263 -24.01 9.99 -38.56
C GLU M 263 -24.81 10.14 -37.27
N THR M 264 -24.88 9.08 -36.48
CA THR M 264 -25.65 9.14 -35.22
C THR M 264 -25.22 10.35 -34.40
N LEU M 265 -24.00 10.83 -34.59
CA LEU M 265 -23.51 11.98 -33.82
C LEU M 265 -24.44 13.17 -33.92
N LEU M 266 -25.36 13.16 -34.88
CA LEU M 266 -26.27 14.27 -35.02
C LEU M 266 -27.23 14.29 -33.83
N GLU M 267 -27.50 13.10 -33.29
CA GLU M 267 -28.42 12.94 -32.16
C GLU M 267 -27.94 13.69 -30.92
N LEU M 268 -26.62 13.85 -30.78
CA LEU M 268 -26.10 14.55 -29.62
C LEU M 268 -26.59 15.99 -29.56
N GLY M 269 -27.43 16.35 -30.54
CA GLY M 269 -28.00 17.69 -30.60
C GLY M 269 -29.18 17.78 -29.65
N GLU M 270 -29.56 16.64 -29.09
CA GLU M 270 -30.66 16.56 -28.14
C GLU M 270 -30.25 17.17 -26.79
N ILE M 271 -28.98 17.01 -26.45
CA ILE M 271 -28.43 17.52 -25.19
C ILE M 271 -28.41 19.06 -25.31
N PRO M 272 -29.37 19.72 -24.67
CA PRO M 272 -29.46 21.17 -24.72
C PRO M 272 -28.23 21.90 -24.23
N THR M 273 -27.78 21.49 -23.05
CA THR M 273 -26.64 22.11 -22.38
C THR M 273 -25.29 21.95 -23.03
N LEU M 274 -25.15 20.97 -23.92
CA LEU M 274 -23.88 20.65 -24.59
C LEU M 274 -23.29 21.83 -25.31
N LYS M 275 -22.04 22.16 -24.99
CA LYS M 275 -21.34 23.30 -25.59
C LYS M 275 -20.19 22.86 -26.50
N THR M 276 -19.64 21.69 -26.24
CA THR M 276 -18.54 21.18 -27.06
C THR M 276 -18.61 19.68 -27.19
N LEU M 277 -18.10 19.17 -28.32
CA LEU M 277 -18.06 17.75 -28.60
C LEU M 277 -16.72 17.43 -29.26
N GLN M 278 -16.05 16.39 -28.74
CA GLN M 278 -14.76 15.96 -29.25
C GLN M 278 -14.93 14.52 -29.71
N VAL M 279 -14.87 14.34 -31.02
CA VAL M 279 -15.00 13.04 -31.66
C VAL M 279 -13.91 12.89 -32.72
N PHE M 280 -12.66 12.85 -32.29
CA PHE M 280 -11.59 12.67 -33.25
C PHE M 280 -11.42 11.19 -33.63
N GLY M 281 -10.83 10.95 -34.81
CA GLY M 281 -10.59 9.60 -35.28
C GLY M 281 -11.78 8.78 -35.74
N ILE M 282 -13.01 9.28 -35.63
CA ILE M 282 -14.15 8.50 -36.08
C ILE M 282 -15.06 9.29 -36.99
N VAL M 283 -14.72 10.56 -37.19
CA VAL M 283 -15.52 11.42 -38.04
C VAL M 283 -14.78 11.93 -39.27
N PRO M 284 -15.24 11.51 -40.47
CA PRO M 284 -14.65 11.91 -41.76
C PRO M 284 -14.68 13.44 -41.87
N ASP M 285 -13.62 14.05 -42.36
CA ASP M 285 -13.60 15.50 -42.48
C ASP M 285 -14.88 16.10 -43.10
N GLY M 286 -15.48 15.40 -44.03
CA GLY M 286 -16.67 15.90 -44.67
C GLY M 286 -17.88 15.85 -43.76
N THR M 287 -18.24 14.66 -43.30
CA THR M 287 -19.39 14.54 -42.42
C THR M 287 -19.15 15.39 -41.14
N LEU M 288 -17.89 15.69 -40.84
CA LEU M 288 -17.58 16.50 -39.67
C LEU M 288 -17.99 17.94 -39.86
N GLN M 289 -17.75 18.49 -41.05
CA GLN M 289 -18.14 19.86 -41.29
C GLN M 289 -19.66 20.00 -41.44
N LEU M 290 -20.33 18.93 -41.85
CA LEU M 290 -21.77 18.98 -41.99
C LEU M 290 -22.34 18.91 -40.59
N LEU M 291 -21.64 18.15 -39.72
CA LEU M 291 -22.06 17.98 -38.35
C LEU M 291 -21.94 19.34 -37.66
N LYS M 292 -20.96 20.14 -38.05
CA LYS M 292 -20.80 21.45 -37.46
C LYS M 292 -21.87 22.40 -38.02
N GLU M 293 -22.36 22.11 -39.23
CA GLU M 293 -23.39 22.93 -39.87
C GLU M 293 -24.67 22.76 -39.09
N ALA M 294 -25.03 21.50 -38.88
CA ALA M 294 -26.23 21.14 -38.15
C ALA M 294 -26.22 21.60 -36.69
N LEU M 295 -25.08 21.48 -36.00
CA LEU M 295 -24.97 21.86 -34.59
C LEU M 295 -24.07 23.08 -34.38
N PRO M 296 -24.48 24.25 -34.90
CA PRO M 296 -23.70 25.48 -34.78
C PRO M 296 -23.47 25.92 -33.33
N HIS M 297 -24.23 25.33 -32.41
CA HIS M 297 -24.09 25.71 -31.00
C HIS M 297 -22.89 25.02 -30.38
N LEU M 298 -22.51 23.90 -30.99
CA LEU M 298 -21.39 23.14 -30.51
C LEU M 298 -20.03 23.59 -31.03
N GLN M 299 -19.00 23.01 -30.42
CA GLN M 299 -17.61 23.27 -30.74
C GLN M 299 -17.12 21.85 -30.90
N ILE M 300 -17.05 21.37 -32.14
CA ILE M 300 -16.64 19.99 -32.39
C ILE M 300 -15.14 19.86 -32.72
N ASN M 301 -14.49 18.81 -32.19
CA ASN M 301 -13.07 18.54 -32.38
C ASN M 301 -12.27 19.82 -32.32
N CYS M 302 -12.55 20.60 -31.28
CA CYS M 302 -11.90 21.89 -31.05
C CYS M 302 -10.71 21.79 -30.11
N SER M 303 -10.67 20.75 -29.28
CA SER M 303 -9.56 20.58 -28.34
C SER M 303 -9.02 19.16 -28.25
N HIS M 304 -7.69 19.07 -28.28
CA HIS M 304 -7.03 17.77 -28.24
C HIS M 304 -6.67 17.24 -26.84
N PHE M 305 -6.43 18.11 -25.89
CA PHE M 305 -6.06 17.60 -24.58
C PHE M 305 -7.09 17.82 -23.51
N THR M 306 -7.11 16.93 -22.52
CA THR M 306 -8.06 17.06 -21.44
C THR M 306 -7.57 18.13 -20.51
N THR M 307 -8.48 18.71 -19.76
CA THR M 307 -8.15 19.76 -18.82
C THR M 307 -8.61 19.24 -17.49
N ILE M 308 -9.47 18.23 -17.55
CA ILE M 308 -9.98 17.60 -16.33
C ILE M 308 -8.90 17.23 -15.30
N ALA M 309 -8.92 17.93 -14.17
CA ALA M 309 -7.98 17.70 -13.08
C ALA M 309 -6.53 17.89 -13.49
N ARG M 310 -6.25 18.93 -14.25
CA ARG M 310 -4.89 19.20 -14.70
C ARG M 310 -4.29 20.35 -13.90
N PRO M 311 -3.21 20.07 -13.15
CA PRO M 311 -2.51 21.06 -12.32
C PRO M 311 -2.18 22.31 -13.15
N THR M 312 -1.66 22.11 -14.37
CA THR M 312 -1.36 23.22 -15.24
C THR M 312 -1.80 22.90 -16.67
N ILE M 313 -2.21 23.94 -17.40
CA ILE M 313 -2.67 23.79 -18.78
C ILE M 313 -1.90 24.79 -19.61
N GLY M 314 -0.96 24.32 -20.43
CA GLY M 314 -0.24 25.27 -21.27
C GLY M 314 1.27 25.20 -21.21
N ASN M 315 1.92 26.15 -21.89
CA ASN M 315 3.39 26.22 -21.96
C ASN M 315 3.81 27.62 -21.52
N LYS M 316 4.98 27.74 -20.87
CA LYS M 316 5.45 29.05 -20.43
C LYS M 316 4.52 29.48 -19.29
N LYS M 317 3.50 28.66 -19.03
CA LYS M 317 2.51 28.96 -18.02
C LYS M 317 2.55 27.97 -16.94
N ASN M 318 3.76 27.51 -16.70
CA ASN M 318 4.04 26.56 -15.65
C ASN M 318 3.73 27.27 -14.37
N GLN M 319 3.99 26.59 -13.25
CA GLN M 319 3.83 27.19 -11.94
C GLN M 319 2.57 28.02 -11.76
N GLU M 320 1.46 27.47 -12.24
CA GLU M 320 0.17 28.11 -12.06
C GLU M 320 -0.65 26.94 -11.58
N ILE M 321 0.03 26.04 -10.87
CA ILE M 321 -0.58 24.85 -10.29
C ILE M 321 -1.96 25.26 -9.81
N TRP M 322 -2.98 24.91 -10.59
CA TRP M 322 -4.35 25.26 -10.29
C TRP M 322 -4.47 26.74 -9.94
N GLY M 323 -3.80 27.55 -10.74
CA GLY M 323 -3.84 28.98 -10.55
C GLY M 323 -2.81 29.58 -9.63
N ILE M 324 -2.22 28.77 -8.76
CA ILE M 324 -1.20 29.28 -7.83
C ILE M 324 0.18 29.55 -8.46
N LYS M 325 0.61 30.81 -8.44
CA LYS M 325 1.93 31.18 -8.97
C LYS M 325 2.93 30.96 -7.86
N CYS M 326 3.45 29.75 -7.72
CA CYS M 326 4.40 29.46 -6.64
C CYS M 326 5.45 30.55 -6.45
N ARG M 327 5.51 31.13 -5.25
CA ARG M 327 6.47 32.20 -4.99
C ARG M 327 7.92 31.74 -4.84
N LEU M 328 8.12 30.46 -4.52
CA LEU M 328 9.47 29.88 -4.42
C LEU M 328 9.65 28.85 -5.54
N THR M 329 10.68 29.05 -6.36
CA THR M 329 10.92 28.14 -7.49
C THR M 329 12.40 28.03 -7.71
N LEU M 330 12.78 27.29 -8.75
CA LEU M 330 14.19 27.13 -9.11
C LEU M 330 14.44 27.46 -10.57
N GLN M 331 13.40 27.90 -11.27
CA GLN M 331 13.51 28.27 -12.68
C GLN M 331 14.72 29.18 -12.88
N PRO N 2 -4.96 70.76 1.87
CA PRO N 2 -4.01 70.46 0.78
C PRO N 2 -2.61 70.31 1.37
N SER N 3 -2.40 70.92 2.53
CA SER N 3 -1.10 70.85 3.18
C SER N 3 -1.23 70.33 4.61
N ILE N 4 -0.15 69.74 5.10
CA ILE N 4 -0.08 69.19 6.45
C ILE N 4 1.36 69.31 6.92
N LYS N 5 1.55 69.60 8.19
CA LYS N 5 2.89 69.72 8.71
C LYS N 5 3.27 68.47 9.52
N LEU N 6 4.46 67.96 9.24
CA LEU N 6 5.00 66.79 9.91
C LEU N 6 6.12 67.25 10.84
N GLN N 7 6.27 66.58 11.97
CA GLN N 7 7.32 66.96 12.91
C GLN N 7 8.26 65.80 13.19
N SER N 8 9.51 65.95 12.76
CA SER N 8 10.51 64.92 12.96
C SER N 8 10.83 64.74 14.44
N SER N 9 11.18 63.51 14.82
CA SER N 9 11.50 63.16 16.20
C SER N 9 12.55 64.10 16.78
N ASP N 10 13.14 64.94 15.95
CA ASP N 10 14.15 65.85 16.45
C ASP N 10 13.94 67.31 16.13
N GLY N 11 12.68 67.71 15.98
CA GLY N 11 12.40 69.11 15.73
C GLY N 11 11.88 69.61 14.41
N GLU N 12 12.51 69.23 13.30
CA GLU N 12 12.06 69.72 12.01
C GLU N 12 10.59 69.55 11.66
N ILE N 13 10.09 70.55 10.97
CA ILE N 13 8.70 70.58 10.51
C ILE N 13 8.73 70.68 8.98
N PHE N 14 8.19 69.66 8.32
CA PHE N 14 8.12 69.64 6.87
C PHE N 14 6.67 69.76 6.48
N GLU N 15 6.37 70.61 5.52
CA GLU N 15 5.01 70.74 5.06
C GLU N 15 4.87 69.90 3.82
N VAL N 16 4.13 68.80 3.94
CA VAL N 16 3.93 67.92 2.80
C VAL N 16 2.48 68.00 2.35
N ASP N 17 2.21 67.55 1.13
CA ASP N 17 0.84 67.56 0.63
C ASP N 17 0.07 66.48 1.35
N VAL N 18 -1.14 66.81 1.79
CA VAL N 18 -1.97 65.87 2.51
C VAL N 18 -2.10 64.51 1.82
N GLU N 19 -2.12 64.54 0.49
CA GLU N 19 -2.26 63.32 -0.31
C GLU N 19 -0.99 62.48 -0.31
N ILE N 20 0.15 63.13 -0.22
CA ILE N 20 1.42 62.42 -0.20
C ILE N 20 1.65 61.86 1.20
N ALA N 21 1.35 62.66 2.23
CA ALA N 21 1.53 62.23 3.62
C ALA N 21 0.61 61.04 3.90
N LYS N 22 -0.58 61.09 3.30
CA LYS N 22 -1.58 60.03 3.45
C LYS N 22 -1.03 58.71 2.93
N GLN N 23 0.05 58.77 2.16
CA GLN N 23 0.67 57.57 1.63
C GLN N 23 1.20 56.73 2.80
N SER N 24 1.30 57.36 3.97
CA SER N 24 1.77 56.70 5.19
C SER N 24 0.56 56.31 6.03
N VAL N 25 0.28 55.02 6.15
CA VAL N 25 -0.87 54.56 6.91
C VAL N 25 -0.84 55.12 8.33
N THR N 26 0.36 55.17 8.90
CA THR N 26 0.53 55.70 10.23
C THR N 26 0.15 57.18 10.25
N ILE N 27 0.77 58.00 9.38
CA ILE N 27 0.46 59.42 9.34
C ILE N 27 -0.98 59.66 8.88
N LYS N 28 -1.56 58.67 8.21
CA LYS N 28 -2.94 58.79 7.74
C LYS N 28 -3.91 58.68 8.91
N THR N 29 -3.80 57.59 9.67
CA THR N 29 -4.66 57.36 10.81
C THR N 29 -4.66 58.51 11.79
N MET N 30 -3.49 59.11 12.01
CA MET N 30 -3.38 60.24 12.92
C MET N 30 -4.15 61.45 12.40
N LEU N 31 -3.91 61.82 11.15
CA LEU N 31 -4.59 62.97 10.56
C LEU N 31 -6.10 62.81 10.59
N GLU N 32 -6.56 61.63 10.99
CA GLU N 32 -7.98 61.35 11.07
C GLU N 32 -8.40 61.17 12.52
N ASP N 33 -8.03 60.04 13.10
CA ASP N 33 -8.36 59.70 14.47
C ASP N 33 -7.77 60.67 15.51
N LEU N 34 -7.28 61.83 15.06
CA LEU N 34 -6.70 62.81 15.98
C LEU N 34 -6.82 64.25 15.47
N GLY N 35 -6.89 64.42 14.16
CA GLY N 35 -7.00 65.75 13.59
C GLY N 35 -6.00 66.71 14.20
N MET N 36 -4.72 66.41 14.01
CA MET N 36 -3.64 67.22 14.56
C MET N 36 -2.94 68.02 13.46
N ASP N 37 -2.33 69.14 13.83
CA ASP N 37 -1.59 69.94 12.85
C ASP N 37 -0.13 69.46 12.82
N PRO N 38 0.69 69.86 13.81
CA PRO N 38 2.07 69.38 13.76
C PRO N 38 2.10 67.89 14.09
N VAL N 39 1.77 67.05 13.10
CA VAL N 39 1.73 65.60 13.29
C VAL N 39 3.02 65.10 13.93
N PRO N 40 2.92 64.61 15.18
CA PRO N 40 4.06 64.08 15.94
C PRO N 40 4.61 62.78 15.39
N LEU N 41 5.86 62.80 14.92
CA LEU N 41 6.54 61.62 14.39
C LEU N 41 7.80 61.36 15.21
N PRO N 42 7.64 60.89 16.46
CA PRO N 42 8.75 60.61 17.37
C PRO N 42 9.71 59.49 16.95
N ASN N 43 9.31 58.67 15.97
CA ASN N 43 10.18 57.57 15.52
C ASN N 43 10.94 57.78 14.22
N VAL N 44 10.93 59.00 13.68
CA VAL N 44 11.63 59.29 12.44
C VAL N 44 12.33 60.63 12.57
N ASN N 45 13.65 60.68 12.35
CA ASN N 45 14.33 61.95 12.49
C ASN N 45 14.17 62.80 11.22
N ALA N 46 14.77 63.99 11.24
CA ALA N 46 14.71 64.94 10.12
C ALA N 46 15.34 64.50 8.81
N ALA N 47 16.45 63.77 8.88
CA ALA N 47 17.12 63.29 7.67
C ALA N 47 16.26 62.24 6.96
N ILE N 48 15.92 61.19 7.68
CA ILE N 48 15.09 60.12 7.11
C ILE N 48 13.73 60.60 6.62
N LEU N 49 13.05 61.42 7.42
CA LEU N 49 11.71 61.90 7.04
C LEU N 49 11.77 62.69 5.72
N LYS N 50 12.80 63.50 5.59
CA LYS N 50 13.01 64.29 4.39
C LYS N 50 13.16 63.32 3.20
N LYS N 51 13.67 62.12 3.48
CA LYS N 51 13.85 61.09 2.46
C LYS N 51 12.51 60.43 2.14
N VAL N 52 11.77 60.10 3.21
CA VAL N 52 10.45 59.46 3.07
C VAL N 52 9.48 60.35 2.28
N ILE N 53 9.58 61.65 2.52
CA ILE N 53 8.73 62.59 1.82
C ILE N 53 9.18 62.63 0.34
N GLN N 54 10.49 62.68 0.13
CA GLN N 54 11.04 62.72 -1.22
C GLN N 54 10.57 61.53 -2.04
N TRP N 55 10.78 60.33 -1.50
CA TRP N 55 10.40 59.11 -2.18
C TRP N 55 8.90 59.09 -2.45
N CYS N 56 8.12 59.57 -1.48
CA CYS N 56 6.67 59.56 -1.63
C CYS N 56 6.19 60.60 -2.63
N THR N 57 6.96 61.66 -2.78
CA THR N 57 6.64 62.72 -3.73
C THR N 57 6.88 62.20 -5.14
N HIS N 58 8.06 61.59 -5.33
CA HIS N 58 8.42 61.01 -6.62
C HIS N 58 7.34 60.02 -7.08
N HIS N 59 6.82 59.24 -6.15
CA HIS N 59 5.79 58.25 -6.45
C HIS N 59 4.39 58.68 -6.01
N LYS N 60 4.13 60.00 -6.02
CA LYS N 60 2.85 60.50 -5.61
C LYS N 60 1.68 59.89 -6.41
N ASP N 61 1.94 59.48 -7.65
CA ASP N 61 0.92 58.84 -8.48
C ASP N 61 1.10 57.32 -8.37
N ASP N 62 2.31 56.92 -7.95
CA ASP N 62 2.69 55.51 -7.82
C ASP N 62 2.02 54.78 -6.66
N ILE N 71 13.84 47.22 -10.01
CA ILE N 71 13.96 48.43 -9.13
C ILE N 71 14.41 49.56 -10.00
N PRO N 72 13.58 50.56 -10.13
CA PRO N 72 13.86 51.74 -10.93
C PRO N 72 15.26 52.26 -10.69
N VAL N 73 15.80 52.98 -11.67
CA VAL N 73 17.12 53.59 -11.54
C VAL N 73 17.07 54.73 -10.52
N TRP N 74 15.98 55.50 -10.50
CA TRP N 74 15.89 56.59 -9.54
C TRP N 74 15.84 56.03 -8.11
N ASP N 75 15.07 54.98 -7.90
CA ASP N 75 15.02 54.38 -6.57
C ASP N 75 16.41 53.88 -6.15
N GLN N 76 17.08 53.15 -7.03
CA GLN N 76 18.42 52.65 -6.75
C GLN N 76 19.37 53.78 -6.39
N GLU N 77 19.35 54.88 -7.12
CA GLU N 77 20.24 55.97 -6.76
C GLU N 77 19.73 56.55 -5.45
N PHE N 78 18.43 56.41 -5.24
CA PHE N 78 17.82 56.96 -4.05
C PHE N 78 18.36 56.20 -2.86
N LEU N 79 18.34 54.88 -2.97
CA LEU N 79 18.79 54.02 -1.88
C LEU N 79 20.30 53.74 -1.92
N LYS N 80 21.03 54.61 -2.58
CA LYS N 80 22.46 54.46 -2.67
C LYS N 80 23.01 55.23 -1.46
N VAL N 81 22.73 54.69 -0.27
CA VAL N 81 23.15 55.29 1.01
C VAL N 81 23.81 54.21 1.88
N ASP N 82 24.47 54.64 2.96
CA ASP N 82 25.14 53.71 3.87
C ASP N 82 24.14 52.77 4.53
N GLN N 83 24.62 51.62 5.00
CA GLN N 83 23.77 50.63 5.64
C GLN N 83 22.93 51.23 6.76
N GLY N 84 23.49 52.22 7.45
CA GLY N 84 22.76 52.88 8.52
C GLY N 84 21.46 53.48 8.03
N THR N 85 21.58 54.42 7.09
CA THR N 85 20.44 55.09 6.51
C THR N 85 19.41 54.12 5.96
N LEU N 86 19.86 53.11 5.24
CA LEU N 86 18.93 52.12 4.69
C LEU N 86 18.18 51.39 5.80
N PHE N 87 18.89 51.12 6.91
CA PHE N 87 18.32 50.45 8.09
C PHE N 87 17.30 51.38 8.73
N GLU N 88 17.61 52.67 8.73
CA GLU N 88 16.73 53.69 9.27
C GLU N 88 15.49 53.81 8.38
N LEU N 89 15.69 53.68 7.07
CA LEU N 89 14.57 53.80 6.15
C LEU N 89 13.61 52.65 6.25
N ILE N 90 14.13 51.44 6.26
CA ILE N 90 13.20 50.33 6.37
C ILE N 90 12.34 50.49 7.64
N LEU N 91 12.94 51.04 8.69
CA LEU N 91 12.23 51.24 9.95
C LEU N 91 11.19 52.31 9.76
N ALA N 92 11.64 53.45 9.25
CA ALA N 92 10.75 54.56 8.99
C ALA N 92 9.57 54.06 8.14
N ALA N 93 9.90 53.45 7.00
CA ALA N 93 8.91 52.90 6.10
C ALA N 93 7.94 51.99 6.82
N ASN N 94 8.48 51.17 7.71
CA ASN N 94 7.66 50.25 8.46
C ASN N 94 6.81 51.02 9.48
N TYR N 95 7.47 51.87 10.26
CA TYR N 95 6.79 52.70 11.27
C TYR N 95 5.64 53.47 10.63
N LEU N 96 5.96 54.26 9.62
CA LEU N 96 4.97 55.06 8.91
C LEU N 96 4.07 54.16 8.06
N ASP N 97 4.40 52.87 8.01
CA ASP N 97 3.65 51.90 7.19
C ASP N 97 3.37 52.37 5.76
N ILE N 98 4.44 52.44 4.96
CA ILE N 98 4.39 52.85 3.57
C ILE N 98 4.77 51.64 2.73
N LYS N 99 3.84 50.71 2.53
CA LYS N 99 4.10 49.51 1.74
C LYS N 99 5.02 49.70 0.53
N GLY N 100 4.83 50.80 -0.18
CA GLY N 100 5.62 51.07 -1.36
C GLY N 100 7.09 51.20 -1.10
N LEU N 101 7.44 52.11 -0.20
CA LEU N 101 8.83 52.35 0.14
C LEU N 101 9.40 51.20 0.97
N LEU N 102 8.54 50.44 1.64
CA LEU N 102 9.00 49.32 2.45
C LEU N 102 9.43 48.21 1.51
N ASP N 103 8.79 48.13 0.35
CA ASP N 103 9.10 47.12 -0.66
C ASP N 103 10.49 47.31 -1.29
N VAL N 104 10.75 48.49 -1.84
CA VAL N 104 12.04 48.75 -2.46
C VAL N 104 13.19 48.63 -1.49
N THR N 105 13.02 49.13 -0.28
CA THR N 105 14.09 49.03 0.72
C THR N 105 14.41 47.59 1.06
N CYS N 106 13.40 46.74 1.22
CA CYS N 106 13.66 45.35 1.55
C CYS N 106 14.30 44.63 0.36
N LYS N 107 13.86 44.97 -0.86
CA LYS N 107 14.42 44.36 -2.07
C LYS N 107 15.86 44.80 -2.26
N THR N 108 16.16 46.00 -1.78
CA THR N 108 17.51 46.55 -1.87
C THR N 108 18.43 45.76 -0.94
N VAL N 109 17.93 45.45 0.24
CA VAL N 109 18.70 44.67 1.21
C VAL N 109 18.79 43.26 0.67
N ALA N 110 17.71 42.81 0.03
CA ALA N 110 17.71 41.47 -0.55
C ALA N 110 18.79 41.39 -1.64
N ASN N 111 18.92 42.45 -2.42
CA ASN N 111 19.91 42.47 -3.49
C ASN N 111 21.30 42.53 -2.92
N MET N 112 21.44 43.02 -1.71
CA MET N 112 22.76 43.08 -1.10
C MET N 112 23.19 41.69 -0.67
N ILE N 113 22.24 40.91 -0.17
CA ILE N 113 22.50 39.56 0.27
C ILE N 113 22.90 38.68 -0.89
N LYS N 114 22.14 38.74 -1.98
CA LYS N 114 22.42 37.94 -3.17
C LYS N 114 23.88 38.09 -3.53
N GLY N 115 24.50 36.97 -3.89
CA GLY N 115 25.90 37.00 -4.26
C GLY N 115 26.84 36.78 -3.09
N LYS N 116 26.68 37.57 -2.03
CA LYS N 116 27.51 37.43 -0.86
C LYS N 116 27.30 36.08 -0.18
N THR N 117 28.37 35.55 0.40
CA THR N 117 28.31 34.28 1.12
C THR N 117 27.85 34.58 2.55
N PRO N 118 27.47 33.54 3.31
CA PRO N 118 27.02 33.78 4.69
C PRO N 118 27.99 34.64 5.50
N GLU N 119 29.28 34.48 5.26
CA GLU N 119 30.33 35.22 5.95
C GLU N 119 30.40 36.69 5.53
N GLU N 120 30.30 36.92 4.22
CA GLU N 120 30.34 38.27 3.62
C GLU N 120 29.10 39.02 4.06
N ILE N 121 28.05 38.27 4.36
CA ILE N 121 26.81 38.86 4.82
C ILE N 121 26.96 39.33 6.26
N ARG N 122 27.63 38.52 7.09
CA ARG N 122 27.84 38.87 8.48
C ARG N 122 28.70 40.13 8.54
N LYS N 123 29.74 40.16 7.71
CA LYS N 123 30.63 41.31 7.66
C LYS N 123 29.79 42.58 7.45
N THR N 124 29.23 42.71 6.25
CA THR N 124 28.41 43.86 5.86
C THR N 124 27.41 44.33 6.92
N PHE N 125 26.34 43.55 7.11
CA PHE N 125 25.30 43.87 8.08
C PHE N 125 25.76 43.66 9.52
N ASN N 126 27.00 43.24 9.71
CA ASN N 126 27.56 43.01 11.05
C ASN N 126 26.63 42.12 11.88
N ILE N 127 26.72 40.82 11.66
CA ILE N 127 25.90 39.86 12.38
C ILE N 127 26.76 38.85 13.13
N LYS N 128 26.45 38.64 14.40
CA LYS N 128 27.19 37.70 15.23
C LYS N 128 26.84 36.30 14.77
N ASN N 129 27.86 35.46 14.69
CA ASN N 129 27.68 34.07 14.27
C ASN N 129 27.25 33.20 15.48
N ASP N 130 25.95 32.98 15.62
CA ASP N 130 25.41 32.20 16.73
C ASP N 130 25.62 30.67 16.63
N PHE N 131 26.02 30.13 15.47
CA PHE N 131 26.17 28.66 15.27
C PHE N 131 27.33 27.85 15.87
N THR N 132 27.16 26.53 15.84
CA THR N 132 28.16 25.55 16.29
C THR N 132 28.72 24.94 15.01
N GLU N 133 30.01 24.67 14.92
CA GLU N 133 30.54 24.10 13.70
C GLU N 133 29.78 22.83 13.29
N GLU N 134 29.01 22.26 14.21
CA GLU N 134 28.27 21.03 13.91
C GLU N 134 26.86 21.35 13.41
N GLU N 135 26.42 22.56 13.70
CA GLU N 135 25.12 23.04 13.29
C GLU N 135 25.31 23.57 11.88
N GLU N 136 26.43 24.26 11.66
CA GLU N 136 26.75 24.77 10.35
C GLU N 136 26.90 23.60 9.39
N ALA N 137 27.26 22.46 9.96
CA ALA N 137 27.43 21.23 9.19
C ALA N 137 26.10 20.67 8.76
N GLN N 138 25.09 20.79 9.62
CA GLN N 138 23.76 20.30 9.27
C GLN N 138 23.00 21.30 8.40
N VAL N 139 23.10 22.59 8.72
CA VAL N 139 22.45 23.61 7.93
C VAL N 139 22.90 23.40 6.49
N ARG N 140 24.20 23.20 6.33
CA ARG N 140 24.81 22.93 5.03
C ARG N 140 24.29 21.66 4.37
N LYS N 141 24.09 20.63 5.17
CA LYS N 141 23.59 19.35 4.64
C LYS N 141 22.13 19.49 4.21
N GLU N 142 21.35 20.25 4.97
CA GLU N 142 19.95 20.49 4.70
C GLU N 142 19.70 21.35 3.46
N ASN N 143 20.76 21.99 2.97
CA ASN N 143 20.63 22.85 1.79
C ASN N 143 21.48 22.40 0.59
N GLN N 144 21.96 21.15 0.62
CA GLN N 144 22.75 20.65 -0.49
C GLN N 144 21.85 20.54 -1.71
N TRP N 145 20.76 19.80 -1.57
CA TRP N 145 19.80 19.56 -2.63
C TRP N 145 19.61 20.74 -3.60
N CYS N 146 19.77 21.95 -3.09
CA CYS N 146 19.56 23.14 -3.89
C CYS N 146 20.74 23.52 -4.81
N VAL O 7 -13.29 18.05 -87.03
CA VAL O 7 -12.49 16.79 -86.97
C VAL O 7 -12.71 16.14 -85.61
N SER O 8 -12.46 14.84 -85.54
CA SER O 8 -12.62 14.10 -84.29
C SER O 8 -11.26 13.73 -83.73
N TRP O 9 -11.18 13.69 -82.41
CA TRP O 9 -9.92 13.34 -81.76
C TRP O 9 -9.87 11.86 -81.46
N ASP O 10 -11.01 11.19 -81.54
CA ASP O 10 -11.06 9.76 -81.26
C ASP O 10 -10.19 9.02 -82.26
N SER O 11 -9.62 9.75 -83.19
CA SER O 11 -8.75 9.19 -84.20
C SER O 11 -7.32 9.36 -83.72
N LEU O 12 -7.17 9.85 -82.49
CA LEU O 12 -5.88 10.07 -81.89
C LEU O 12 -5.35 8.75 -81.34
N PRO O 13 -4.06 8.45 -81.55
CA PRO O 13 -3.47 7.20 -81.07
C PRO O 13 -3.72 6.94 -79.58
N ASP O 14 -3.84 5.66 -79.24
CA ASP O 14 -4.04 5.24 -77.86
C ASP O 14 -2.95 5.79 -76.96
N GLU O 15 -1.72 5.82 -77.46
CA GLU O 15 -0.60 6.31 -76.67
C GLU O 15 -0.69 7.78 -76.36
N LEU O 16 -1.35 8.53 -77.23
CA LEU O 16 -1.47 9.97 -77.02
C LEU O 16 -2.63 10.37 -76.11
N LEU O 17 -3.73 9.63 -76.13
CA LEU O 17 -4.82 9.98 -75.23
C LEU O 17 -4.29 9.78 -73.82
N LEU O 18 -3.54 8.71 -73.61
CA LEU O 18 -2.99 8.48 -72.29
C LEU O 18 -2.14 9.67 -71.89
N GLY O 19 -1.41 10.24 -72.86
CA GLY O 19 -0.59 11.39 -72.56
C GLY O 19 -1.46 12.51 -72.04
N ILE O 20 -2.54 12.79 -72.77
CA ILE O 20 -3.45 13.85 -72.40
C ILE O 20 -4.06 13.52 -71.03
N PHE O 21 -4.50 12.27 -70.86
CA PHE O 21 -5.08 11.85 -69.60
C PHE O 21 -4.10 11.96 -68.43
N SER O 22 -2.83 11.70 -68.68
CA SER O 22 -1.85 11.77 -67.60
C SER O 22 -1.69 13.19 -67.11
N CYS O 23 -2.25 14.14 -67.85
CA CYS O 23 -2.15 15.54 -67.45
C CYS O 23 -3.37 15.95 -66.62
N LEU O 24 -4.29 15.00 -66.43
CA LEU O 24 -5.49 15.26 -65.68
C LEU O 24 -5.36 14.77 -64.25
N CYS O 25 -5.87 15.60 -63.32
CA CYS O 25 -5.86 15.26 -61.91
C CYS O 25 -7.01 14.28 -61.69
N LEU O 26 -6.91 13.47 -60.64
CA LEU O 26 -7.92 12.45 -60.30
C LEU O 26 -9.38 12.73 -60.66
N PRO O 27 -9.95 13.83 -60.13
CA PRO O 27 -11.34 14.10 -60.47
C PRO O 27 -11.55 14.25 -61.99
N GLU O 28 -10.60 14.92 -62.65
CA GLU O 28 -10.66 15.15 -64.10
C GLU O 28 -10.63 13.83 -64.86
N LEU O 29 -9.78 12.93 -64.40
CA LEU O 29 -9.65 11.64 -65.02
C LEU O 29 -10.96 10.86 -64.93
N LEU O 30 -11.64 10.99 -63.80
CA LEU O 30 -12.89 10.27 -63.64
C LEU O 30 -13.99 10.90 -64.46
N LYS O 31 -13.81 12.17 -64.78
CA LYS O 31 -14.78 12.89 -65.60
C LYS O 31 -14.71 12.33 -67.03
N VAL O 32 -13.53 12.44 -67.62
CA VAL O 32 -13.32 11.98 -68.99
C VAL O 32 -13.71 10.52 -69.22
N SER O 33 -13.50 9.67 -68.22
CA SER O 33 -13.81 8.25 -68.35
C SER O 33 -15.24 8.04 -68.79
N GLY O 34 -16.04 9.10 -68.73
CA GLY O 34 -17.44 8.98 -69.10
C GLY O 34 -17.81 9.68 -70.39
N VAL O 35 -16.80 10.02 -71.20
CA VAL O 35 -17.04 10.69 -72.48
C VAL O 35 -17.48 9.67 -73.51
N CYS O 36 -16.65 8.66 -73.74
CA CYS O 36 -16.98 7.62 -74.70
C CYS O 36 -16.44 6.30 -74.18
N LYS O 37 -16.88 5.18 -74.74
CA LYS O 37 -16.39 3.90 -74.27
C LYS O 37 -14.88 3.75 -74.33
N ARG O 38 -14.25 4.39 -75.30
CA ARG O 38 -12.80 4.27 -75.45
C ARG O 38 -12.10 4.98 -74.31
N TRP O 39 -12.46 6.25 -74.11
CA TRP O 39 -11.89 7.04 -73.04
C TRP O 39 -12.05 6.36 -71.67
N TYR O 40 -13.16 5.63 -71.51
CA TYR O 40 -13.42 4.92 -70.28
C TYR O 40 -12.37 3.85 -70.12
N ARG O 41 -12.13 3.07 -71.17
CA ARG O 41 -11.12 2.04 -71.08
C ARG O 41 -9.79 2.66 -70.66
N LEU O 42 -9.29 3.58 -71.48
CA LEU O 42 -8.01 4.26 -71.25
C LEU O 42 -7.91 5.02 -69.93
N ALA O 43 -9.01 5.62 -69.48
CA ALA O 43 -8.98 6.38 -68.24
C ALA O 43 -8.63 5.49 -67.04
N SER O 44 -8.66 4.17 -67.26
CA SER O 44 -8.36 3.23 -66.21
C SER O 44 -7.08 2.45 -66.49
N ASP O 45 -6.37 2.90 -67.53
CA ASP O 45 -5.12 2.28 -67.92
C ASP O 45 -4.16 2.22 -66.73
N GLU O 46 -3.40 1.13 -66.63
CA GLU O 46 -2.48 0.96 -65.52
C GLU O 46 -1.47 2.07 -65.39
N SER O 47 -1.01 2.61 -66.51
CA SER O 47 -0.04 3.68 -66.45
C SER O 47 -0.52 4.88 -65.63
N LEU O 48 -1.82 5.13 -65.66
CA LEU O 48 -2.41 6.27 -64.96
C LEU O 48 -2.61 6.09 -63.47
N TRP O 49 -2.66 4.85 -63.01
CA TRP O 49 -2.95 4.57 -61.60
C TRP O 49 -1.83 3.95 -60.73
N GLN O 50 -0.58 4.21 -61.04
CA GLN O 50 0.48 3.60 -60.24
C GLN O 50 0.53 4.08 -58.80
N THR O 51 0.31 5.37 -58.57
CA THR O 51 0.36 5.92 -57.21
C THR O 51 -0.91 6.69 -56.87
N LEU O 52 -1.71 6.15 -55.96
CA LEU O 52 -2.96 6.81 -55.57
C LEU O 52 -3.00 7.33 -54.12
N ASP O 53 -3.39 8.58 -53.95
CA ASP O 53 -3.48 9.17 -52.62
C ASP O 53 -4.91 9.57 -52.22
N LEU O 54 -5.62 8.70 -51.51
CA LEU O 54 -6.97 8.99 -51.05
C LEU O 54 -6.90 9.00 -49.54
N THR O 55 -6.48 10.10 -48.94
CA THR O 55 -6.39 10.09 -47.49
C THR O 55 -7.51 10.84 -46.77
N GLY O 56 -7.96 10.26 -45.67
CA GLY O 56 -9.05 10.87 -44.93
C GLY O 56 -10.34 10.72 -45.67
N LYS O 57 -10.35 9.92 -46.73
CA LYS O 57 -11.55 9.75 -47.54
C LYS O 57 -12.45 8.67 -46.96
N ASN O 58 -13.75 8.92 -46.92
CA ASN O 58 -14.67 7.89 -46.44
C ASN O 58 -14.78 7.08 -47.70
N LEU O 59 -14.80 5.77 -47.61
CA LEU O 59 -14.76 5.01 -48.85
C LEU O 59 -15.39 3.64 -48.76
N HIS O 60 -16.00 3.19 -49.84
CA HIS O 60 -16.64 1.89 -49.83
C HIS O 60 -15.58 0.92 -50.28
N PRO O 61 -15.50 -0.25 -49.64
CA PRO O 61 -14.51 -1.26 -50.00
C PRO O 61 -14.50 -1.63 -51.51
N ASP O 62 -15.66 -1.51 -52.17
CA ASP O 62 -15.70 -1.85 -53.59
C ASP O 62 -14.94 -0.81 -54.40
N VAL O 63 -14.95 0.44 -53.96
CA VAL O 63 -14.22 1.46 -54.67
C VAL O 63 -12.73 1.25 -54.48
N THR O 64 -12.31 0.87 -53.25
CA THR O 64 -10.89 0.65 -52.99
C THR O 64 -10.41 -0.59 -53.76
N GLY O 65 -11.26 -1.61 -53.84
CA GLY O 65 -10.89 -2.81 -54.56
C GLY O 65 -10.83 -2.58 -56.06
N ARG O 66 -11.82 -1.88 -56.58
CA ARG O 66 -11.92 -1.58 -57.99
C ARG O 66 -10.75 -0.67 -58.40
N LEU O 67 -10.29 0.17 -57.49
CA LEU O 67 -9.15 1.04 -57.79
C LEU O 67 -7.83 0.28 -57.64
N LEU O 68 -7.74 -0.63 -56.67
CA LEU O 68 -6.51 -1.41 -56.50
C LEU O 68 -6.40 -2.47 -57.59
N SER O 69 -7.52 -2.76 -58.25
CA SER O 69 -7.54 -3.79 -59.31
C SER O 69 -7.00 -3.23 -60.64
N GLN O 70 -6.83 -1.91 -60.69
CA GLN O 70 -6.32 -1.25 -61.89
C GLN O 70 -4.80 -1.16 -61.85
N GLY O 71 -4.16 -2.04 -61.10
CA GLY O 71 -2.71 -1.97 -61.03
C GLY O 71 -2.27 -0.64 -60.45
N VAL O 72 -2.40 -0.54 -59.14
CA VAL O 72 -2.00 0.61 -58.32
C VAL O 72 -0.81 0.09 -57.45
N ILE O 73 0.33 0.78 -57.52
CA ILE O 73 1.52 0.31 -56.82
C ILE O 73 1.72 0.91 -55.44
N ALA O 74 1.51 2.22 -55.34
CA ALA O 74 1.67 2.92 -54.10
C ALA O 74 0.30 3.49 -53.73
N PHE O 75 -0.34 2.91 -52.74
CA PHE O 75 -1.65 3.36 -52.28
C PHE O 75 -1.60 4.03 -50.92
N ARG O 76 -1.67 5.35 -50.90
CA ARG O 76 -1.62 6.16 -49.68
C ARG O 76 -3.05 6.45 -49.22
N CYS O 77 -3.43 5.93 -48.06
CA CYS O 77 -4.81 6.09 -47.59
C CYS O 77 -4.97 6.15 -46.06
N PRO O 78 -4.11 6.92 -45.36
CA PRO O 78 -4.21 7.02 -43.91
C PRO O 78 -5.41 7.84 -43.43
N ARG O 79 -5.92 7.51 -42.25
CA ARG O 79 -7.03 8.26 -41.70
C ARG O 79 -8.25 8.17 -42.61
N SER O 80 -8.46 7.01 -43.21
CA SER O 80 -9.59 6.85 -44.11
C SER O 80 -10.76 6.14 -43.44
N PHE O 81 -11.87 6.00 -44.17
CA PHE O 81 -13.03 5.31 -43.62
C PHE O 81 -13.65 4.30 -44.55
N MET O 82 -13.44 3.02 -44.26
CA MET O 82 -14.01 1.93 -45.04
C MET O 82 -14.66 1.05 -44.01
N ASP O 83 -15.98 1.14 -43.87
CA ASP O 83 -16.67 0.36 -42.86
C ASP O 83 -17.89 -0.37 -43.37
N GLN O 84 -17.78 -1.00 -44.53
CA GLN O 84 -18.90 -1.75 -45.08
C GLN O 84 -18.52 -3.10 -45.68
N PRO O 85 -19.52 -3.95 -45.96
CA PRO O 85 -19.30 -5.28 -46.52
C PRO O 85 -18.52 -5.37 -47.84
N LEU O 86 -18.23 -6.60 -48.23
CA LEU O 86 -17.47 -6.91 -49.43
C LEU O 86 -16.00 -6.60 -49.23
N ALA O 87 -16.08 -7.76 -48.44
CA ALA O 87 -14.69 -7.98 -48.10
C ALA O 87 -13.99 -8.31 -49.44
N GLU O 88 -13.28 -7.31 -49.97
CA GLU O 88 -12.59 -7.43 -51.26
C GLU O 88 -12.05 -8.80 -51.70
N HIS O 89 -12.11 -8.97 -53.02
CA HIS O 89 -11.68 -10.19 -53.69
C HIS O 89 -11.54 -9.89 -55.21
N PHE O 90 -12.15 -8.96 -54.86
CA PHE O 90 -11.72 -8.71 -56.27
C PHE O 90 -10.47 -9.56 -56.58
N SER O 91 -10.00 -9.50 -57.81
CA SER O 91 -8.75 -10.20 -58.24
C SER O 91 -7.48 -9.67 -57.50
N PRO O 92 -6.36 -10.46 -57.46
CA PRO O 92 -5.11 -10.06 -56.79
C PRO O 92 -4.65 -8.66 -57.16
N PHE O 93 -4.10 -7.96 -56.18
CA PHE O 93 -3.65 -6.60 -56.38
C PHE O 93 -2.13 -6.54 -56.52
N ARG O 94 -1.67 -5.56 -57.26
CA ARG O 94 -0.26 -5.34 -57.45
C ARG O 94 0.31 -4.51 -56.31
N VAL O 95 -0.58 -3.83 -55.58
CA VAL O 95 -0.20 -2.95 -54.48
C VAL O 95 1.04 -3.38 -53.70
N GLN O 96 2.06 -2.54 -53.73
CA GLN O 96 3.33 -2.83 -53.07
C GLN O 96 3.57 -1.98 -51.84
N HIS O 97 3.08 -0.76 -51.88
CA HIS O 97 3.27 0.14 -50.76
C HIS O 97 1.90 0.67 -50.39
N MET O 98 1.41 0.26 -49.22
CA MET O 98 0.10 0.70 -48.78
C MET O 98 0.07 1.23 -47.35
N ASP O 99 -0.61 2.36 -47.15
CA ASP O 99 -0.71 2.97 -45.83
C ASP O 99 -2.17 3.20 -45.42
N LEU O 100 -2.70 2.35 -44.55
CA LEU O 100 -4.06 2.51 -44.06
C LEU O 100 -4.05 2.96 -42.57
N SER O 101 -2.92 3.47 -42.10
CA SER O 101 -2.81 3.89 -40.71
C SER O 101 -3.88 4.85 -40.20
N ASN O 102 -4.28 4.63 -38.95
CA ASN O 102 -5.27 5.43 -38.28
C ASN O 102 -6.59 5.58 -38.97
N SER O 103 -6.97 4.58 -39.73
CA SER O 103 -8.22 4.65 -40.45
C SER O 103 -9.26 3.89 -39.64
N VAL O 104 -10.51 3.92 -40.09
CA VAL O 104 -11.57 3.18 -39.44
C VAL O 104 -12.03 2.27 -40.55
N ILE O 105 -11.67 0.99 -40.47
CA ILE O 105 -12.01 0.01 -41.50
C ILE O 105 -12.60 -1.26 -40.90
N GLU O 106 -13.82 -1.57 -41.28
CA GLU O 106 -14.45 -2.79 -40.79
C GLU O 106 -13.42 -3.90 -40.90
N VAL O 107 -13.28 -4.64 -39.81
CA VAL O 107 -12.33 -5.72 -39.81
C VAL O 107 -12.51 -6.71 -40.98
N SER O 108 -13.75 -6.96 -41.41
CA SER O 108 -13.97 -7.86 -42.54
C SER O 108 -13.59 -7.20 -43.86
N THR O 109 -13.65 -5.87 -43.91
CA THR O 109 -13.24 -5.16 -45.12
C THR O 109 -11.71 -5.19 -45.15
N LEU O 110 -11.11 -4.95 -43.99
CA LEU O 110 -9.66 -4.93 -43.92
C LEU O 110 -9.16 -6.28 -44.44
N HIS O 111 -9.77 -7.37 -43.94
CA HIS O 111 -9.41 -8.72 -44.34
C HIS O 111 -9.61 -8.96 -45.83
N GLY O 112 -10.77 -8.57 -46.34
CA GLY O 112 -11.07 -8.74 -47.76
C GLY O 112 -10.04 -8.11 -48.67
N ILE O 113 -9.59 -6.91 -48.32
CA ILE O 113 -8.59 -6.25 -49.13
C ILE O 113 -7.20 -6.90 -49.04
N LEU O 114 -6.71 -7.09 -47.82
CA LEU O 114 -5.40 -7.70 -47.61
C LEU O 114 -5.32 -9.15 -48.07
N SER O 115 -6.45 -9.78 -48.38
CA SER O 115 -6.44 -11.16 -48.82
C SER O 115 -6.26 -11.24 -50.33
N GLN O 116 -6.03 -10.08 -50.94
CA GLN O 116 -5.80 -9.98 -52.38
C GLN O 116 -4.41 -9.38 -52.55
N CYS O 117 -3.66 -9.36 -51.44
CA CYS O 117 -2.32 -8.80 -51.41
C CYS O 117 -1.30 -9.84 -51.08
N SER O 118 -0.22 -9.83 -51.84
CA SER O 118 0.89 -10.75 -51.67
C SER O 118 2.16 -10.00 -52.05
N LYS O 119 2.01 -9.01 -52.92
CA LYS O 119 3.14 -8.25 -53.40
C LYS O 119 3.49 -7.03 -52.58
N LEU O 120 2.98 -6.95 -51.36
CA LEU O 120 3.29 -5.81 -50.50
C LEU O 120 4.73 -5.78 -50.07
N GLN O 121 5.34 -4.60 -50.15
CA GLN O 121 6.72 -4.43 -49.69
C GLN O 121 6.77 -3.56 -48.42
N ASN O 122 5.85 -2.60 -48.33
CA ASN O 122 5.75 -1.70 -47.19
C ASN O 122 4.29 -1.47 -46.90
N LEU O 123 3.85 -1.87 -45.72
CA LEU O 123 2.46 -1.74 -45.31
C LEU O 123 2.36 -1.11 -43.94
N SER O 124 1.29 -0.40 -43.71
CA SER O 124 1.07 0.24 -42.43
C SER O 124 -0.40 0.08 -42.04
N LEU O 125 -0.64 -0.64 -40.96
CA LEU O 125 -1.99 -0.84 -40.45
C LEU O 125 -2.11 -0.18 -39.07
N GLU O 126 -1.18 0.75 -38.79
CA GLU O 126 -1.11 1.41 -37.50
C GLU O 126 -2.46 1.85 -36.98
N GLY O 127 -2.77 1.42 -35.76
CA GLY O 127 -4.02 1.79 -35.13
C GLY O 127 -5.25 1.11 -35.68
N LEU O 128 -5.12 -0.13 -36.13
CA LEU O 128 -6.25 -0.83 -36.68
C LEU O 128 -6.56 -2.15 -36.00
N ARG O 129 -7.81 -2.31 -35.61
CA ARG O 129 -8.19 -3.58 -34.98
C ARG O 129 -7.98 -4.56 -36.13
N LEU O 130 -7.43 -5.72 -35.85
CA LEU O 130 -7.20 -6.70 -36.90
C LEU O 130 -7.82 -7.98 -36.40
N SER O 131 -7.33 -9.10 -36.93
CA SER O 131 -7.81 -10.40 -36.54
C SER O 131 -6.87 -11.46 -37.07
N ASP O 132 -6.97 -12.65 -36.50
CA ASP O 132 -6.13 -13.74 -36.93
C ASP O 132 -6.27 -13.90 -38.40
N PRO O 133 -7.52 -13.98 -38.89
CA PRO O 133 -7.67 -14.12 -40.34
C PRO O 133 -6.88 -13.01 -41.07
N ILE O 134 -6.95 -11.77 -40.60
CA ILE O 134 -6.21 -10.71 -41.26
C ILE O 134 -4.70 -10.95 -41.18
N VAL O 135 -4.20 -11.06 -39.95
CA VAL O 135 -2.77 -11.29 -39.72
C VAL O 135 -2.25 -12.49 -40.50
N ASN O 136 -3.07 -13.52 -40.65
CA ASN O 136 -2.63 -14.65 -41.42
C ASN O 136 -2.49 -14.33 -42.91
N THR O 137 -3.45 -13.59 -43.46
CA THR O 137 -3.38 -13.23 -44.88
C THR O 137 -2.15 -12.39 -45.18
N LEU O 138 -1.68 -11.64 -44.19
CA LEU O 138 -0.48 -10.81 -44.37
C LEU O 138 0.73 -11.69 -44.62
N ALA O 139 0.70 -12.90 -44.07
CA ALA O 139 1.81 -13.80 -44.21
C ALA O 139 2.18 -13.99 -45.69
N LYS O 140 1.19 -13.90 -46.58
CA LYS O 140 1.43 -14.05 -48.02
C LYS O 140 2.50 -13.08 -48.49
N ASN O 141 2.45 -11.85 -48.00
CA ASN O 141 3.41 -10.85 -48.43
C ASN O 141 4.77 -11.06 -47.82
N SER O 142 5.32 -12.24 -48.10
CA SER O 142 6.63 -12.63 -47.60
C SER O 142 7.73 -11.67 -48.04
N ASN O 143 7.46 -10.84 -49.03
CA ASN O 143 8.49 -9.90 -49.47
C ASN O 143 8.44 -8.61 -48.71
N LEU O 144 7.67 -8.59 -47.63
CA LEU O 144 7.54 -7.38 -46.81
C LEU O 144 8.88 -6.87 -46.30
N VAL O 145 9.13 -5.60 -46.54
CA VAL O 145 10.36 -4.96 -46.14
C VAL O 145 10.12 -4.06 -44.93
N ARG O 146 8.97 -3.41 -44.90
CA ARG O 146 8.58 -2.56 -43.79
C ARG O 146 7.14 -2.88 -43.45
N LEU O 147 6.90 -3.15 -42.17
CA LEU O 147 5.55 -3.47 -41.69
C LEU O 147 5.31 -2.70 -40.40
N ASN O 148 4.24 -1.93 -40.38
CA ASN O 148 3.90 -1.15 -39.20
C ASN O 148 2.58 -1.62 -38.63
N LEU O 149 2.65 -2.34 -37.50
CA LEU O 149 1.45 -2.83 -36.84
C LEU O 149 1.23 -2.14 -35.49
N SER O 150 1.87 -1.00 -35.31
CA SER O 150 1.78 -0.24 -34.09
C SER O 150 0.35 0.14 -33.69
N GLY O 151 0.00 -0.16 -32.46
CA GLY O 151 -1.32 0.16 -32.00
C GLY O 151 -2.38 -0.83 -32.46
N CYS O 152 -1.97 -1.82 -33.25
CA CYS O 152 -2.96 -2.78 -33.70
C CYS O 152 -3.31 -3.75 -32.60
N SER O 153 -4.35 -4.54 -32.81
CA SER O 153 -4.82 -5.48 -31.82
C SER O 153 -5.73 -6.48 -32.50
N GLY O 154 -6.26 -7.40 -31.70
CA GLY O 154 -7.19 -8.38 -32.21
C GLY O 154 -6.65 -9.65 -32.75
N PHE O 155 -5.35 -9.90 -32.59
CA PHE O 155 -4.76 -11.13 -33.10
C PHE O 155 -3.93 -11.86 -32.05
N SER O 156 -3.93 -13.19 -32.11
CA SER O 156 -3.17 -14.02 -31.17
C SER O 156 -1.69 -14.01 -31.43
N GLU O 157 -0.94 -14.53 -30.47
CA GLU O 157 0.52 -14.58 -30.60
C GLU O 157 0.84 -15.64 -31.62
N PHE O 158 -0.17 -16.43 -31.99
CA PHE O 158 0.05 -17.48 -32.97
C PHE O 158 -0.01 -16.88 -34.37
N ALA O 159 -1.05 -16.10 -34.64
CA ALA O 159 -1.17 -15.47 -35.95
C ALA O 159 0.06 -14.57 -36.15
N LEU O 160 0.55 -14.02 -35.05
CA LEU O 160 1.71 -13.12 -35.08
C LEU O 160 2.95 -13.91 -35.44
N GLN O 161 2.93 -15.18 -35.05
CA GLN O 161 4.06 -16.06 -35.27
C GLN O 161 4.21 -16.47 -36.72
N THR O 162 3.10 -16.86 -37.34
CA THR O 162 3.18 -17.22 -38.74
C THR O 162 3.49 -15.99 -39.61
N LEU O 163 3.05 -14.80 -39.18
CA LEU O 163 3.33 -13.59 -39.94
C LEU O 163 4.83 -13.32 -39.90
N LEU O 164 5.36 -13.21 -38.70
CA LEU O 164 6.78 -12.94 -38.52
C LEU O 164 7.64 -14.03 -39.17
N SER O 165 7.26 -15.27 -38.93
CA SER O 165 7.98 -16.38 -39.53
C SER O 165 8.03 -16.24 -41.06
N SER O 166 6.87 -15.89 -41.63
CA SER O 166 6.70 -15.75 -43.06
C SER O 166 7.44 -14.56 -43.67
N CYS O 167 7.55 -13.46 -42.95
CA CYS O 167 8.23 -12.30 -43.52
C CYS O 167 9.72 -12.33 -43.22
N SER O 168 10.41 -13.25 -43.87
CA SER O 168 11.85 -13.45 -43.68
C SER O 168 12.85 -12.45 -44.23
N ARG O 169 12.37 -11.36 -44.84
CA ARG O 169 13.30 -10.36 -45.35
C ARG O 169 12.95 -9.00 -44.77
N LEU O 170 12.08 -9.02 -43.76
CA LEU O 170 11.62 -7.81 -43.08
C LEU O 170 12.80 -7.00 -42.57
N ASP O 171 12.80 -5.70 -42.86
CA ASP O 171 13.89 -4.80 -42.46
C ASP O 171 13.46 -3.87 -41.32
N GLU O 172 12.28 -3.28 -41.48
CA GLU O 172 11.72 -2.38 -40.51
C GLU O 172 10.46 -3.00 -39.92
N LEU O 173 10.35 -3.00 -38.60
CA LEU O 173 9.17 -3.56 -37.94
C LEU O 173 8.73 -2.73 -36.75
N ASN O 174 7.56 -2.14 -36.86
CA ASN O 174 7.08 -1.37 -35.75
C ASN O 174 5.89 -2.13 -35.24
N LEU O 175 6.11 -2.86 -34.17
CA LEU O 175 5.08 -3.68 -33.57
C LEU O 175 4.98 -3.16 -32.15
N SER O 176 4.77 -1.85 -32.01
CA SER O 176 4.68 -1.26 -30.68
C SER O 176 3.29 -0.88 -30.29
N TRP O 177 3.06 -0.89 -28.98
CA TRP O 177 1.81 -0.53 -28.37
C TRP O 177 0.58 -1.28 -28.80
N CYS O 178 0.76 -2.55 -29.08
CA CYS O 178 -0.39 -3.35 -29.43
C CYS O 178 -0.96 -3.64 -28.05
N PHE O 179 -1.71 -2.66 -27.55
CA PHE O 179 -2.37 -2.70 -26.25
C PHE O 179 -3.10 -4.00 -26.03
N ASP O 180 -3.30 -4.71 -27.12
CA ASP O 180 -4.02 -5.98 -27.10
C ASP O 180 -3.25 -7.15 -26.53
N PHE O 181 -1.93 -7.05 -26.41
CA PHE O 181 -1.30 -8.26 -25.97
C PHE O 181 -0.39 -8.51 -24.78
N THR O 182 -0.23 -9.81 -24.54
CA THR O 182 0.54 -10.40 -23.46
C THR O 182 2.03 -10.67 -23.66
N GLU O 183 2.61 -11.31 -22.65
CA GLU O 183 4.02 -11.71 -22.62
C GLU O 183 4.23 -12.58 -23.87
N LYS O 184 3.37 -13.57 -24.03
CA LYS O 184 3.45 -14.47 -25.16
C LYS O 184 3.59 -13.79 -26.50
N HIS O 185 2.95 -12.64 -26.68
CA HIS O 185 3.09 -11.96 -27.96
C HIS O 185 4.49 -11.40 -28.03
N VAL O 186 4.90 -10.76 -26.95
CA VAL O 186 6.24 -10.18 -26.91
C VAL O 186 7.26 -11.27 -27.17
N GLN O 187 7.01 -12.46 -26.61
CA GLN O 187 7.91 -13.58 -26.73
C GLN O 187 7.90 -14.09 -28.15
N VAL O 188 6.70 -14.21 -28.71
CA VAL O 188 6.60 -14.64 -30.09
C VAL O 188 7.37 -13.64 -30.94
N ALA O 189 7.16 -12.37 -30.61
CA ALA O 189 7.82 -11.29 -31.33
C ALA O 189 9.34 -11.47 -31.42
N VAL O 190 10.02 -11.49 -30.29
CA VAL O 190 11.47 -11.63 -30.34
C VAL O 190 11.98 -12.96 -30.91
N ALA O 191 11.20 -14.02 -30.73
CA ALA O 191 11.56 -15.36 -31.22
C ALA O 191 11.38 -15.62 -32.72
N HIS O 192 10.59 -14.79 -33.41
CA HIS O 192 10.38 -15.00 -34.83
C HIS O 192 10.54 -13.82 -35.75
N VAL O 193 11.02 -12.69 -35.26
CA VAL O 193 11.24 -11.57 -36.17
C VAL O 193 12.43 -12.03 -37.01
N SER O 194 12.40 -11.72 -38.30
CA SER O 194 13.49 -12.12 -39.19
C SER O 194 14.84 -11.58 -38.77
N GLU O 195 15.86 -12.42 -38.91
CA GLU O 195 17.22 -12.02 -38.59
C GLU O 195 17.65 -10.86 -39.45
N THR O 196 16.89 -10.64 -40.52
CA THR O 196 17.20 -9.56 -41.45
C THR O 196 16.82 -8.18 -40.89
N ILE O 197 15.92 -8.17 -39.91
CA ILE O 197 15.44 -6.95 -39.27
C ILE O 197 16.56 -6.01 -38.81
N THR O 198 16.42 -4.73 -39.15
CA THR O 198 17.42 -3.74 -38.77
C THR O 198 16.81 -2.60 -37.96
N GLN O 199 15.49 -2.47 -38.00
CA GLN O 199 14.81 -1.44 -37.23
C GLN O 199 13.62 -2.12 -36.64
N LEU O 200 13.58 -2.11 -35.31
CA LEU O 200 12.50 -2.74 -34.58
C LEU O 200 11.97 -1.77 -33.53
N ASN O 201 10.66 -1.71 -33.39
CA ASN O 201 10.06 -0.85 -32.39
C ASN O 201 9.08 -1.68 -31.57
N LEU O 202 9.53 -2.12 -30.39
CA LEU O 202 8.67 -2.91 -29.51
C LEU O 202 8.35 -2.18 -28.22
N SER O 203 8.04 -0.89 -28.29
CA SER O 203 7.74 -0.13 -27.10
C SER O 203 6.35 -0.32 -26.55
N GLY O 204 6.13 0.06 -25.30
CA GLY O 204 4.80 -0.04 -24.74
C GLY O 204 4.34 -1.32 -24.06
N TYR O 205 5.24 -2.30 -23.94
CA TYR O 205 4.86 -3.51 -23.26
C TYR O 205 5.56 -3.50 -21.91
N ARG O 206 4.95 -2.87 -20.92
CA ARG O 206 5.52 -2.75 -19.58
C ARG O 206 6.03 -4.07 -18.96
N LYS O 207 5.21 -4.65 -18.08
CA LYS O 207 5.57 -5.90 -17.40
C LYS O 207 5.66 -7.11 -18.33
N ASN O 208 5.22 -7.00 -19.58
CA ASN O 208 5.27 -8.15 -20.48
C ASN O 208 6.57 -8.33 -21.29
N LEU O 209 7.49 -7.39 -21.16
CA LEU O 209 8.76 -7.48 -21.88
C LEU O 209 9.89 -7.70 -20.88
N GLN O 210 10.31 -8.95 -20.73
CA GLN O 210 11.39 -9.28 -19.80
C GLN O 210 12.75 -9.08 -20.45
N LYS O 211 13.78 -9.10 -19.62
CA LYS O 211 15.17 -8.98 -20.06
C LYS O 211 15.47 -10.17 -20.96
N SER O 212 15.03 -11.34 -20.56
CA SER O 212 15.29 -12.53 -21.34
C SER O 212 14.75 -12.38 -22.75
N ASP O 213 13.71 -11.55 -22.91
CA ASP O 213 13.12 -11.35 -24.21
C ASP O 213 14.04 -10.44 -24.98
N LEU O 214 14.81 -9.65 -24.27
CA LEU O 214 15.74 -8.72 -24.91
C LEU O 214 16.95 -9.56 -25.36
N SER O 215 17.21 -10.63 -24.62
CA SER O 215 18.31 -11.54 -24.92
C SER O 215 18.02 -12.31 -26.19
N THR O 216 16.84 -12.93 -26.23
CA THR O 216 16.43 -13.69 -27.40
C THR O 216 16.54 -12.83 -28.66
N LEU O 217 16.00 -11.61 -28.57
CA LEU O 217 16.01 -10.69 -29.68
C LEU O 217 17.46 -10.44 -30.10
N VAL O 218 18.28 -10.02 -29.14
CA VAL O 218 19.67 -9.74 -29.46
C VAL O 218 20.43 -10.94 -30.01
N ARG O 219 20.03 -12.14 -29.63
CA ARG O 219 20.69 -13.37 -30.06
C ARG O 219 20.35 -13.68 -31.51
N ARG O 220 19.06 -13.61 -31.82
CA ARG O 220 18.55 -13.89 -33.16
C ARG O 220 18.67 -12.76 -34.16
N CYS O 221 18.90 -11.54 -33.70
CA CYS O 221 18.92 -10.40 -34.62
C CYS O 221 20.11 -9.50 -34.42
N PRO O 222 21.27 -9.89 -34.92
CA PRO O 222 22.47 -9.06 -34.78
C PRO O 222 22.48 -7.76 -35.62
N ASN O 223 21.60 -7.69 -36.59
CA ASN O 223 21.62 -6.55 -37.52
C ASN O 223 20.85 -5.30 -37.13
N LEU O 224 20.29 -5.26 -35.92
CA LEU O 224 19.53 -4.10 -35.47
C LEU O 224 20.34 -2.80 -35.46
N VAL O 225 19.77 -1.77 -36.08
CA VAL O 225 20.41 -0.46 -36.17
C VAL O 225 19.53 0.51 -35.35
N HIS O 226 18.23 0.24 -35.33
CA HIS O 226 17.24 1.03 -34.59
C HIS O 226 16.50 0.07 -33.65
N LEU O 227 16.48 0.40 -32.37
CA LEU O 227 15.78 -0.45 -31.43
C LEU O 227 15.08 0.43 -30.44
N ASP O 228 13.77 0.39 -30.49
CA ASP O 228 12.95 1.22 -29.60
C ASP O 228 12.33 0.33 -28.53
N LEU O 229 12.70 0.56 -27.27
CA LEU O 229 12.18 -0.23 -26.18
C LEU O 229 11.52 0.65 -25.10
N SER O 230 11.15 1.86 -25.51
CA SER O 230 10.47 2.78 -24.61
C SER O 230 9.34 2.08 -23.85
N ASP O 231 9.18 2.48 -22.59
CA ASP O 231 8.12 1.94 -21.73
C ASP O 231 8.33 0.48 -21.35
N SER O 232 9.58 0.04 -21.42
CA SER O 232 9.90 -1.34 -21.05
C SER O 232 10.27 -1.30 -19.55
N VAL O 233 9.23 -1.13 -18.75
CA VAL O 233 9.26 -1.05 -17.30
C VAL O 233 10.20 -2.02 -16.55
N MET O 234 10.30 -3.26 -17.05
CA MET O 234 11.16 -4.28 -16.45
C MET O 234 12.66 -4.05 -16.62
N LEU O 235 13.07 -3.52 -17.76
CA LEU O 235 14.48 -3.30 -18.04
C LEU O 235 15.28 -2.42 -17.07
N LYS O 236 16.39 -2.98 -16.61
CA LYS O 236 17.31 -2.27 -15.71
C LYS O 236 18.60 -2.10 -16.49
N ASN O 237 19.58 -1.46 -15.89
CA ASN O 237 20.85 -1.25 -16.58
C ASN O 237 21.57 -2.57 -16.90
N ASP O 238 21.11 -3.68 -16.33
CA ASP O 238 21.76 -4.95 -16.60
C ASP O 238 21.35 -5.52 -17.96
N CYS O 239 20.69 -4.70 -18.76
CA CYS O 239 20.25 -5.10 -20.09
C CYS O 239 21.30 -4.58 -21.03
N PHE O 240 21.97 -3.53 -20.60
CA PHE O 240 23.00 -2.90 -21.42
C PHE O 240 24.01 -3.89 -21.96
N GLN O 241 24.20 -5.00 -21.25
CA GLN O 241 25.16 -6.01 -21.69
C GLN O 241 24.64 -6.74 -22.93
N GLU O 242 23.37 -6.56 -23.23
CA GLU O 242 22.80 -7.19 -24.40
C GLU O 242 22.93 -6.24 -25.60
N PHE O 243 22.72 -4.95 -25.37
CA PHE O 243 22.81 -3.92 -26.43
C PHE O 243 24.24 -3.88 -26.93
N PHE O 244 25.17 -4.20 -26.04
CA PHE O 244 26.60 -4.21 -26.36
C PHE O 244 26.89 -5.30 -27.39
N GLN O 245 26.08 -6.35 -27.38
CA GLN O 245 26.27 -7.45 -28.32
C GLN O 245 25.70 -7.16 -29.69
N LEU O 246 25.25 -5.93 -29.89
CA LEU O 246 24.71 -5.47 -31.17
C LEU O 246 25.80 -4.56 -31.67
N ASN O 247 26.46 -4.96 -32.75
CA ASN O 247 27.55 -4.15 -33.27
C ASN O 247 27.19 -3.14 -34.36
N TYR O 248 25.89 -2.97 -34.59
CA TYR O 248 25.41 -2.04 -35.58
C TYR O 248 24.32 -1.12 -35.02
N LEU O 249 24.04 -1.27 -33.74
CA LEU O 249 23.03 -0.45 -33.10
C LEU O 249 23.52 0.97 -33.01
N GLN O 250 22.79 1.88 -33.65
CA GLN O 250 23.18 3.28 -33.60
C GLN O 250 22.06 4.17 -33.12
N HIS O 251 20.88 3.60 -32.94
CA HIS O 251 19.73 4.34 -32.43
C HIS O 251 18.99 3.48 -31.44
N LEU O 252 18.91 3.97 -30.21
CA LEU O 252 18.23 3.23 -29.16
C LEU O 252 17.27 4.13 -28.36
N SER O 253 16.13 3.56 -28.01
CA SER O 253 15.16 4.30 -27.21
C SER O 253 14.74 3.52 -25.99
N LEU O 254 14.85 4.19 -24.85
CA LEU O 254 14.50 3.59 -23.55
C LEU O 254 13.64 4.55 -22.74
N SER O 255 13.02 5.48 -23.44
CA SER O 255 12.19 6.45 -22.76
C SER O 255 11.21 5.74 -21.86
N ARG O 256 10.95 6.36 -20.70
CA ARG O 256 10.03 5.81 -19.71
C ARG O 256 10.34 4.39 -19.14
N CYS O 257 11.61 4.01 -19.21
CA CYS O 257 12.06 2.74 -18.65
C CYS O 257 12.46 3.15 -17.23
N TYR O 258 11.47 3.21 -16.37
CA TYR O 258 11.65 3.65 -15.00
C TYR O 258 12.64 2.87 -14.11
N ASP O 259 12.95 1.64 -14.48
CA ASP O 259 13.90 0.86 -13.70
C ASP O 259 15.35 1.04 -14.14
N ILE O 260 15.59 1.96 -15.07
CA ILE O 260 16.96 2.22 -15.51
C ILE O 260 17.41 3.50 -14.78
N ILE O 261 18.25 3.32 -13.75
CA ILE O 261 18.77 4.43 -12.96
C ILE O 261 19.52 5.36 -13.92
N PRO O 262 19.15 6.65 -13.88
CA PRO O 262 19.73 7.68 -14.74
C PRO O 262 21.24 7.67 -14.88
N GLU O 263 21.94 7.30 -13.83
CA GLU O 263 23.39 7.30 -13.91
C GLU O 263 23.95 6.16 -14.78
N THR O 264 23.38 4.98 -14.62
CA THR O 264 23.86 3.81 -15.38
C THR O 264 23.88 4.14 -16.88
N LEU O 265 23.10 5.12 -17.30
CA LEU O 265 23.03 5.51 -18.71
C LEU O 265 24.39 5.85 -19.29
N LEU O 266 25.35 6.16 -18.43
CA LEU O 266 26.67 6.51 -18.89
C LEU O 266 27.28 5.29 -19.56
N GLU O 267 26.91 4.11 -19.07
CA GLU O 267 27.41 2.84 -19.62
C GLU O 267 27.13 2.66 -21.09
N LEU O 268 26.04 3.25 -21.58
CA LEU O 268 25.69 3.12 -22.98
C LEU O 268 26.75 3.76 -23.87
N GLY O 269 27.83 4.25 -23.26
CA GLY O 269 28.89 4.83 -24.05
C GLY O 269 29.74 3.69 -24.59
N GLU O 270 29.47 2.48 -24.10
CA GLU O 270 30.19 1.28 -24.50
C GLU O 270 29.89 0.89 -25.94
N ILE O 271 28.67 1.18 -26.38
CA ILE O 271 28.22 0.88 -27.73
C ILE O 271 28.92 1.89 -28.65
N PRO O 272 29.92 1.43 -29.42
CA PRO O 272 30.70 2.27 -30.34
C PRO O 272 29.91 2.88 -31.48
N THR O 273 29.03 2.08 -32.08
CA THR O 273 28.20 2.52 -33.20
C THR O 273 27.04 3.47 -32.85
N LEU O 274 26.62 3.49 -31.59
CA LEU O 274 25.52 4.33 -31.14
C LEU O 274 25.69 5.81 -31.50
N LYS O 275 24.68 6.36 -32.17
CA LYS O 275 24.68 7.74 -32.62
C LYS O 275 23.67 8.60 -31.89
N THR O 276 22.57 7.98 -31.45
CA THR O 276 21.52 8.71 -30.74
C THR O 276 20.92 7.84 -29.64
N LEU O 277 20.46 8.52 -28.59
CA LEU O 277 19.81 7.89 -27.43
C LEU O 277 18.61 8.70 -27.00
N GLN O 278 17.50 8.00 -26.80
CA GLN O 278 16.27 8.66 -26.35
C GLN O 278 15.90 8.05 -24.99
N VAL O 279 15.98 8.90 -23.97
CA VAL O 279 15.66 8.51 -22.60
C VAL O 279 14.84 9.61 -21.94
N PHE O 280 13.61 9.77 -22.42
CA PHE O 280 12.74 10.78 -21.88
C PHE O 280 12.00 10.24 -20.65
N GLY O 281 11.62 11.14 -19.76
CA GLY O 281 10.89 10.76 -18.57
C GLY O 281 11.64 10.03 -17.46
N ILE O 282 12.96 9.85 -17.57
CA ILE O 282 13.69 9.15 -16.53
C ILE O 282 15.04 9.81 -16.24
N VAL O 283 15.33 10.89 -16.94
CA VAL O 283 16.59 11.58 -16.76
C VAL O 283 16.36 13.03 -16.36
N PRO O 284 16.81 13.40 -15.16
CA PRO O 284 16.67 14.75 -14.63
C PRO O 284 17.36 15.70 -15.61
N ASP O 285 16.81 16.90 -15.80
CA ASP O 285 17.45 17.83 -16.73
C ASP O 285 18.93 18.02 -16.46
N GLY O 286 19.32 17.89 -15.19
CA GLY O 286 20.72 18.08 -14.81
C GLY O 286 21.64 16.95 -15.20
N THR O 287 21.30 15.73 -14.80
CA THR O 287 22.14 14.60 -15.13
C THR O 287 22.06 14.36 -16.63
N LEU O 288 21.04 14.92 -17.28
CA LEU O 288 20.89 14.76 -18.72
C LEU O 288 21.94 15.56 -19.46
N GLN O 289 22.19 16.78 -19.01
CA GLN O 289 23.19 17.60 -19.68
C GLN O 289 24.59 17.10 -19.36
N LEU O 290 24.76 16.41 -18.24
CA LEU O 290 26.07 15.90 -17.90
C LEU O 290 26.27 14.69 -18.75
N LEU O 291 25.17 13.96 -18.99
CA LEU O 291 25.21 12.75 -19.80
C LEU O 291 25.62 13.13 -21.23
N LYS O 292 25.16 14.29 -21.69
CA LYS O 292 25.49 14.78 -23.02
C LYS O 292 26.96 15.22 -23.05
N GLU O 293 27.45 15.67 -21.89
CA GLU O 293 28.84 16.13 -21.75
C GLU O 293 29.73 14.93 -21.95
N ALA O 294 29.44 13.86 -21.22
CA ALA O 294 30.21 12.63 -21.30
C ALA O 294 30.18 11.97 -22.67
N LEU O 295 29.00 11.87 -23.28
CA LEU O 295 28.86 11.22 -24.58
C LEU O 295 28.58 12.24 -25.68
N PRO O 296 29.56 13.09 -25.99
CA PRO O 296 29.40 14.11 -27.04
C PRO O 296 29.11 13.52 -28.39
N HIS O 297 29.44 12.25 -28.59
CA HIS O 297 29.22 11.58 -29.85
C HIS O 297 27.75 11.23 -30.04
N LEU O 298 26.98 11.24 -28.96
CA LEU O 298 25.57 10.90 -29.01
C LEU O 298 24.63 12.09 -29.15
N GLN O 299 23.39 11.76 -29.48
CA GLN O 299 22.32 12.73 -29.66
C GLN O 299 21.29 12.22 -28.65
N ILE O 300 21.23 12.81 -27.47
CA ILE O 300 20.30 12.31 -26.47
C ILE O 300 19.01 13.12 -26.42
N ASN O 301 17.88 12.43 -26.20
CA ASN O 301 16.55 13.07 -26.12
C ASN O 301 16.40 14.17 -27.17
N CYS O 302 16.79 13.82 -28.38
CA CYS O 302 16.74 14.74 -29.49
C CYS O 302 15.46 14.58 -30.32
N SER O 303 14.87 13.40 -30.25
CA SER O 303 13.66 13.16 -31.01
C SER O 303 12.53 12.47 -30.24
N HIS O 304 11.33 13.01 -30.39
CA HIS O 304 10.13 12.49 -29.74
C HIS O 304 9.30 11.44 -30.46
N PHE O 305 9.42 11.33 -31.78
CA PHE O 305 8.61 10.34 -32.48
C PHE O 305 9.40 9.28 -33.21
N THR O 306 8.87 8.08 -33.20
CA THR O 306 9.51 7.01 -33.90
C THR O 306 9.33 7.21 -35.42
N THR O 307 10.33 6.79 -36.20
CA THR O 307 10.23 6.86 -37.65
C THR O 307 10.12 5.41 -38.14
N ILE O 308 10.43 4.47 -37.25
CA ILE O 308 10.39 3.07 -37.61
C ILE O 308 9.13 2.62 -38.35
N ALA O 309 9.30 2.29 -39.63
CA ALA O 309 8.20 1.82 -40.49
C ALA O 309 7.07 2.83 -40.65
N ARG O 310 7.40 4.14 -40.67
CA ARG O 310 6.40 5.20 -40.83
C ARG O 310 6.20 5.61 -42.29
N PRO O 311 5.02 5.37 -42.85
CA PRO O 311 4.71 5.74 -44.22
C PRO O 311 5.13 7.19 -44.51
N THR O 312 4.85 8.09 -43.59
CA THR O 312 5.23 9.47 -43.80
C THR O 312 5.76 10.09 -42.52
N ILE O 313 6.73 10.97 -42.65
CA ILE O 313 7.31 11.62 -41.50
C ILE O 313 7.24 13.10 -41.73
N GLY O 314 6.34 13.79 -41.04
CA GLY O 314 6.25 15.24 -41.20
C GLY O 314 4.90 15.85 -41.46
N ASN O 315 4.89 17.17 -41.68
CA ASN O 315 3.64 17.91 -41.95
C ASN O 315 3.81 18.65 -43.28
N LYS O 316 2.73 18.75 -44.06
CA LYS O 316 2.80 19.45 -45.35
C LYS O 316 3.61 18.55 -46.28
N LYS O 317 4.06 17.43 -45.73
CA LYS O 317 4.88 16.49 -46.47
C LYS O 317 4.19 15.18 -46.65
N ASN O 318 2.87 15.29 -46.64
CA ASN O 318 2.03 14.14 -46.82
C ASN O 318 2.38 13.56 -48.16
N GLN O 319 1.66 12.52 -48.54
CA GLN O 319 1.81 11.92 -49.84
C GLN O 319 3.24 11.73 -50.29
N GLU O 320 4.08 11.26 -49.38
CA GLU O 320 5.45 10.92 -49.72
C GLU O 320 5.55 9.53 -49.14
N ILE O 321 4.42 8.84 -49.12
CA ILE O 321 4.33 7.50 -48.62
C ILE O 321 5.63 6.78 -48.94
N TRP O 322 6.53 6.71 -47.97
CA TRP O 322 7.83 6.06 -48.18
C TRP O 322 8.51 6.62 -49.43
N GLY O 323 8.58 7.94 -49.49
CA GLY O 323 9.18 8.62 -50.61
C GLY O 323 8.29 8.89 -51.83
N ILE O 324 7.32 8.02 -52.12
CA ILE O 324 6.49 8.18 -53.30
C ILE O 324 5.51 9.34 -53.25
N LYS O 325 5.66 10.29 -54.18
CA LYS O 325 4.75 11.43 -54.30
C LYS O 325 3.59 10.96 -55.15
N CYS O 326 2.55 10.40 -54.54
CA CYS O 326 1.39 9.93 -55.31
C CYS O 326 0.93 10.94 -56.37
N ARG O 327 0.85 10.51 -57.63
CA ARG O 327 0.45 11.41 -58.71
C ARG O 327 -1.06 11.69 -58.73
N LEU O 328 -1.86 10.76 -58.21
CA LEU O 328 -3.31 10.95 -58.15
C LEU O 328 -3.71 11.18 -56.69
N THR O 329 -4.34 12.31 -56.40
CA THR O 329 -4.75 12.61 -55.05
C THR O 329 -6.08 13.35 -55.07
N LEU O 330 -6.53 13.81 -53.91
CA LEU O 330 -7.78 14.57 -53.80
C LEU O 330 -7.58 15.83 -52.99
N GLN O 331 -6.32 16.14 -52.66
CA GLN O 331 -6.00 17.34 -51.91
C GLN O 331 -6.61 18.57 -52.56
N PRO P 2 24.74 25.10 -90.03
CA PRO P 2 24.00 26.07 -89.19
C PRO P 2 22.58 26.18 -89.67
N SER P 3 22.36 25.87 -90.93
CA SER P 3 21.01 25.96 -91.47
C SER P 3 20.65 24.61 -92.07
N ILE P 4 19.36 24.37 -92.21
CA ILE P 4 18.86 23.13 -92.77
C ILE P 4 17.52 23.48 -93.37
N LYS P 5 17.17 22.83 -94.49
CA LYS P 5 15.89 23.10 -95.12
C LYS P 5 14.89 21.97 -94.84
N LEU P 6 13.68 22.34 -94.43
CA LEU P 6 12.62 21.38 -94.13
C LEU P 6 11.61 21.53 -95.25
N GLN P 7 10.95 20.45 -95.64
CA GLN P 7 9.97 20.54 -96.71
C GLN P 7 8.59 20.03 -96.28
N SER P 8 7.62 20.92 -96.15
CA SER P 8 6.29 20.53 -95.71
C SER P 8 5.65 19.52 -96.65
N SER P 9 4.75 18.71 -96.12
CA SER P 9 4.11 17.69 -96.93
C SER P 9 3.38 18.29 -98.12
N ASP P 10 3.36 19.61 -98.23
CA ASP P 10 2.63 20.20 -99.33
C ASP P 10 3.41 21.28 -100.07
N GLY P 11 4.74 21.22 -100.01
CA GLY P 11 5.51 22.15 -100.80
C GLY P 11 6.44 23.14 -100.17
N GLU P 12 6.04 23.76 -99.08
CA GLU P 12 6.91 24.75 -98.48
C GLU P 12 8.26 24.28 -97.96
N ILE P 13 9.24 25.17 -98.10
CA ILE P 13 10.59 24.93 -97.67
C ILE P 13 10.94 26.00 -96.65
N PHE P 14 11.22 25.58 -95.43
CA PHE P 14 11.59 26.55 -94.40
C PHE P 14 13.02 26.30 -94.08
N GLU P 15 13.79 27.35 -93.86
CA GLU P 15 15.17 27.12 -93.46
C GLU P 15 15.28 27.32 -91.98
N VAL P 16 15.42 26.24 -91.24
CA VAL P 16 15.51 26.37 -89.81
C VAL P 16 16.95 26.17 -89.37
N ASP P 17 17.30 26.66 -88.19
CA ASP P 17 18.64 26.47 -87.68
C ASP P 17 18.77 25.00 -87.34
N VAL P 18 19.91 24.40 -87.65
CA VAL P 18 20.13 22.97 -87.40
C VAL P 18 19.85 22.59 -85.95
N GLU P 19 20.26 23.45 -85.04
CA GLU P 19 20.11 23.18 -83.63
C GLU P 19 18.66 23.08 -83.20
N ILE P 20 17.83 23.96 -83.74
CA ILE P 20 16.40 24.00 -83.47
C ILE P 20 15.68 22.87 -84.14
N ALA P 21 16.09 22.54 -85.36
CA ALA P 21 15.47 21.45 -86.11
C ALA P 21 15.80 20.13 -85.45
N LYS P 22 16.95 20.10 -84.80
CA LYS P 22 17.40 18.89 -84.11
C LYS P 22 16.49 18.58 -82.94
N GLN P 23 15.80 19.59 -82.43
CA GLN P 23 14.84 19.44 -81.33
C GLN P 23 13.77 18.43 -81.68
N SER P 24 13.78 17.99 -82.93
CA SER P 24 12.84 17.00 -83.43
C SER P 24 13.65 15.75 -83.59
N VAL P 25 13.35 14.73 -82.79
CA VAL P 25 14.10 13.48 -82.88
C VAL P 25 13.92 12.90 -84.26
N THR P 26 12.72 13.06 -84.80
CA THR P 26 12.47 12.55 -86.12
C THR P 26 13.34 13.27 -87.10
N ILE P 27 13.28 14.61 -87.11
CA ILE P 27 14.09 15.37 -88.04
C ILE P 27 15.58 15.15 -87.81
N LYS P 28 15.94 14.88 -86.56
CA LYS P 28 17.32 14.65 -86.20
C LYS P 28 17.86 13.38 -86.86
N THR P 29 17.16 12.27 -86.60
CA THR P 29 17.58 11.00 -87.12
C THR P 29 17.82 11.06 -88.61
N MET P 30 16.96 11.79 -89.32
CA MET P 30 17.09 11.93 -90.78
C MET P 30 18.33 12.74 -91.17
N LEU P 31 18.55 13.87 -90.52
CA LEU P 31 19.71 14.69 -90.81
C LEU P 31 21.03 13.93 -90.54
N GLU P 32 20.91 12.71 -90.04
CA GLU P 32 22.07 11.89 -89.74
C GLU P 32 22.04 10.65 -90.60
N ASP P 33 21.13 9.75 -90.24
CA ASP P 33 20.95 8.49 -90.96
C ASP P 33 20.53 8.65 -92.40
N LEU P 34 20.73 9.84 -92.97
CA LEU P 34 20.36 10.10 -94.37
C LEU P 34 21.10 11.28 -94.99
N GLY P 35 21.61 12.19 -94.18
CA GLY P 35 22.33 13.34 -94.69
C GLY P 35 21.66 13.98 -95.90
N MET P 36 20.41 14.38 -95.73
CA MET P 36 19.62 15.01 -96.80
C MET P 36 19.51 16.53 -96.63
N ASP P 37 19.31 17.26 -97.74
CA ASP P 37 19.15 18.70 -97.66
C ASP P 37 17.66 19.00 -97.47
N PRO P 38 16.85 18.96 -98.53
CA PRO P 38 15.43 19.25 -98.30
C PRO P 38 14.85 18.07 -97.51
N VAL P 39 14.88 18.17 -96.19
CA VAL P 39 14.36 17.10 -95.35
C VAL P 39 12.88 16.86 -95.61
N PRO P 40 12.55 15.68 -96.14
CA PRO P 40 11.17 15.30 -96.44
C PRO P 40 10.30 15.11 -95.19
N LEU P 41 9.29 15.97 -95.03
CA LEU P 41 8.35 15.88 -93.92
C LEU P 41 6.95 15.69 -94.49
N PRO P 42 6.67 14.52 -95.05
CA PRO P 42 5.36 14.21 -95.64
C PRO P 42 4.16 14.24 -94.71
N ASN P 43 4.40 14.15 -93.42
CA ASN P 43 3.29 14.16 -92.46
C ASN P 43 2.97 15.48 -91.81
N VAL P 44 3.64 16.56 -92.19
CA VAL P 44 3.36 17.87 -91.59
C VAL P 44 3.12 18.94 -92.66
N ASN P 45 1.97 19.57 -92.68
CA ASN P 45 1.77 20.56 -93.71
C ASN P 45 2.52 21.87 -93.35
N ALA P 46 2.49 22.83 -94.28
CA ALA P 46 3.19 24.12 -94.14
C ALA P 46 2.74 24.95 -92.99
N ALA P 47 1.45 24.88 -92.66
CA ALA P 47 0.90 25.65 -91.55
C ALA P 47 1.51 25.15 -90.21
N ILE P 48 1.19 23.91 -89.87
CA ILE P 48 1.68 23.34 -88.65
C ILE P 48 3.21 23.45 -88.49
N LEU P 49 3.97 23.00 -89.51
CA LEU P 49 5.43 23.04 -89.46
C LEU P 49 5.91 24.45 -89.13
N LYS P 50 5.22 25.45 -89.67
CA LYS P 50 5.57 26.85 -89.42
C LYS P 50 5.39 27.14 -87.94
N LYS P 51 4.46 26.41 -87.32
CA LYS P 51 4.13 26.57 -85.91
C LYS P 51 5.16 25.84 -85.06
N VAL P 52 5.41 24.59 -85.44
CA VAL P 52 6.41 23.77 -84.76
C VAL P 52 7.78 24.47 -84.72
N ILE P 53 8.14 25.14 -85.80
CA ILE P 53 9.42 25.83 -85.90
C ILE P 53 9.38 27.08 -85.05
N GLN P 54 8.18 27.64 -84.94
CA GLN P 54 8.03 28.83 -84.14
C GLN P 54 8.20 28.45 -82.68
N TRP P 55 7.39 27.49 -82.23
CA TRP P 55 7.46 27.00 -80.88
C TRP P 55 8.90 26.55 -80.46
N CYS P 56 9.55 25.77 -81.33
CA CYS P 56 10.90 25.29 -81.08
C CYS P 56 11.88 26.46 -81.00
N THR P 57 11.69 27.47 -81.83
CA THR P 57 12.58 28.62 -81.85
C THR P 57 12.52 29.34 -80.52
N HIS P 58 11.30 29.60 -80.09
CA HIS P 58 11.02 30.29 -78.83
C HIS P 58 11.75 29.58 -77.69
N HIS P 59 11.62 28.25 -77.66
CA HIS P 59 12.25 27.43 -76.65
C HIS P 59 13.53 26.81 -77.16
N LYS P 60 14.33 27.57 -77.90
CA LYS P 60 15.56 27.02 -78.45
C LYS P 60 16.54 26.64 -77.34
N ASP P 61 16.45 27.37 -76.24
CA ASP P 61 17.28 27.12 -75.08
C ASP P 61 16.49 26.20 -74.14
N ASP P 62 15.18 26.14 -74.35
CA ASP P 62 14.32 25.35 -73.49
C ASP P 62 14.37 23.87 -73.71
N ILE P 71 1.76 26.43 -67.70
CA ILE P 71 1.98 26.75 -69.16
C ILE P 71 2.29 28.20 -69.26
N PRO P 72 3.40 28.56 -69.91
CA PRO P 72 3.78 29.96 -70.03
C PRO P 72 2.75 30.74 -70.89
N VAL P 73 2.76 32.06 -70.72
CA VAL P 73 1.81 32.89 -71.45
C VAL P 73 2.01 32.80 -72.95
N TRP P 74 3.26 32.95 -73.39
CA TRP P 74 3.59 32.85 -74.81
C TRP P 74 3.09 31.53 -75.41
N ASP P 75 3.26 30.43 -74.69
CA ASP P 75 2.79 29.15 -75.18
C ASP P 75 1.30 29.11 -75.20
N GLN P 76 0.65 29.78 -74.24
CA GLN P 76 -0.80 29.75 -74.25
C GLN P 76 -1.25 30.54 -75.43
N GLU P 77 -0.65 31.70 -75.65
CA GLU P 77 -1.07 32.50 -76.79
C GLU P 77 -0.76 31.68 -78.04
N PHE P 78 0.43 31.09 -78.05
CA PHE P 78 0.84 30.25 -79.16
C PHE P 78 -0.20 29.18 -79.44
N LEU P 79 -0.75 28.54 -78.41
CA LEU P 79 -1.73 27.48 -78.62
C LEU P 79 -3.17 27.96 -78.62
N LYS P 80 -3.35 29.27 -78.76
CA LYS P 80 -4.68 29.82 -78.81
C LYS P 80 -5.13 29.65 -80.28
N VAL P 81 -5.44 28.39 -80.65
CA VAL P 81 -5.85 28.06 -82.02
C VAL P 81 -7.08 27.15 -82.01
N ASP P 82 -7.67 26.91 -83.18
CA ASP P 82 -8.85 26.06 -83.28
C ASP P 82 -8.55 24.59 -83.00
N GLN P 83 -9.56 23.84 -82.57
CA GLN P 83 -9.37 22.44 -82.25
C GLN P 83 -8.64 21.67 -83.31
N GLY P 84 -8.90 22.00 -84.57
CA GLY P 84 -8.26 21.30 -85.65
C GLY P 84 -6.77 21.55 -85.62
N THR P 85 -6.36 22.81 -85.56
CA THR P 85 -4.94 23.11 -85.52
C THR P 85 -4.27 22.42 -84.35
N LEU P 86 -4.89 22.49 -83.19
CA LEU P 86 -4.31 21.85 -82.01
C LEU P 86 -4.15 20.36 -82.26
N PHE P 87 -5.16 19.76 -82.89
CA PHE P 87 -5.10 18.35 -83.19
C PHE P 87 -3.96 18.07 -84.22
N GLU P 88 -3.68 19.04 -85.07
CA GLU P 88 -2.63 18.87 -86.03
C GLU P 88 -1.27 19.00 -85.35
N LEU P 89 -1.17 19.90 -84.39
CA LEU P 89 0.09 20.07 -83.68
C LEU P 89 0.44 18.87 -82.81
N ILE P 90 -0.55 18.33 -82.11
CA ILE P 90 -0.28 17.19 -81.27
C ILE P 90 0.26 16.08 -82.15
N LEU P 91 -0.31 15.96 -83.34
CA LEU P 91 0.13 14.94 -84.29
C LEU P 91 1.54 15.24 -84.82
N ALA P 92 1.73 16.47 -85.26
CA ALA P 92 3.01 16.86 -85.79
C ALA P 92 4.01 16.58 -84.69
N ALA P 93 3.84 17.20 -83.53
CA ALA P 93 4.75 17.00 -82.40
C ALA P 93 5.02 15.53 -82.18
N ASN P 94 3.99 14.70 -82.22
CA ASN P 94 4.20 13.27 -82.02
C ASN P 94 5.03 12.65 -83.15
N TYR P 95 4.67 12.97 -84.39
CA TYR P 95 5.37 12.49 -85.57
C TYR P 95 6.82 12.97 -85.54
N LEU P 96 7.05 14.26 -85.37
CA LEU P 96 8.41 14.75 -85.32
C LEU P 96 9.05 14.34 -83.98
N ASP P 97 8.25 13.79 -83.08
CA ASP P 97 8.73 13.40 -81.77
C ASP P 97 9.50 14.54 -81.09
N ILE P 98 8.76 15.54 -80.64
CA ILE P 98 9.31 16.70 -79.94
C ILE P 98 8.64 16.69 -78.58
N LYS P 99 9.21 15.93 -77.63
CA LYS P 99 8.68 15.82 -76.26
C LYS P 99 8.21 17.16 -75.73
N GLY P 100 9.07 18.16 -75.88
CA GLY P 100 8.78 19.48 -75.38
C GLY P 100 7.43 20.00 -75.80
N LEU P 101 7.20 20.06 -77.11
CA LEU P 101 5.96 20.59 -77.63
C LEU P 101 4.82 19.60 -77.51
N LEU P 102 5.15 18.33 -77.37
CA LEU P 102 4.11 17.31 -77.24
C LEU P 102 3.50 17.46 -75.86
N ASP P 103 4.33 17.88 -74.91
CA ASP P 103 3.92 18.08 -73.51
C ASP P 103 2.89 19.23 -73.34
N VAL P 104 3.24 20.43 -73.76
CA VAL P 104 2.34 21.57 -73.64
C VAL P 104 1.03 21.37 -74.40
N THR P 105 1.09 20.77 -75.59
CA THR P 105 -0.13 20.58 -76.38
C THR P 105 -1.09 19.61 -75.69
N CYS P 106 -0.54 18.58 -75.06
CA CYS P 106 -1.35 17.61 -74.32
C CYS P 106 -1.89 18.24 -73.03
N LYS P 107 -1.13 19.12 -72.42
CA LYS P 107 -1.58 19.78 -71.22
C LYS P 107 -2.64 20.82 -71.53
N THR P 108 -2.56 21.39 -72.73
CA THR P 108 -3.53 22.37 -73.14
C THR P 108 -4.90 21.70 -73.35
N VAL P 109 -4.87 20.52 -73.95
CA VAL P 109 -6.10 19.78 -74.19
C VAL P 109 -6.64 19.37 -72.84
N ALA P 110 -5.74 19.02 -71.93
CA ALA P 110 -6.10 18.59 -70.57
C ALA P 110 -6.79 19.75 -69.87
N ASN P 111 -6.19 20.92 -69.97
CA ASN P 111 -6.81 22.09 -69.40
C ASN P 111 -8.18 22.37 -70.06
N MET P 112 -8.37 21.96 -71.31
CA MET P 112 -9.65 22.20 -71.94
C MET P 112 -10.68 21.26 -71.37
N ILE P 113 -10.24 20.05 -71.00
CA ILE P 113 -11.13 19.04 -70.45
C ILE P 113 -11.59 19.45 -69.05
N LYS P 114 -10.64 19.95 -68.27
CA LYS P 114 -10.95 20.39 -66.92
C LYS P 114 -12.14 21.36 -66.97
N GLY P 115 -13.06 21.18 -66.02
CA GLY P 115 -14.21 22.05 -65.98
C GLY P 115 -15.38 21.51 -66.77
N LYS P 116 -15.17 21.18 -68.05
CA LYS P 116 -16.25 20.68 -68.88
C LYS P 116 -16.79 19.36 -68.37
N THR P 117 -18.06 19.07 -68.61
CA THR P 117 -18.64 17.82 -68.15
C THR P 117 -18.49 16.85 -69.29
N PRO P 118 -18.72 15.54 -69.07
CA PRO P 118 -18.56 14.59 -70.18
C PRO P 118 -19.28 15.04 -71.45
N GLU P 119 -20.45 15.63 -71.28
CA GLU P 119 -21.23 16.10 -72.39
C GLU P 119 -20.53 17.26 -73.07
N GLU P 120 -20.13 18.26 -72.28
CA GLU P 120 -19.45 19.43 -72.80
C GLU P 120 -18.15 19.04 -73.50
N ILE P 121 -17.62 17.87 -73.17
CA ILE P 121 -16.39 17.42 -73.78
C ILE P 121 -16.70 16.77 -75.13
N ARG P 122 -17.76 15.98 -75.19
CA ARG P 122 -18.11 15.34 -76.44
C ARG P 122 -18.37 16.46 -77.46
N LYS P 123 -19.08 17.50 -77.02
CA LYS P 123 -19.40 18.64 -77.89
C LYS P 123 -18.10 19.17 -78.50
N THR P 124 -17.28 19.79 -77.65
CA THR P 124 -16.02 20.39 -78.09
C THR P 124 -15.21 19.53 -79.06
N PHE P 125 -14.59 18.45 -78.56
CA PHE P 125 -13.78 17.55 -79.39
C PHE P 125 -14.62 16.66 -80.31
N ASN P 126 -15.93 16.89 -80.30
CA ASN P 126 -16.85 16.11 -81.10
C ASN P 126 -16.50 14.64 -80.93
N ILE P 127 -17.17 13.96 -80.01
CA ILE P 127 -16.91 12.54 -79.76
C ILE P 127 -18.21 11.78 -79.76
N LYS P 128 -18.24 10.64 -80.42
CA LYS P 128 -19.48 9.88 -80.45
C LYS P 128 -19.66 9.27 -79.07
N ASN P 129 -20.90 9.27 -78.58
CA ASN P 129 -21.20 8.69 -77.29
C ASN P 129 -21.44 7.19 -77.46
N ASP P 130 -20.40 6.38 -77.37
CA ASP P 130 -20.52 4.93 -77.52
C ASP P 130 -21.38 4.36 -76.42
N PHE P 131 -21.71 5.22 -75.45
CA PHE P 131 -22.49 4.80 -74.29
C PHE P 131 -23.97 4.63 -74.46
N THR P 132 -24.51 3.89 -73.50
CA THR P 132 -25.92 3.58 -73.38
C THR P 132 -26.30 4.41 -72.16
N GLU P 133 -27.53 4.90 -72.10
CA GLU P 133 -27.95 5.71 -70.96
C GLU P 133 -27.82 4.93 -69.65
N GLU P 134 -27.74 3.61 -69.76
CA GLU P 134 -27.61 2.77 -68.58
C GLU P 134 -26.14 2.64 -68.23
N GLU P 135 -25.27 2.72 -69.23
CA GLU P 135 -23.83 2.63 -69.01
C GLU P 135 -23.33 3.92 -68.37
N GLU P 136 -23.84 5.05 -68.84
CA GLU P 136 -23.45 6.36 -68.29
C GLU P 136 -23.98 6.45 -66.86
N ALA P 137 -24.94 5.56 -66.57
CA ALA P 137 -25.54 5.50 -65.24
C ALA P 137 -24.55 4.79 -64.33
N GLN P 138 -23.94 3.71 -64.82
CA GLN P 138 -22.97 2.99 -64.03
C GLN P 138 -21.69 3.82 -63.89
N VAL P 139 -21.16 4.30 -65.01
CA VAL P 139 -19.95 5.11 -64.95
C VAL P 139 -20.15 6.19 -63.88
N ARG P 140 -21.30 6.82 -63.90
CA ARG P 140 -21.61 7.86 -62.92
C ARG P 140 -21.63 7.30 -61.50
N LYS P 141 -22.19 6.10 -61.36
CA LYS P 141 -22.26 5.43 -60.06
C LYS P 141 -20.85 5.10 -59.59
N GLU P 142 -20.04 4.54 -60.48
CA GLU P 142 -18.67 4.18 -60.17
C GLU P 142 -17.80 5.37 -59.85
N ASN P 143 -18.27 6.59 -60.10
CA ASN P 143 -17.45 7.75 -59.78
C ASN P 143 -18.07 8.71 -58.76
N GLN P 144 -19.10 8.28 -58.04
CA GLN P 144 -19.74 9.13 -57.02
C GLN P 144 -18.77 9.43 -55.88
N TRP P 145 -18.10 8.39 -55.38
CA TRP P 145 -17.15 8.48 -54.25
C TRP P 145 -16.14 9.60 -54.32
N CYS P 146 -16.01 10.20 -55.49
CA CYS P 146 -15.04 11.27 -55.69
C CYS P 146 -15.69 12.64 -55.56
#